data_2KDP
#
_entry.id   2KDP
#
_cell.length_a   1.000
_cell.length_b   1.000
_cell.length_c   1.000
_cell.angle_alpha   90.00
_cell.angle_beta   90.00
_cell.angle_gamma   90.00
#
_symmetry.space_group_name_H-M   'P 1'
#
loop_
_entity.id
_entity.type
_entity.pdbx_description
1 polymer 'Histone deacetylase complex subunit SAP30'
2 non-polymer 'ZINC ION'
#
_entity_poly.entity_id   1
_entity_poly.type   'polypeptide(L)'
_entity_poly.pdbx_seq_one_letter_code
;SNAGQLCCLREDGERCGRAAGNASFSKRIQKSISQKKVKIELDKSARHLYICDYHKNLIQSVRNRRKRKGS
;
_entity_poly.pdbx_strand_id   A
#
# COMPACT_ATOMS: atom_id res chain seq x y z
N SER A 1 8.95 3.83 -17.30
CA SER A 1 8.47 2.52 -17.80
C SER A 1 7.90 1.67 -16.66
N ASN A 2 8.75 1.28 -15.71
CA ASN A 2 8.27 0.47 -14.59
C ASN A 2 8.37 1.24 -13.27
N ALA A 3 8.32 2.56 -13.36
CA ALA A 3 8.37 3.42 -12.18
C ALA A 3 7.75 4.79 -12.49
N GLY A 4 7.03 4.90 -13.60
CA GLY A 4 6.42 6.16 -13.97
C GLY A 4 4.92 6.14 -13.84
N GLN A 5 4.41 5.18 -13.07
CA GLN A 5 2.99 5.05 -12.87
C GLN A 5 2.59 5.68 -11.54
N LEU A 6 1.32 5.58 -11.19
CA LEU A 6 0.85 6.16 -9.94
C LEU A 6 0.32 5.08 -9.00
N CYS A 7 0.17 5.46 -7.74
CA CYS A 7 -0.33 4.56 -6.71
C CYS A 7 -1.74 4.07 -7.04
N CYS A 8 -2.06 2.85 -6.61
CA CYS A 8 -3.37 2.27 -6.88
C CYS A 8 -4.18 2.13 -5.59
N LEU A 9 -4.06 3.11 -4.71
CA LEU A 9 -4.81 3.11 -3.45
C LEU A 9 -5.48 4.46 -3.25
N ARG A 10 -6.65 4.45 -2.64
CA ARG A 10 -7.39 5.68 -2.40
C ARG A 10 -7.54 5.96 -0.91
N GLU A 11 -6.88 7.01 -0.43
CA GLU A 11 -6.97 7.38 0.97
C GLU A 11 -8.13 8.36 1.18
N ASP A 12 -9.30 7.81 1.46
CA ASP A 12 -10.50 8.61 1.67
C ASP A 12 -10.94 9.25 0.36
N GLY A 13 -10.84 8.51 -0.73
CA GLY A 13 -11.24 9.01 -2.03
C GLY A 13 -10.10 9.71 -2.76
N GLU A 14 -8.95 9.85 -2.10
CA GLU A 14 -7.81 10.51 -2.73
C GLU A 14 -6.89 9.52 -3.41
N ARG A 15 -6.67 9.71 -4.71
CA ARG A 15 -5.81 8.81 -5.48
C ARG A 15 -4.33 9.09 -5.20
N CYS A 16 -3.95 8.98 -3.93
CA CYS A 16 -2.57 9.19 -3.47
C CYS A 16 -1.88 10.39 -4.14
N GLY A 17 -1.45 10.23 -5.38
CA GLY A 17 -0.75 11.30 -6.07
C GLY A 17 0.71 10.97 -6.25
N ARG A 18 1.26 10.26 -5.27
CA ARG A 18 2.65 9.84 -5.31
C ARG A 18 2.79 8.67 -6.28
N ALA A 19 3.85 8.68 -7.06
CA ALA A 19 4.06 7.63 -8.05
C ALA A 19 4.19 6.25 -7.39
N ALA A 20 4.14 5.21 -8.22
CA ALA A 20 4.23 3.83 -7.74
C ALA A 20 5.69 3.44 -7.46
N GLY A 21 5.87 2.56 -6.48
CA GLY A 21 7.21 2.13 -6.12
C GLY A 21 7.52 0.72 -6.55
N ASN A 22 8.38 0.04 -5.78
CA ASN A 22 8.80 -1.32 -6.09
C ASN A 22 7.96 -2.37 -5.36
N ALA A 23 7.04 -1.92 -4.50
CA ALA A 23 6.20 -2.85 -3.76
C ALA A 23 4.99 -3.31 -4.58
N SER A 24 4.32 -4.34 -4.10
CA SER A 24 3.15 -4.87 -4.78
C SER A 24 2.00 -5.08 -3.80
N PHE A 25 0.77 -4.94 -4.29
CA PHE A 25 -0.40 -5.14 -3.45
C PHE A 25 -0.68 -6.64 -3.30
N SER A 26 -0.50 -7.14 -2.10
CA SER A 26 -0.71 -8.56 -1.84
C SER A 26 -1.86 -8.79 -0.87
N LYS A 27 -1.96 -10.02 -0.39
CA LYS A 27 -3.02 -10.42 0.55
C LYS A 27 -2.67 -9.96 1.96
N ARG A 28 -1.42 -10.16 2.35
CA ARG A 28 -0.92 -9.77 3.67
C ARG A 28 -1.19 -8.28 3.91
N ILE A 29 -0.96 -7.47 2.89
CA ILE A 29 -1.20 -6.04 3.00
C ILE A 29 -2.69 -5.77 3.19
N GLN A 30 -3.52 -6.50 2.45
CA GLN A 30 -4.96 -6.35 2.56
C GLN A 30 -5.39 -6.66 3.99
N LYS A 31 -4.95 -7.80 4.47
CA LYS A 31 -5.25 -8.24 5.82
C LYS A 31 -4.74 -7.22 6.83
N SER A 32 -3.53 -6.74 6.61
CA SER A 32 -2.93 -5.74 7.48
C SER A 32 -3.84 -4.52 7.57
N ILE A 33 -4.33 -4.06 6.41
CA ILE A 33 -5.23 -2.92 6.36
C ILE A 33 -6.51 -3.20 7.15
N SER A 34 -7.11 -4.36 6.87
CA SER A 34 -8.34 -4.75 7.56
C SER A 34 -8.20 -4.63 9.06
N GLN A 35 -7.08 -5.10 9.60
CA GLN A 35 -6.84 -5.04 11.04
C GLN A 35 -6.80 -3.58 11.49
N LYS A 36 -6.05 -2.76 10.76
CA LYS A 36 -5.96 -1.34 11.08
C LYS A 36 -7.33 -0.70 10.98
N LYS A 37 -8.14 -1.19 10.03
CA LYS A 37 -9.47 -0.66 9.80
C LYS A 37 -9.38 0.81 9.41
N VAL A 38 -8.95 1.05 8.18
CA VAL A 38 -8.79 2.40 7.66
C VAL A 38 -9.47 2.56 6.32
N LYS A 39 -9.49 3.79 5.81
CA LYS A 39 -10.12 4.08 4.53
C LYS A 39 -9.15 3.90 3.37
N ILE A 40 -8.67 2.68 3.19
CA ILE A 40 -7.75 2.37 2.11
C ILE A 40 -8.20 1.09 1.38
N GLU A 41 -8.67 1.25 0.15
CA GLU A 41 -9.12 0.12 -0.64
C GLU A 41 -8.53 0.17 -2.03
N LEU A 42 -8.42 -1.00 -2.66
CA LEU A 42 -7.87 -1.09 -3.99
C LEU A 42 -8.82 -0.48 -5.03
N ASP A 43 -8.22 0.16 -6.02
CA ASP A 43 -9.00 0.75 -7.11
C ASP A 43 -9.12 -0.28 -8.21
N LYS A 44 -10.33 -0.57 -8.63
CA LYS A 44 -10.54 -1.58 -9.65
C LYS A 44 -10.42 -1.01 -11.07
N SER A 45 -10.40 0.31 -11.18
CA SER A 45 -10.29 0.94 -12.50
C SER A 45 -8.84 0.87 -13.02
N ALA A 46 -7.94 0.34 -12.19
CA ALA A 46 -6.53 0.23 -12.57
C ALA A 46 -6.26 -1.03 -13.39
N ARG A 47 -5.02 -1.14 -13.85
CA ARG A 47 -4.58 -2.30 -14.63
C ARG A 47 -3.33 -2.96 -14.03
N HIS A 48 -2.65 -2.25 -13.13
CA HIS A 48 -1.44 -2.77 -12.51
C HIS A 48 -1.59 -2.91 -11.01
N LEU A 49 -0.65 -3.64 -10.41
CA LEU A 49 -0.64 -3.84 -8.97
C LEU A 49 0.69 -3.35 -8.38
N TYR A 50 0.79 -2.03 -8.25
CA TYR A 50 2.00 -1.41 -7.72
C TYR A 50 1.64 -0.21 -6.87
N ILE A 51 2.03 -0.24 -5.60
CA ILE A 51 1.74 0.85 -4.69
C ILE A 51 2.97 1.74 -4.52
N CYS A 52 2.77 2.88 -3.86
CA CYS A 52 3.86 3.81 -3.62
C CYS A 52 4.63 3.41 -2.37
N ASP A 53 5.83 3.97 -2.21
CA ASP A 53 6.66 3.67 -1.06
C ASP A 53 5.98 4.15 0.23
N TYR A 54 5.26 5.26 0.11
CA TYR A 54 4.56 5.85 1.24
C TYR A 54 3.63 4.84 1.91
N HIS A 55 2.66 4.33 1.15
CA HIS A 55 1.70 3.36 1.68
C HIS A 55 2.38 2.05 2.08
N LYS A 56 3.43 1.66 1.34
CA LYS A 56 4.14 0.43 1.65
C LYS A 56 4.71 0.48 3.06
N ASN A 57 5.47 1.52 3.34
CA ASN A 57 6.08 1.71 4.65
C ASN A 57 5.02 1.87 5.74
N LEU A 58 4.03 2.71 5.45
CA LEU A 58 2.95 2.99 6.39
C LEU A 58 2.22 1.71 6.82
N ILE A 59 1.91 0.86 5.86
CA ILE A 59 1.18 -0.38 6.13
C ILE A 59 2.05 -1.47 6.75
N GLN A 60 3.28 -1.59 6.30
CA GLN A 60 4.19 -2.62 6.78
C GLN A 60 4.64 -2.39 8.22
N SER A 61 4.89 -1.15 8.59
CA SER A 61 5.44 -0.83 9.91
C SER A 61 4.39 -0.70 11.02
N VAL A 62 3.27 -1.41 10.91
CA VAL A 62 2.26 -1.37 11.96
C VAL A 62 2.28 -2.65 12.77
N ARG A 63 2.80 -3.71 12.16
CA ARG A 63 2.93 -5.01 12.80
C ARG A 63 4.40 -5.38 12.98
N ASN A 64 5.25 -4.35 13.07
CA ASN A 64 6.69 -4.55 13.24
C ASN A 64 7.36 -3.21 13.51
N ARG A 65 7.50 -2.86 14.78
CA ARG A 65 8.10 -1.59 15.18
C ARG A 65 8.59 -1.66 16.61
N ARG A 66 7.83 -2.32 17.48
CA ARG A 66 8.20 -2.48 18.87
C ARG A 66 7.83 -3.88 19.36
N LYS A 67 8.20 -4.19 20.60
CA LYS A 67 7.90 -5.50 21.17
C LYS A 67 7.71 -5.41 22.68
N ARG A 68 7.45 -4.20 23.17
CA ARG A 68 7.23 -3.96 24.58
C ARG A 68 6.46 -2.66 24.79
N LYS A 69 5.42 -2.74 25.59
CA LYS A 69 4.59 -1.57 25.86
C LYS A 69 3.72 -1.78 27.10
N GLY A 70 3.27 -3.01 27.28
CA GLY A 70 2.45 -3.36 28.42
C GLY A 70 2.39 -4.86 28.67
N SER A 71 2.54 -5.64 27.60
CA SER A 71 2.52 -7.09 27.70
C SER A 71 3.49 -7.71 26.69
N SER A 1 11.11 1.91 -20.80
CA SER A 1 11.33 2.00 -19.33
C SER A 1 10.00 2.09 -18.59
N ASN A 2 9.68 1.02 -17.86
CA ASN A 2 8.45 0.96 -17.08
C ASN A 2 8.76 1.09 -15.59
N ALA A 3 8.86 2.33 -15.13
CA ALA A 3 9.14 2.59 -13.72
C ALA A 3 8.59 3.96 -13.30
N GLY A 4 7.69 4.53 -14.12
CA GLY A 4 7.13 5.82 -13.80
C GLY A 4 5.62 5.75 -13.67
N GLN A 5 5.15 4.84 -12.83
CA GLN A 5 3.73 4.65 -12.61
C GLN A 5 3.25 5.44 -11.40
N LEU A 6 1.97 5.29 -11.09
CA LEU A 6 1.37 5.98 -9.95
C LEU A 6 0.70 4.97 -9.01
N CYS A 7 0.74 5.27 -7.71
CA CYS A 7 0.14 4.39 -6.71
C CYS A 7 -1.27 3.97 -7.13
N CYS A 8 -1.76 2.85 -6.57
CA CYS A 8 -3.09 2.36 -6.92
C CYS A 8 -3.99 2.23 -5.69
N LEU A 9 -3.80 3.10 -4.71
CA LEU A 9 -4.63 3.09 -3.51
C LEU A 9 -5.30 4.44 -3.32
N ARG A 10 -6.33 4.48 -2.50
CA ARG A 10 -7.06 5.71 -2.24
C ARG A 10 -6.94 6.11 -0.77
N GLU A 11 -6.94 7.41 -0.52
CA GLU A 11 -6.86 7.93 0.83
C GLU A 11 -8.11 8.72 1.19
N ASP A 12 -9.01 8.08 1.93
CA ASP A 12 -10.27 8.70 2.33
C ASP A 12 -11.06 9.10 1.09
N GLY A 13 -11.09 8.23 0.10
CA GLY A 13 -11.83 8.50 -1.12
C GLY A 13 -11.03 9.33 -2.11
N GLU A 14 -9.87 9.83 -1.69
CA GLU A 14 -9.03 10.64 -2.56
C GLU A 14 -7.80 9.86 -3.02
N ARG A 15 -7.65 9.74 -4.34
CA ARG A 15 -6.54 9.01 -4.94
C ARG A 15 -5.18 9.50 -4.44
N CYS A 16 -4.27 8.55 -4.26
CA CYS A 16 -2.91 8.85 -3.81
C CYS A 16 -2.22 9.80 -4.79
N GLY A 17 -1.85 9.28 -5.97
CA GLY A 17 -1.20 10.12 -6.97
C GLY A 17 0.31 10.00 -6.92
N ARG A 18 0.85 9.59 -5.78
CA ARG A 18 2.29 9.46 -5.63
C ARG A 18 2.82 8.33 -6.52
N ALA A 19 3.99 8.56 -7.12
CA ALA A 19 4.60 7.56 -8.00
C ALA A 19 4.65 6.19 -7.35
N ALA A 20 4.60 5.15 -8.18
CA ALA A 20 4.66 3.78 -7.68
C ALA A 20 6.05 3.47 -7.15
N GLY A 21 6.13 2.55 -6.19
CA GLY A 21 7.42 2.20 -5.61
C GLY A 21 8.02 0.92 -6.15
N ASN A 22 8.45 0.06 -5.24
CA ASN A 22 9.09 -1.20 -5.62
C ASN A 22 8.30 -2.41 -5.09
N ALA A 23 7.13 -2.17 -4.52
CA ALA A 23 6.32 -3.26 -3.98
C ALA A 23 5.00 -3.40 -4.74
N SER A 24 4.25 -4.44 -4.41
CA SER A 24 2.97 -4.71 -5.05
C SER A 24 1.91 -5.02 -4.00
N PHE A 25 0.65 -4.87 -4.39
CA PHE A 25 -0.47 -5.16 -3.49
C PHE A 25 -0.63 -6.67 -3.35
N SER A 26 -0.97 -7.13 -2.15
CA SER A 26 -1.13 -8.56 -1.90
C SER A 26 -2.19 -8.82 -0.83
N LYS A 27 -2.18 -10.05 -0.31
CA LYS A 27 -3.11 -10.45 0.73
C LYS A 27 -2.65 -9.91 2.10
N ARG A 28 -1.35 -10.04 2.35
CA ARG A 28 -0.74 -9.57 3.60
C ARG A 28 -1.09 -8.12 3.85
N ILE A 29 -1.05 -7.31 2.79
CA ILE A 29 -1.37 -5.90 2.90
C ILE A 29 -2.86 -5.73 3.18
N GLN A 30 -3.68 -6.51 2.48
CA GLN A 30 -5.12 -6.48 2.69
C GLN A 30 -5.42 -6.76 4.15
N LYS A 31 -4.75 -7.78 4.66
CA LYS A 31 -4.89 -8.19 6.04
C LYS A 31 -4.38 -7.10 6.97
N SER A 32 -3.25 -6.50 6.61
CA SER A 32 -2.67 -5.44 7.42
C SER A 32 -3.64 -4.27 7.51
N ILE A 33 -4.23 -3.90 6.39
CA ILE A 33 -5.19 -2.81 6.35
C ILE A 33 -6.41 -3.17 7.19
N SER A 34 -6.85 -4.42 7.07
CA SER A 34 -8.00 -4.91 7.80
C SER A 34 -7.83 -4.72 9.30
N GLN A 35 -6.64 -5.02 9.81
CA GLN A 35 -6.37 -4.86 11.23
C GLN A 35 -6.37 -3.39 11.61
N LYS A 36 -6.08 -2.53 10.63
CA LYS A 36 -6.08 -1.09 10.86
C LYS A 36 -7.49 -0.53 10.72
N LYS A 37 -8.23 -1.07 9.74
CA LYS A 37 -9.58 -0.62 9.47
C LYS A 37 -9.54 0.84 9.01
N VAL A 38 -8.87 1.06 7.90
CA VAL A 38 -8.73 2.40 7.34
C VAL A 38 -9.47 2.53 6.01
N LYS A 39 -9.62 3.76 5.52
CA LYS A 39 -10.32 4.00 4.27
C LYS A 39 -9.37 3.91 3.07
N ILE A 40 -8.49 2.91 3.08
CA ILE A 40 -7.55 2.72 1.99
C ILE A 40 -7.82 1.38 1.30
N GLU A 41 -8.51 1.45 0.16
CA GLU A 41 -8.84 0.25 -0.59
C GLU A 41 -8.21 0.29 -1.98
N LEU A 42 -8.23 -0.83 -2.66
CA LEU A 42 -7.65 -0.91 -3.99
C LEU A 42 -8.66 -0.51 -5.08
N ASP A 43 -8.33 0.55 -5.80
CA ASP A 43 -9.18 1.01 -6.89
C ASP A 43 -9.22 -0.06 -7.96
N LYS A 44 -10.37 -0.28 -8.57
CA LYS A 44 -10.50 -1.31 -9.58
C LYS A 44 -10.44 -0.73 -11.00
N SER A 45 -10.02 0.53 -11.10
CA SER A 45 -9.91 1.17 -12.41
C SER A 45 -8.51 0.99 -13.01
N ALA A 46 -7.55 0.60 -12.16
CA ALA A 46 -6.18 0.39 -12.60
C ALA A 46 -6.01 -0.95 -13.31
N ARG A 47 -4.93 -1.04 -14.09
CA ARG A 47 -4.60 -2.26 -14.83
C ARG A 47 -3.38 -2.96 -14.23
N HIS A 48 -2.77 -2.35 -13.21
CA HIS A 48 -1.58 -2.91 -12.59
C HIS A 48 -1.70 -2.94 -11.07
N LEU A 49 -0.81 -3.68 -10.43
CA LEU A 49 -0.79 -3.78 -8.98
C LEU A 49 0.55 -3.28 -8.44
N TYR A 50 0.65 -1.97 -8.25
CA TYR A 50 1.86 -1.36 -7.73
C TYR A 50 1.52 -0.21 -6.80
N ILE A 51 2.13 -0.21 -5.63
CA ILE A 51 1.88 0.83 -4.64
C ILE A 51 3.11 1.72 -4.46
N CYS A 52 2.92 2.84 -3.79
CA CYS A 52 4.02 3.77 -3.54
C CYS A 52 4.73 3.44 -2.24
N ASP A 53 5.92 4.00 -2.06
CA ASP A 53 6.68 3.76 -0.84
C ASP A 53 5.93 4.31 0.37
N TYR A 54 5.13 5.34 0.13
CA TYR A 54 4.35 5.96 1.20
C TYR A 54 3.45 4.96 1.89
N HIS A 55 2.53 4.37 1.14
CA HIS A 55 1.59 3.40 1.68
C HIS A 55 2.28 2.08 2.02
N LYS A 56 3.32 1.73 1.27
CA LYS A 56 4.04 0.49 1.54
C LYS A 56 4.61 0.49 2.95
N ASN A 57 5.35 1.54 3.28
CA ASN A 57 5.95 1.68 4.60
C ASN A 57 4.89 1.89 5.67
N LEU A 58 3.87 2.67 5.34
CA LEU A 58 2.78 2.98 6.27
C LEU A 58 2.01 1.72 6.68
N ILE A 59 1.81 0.81 5.73
CA ILE A 59 1.05 -0.41 5.97
C ILE A 59 1.90 -1.54 6.56
N GLN A 60 3.11 -1.70 6.04
CA GLN A 60 4.00 -2.76 6.50
C GLN A 60 4.40 -2.66 7.96
N SER A 61 4.79 -1.47 8.39
CA SER A 61 5.30 -1.29 9.75
C SER A 61 4.23 -0.96 10.79
N VAL A 62 3.13 -1.70 10.79
CA VAL A 62 2.08 -1.48 11.78
C VAL A 62 1.84 -2.77 12.57
N ARG A 63 1.86 -3.89 11.86
CA ARG A 63 1.71 -5.20 12.49
C ARG A 63 3.08 -5.82 12.81
N ASN A 64 4.15 -5.11 12.47
CA ASN A 64 5.49 -5.61 12.72
C ASN A 64 6.31 -4.55 13.46
N ARG A 65 6.60 -4.81 14.73
CA ARG A 65 7.37 -3.86 15.53
C ARG A 65 7.94 -4.52 16.78
N ARG A 66 9.24 -4.84 16.73
CA ARG A 66 9.92 -5.44 17.86
C ARG A 66 11.34 -4.90 17.96
N LYS A 67 12.01 -5.19 19.05
CA LYS A 67 13.38 -4.72 19.25
C LYS A 67 14.20 -5.74 20.04
N ARG A 68 14.89 -6.61 19.31
CA ARG A 68 15.74 -7.61 19.94
C ARG A 68 14.98 -8.33 21.06
N LYS A 69 15.69 -9.09 21.88
CA LYS A 69 15.06 -9.81 22.98
C LYS A 69 16.03 -10.02 24.14
N GLY A 70 16.87 -11.04 24.03
CA GLY A 70 17.83 -11.31 25.08
C GLY A 70 18.32 -12.75 25.05
N SER A 71 19.63 -12.91 25.05
CA SER A 71 20.24 -14.25 25.01
C SER A 71 20.46 -14.76 26.43
N SER A 1 9.98 -1.93 -19.27
CA SER A 1 10.62 -0.62 -18.99
C SER A 1 9.60 0.41 -18.47
N ASN A 2 9.05 0.11 -17.30
CA ASN A 2 8.10 1.02 -16.65
C ASN A 2 8.47 1.17 -15.18
N ALA A 3 8.91 2.36 -14.81
CA ALA A 3 9.30 2.65 -13.43
C ALA A 3 8.85 4.05 -13.03
N GLY A 4 7.77 4.51 -13.63
CA GLY A 4 7.24 5.83 -13.34
C GLY A 4 5.73 5.87 -13.40
N GLN A 5 5.09 5.06 -12.57
CA GLN A 5 3.63 4.99 -12.52
C GLN A 5 3.08 5.63 -11.27
N LEU A 6 1.76 5.68 -11.16
CA LEU A 6 1.09 6.26 -10.01
C LEU A 6 0.49 5.18 -9.12
N CYS A 7 0.41 5.47 -7.82
CA CYS A 7 -0.15 4.52 -6.86
C CYS A 7 -1.57 4.09 -7.28
N CYS A 8 -2.04 2.98 -6.73
CA CYS A 8 -3.38 2.49 -7.07
C CYS A 8 -4.27 2.37 -5.83
N LEU A 9 -3.98 3.19 -4.82
CA LEU A 9 -4.77 3.19 -3.59
C LEU A 9 -5.52 4.52 -3.48
N ARG A 10 -6.51 4.56 -2.60
CA ARG A 10 -7.29 5.77 -2.41
C ARG A 10 -7.48 6.07 -0.93
N GLU A 11 -7.19 7.30 -0.55
CA GLU A 11 -7.35 7.72 0.84
C GLU A 11 -8.57 8.60 0.99
N ASP A 12 -9.62 8.06 1.61
CA ASP A 12 -10.87 8.78 1.80
C ASP A 12 -11.45 9.21 0.45
N GLY A 13 -11.57 8.26 -0.47
CA GLY A 13 -12.11 8.56 -1.78
C GLY A 13 -11.22 9.49 -2.59
N GLU A 14 -10.01 9.75 -2.10
CA GLU A 14 -9.07 10.64 -2.80
C GLU A 14 -7.87 9.84 -3.31
N ARG A 15 -7.63 9.95 -4.61
CA ARG A 15 -6.52 9.25 -5.25
C ARG A 15 -5.17 9.65 -4.68
N CYS A 16 -4.35 8.65 -4.38
CA CYS A 16 -3.02 8.89 -3.85
C CYS A 16 -2.23 9.77 -4.81
N GLY A 17 -2.17 9.36 -6.08
CA GLY A 17 -1.46 10.12 -7.09
C GLY A 17 0.05 10.03 -6.96
N ARG A 18 0.54 9.51 -5.84
CA ARG A 18 1.97 9.39 -5.62
C ARG A 18 2.54 8.28 -6.49
N ALA A 19 3.75 8.50 -6.98
CA ALA A 19 4.41 7.54 -7.84
C ALA A 19 4.44 6.16 -7.20
N ALA A 20 4.40 5.13 -8.04
CA ALA A 20 4.44 3.74 -7.55
C ALA A 20 5.87 3.39 -7.14
N GLY A 21 6.01 2.40 -6.27
CA GLY A 21 7.33 2.03 -5.79
C GLY A 21 7.77 0.64 -6.23
N ASN A 22 8.34 -0.10 -5.27
CA ASN A 22 8.84 -1.44 -5.55
C ASN A 22 8.00 -2.50 -4.83
N ALA A 23 6.81 -2.13 -4.36
CA ALA A 23 5.94 -3.07 -3.66
C ALA A 23 4.76 -3.49 -4.53
N SER A 24 3.95 -4.41 -4.00
CA SER A 24 2.77 -4.90 -4.71
C SER A 24 1.65 -5.21 -3.73
N PHE A 25 0.43 -4.90 -4.15
CA PHE A 25 -0.75 -5.16 -3.32
C PHE A 25 -0.95 -6.66 -3.17
N SER A 26 -0.78 -7.17 -1.96
CA SER A 26 -0.93 -8.60 -1.70
C SER A 26 -2.05 -8.88 -0.71
N LYS A 27 -2.15 -10.14 -0.29
CA LYS A 27 -3.16 -10.56 0.68
C LYS A 27 -2.75 -10.13 2.09
N ARG A 28 -1.47 -10.29 2.40
CA ARG A 28 -0.94 -9.91 3.71
C ARG A 28 -1.22 -8.43 3.97
N ILE A 29 -0.87 -7.59 3.02
CA ILE A 29 -1.10 -6.16 3.14
C ILE A 29 -2.59 -5.89 3.33
N GLN A 30 -3.42 -6.62 2.58
CA GLN A 30 -4.86 -6.49 2.69
C GLN A 30 -5.29 -6.73 4.13
N LYS A 31 -4.74 -7.80 4.70
CA LYS A 31 -5.01 -8.18 6.06
C LYS A 31 -4.50 -7.10 7.02
N SER A 32 -3.28 -6.63 6.77
CA SER A 32 -2.67 -5.59 7.58
C SER A 32 -3.56 -4.35 7.61
N ILE A 33 -4.20 -4.07 6.47
CA ILE A 33 -5.10 -2.93 6.37
C ILE A 33 -6.38 -3.18 7.15
N SER A 34 -6.96 -4.37 6.94
CA SER A 34 -8.19 -4.75 7.63
C SER A 34 -8.05 -4.57 9.13
N GLN A 35 -6.89 -4.90 9.67
CA GLN A 35 -6.66 -4.77 11.10
C GLN A 35 -6.61 -3.29 11.48
N LYS A 36 -5.94 -2.50 10.63
CA LYS A 36 -5.83 -1.06 10.87
C LYS A 36 -7.22 -0.42 10.90
N LYS A 37 -8.09 -0.88 10.00
CA LYS A 37 -9.43 -0.33 9.90
C LYS A 37 -9.35 1.10 9.37
N VAL A 38 -8.76 1.23 8.18
CA VAL A 38 -8.59 2.54 7.55
C VAL A 38 -9.39 2.64 6.25
N LYS A 39 -9.45 3.85 5.71
CA LYS A 39 -10.20 4.10 4.47
C LYS A 39 -9.30 3.96 3.24
N ILE A 40 -8.44 2.95 3.24
CA ILE A 40 -7.56 2.69 2.11
C ILE A 40 -7.92 1.37 1.45
N GLU A 41 -8.30 1.44 0.19
CA GLU A 41 -8.68 0.25 -0.57
C GLU A 41 -8.04 0.27 -1.95
N LEU A 42 -8.19 -0.81 -2.68
CA LEU A 42 -7.61 -0.89 -4.01
C LEU A 42 -8.54 -0.37 -5.07
N ASP A 43 -7.98 0.41 -5.98
CA ASP A 43 -8.73 0.95 -7.11
C ASP A 43 -8.85 -0.14 -8.17
N LYS A 44 -10.02 -0.31 -8.73
CA LYS A 44 -10.21 -1.34 -9.74
C LYS A 44 -10.01 -0.79 -11.15
N SER A 45 -10.15 0.52 -11.30
CA SER A 45 -9.97 1.17 -12.59
C SER A 45 -8.50 1.24 -12.98
N ALA A 46 -7.61 0.82 -12.08
CA ALA A 46 -6.18 0.85 -12.35
C ALA A 46 -5.79 -0.07 -13.49
N ARG A 47 -4.49 -0.32 -13.62
CA ARG A 47 -3.96 -1.18 -14.66
C ARG A 47 -3.04 -2.25 -14.10
N HIS A 48 -2.30 -1.90 -13.05
CA HIS A 48 -1.36 -2.82 -12.43
C HIS A 48 -1.50 -2.84 -10.92
N LEU A 49 -0.76 -3.73 -10.27
CA LEU A 49 -0.78 -3.86 -8.82
C LEU A 49 0.55 -3.39 -8.23
N TYR A 50 0.76 -2.07 -8.23
CA TYR A 50 1.98 -1.48 -7.69
C TYR A 50 1.64 -0.30 -6.79
N ILE A 51 2.05 -0.39 -5.54
CA ILE A 51 1.79 0.67 -4.58
C ILE A 51 3.02 1.56 -4.40
N CYS A 52 2.80 2.75 -3.90
CA CYS A 52 3.89 3.70 -3.66
C CYS A 52 4.67 3.29 -2.41
N ASP A 53 5.90 3.79 -2.31
CA ASP A 53 6.74 3.49 -1.16
C ASP A 53 6.11 4.02 0.12
N TYR A 54 5.42 5.15 0.00
CA TYR A 54 4.76 5.78 1.13
C TYR A 54 3.84 4.80 1.86
N HIS A 55 2.84 4.30 1.14
CA HIS A 55 1.88 3.36 1.72
C HIS A 55 2.55 2.05 2.12
N LYS A 56 3.58 1.66 1.40
CA LYS A 56 4.30 0.42 1.71
C LYS A 56 4.93 0.50 3.10
N ASN A 57 5.69 1.56 3.33
CA ASN A 57 6.35 1.76 4.61
C ASN A 57 5.34 1.98 5.73
N LEU A 58 4.19 2.56 5.37
CA LEU A 58 3.14 2.84 6.33
C LEU A 58 2.39 1.56 6.74
N ILE A 59 2.09 0.71 5.75
CA ILE A 59 1.34 -0.52 5.99
C ILE A 59 2.20 -1.65 6.57
N GLN A 60 3.44 -1.75 6.13
CA GLN A 60 4.34 -2.82 6.60
C GLN A 60 4.79 -2.63 8.05
N SER A 61 4.87 -1.39 8.50
CA SER A 61 5.38 -1.11 9.86
C SER A 61 4.33 -1.20 10.96
N VAL A 62 3.22 -1.90 10.72
CA VAL A 62 2.20 -2.05 11.76
C VAL A 62 2.03 -3.51 12.14
N ARG A 63 2.21 -4.40 11.16
CA ARG A 63 2.10 -5.83 11.39
C ARG A 63 3.44 -6.50 11.14
N ASN A 64 4.50 -5.82 11.55
CA ASN A 64 5.86 -6.32 11.37
C ASN A 64 6.76 -5.82 12.50
N ARG A 65 6.79 -6.55 13.60
CA ARG A 65 7.60 -6.16 14.74
C ARG A 65 8.26 -7.37 15.42
N ARG A 66 9.57 -7.29 15.59
CA ARG A 66 10.34 -8.34 16.23
C ARG A 66 11.24 -7.76 17.32
N LYS A 67 11.72 -8.62 18.21
CA LYS A 67 12.58 -8.17 19.29
C LYS A 67 13.98 -8.77 19.16
N ARG A 68 14.88 -8.02 18.53
CA ARG A 68 16.25 -8.48 18.35
C ARG A 68 16.30 -9.73 17.48
N LYS A 69 17.51 -10.17 17.17
CA LYS A 69 17.70 -11.35 16.33
C LYS A 69 19.16 -11.79 16.35
N GLY A 70 20.02 -11.00 15.71
CA GLY A 70 21.43 -11.32 15.66
C GLY A 70 22.28 -10.15 15.22
N SER A 71 23.29 -9.82 16.01
CA SER A 71 24.19 -8.71 15.69
C SER A 71 25.61 -9.04 16.10
N SER A 1 13.80 0.81 -13.72
CA SER A 1 12.88 1.39 -14.73
C SER A 1 11.43 0.94 -14.50
N ASN A 2 10.53 1.52 -15.27
CA ASN A 2 9.10 1.22 -15.18
C ASN A 2 8.55 1.54 -13.79
N ALA A 3 8.46 2.83 -13.51
CA ALA A 3 7.93 3.32 -12.24
C ALA A 3 7.24 4.67 -12.44
N GLY A 4 6.83 4.92 -13.69
CA GLY A 4 6.16 6.17 -14.00
C GLY A 4 4.66 6.10 -13.82
N GLN A 5 4.22 5.15 -13.01
CA GLN A 5 2.80 4.96 -12.74
C GLN A 5 2.44 5.57 -11.39
N LEU A 6 1.15 5.64 -11.11
CA LEU A 6 0.69 6.20 -9.85
C LEU A 6 0.08 5.14 -8.95
N CYS A 7 0.12 5.40 -7.65
CA CYS A 7 -0.42 4.48 -6.65
C CYS A 7 -1.82 4.02 -7.03
N CYS A 8 -2.13 2.75 -6.73
CA CYS A 8 -3.44 2.19 -7.05
C CYS A 8 -4.30 2.05 -5.80
N LEU A 9 -4.13 2.97 -4.87
CA LEU A 9 -4.90 2.98 -3.64
C LEU A 9 -5.48 4.37 -3.41
N ARG A 10 -6.64 4.42 -2.76
CA ARG A 10 -7.29 5.70 -2.49
C ARG A 10 -7.35 5.98 -0.99
N GLU A 11 -6.63 7.01 -0.56
CA GLU A 11 -6.63 7.39 0.85
C GLU A 11 -7.71 8.41 1.13
N ASP A 12 -8.78 7.97 1.77
CA ASP A 12 -9.91 8.85 2.09
C ASP A 12 -10.50 9.46 0.83
N GLY A 13 -10.65 8.64 -0.21
CA GLY A 13 -11.20 9.12 -1.46
C GLY A 13 -10.17 9.69 -2.39
N GLU A 14 -9.04 10.14 -1.85
CA GLU A 14 -7.98 10.73 -2.68
C GLU A 14 -7.09 9.66 -3.29
N ARG A 15 -6.89 9.77 -4.60
CA ARG A 15 -6.06 8.81 -5.31
C ARG A 15 -4.58 9.03 -5.03
N CYS A 16 -4.21 8.91 -3.77
CA CYS A 16 -2.84 9.08 -3.30
C CYS A 16 -2.14 10.30 -3.92
N GLY A 17 -1.60 10.15 -5.13
CA GLY A 17 -0.89 11.25 -5.77
C GLY A 17 0.58 10.94 -5.97
N ARG A 18 1.14 10.16 -5.05
CA ARG A 18 2.55 9.76 -5.14
C ARG A 18 2.70 8.69 -6.19
N ALA A 19 3.83 8.71 -6.91
CA ALA A 19 4.07 7.74 -7.97
C ALA A 19 4.32 6.35 -7.40
N ALA A 20 3.97 5.32 -8.19
CA ALA A 20 4.16 3.94 -7.78
C ALA A 20 5.64 3.63 -7.61
N GLY A 21 5.95 2.58 -6.86
CA GLY A 21 7.33 2.23 -6.61
C GLY A 21 7.68 0.80 -6.98
N ASN A 22 8.44 0.15 -6.09
CA ASN A 22 8.90 -1.22 -6.31
C ASN A 22 8.02 -2.24 -5.59
N ALA A 23 7.22 -1.79 -4.64
CA ALA A 23 6.35 -2.69 -3.89
C ALA A 23 5.10 -3.04 -4.68
N SER A 24 4.35 -4.02 -4.18
CA SER A 24 3.12 -4.45 -4.82
C SER A 24 2.00 -4.59 -3.78
N PHE A 25 0.92 -5.23 -4.19
CA PHE A 25 -0.21 -5.45 -3.30
C PHE A 25 -0.49 -6.95 -3.17
N SER A 26 -0.65 -7.41 -1.93
CA SER A 26 -0.90 -8.83 -1.70
C SER A 26 -2.00 -9.04 -0.67
N LYS A 27 -2.12 -10.29 -0.22
CA LYS A 27 -3.11 -10.66 0.79
C LYS A 27 -2.67 -10.18 2.17
N ARG A 28 -1.40 -10.40 2.47
CA ARG A 28 -0.83 -10.00 3.75
C ARG A 28 -1.12 -8.53 4.02
N ILE A 29 -0.88 -7.69 3.02
CA ILE A 29 -1.14 -6.27 3.15
C ILE A 29 -2.63 -6.02 3.30
N GLN A 30 -3.44 -6.83 2.64
CA GLN A 30 -4.89 -6.70 2.73
C GLN A 30 -5.34 -6.94 4.16
N LYS A 31 -4.76 -7.95 4.79
CA LYS A 31 -5.07 -8.29 6.16
C LYS A 31 -4.48 -7.24 7.10
N SER A 32 -3.34 -6.70 6.72
CA SER A 32 -2.68 -5.66 7.51
C SER A 32 -3.56 -4.43 7.57
N ILE A 33 -4.28 -4.17 6.48
CA ILE A 33 -5.19 -3.03 6.41
C ILE A 33 -6.49 -3.36 7.14
N SER A 34 -7.01 -4.55 6.89
CA SER A 34 -8.24 -5.01 7.51
C SER A 34 -8.18 -4.86 9.03
N GLN A 35 -7.04 -5.24 9.61
CA GLN A 35 -6.87 -5.12 11.06
C GLN A 35 -6.78 -3.67 11.47
N LYS A 36 -6.14 -2.86 10.62
CA LYS A 36 -6.00 -1.43 10.88
C LYS A 36 -7.36 -0.75 10.83
N LYS A 37 -8.11 -1.09 9.78
CA LYS A 37 -9.42 -0.50 9.56
C LYS A 37 -9.27 0.97 9.21
N VAL A 38 -8.84 1.22 7.97
CA VAL A 38 -8.64 2.58 7.49
C VAL A 38 -9.33 2.79 6.14
N LYS A 39 -9.44 4.04 5.72
CA LYS A 39 -10.08 4.36 4.45
C LYS A 39 -9.14 4.15 3.28
N ILE A 40 -8.82 2.90 3.01
CA ILE A 40 -7.94 2.56 1.91
C ILE A 40 -8.47 1.34 1.15
N GLU A 41 -8.96 1.57 -0.06
CA GLU A 41 -9.49 0.47 -0.86
C GLU A 41 -8.76 0.41 -2.20
N LEU A 42 -8.70 -0.79 -2.76
CA LEU A 42 -8.00 -0.99 -4.03
C LEU A 42 -8.85 -0.53 -5.21
N ASP A 43 -8.26 0.31 -6.05
CA ASP A 43 -8.92 0.78 -7.26
C ASP A 43 -9.16 -0.40 -8.19
N LYS A 44 -10.26 -0.38 -8.92
CA LYS A 44 -10.57 -1.46 -9.84
C LYS A 44 -10.17 -1.10 -11.27
N SER A 45 -10.45 0.14 -11.65
CA SER A 45 -10.12 0.62 -13.00
C SER A 45 -8.64 0.39 -13.32
N ALA A 46 -7.81 0.42 -12.28
CA ALA A 46 -6.38 0.24 -12.44
C ALA A 46 -6.06 -0.98 -13.31
N ARG A 47 -4.90 -0.93 -13.96
CA ARG A 47 -4.45 -2.00 -14.83
C ARG A 47 -3.12 -2.55 -14.34
N HIS A 48 -2.86 -2.39 -13.05
CA HIS A 48 -1.61 -2.85 -12.47
C HIS A 48 -1.67 -2.86 -10.95
N LEU A 49 -0.83 -3.68 -10.33
CA LEU A 49 -0.77 -3.79 -8.88
C LEU A 49 0.58 -3.32 -8.37
N TYR A 50 0.81 -2.01 -8.39
CA TYR A 50 2.05 -1.43 -7.93
C TYR A 50 1.76 -0.24 -7.02
N ILE A 51 2.03 -0.41 -5.73
CA ILE A 51 1.79 0.64 -4.77
C ILE A 51 3.03 1.49 -4.58
N CYS A 52 2.85 2.66 -3.98
CA CYS A 52 3.97 3.56 -3.72
C CYS A 52 4.68 3.18 -2.43
N ASP A 53 5.91 3.66 -2.27
CA ASP A 53 6.69 3.38 -1.08
C ASP A 53 5.98 3.90 0.16
N TYR A 54 5.31 5.04 0.02
CA TYR A 54 4.59 5.67 1.11
C TYR A 54 3.67 4.69 1.83
N HIS A 55 2.70 4.14 1.11
CA HIS A 55 1.75 3.21 1.69
C HIS A 55 2.44 1.92 2.14
N LYS A 56 3.53 1.56 1.47
CA LYS A 56 4.27 0.35 1.82
C LYS A 56 4.81 0.45 3.24
N ASN A 57 5.55 1.52 3.51
CA ASN A 57 6.13 1.75 4.83
C ASN A 57 5.03 2.01 5.86
N LEU A 58 4.04 2.79 5.47
CA LEU A 58 2.94 3.14 6.36
C LEU A 58 2.17 1.90 6.81
N ILE A 59 1.93 0.98 5.88
CA ILE A 59 1.16 -0.22 6.18
C ILE A 59 2.01 -1.32 6.85
N GLN A 60 3.12 -1.67 6.23
CA GLN A 60 4.00 -2.72 6.75
C GLN A 60 4.48 -2.46 8.18
N SER A 61 4.55 -1.19 8.58
CA SER A 61 5.06 -0.86 9.90
C SER A 61 4.01 -0.33 10.89
N VAL A 62 3.02 -1.15 11.22
CA VAL A 62 2.00 -0.76 12.20
C VAL A 62 1.81 -1.90 13.20
N ARG A 63 1.70 -3.11 12.69
CA ARG A 63 1.57 -4.30 13.51
C ARG A 63 2.57 -5.35 13.05
N ASN A 64 3.67 -4.89 12.48
CA ASN A 64 4.73 -5.76 11.99
C ASN A 64 6.07 -5.03 12.01
N ARG A 65 6.91 -5.38 12.96
CA ARG A 65 8.21 -4.75 13.11
C ARG A 65 9.26 -5.40 12.20
N ARG A 66 10.51 -5.02 12.39
CA ARG A 66 11.60 -5.56 11.60
C ARG A 66 12.76 -6.00 12.51
N LYS A 67 12.90 -7.30 12.71
CA LYS A 67 13.98 -7.81 13.55
C LYS A 67 13.83 -7.27 14.98
N ARG A 68 14.94 -6.96 15.64
CA ARG A 68 14.89 -6.39 16.98
C ARG A 68 15.95 -5.30 17.11
N LYS A 69 17.15 -5.60 16.65
CA LYS A 69 18.27 -4.66 16.67
C LYS A 69 18.54 -4.13 18.08
N GLY A 70 17.83 -3.07 18.49
CA GLY A 70 18.06 -2.49 19.80
C GLY A 70 17.94 -0.98 19.79
N SER A 71 18.98 -0.30 19.31
CA SER A 71 18.97 1.16 19.24
C SER A 71 20.27 1.68 18.63
N SER A 1 9.78 7.37 -19.08
CA SER A 1 8.42 7.42 -19.66
C SER A 1 7.56 6.26 -19.17
N ASN A 2 8.06 5.04 -19.28
CA ASN A 2 7.31 3.87 -18.83
C ASN A 2 8.00 3.20 -17.64
N ALA A 3 8.43 4.03 -16.70
CA ALA A 3 9.10 3.56 -15.49
C ALA A 3 8.79 4.51 -14.34
N GLY A 4 7.56 5.03 -14.33
CA GLY A 4 7.15 5.95 -13.29
C GLY A 4 5.65 5.99 -13.14
N GLN A 5 5.04 4.82 -12.95
CA GLN A 5 3.60 4.71 -12.79
C GLN A 5 3.12 5.46 -11.55
N LEU A 6 1.83 5.42 -11.31
CA LEU A 6 1.26 6.10 -10.16
C LEU A 6 0.53 5.13 -9.24
N CYS A 7 0.54 5.44 -7.95
CA CYS A 7 -0.09 4.60 -6.93
C CYS A 7 -1.56 4.34 -7.28
N CYS A 8 -2.08 3.20 -6.83
CA CYS A 8 -3.46 2.83 -7.10
C CYS A 8 -4.27 2.62 -5.83
N LEU A 9 -3.93 3.35 -4.77
CA LEU A 9 -4.65 3.27 -3.52
C LEU A 9 -5.34 4.59 -3.23
N ARG A 10 -6.41 4.55 -2.44
CA ARG A 10 -7.15 5.75 -2.12
C ARG A 10 -7.26 5.92 -0.61
N GLU A 11 -7.14 7.17 -0.15
CA GLU A 11 -7.24 7.47 1.28
C GLU A 11 -8.45 8.36 1.53
N ASP A 12 -9.47 7.81 2.18
CA ASP A 12 -10.69 8.55 2.47
C ASP A 12 -11.38 8.95 1.18
N GLY A 13 -11.32 8.07 0.18
CA GLY A 13 -11.94 8.35 -1.09
C GLY A 13 -11.08 9.20 -2.01
N GLU A 14 -9.93 9.66 -1.50
CA GLU A 14 -9.03 10.49 -2.28
C GLU A 14 -7.80 9.71 -2.74
N ARG A 15 -7.46 9.85 -4.02
CA ARG A 15 -6.32 9.15 -4.60
C ARG A 15 -5.01 9.47 -3.88
N CYS A 16 -3.95 8.77 -4.27
CA CYS A 16 -2.63 8.98 -3.69
C CYS A 16 -1.84 10.00 -4.52
N GLY A 17 -1.60 9.67 -5.78
CA GLY A 17 -0.87 10.58 -6.65
C GLY A 17 0.62 10.26 -6.72
N ARG A 18 1.17 9.81 -5.59
CA ARG A 18 2.59 9.47 -5.55
C ARG A 18 2.89 8.38 -6.56
N ALA A 19 4.08 8.42 -7.14
CA ALA A 19 4.47 7.44 -8.14
C ALA A 19 4.61 6.04 -7.53
N ALA A 20 4.26 5.02 -8.32
CA ALA A 20 4.34 3.64 -7.87
C ALA A 20 5.75 3.28 -7.41
N GLY A 21 5.86 2.23 -6.60
CA GLY A 21 7.15 1.82 -6.10
C GLY A 21 7.57 0.43 -6.55
N ASN A 22 8.30 -0.27 -5.67
CA ASN A 22 8.79 -1.60 -5.96
C ASN A 22 7.99 -2.68 -5.24
N ALA A 23 6.98 -2.29 -4.48
CA ALA A 23 6.15 -3.25 -3.75
C ALA A 23 4.88 -3.59 -4.52
N SER A 24 4.16 -4.60 -4.06
CA SER A 24 2.93 -5.02 -4.70
C SER A 24 1.81 -5.17 -3.67
N PHE A 25 0.58 -5.10 -4.14
CA PHE A 25 -0.58 -5.23 -3.28
C PHE A 25 -0.90 -6.70 -3.06
N SER A 26 -0.44 -7.24 -1.94
CA SER A 26 -0.64 -8.64 -1.62
C SER A 26 -1.75 -8.83 -0.59
N LYS A 27 -1.91 -10.07 -0.13
CA LYS A 27 -2.93 -10.39 0.88
C LYS A 27 -2.46 -9.92 2.25
N ARG A 28 -1.16 -10.08 2.51
CA ARG A 28 -0.56 -9.68 3.77
C ARG A 28 -0.92 -8.23 4.08
N ILE A 29 -0.81 -7.37 3.07
CA ILE A 29 -1.12 -5.96 3.23
C ILE A 29 -2.63 -5.79 3.43
N GLN A 30 -3.41 -6.58 2.70
CA GLN A 30 -4.86 -6.53 2.81
C GLN A 30 -5.27 -6.77 4.26
N LYS A 31 -4.72 -7.83 4.85
CA LYS A 31 -4.97 -8.18 6.23
C LYS A 31 -4.53 -7.03 7.13
N SER A 32 -3.30 -6.57 6.92
CA SER A 32 -2.74 -5.46 7.69
C SER A 32 -3.74 -4.30 7.73
N ILE A 33 -4.31 -3.99 6.58
CA ILE A 33 -5.30 -2.91 6.49
C ILE A 33 -6.56 -3.26 7.29
N SER A 34 -7.03 -4.50 7.12
CA SER A 34 -8.22 -4.96 7.80
C SER A 34 -8.07 -4.80 9.32
N GLN A 35 -6.88 -5.05 9.83
CA GLN A 35 -6.64 -4.92 11.26
C GLN A 35 -6.69 -3.46 11.67
N LYS A 36 -6.14 -2.60 10.83
CA LYS A 36 -6.16 -1.17 11.10
C LYS A 36 -7.55 -0.62 10.85
N LYS A 37 -8.28 -1.27 9.95
CA LYS A 37 -9.63 -0.86 9.60
C LYS A 37 -9.62 0.61 9.20
N VAL A 38 -9.13 0.88 8.00
CA VAL A 38 -9.04 2.24 7.49
C VAL A 38 -9.78 2.38 6.16
N LYS A 39 -9.83 3.60 5.65
CA LYS A 39 -10.52 3.87 4.39
C LYS A 39 -9.57 3.79 3.21
N ILE A 40 -8.89 2.65 3.08
CA ILE A 40 -7.96 2.43 1.99
C ILE A 40 -8.39 1.24 1.15
N GLU A 41 -8.68 1.50 -0.13
CA GLU A 41 -9.12 0.44 -1.03
C GLU A 41 -8.32 0.48 -2.33
N LEU A 42 -8.59 -0.48 -3.20
CA LEU A 42 -7.90 -0.58 -4.47
C LEU A 42 -8.73 -0.05 -5.63
N ASP A 43 -8.17 0.89 -6.38
CA ASP A 43 -8.86 1.46 -7.54
C ASP A 43 -8.99 0.38 -8.61
N LYS A 44 -10.22 0.09 -9.01
CA LYS A 44 -10.45 -0.95 -10.01
C LYS A 44 -10.21 -0.44 -11.42
N SER A 45 -10.20 0.88 -11.60
CA SER A 45 -9.97 1.46 -12.92
C SER A 45 -8.53 1.25 -13.39
N ALA A 46 -7.67 0.78 -12.49
CA ALA A 46 -6.27 0.55 -12.81
C ALA A 46 -6.07 -0.76 -13.59
N ARG A 47 -4.80 -1.09 -13.85
CA ARG A 47 -4.44 -2.30 -14.59
C ARG A 47 -3.36 -3.08 -13.85
N HIS A 48 -2.35 -2.36 -13.38
CA HIS A 48 -1.24 -2.98 -12.68
C HIS A 48 -1.48 -3.03 -11.18
N LEU A 49 -0.54 -3.66 -10.47
CA LEU A 49 -0.62 -3.79 -9.03
C LEU A 49 0.72 -3.43 -8.40
N TYR A 50 0.98 -2.13 -8.28
CA TYR A 50 2.23 -1.64 -7.70
C TYR A 50 1.99 -0.37 -6.92
N ILE A 51 1.97 -0.48 -5.61
CA ILE A 51 1.75 0.67 -4.74
C ILE A 51 3.02 1.50 -4.61
N CYS A 52 2.88 2.69 -4.04
CA CYS A 52 4.01 3.57 -3.83
C CYS A 52 4.80 3.17 -2.58
N ASP A 53 5.98 3.76 -2.42
CA ASP A 53 6.81 3.47 -1.26
C ASP A 53 6.16 4.00 0.01
N TYR A 54 5.53 5.16 -0.11
CA TYR A 54 4.86 5.81 1.02
C TYR A 54 3.89 4.86 1.71
N HIS A 55 2.89 4.39 0.97
CA HIS A 55 1.89 3.48 1.52
C HIS A 55 2.52 2.18 2.03
N LYS A 56 3.47 1.64 1.28
CA LYS A 56 4.14 0.40 1.68
C LYS A 56 4.69 0.52 3.10
N ASN A 57 5.49 1.56 3.31
CA ASN A 57 6.09 1.81 4.62
C ASN A 57 5.03 2.09 5.67
N LEU A 58 3.98 2.79 5.26
CA LEU A 58 2.89 3.16 6.16
C LEU A 58 2.17 1.93 6.72
N ILE A 59 1.82 1.00 5.84
CA ILE A 59 1.09 -0.20 6.23
C ILE A 59 1.98 -1.28 6.84
N GLN A 60 3.16 -1.48 6.28
CA GLN A 60 4.08 -2.52 6.75
C GLN A 60 4.61 -2.26 8.16
N SER A 61 4.91 -1.01 8.49
CA SER A 61 5.50 -0.69 9.79
C SER A 61 4.52 -0.75 10.97
N VAL A 62 3.30 -1.23 10.73
CA VAL A 62 2.33 -1.34 11.82
C VAL A 62 1.97 -2.80 12.08
N ARG A 63 1.75 -3.15 13.35
CA ARG A 63 1.44 -4.52 13.73
C ARG A 63 2.38 -5.51 13.07
N ASN A 64 3.58 -5.04 12.74
CA ASN A 64 4.59 -5.88 12.10
C ASN A 64 6.00 -5.31 12.32
N ARG A 65 6.15 -4.47 13.34
CA ARG A 65 7.43 -3.86 13.63
C ARG A 65 8.21 -4.66 14.67
N ARG A 66 7.90 -5.95 14.77
CA ARG A 66 8.57 -6.85 15.71
C ARG A 66 8.33 -6.39 17.15
N LYS A 67 9.07 -5.38 17.59
CA LYS A 67 8.94 -4.85 18.95
C LYS A 67 9.18 -5.90 20.02
N ARG A 68 10.44 -6.14 20.35
CA ARG A 68 10.81 -7.08 21.39
C ARG A 68 11.61 -6.34 22.47
N LYS A 69 12.22 -7.07 23.39
CA LYS A 69 12.98 -6.44 24.46
C LYS A 69 14.46 -6.33 24.10
N GLY A 70 15.22 -5.71 25.00
CA GLY A 70 16.65 -5.55 24.80
C GLY A 70 17.44 -6.26 25.87
N SER A 71 16.95 -7.43 26.28
CA SER A 71 17.61 -8.23 27.31
C SER A 71 18.36 -9.39 26.68
N SER A 1 9.82 3.71 -17.98
CA SER A 1 8.39 3.55 -18.28
C SER A 1 7.80 2.34 -17.58
N ASN A 2 8.58 1.26 -17.44
CA ASN A 2 8.09 0.08 -16.73
C ASN A 2 8.54 0.14 -15.26
N ALA A 3 8.74 1.36 -14.77
CA ALA A 3 9.12 1.61 -13.40
C ALA A 3 8.74 3.03 -12.99
N GLY A 4 7.82 3.64 -13.74
CA GLY A 4 7.39 5.00 -13.46
C GLY A 4 5.90 5.16 -13.63
N GLN A 5 5.14 4.46 -12.79
CA GLN A 5 3.69 4.51 -12.84
C GLN A 5 3.15 5.26 -11.62
N LEU A 6 1.85 5.13 -11.38
CA LEU A 6 1.24 5.79 -10.24
C LEU A 6 0.64 4.80 -9.27
N CYS A 7 0.44 5.26 -8.03
CA CYS A 7 -0.13 4.43 -6.98
C CYS A 7 -1.58 4.09 -7.26
N CYS A 8 -1.98 2.85 -6.97
CA CYS A 8 -3.35 2.40 -7.22
C CYS A 8 -4.15 2.24 -5.94
N LEU A 9 -3.99 3.17 -5.01
CA LEU A 9 -4.74 3.13 -3.76
C LEU A 9 -5.37 4.49 -3.48
N ARG A 10 -6.46 4.48 -2.72
CA ARG A 10 -7.16 5.72 -2.38
C ARG A 10 -7.19 5.93 -0.87
N GLU A 11 -6.58 7.03 -0.43
CA GLU A 11 -6.55 7.34 0.99
C GLU A 11 -7.76 8.19 1.37
N ASP A 12 -8.51 7.73 2.37
CA ASP A 12 -9.69 8.45 2.83
C ASP A 12 -10.65 8.69 1.66
N GLY A 13 -10.58 7.82 0.66
CA GLY A 13 -11.44 7.95 -0.51
C GLY A 13 -10.83 8.80 -1.60
N GLU A 14 -9.67 9.39 -1.33
CA GLU A 14 -9.00 10.23 -2.32
C GLU A 14 -7.71 9.58 -2.84
N ARG A 15 -7.46 9.79 -4.13
CA ARG A 15 -6.28 9.22 -4.79
C ARG A 15 -4.99 9.55 -4.05
N CYS A 16 -3.95 8.77 -4.34
CA CYS A 16 -2.64 8.98 -3.74
C CYS A 16 -1.90 10.13 -4.41
N GLY A 17 -1.53 9.93 -5.67
CA GLY A 17 -0.82 10.97 -6.40
C GLY A 17 0.67 10.71 -6.49
N ARG A 18 1.19 9.91 -5.56
CA ARG A 18 2.60 9.58 -5.56
C ARG A 18 2.87 8.44 -6.52
N ALA A 19 3.92 8.56 -7.31
CA ALA A 19 4.25 7.53 -8.29
C ALA A 19 4.45 6.17 -7.63
N ALA A 20 4.23 5.11 -8.40
CA ALA A 20 4.37 3.74 -7.90
C ALA A 20 5.84 3.37 -7.70
N GLY A 21 6.09 2.50 -6.72
CA GLY A 21 7.45 2.08 -6.44
C GLY A 21 7.78 0.68 -6.94
N ASN A 22 8.02 -0.23 -6.00
CA ASN A 22 8.38 -1.60 -6.34
C ASN A 22 7.47 -2.63 -5.67
N ALA A 23 6.93 -2.29 -4.50
CA ALA A 23 6.07 -3.20 -3.76
C ALA A 23 4.84 -3.60 -4.58
N SER A 24 4.03 -4.48 -3.99
CA SER A 24 2.82 -4.96 -4.65
C SER A 24 1.70 -5.18 -3.63
N PHE A 25 0.49 -4.84 -4.04
CA PHE A 25 -0.69 -5.00 -3.18
C PHE A 25 -1.00 -6.49 -3.02
N SER A 26 -0.48 -7.07 -1.95
CA SER A 26 -0.67 -8.50 -1.69
C SER A 26 -1.80 -8.74 -0.69
N LYS A 27 -1.89 -9.97 -0.22
CA LYS A 27 -2.91 -10.37 0.75
C LYS A 27 -2.52 -9.90 2.15
N ARG A 28 -1.23 -10.02 2.48
CA ARG A 28 -0.71 -9.62 3.78
C ARG A 28 -1.02 -8.15 4.04
N ILE A 29 -0.91 -7.33 3.00
CA ILE A 29 -1.19 -5.91 3.12
C ILE A 29 -2.69 -5.68 3.35
N GLN A 30 -3.51 -6.52 2.73
CA GLN A 30 -4.95 -6.43 2.89
C GLN A 30 -5.34 -6.76 4.33
N LYS A 31 -4.75 -7.82 4.86
CA LYS A 31 -5.02 -8.24 6.23
C LYS A 31 -4.56 -7.16 7.20
N SER A 32 -3.36 -6.63 6.96
CA SER A 32 -2.81 -5.57 7.80
C SER A 32 -3.76 -4.39 7.83
N ILE A 33 -4.22 -3.98 6.64
CA ILE A 33 -5.16 -2.87 6.53
C ILE A 33 -6.44 -3.18 7.30
N SER A 34 -6.88 -4.43 7.18
CA SER A 34 -8.10 -4.88 7.86
C SER A 34 -7.98 -4.72 9.37
N GLN A 35 -6.84 -5.13 9.91
CA GLN A 35 -6.61 -5.02 11.35
C GLN A 35 -6.58 -3.54 11.76
N LYS A 36 -6.01 -2.71 10.89
CA LYS A 36 -5.94 -1.28 11.14
C LYS A 36 -7.34 -0.68 11.01
N LYS A 37 -8.10 -1.24 10.06
CA LYS A 37 -9.44 -0.76 9.77
C LYS A 37 -9.39 0.69 9.32
N VAL A 38 -9.07 0.88 8.05
CA VAL A 38 -8.96 2.21 7.48
C VAL A 38 -9.70 2.30 6.14
N LYS A 39 -9.77 3.51 5.58
CA LYS A 39 -10.44 3.71 4.31
C LYS A 39 -9.46 3.70 3.15
N ILE A 40 -8.85 2.54 2.91
CA ILE A 40 -7.90 2.39 1.82
C ILE A 40 -8.19 1.11 1.05
N GLU A 41 -8.69 1.26 -0.16
CA GLU A 41 -9.02 0.12 -1.00
C GLU A 41 -8.36 0.25 -2.37
N LEU A 42 -8.39 -0.84 -3.12
CA LEU A 42 -7.80 -0.86 -4.45
C LEU A 42 -8.75 -0.28 -5.49
N ASP A 43 -8.21 0.52 -6.39
CA ASP A 43 -8.99 1.12 -7.45
C ASP A 43 -9.19 0.10 -8.55
N LYS A 44 -10.36 0.10 -9.17
CA LYS A 44 -10.65 -0.87 -10.22
C LYS A 44 -10.43 -0.31 -11.62
N SER A 45 -10.05 0.96 -11.71
CA SER A 45 -9.79 1.59 -12.99
C SER A 45 -8.34 1.40 -13.42
N ALA A 46 -7.49 0.97 -12.48
CA ALA A 46 -6.08 0.76 -12.76
C ALA A 46 -5.86 -0.44 -13.69
N ARG A 47 -4.65 -0.98 -13.65
CA ARG A 47 -4.28 -2.11 -14.49
C ARG A 47 -3.27 -3.03 -13.78
N HIS A 48 -2.35 -2.40 -13.03
CA HIS A 48 -1.32 -3.14 -12.32
C HIS A 48 -1.47 -3.00 -10.81
N LEU A 49 -0.67 -3.80 -10.07
CA LEU A 49 -0.68 -3.76 -8.62
C LEU A 49 0.68 -3.31 -8.10
N TYR A 50 0.97 -2.03 -8.28
CA TYR A 50 2.23 -1.45 -7.85
C TYR A 50 1.99 -0.17 -7.07
N ILE A 51 1.95 -0.29 -5.76
CA ILE A 51 1.72 0.85 -4.90
C ILE A 51 2.99 1.68 -4.72
N CYS A 52 2.86 2.81 -4.05
CA CYS A 52 4.00 3.69 -3.81
C CYS A 52 4.74 3.25 -2.55
N ASP A 53 5.85 3.92 -2.27
CA ASP A 53 6.64 3.61 -1.07
C ASP A 53 5.93 4.10 0.17
N TYR A 54 5.25 5.24 0.04
CA TYR A 54 4.51 5.84 1.14
C TYR A 54 3.59 4.84 1.81
N HIS A 55 2.63 4.31 1.05
CA HIS A 55 1.66 3.36 1.57
C HIS A 55 2.34 2.04 1.98
N LYS A 56 3.41 1.67 1.28
CA LYS A 56 4.11 0.43 1.59
C LYS A 56 4.64 0.46 3.03
N ASN A 57 5.40 1.50 3.34
CA ASN A 57 5.99 1.66 4.67
C ASN A 57 4.91 1.97 5.69
N LEU A 58 3.94 2.77 5.28
CA LEU A 58 2.85 3.18 6.15
C LEU A 58 2.06 1.98 6.66
N ILE A 59 1.75 1.04 5.77
CA ILE A 59 0.96 -0.13 6.12
C ILE A 59 1.79 -1.25 6.76
N GLN A 60 2.98 -1.50 6.22
CA GLN A 60 3.84 -2.57 6.73
C GLN A 60 4.29 -2.36 8.17
N SER A 61 4.54 -1.10 8.56
CA SER A 61 5.07 -0.81 9.89
C SER A 61 4.00 -0.43 10.93
N VAL A 62 2.82 -1.02 10.84
CA VAL A 62 1.78 -0.73 11.82
C VAL A 62 1.26 -2.03 12.45
N ARG A 63 1.10 -2.02 13.77
CA ARG A 63 0.64 -3.19 14.48
C ARG A 63 1.40 -4.45 14.04
N ASN A 64 2.72 -4.32 13.94
CA ASN A 64 3.58 -5.42 13.54
C ASN A 64 4.92 -5.34 14.26
N ARG A 65 5.12 -6.20 15.25
CA ARG A 65 6.37 -6.21 16.01
C ARG A 65 7.51 -6.79 15.20
N ARG A 66 7.17 -7.63 14.23
CA ARG A 66 8.18 -8.25 13.38
C ARG A 66 9.28 -8.88 14.26
N LYS A 67 10.55 -8.49 14.07
CA LYS A 67 11.64 -9.04 14.88
C LYS A 67 12.00 -10.47 14.46
N ARG A 68 11.27 -11.01 13.50
CA ARG A 68 11.52 -12.35 13.02
C ARG A 68 12.58 -12.29 11.93
N LYS A 69 13.21 -13.41 11.66
CA LYS A 69 14.24 -13.47 10.62
C LYS A 69 14.00 -14.62 9.66
N GLY A 70 13.31 -15.66 10.12
CA GLY A 70 13.02 -16.80 9.29
C GLY A 70 12.20 -17.84 10.03
N SER A 71 11.47 -18.66 9.28
CA SER A 71 10.64 -19.69 9.88
C SER A 71 11.40 -21.01 9.96
N SER A 1 8.38 8.47 -17.99
CA SER A 1 9.20 7.25 -17.76
C SER A 1 8.34 5.99 -17.67
N ASN A 2 8.77 4.95 -18.37
CA ASN A 2 8.06 3.67 -18.37
C ASN A 2 8.60 2.75 -17.27
N ALA A 3 9.17 3.36 -16.24
CA ALA A 3 9.71 2.64 -15.11
C ALA A 3 9.33 3.36 -13.82
N GLY A 4 8.18 4.03 -13.86
CA GLY A 4 7.71 4.76 -12.71
C GLY A 4 6.20 4.96 -12.75
N GLN A 5 5.47 3.86 -12.61
CA GLN A 5 4.01 3.89 -12.63
C GLN A 5 3.46 4.76 -11.51
N LEU A 6 2.14 4.78 -11.38
CA LEU A 6 1.50 5.57 -10.34
C LEU A 6 0.72 4.70 -9.36
N CYS A 7 0.69 5.16 -8.12
CA CYS A 7 -0.01 4.44 -7.06
C CYS A 7 -1.43 4.05 -7.49
N CYS A 8 -2.00 3.05 -6.82
CA CYS A 8 -3.34 2.58 -7.14
C CYS A 8 -4.20 2.41 -5.89
N LEU A 9 -3.91 3.21 -4.87
CA LEU A 9 -4.67 3.18 -3.63
C LEU A 9 -5.41 4.49 -3.45
N ARG A 10 -6.35 4.51 -2.50
CA ARG A 10 -7.12 5.72 -2.25
C ARG A 10 -7.11 6.05 -0.76
N GLU A 11 -6.95 7.33 -0.45
CA GLU A 11 -6.95 7.78 0.94
C GLU A 11 -8.17 8.66 1.20
N ASP A 12 -9.15 8.08 1.89
CA ASP A 12 -10.40 8.80 2.19
C ASP A 12 -11.24 8.96 0.94
N GLY A 13 -11.22 7.93 0.09
CA GLY A 13 -11.99 7.96 -1.13
C GLY A 13 -11.29 8.73 -2.25
N GLU A 14 -10.10 9.25 -1.97
CA GLU A 14 -9.36 10.01 -2.98
C GLU A 14 -8.08 9.32 -3.40
N ARG A 15 -7.67 9.59 -4.63
CA ARG A 15 -6.46 8.99 -5.22
C ARG A 15 -5.20 9.42 -4.49
N CYS A 16 -4.09 8.76 -4.81
CA CYS A 16 -2.80 9.06 -4.20
C CYS A 16 -2.01 10.04 -5.07
N GLY A 17 -1.48 9.54 -6.20
CA GLY A 17 -0.72 10.40 -7.08
C GLY A 17 0.77 10.12 -7.05
N ARG A 18 1.26 9.66 -5.90
CA ARG A 18 2.67 9.34 -5.76
C ARG A 18 3.02 8.15 -6.63
N ALA A 19 4.13 8.24 -7.35
CA ALA A 19 4.55 7.17 -8.24
C ALA A 19 4.68 5.84 -7.48
N ALA A 20 4.58 4.73 -8.22
CA ALA A 20 4.68 3.40 -7.63
C ALA A 20 6.12 3.05 -7.29
N GLY A 21 6.30 2.15 -6.33
CA GLY A 21 7.63 1.75 -5.92
C GLY A 21 7.98 0.31 -6.27
N ASN A 22 8.46 -0.43 -5.28
CA ASN A 22 8.87 -1.81 -5.47
C ASN A 22 7.88 -2.81 -4.86
N ALA A 23 7.05 -2.34 -3.94
CA ALA A 23 6.09 -3.21 -3.29
C ALA A 23 4.88 -3.50 -4.17
N SER A 24 4.06 -4.45 -3.74
CA SER A 24 2.86 -4.83 -4.48
C SER A 24 1.69 -5.04 -3.53
N PHE A 25 0.48 -4.92 -4.06
CA PHE A 25 -0.71 -5.11 -3.25
C PHE A 25 -1.00 -6.59 -3.07
N SER A 26 -0.39 -7.19 -2.06
CA SER A 26 -0.55 -8.61 -1.77
C SER A 26 -1.63 -8.84 -0.72
N LYS A 27 -1.71 -10.07 -0.23
CA LYS A 27 -2.69 -10.42 0.79
C LYS A 27 -2.23 -9.95 2.18
N ARG A 28 -0.94 -10.08 2.45
CA ARG A 28 -0.37 -9.66 3.73
C ARG A 28 -0.76 -8.21 4.02
N ILE A 29 -0.57 -7.35 3.02
CA ILE A 29 -0.91 -5.95 3.16
C ILE A 29 -2.41 -5.78 3.32
N GLN A 30 -3.18 -6.57 2.56
CA GLN A 30 -4.63 -6.52 2.65
C GLN A 30 -5.10 -6.82 4.05
N LYS A 31 -4.64 -7.95 4.57
CA LYS A 31 -5.00 -8.36 5.92
C LYS A 31 -4.52 -7.31 6.92
N SER A 32 -3.37 -6.72 6.61
CA SER A 32 -2.80 -5.69 7.45
C SER A 32 -3.76 -4.52 7.54
N ILE A 33 -4.20 -4.02 6.38
CA ILE A 33 -5.15 -2.92 6.34
C ILE A 33 -6.41 -3.27 7.10
N SER A 34 -6.87 -4.51 6.94
CA SER A 34 -8.07 -4.98 7.62
C SER A 34 -7.92 -4.90 9.13
N GLN A 35 -6.71 -5.12 9.63
CA GLN A 35 -6.46 -5.06 11.06
C GLN A 35 -6.46 -3.61 11.53
N LYS A 36 -6.02 -2.71 10.66
CA LYS A 36 -6.00 -1.29 10.97
C LYS A 36 -7.41 -0.72 10.86
N LYS A 37 -8.17 -1.26 9.91
CA LYS A 37 -9.52 -0.79 9.65
C LYS A 37 -9.47 0.70 9.33
N VAL A 38 -8.96 1.01 8.14
CA VAL A 38 -8.83 2.39 7.70
C VAL A 38 -9.50 2.60 6.34
N LYS A 39 -9.61 3.86 5.94
CA LYS A 39 -10.25 4.22 4.67
C LYS A 39 -9.27 4.07 3.50
N ILE A 40 -8.70 2.88 3.35
CA ILE A 40 -7.77 2.62 2.27
C ILE A 40 -8.12 1.32 1.56
N GLU A 41 -8.45 1.42 0.28
CA GLU A 41 -8.82 0.25 -0.50
C GLU A 41 -8.26 0.36 -1.92
N LEU A 42 -8.28 -0.75 -2.63
CA LEU A 42 -7.77 -0.79 -3.99
C LEU A 42 -8.82 -0.36 -5.01
N ASP A 43 -8.44 0.53 -5.91
CA ASP A 43 -9.33 0.98 -6.96
C ASP A 43 -9.33 -0.07 -8.06
N LYS A 44 -10.46 -0.25 -8.73
CA LYS A 44 -10.56 -1.25 -9.78
C LYS A 44 -10.23 -0.67 -11.16
N SER A 45 -10.20 0.65 -11.26
CA SER A 45 -9.90 1.30 -12.53
C SER A 45 -8.42 1.15 -12.89
N ALA A 46 -7.57 1.10 -11.87
CA ALA A 46 -6.13 0.97 -12.07
C ALA A 46 -5.80 -0.15 -13.06
N ARG A 47 -4.95 0.17 -14.03
CA ARG A 47 -4.53 -0.78 -15.04
C ARG A 47 -3.54 -1.79 -14.48
N HIS A 48 -2.95 -1.46 -13.33
CA HIS A 48 -1.96 -2.33 -12.69
C HIS A 48 -2.05 -2.24 -11.17
N LEU A 49 -1.16 -2.95 -10.50
CA LEU A 49 -1.10 -2.94 -9.04
C LEU A 49 0.10 -2.08 -8.60
N TYR A 50 0.98 -2.61 -7.74
CA TYR A 50 2.14 -1.86 -7.30
C TYR A 50 1.75 -0.55 -6.64
N ILE A 51 2.05 -0.44 -5.36
CA ILE A 51 1.74 0.77 -4.60
C ILE A 51 3.00 1.60 -4.40
N CYS A 52 2.81 2.86 -4.02
CA CYS A 52 3.94 3.76 -3.80
C CYS A 52 4.69 3.38 -2.53
N ASP A 53 5.93 3.81 -2.43
CA ASP A 53 6.75 3.51 -1.26
C ASP A 53 6.11 4.09 0.00
N TYR A 54 5.38 5.17 -0.18
CA TYR A 54 4.70 5.85 0.92
C TYR A 54 3.73 4.92 1.64
N HIS A 55 2.72 4.45 0.91
CA HIS A 55 1.72 3.56 1.48
C HIS A 55 2.34 2.26 1.99
N LYS A 56 3.31 1.73 1.26
CA LYS A 56 3.97 0.49 1.66
C LYS A 56 4.52 0.61 3.08
N ASN A 57 5.30 1.65 3.30
CA ASN A 57 5.91 1.90 4.60
C ASN A 57 4.84 2.22 5.66
N LEU A 58 3.79 2.91 5.21
CA LEU A 58 2.70 3.30 6.10
C LEU A 58 1.93 2.08 6.62
N ILE A 59 1.71 1.11 5.74
CA ILE A 59 0.95 -0.09 6.09
C ILE A 59 1.79 -1.18 6.76
N GLN A 60 2.99 -1.41 6.23
CA GLN A 60 3.87 -2.45 6.76
C GLN A 60 4.27 -2.23 8.22
N SER A 61 4.43 -0.96 8.61
CA SER A 61 4.88 -0.64 9.98
C SER A 61 3.79 -0.77 11.05
N VAL A 62 3.07 -1.89 11.07
CA VAL A 62 2.04 -2.12 12.07
C VAL A 62 1.86 -3.63 12.28
N ARG A 63 1.81 -4.37 11.19
CA ARG A 63 1.67 -5.81 11.24
C ARG A 63 3.03 -6.46 11.09
N ASN A 64 4.04 -5.82 11.67
CA ASN A 64 5.42 -6.31 11.59
C ASN A 64 6.25 -5.74 12.73
N ARG A 65 5.59 -5.38 13.82
CA ARG A 65 6.26 -4.80 14.99
C ARG A 65 6.90 -5.88 15.86
N ARG A 66 7.20 -5.52 17.11
CA ARG A 66 7.82 -6.44 18.05
C ARG A 66 9.22 -6.81 17.61
N LYS A 67 10.18 -5.97 17.97
CA LYS A 67 11.58 -6.19 17.61
C LYS A 67 12.49 -5.61 18.69
N ARG A 68 13.80 -5.68 18.46
CA ARG A 68 14.76 -5.12 19.40
C ARG A 68 15.10 -3.70 18.97
N LYS A 69 15.68 -2.93 19.87
CA LYS A 69 16.06 -1.55 19.56
C LYS A 69 17.53 -1.47 19.16
N GLY A 70 18.32 -2.38 19.69
CA GLY A 70 19.74 -2.40 19.38
C GLY A 70 20.60 -2.52 20.63
N SER A 71 20.57 -3.70 21.26
CA SER A 71 21.35 -3.95 22.46
C SER A 71 21.92 -5.37 22.44
N SER A 1 11.32 1.56 -19.13
CA SER A 1 10.39 0.40 -19.09
C SER A 1 9.05 0.81 -18.46
N ASN A 2 8.83 0.44 -17.20
CA ASN A 2 7.59 0.81 -16.51
C ASN A 2 7.75 0.68 -15.01
N ALA A 3 8.38 1.69 -14.43
CA ALA A 3 8.60 1.75 -12.99
C ALA A 3 8.41 3.18 -12.49
N GLY A 4 7.58 3.93 -13.20
CA GLY A 4 7.30 5.31 -12.84
C GLY A 4 5.84 5.65 -12.97
N GLN A 5 5.00 4.75 -12.48
CA GLN A 5 3.55 4.94 -12.55
C GLN A 5 3.04 5.60 -11.28
N LEU A 6 1.73 5.68 -11.14
CA LEU A 6 1.14 6.30 -9.97
C LEU A 6 0.44 5.28 -9.08
N CYS A 7 0.60 5.46 -7.78
CA CYS A 7 0.00 4.58 -6.77
C CYS A 7 -1.41 4.14 -7.18
N CYS A 8 -1.87 3.03 -6.61
CA CYS A 8 -3.20 2.51 -6.93
C CYS A 8 -4.05 2.31 -5.67
N LEU A 9 -3.95 3.23 -4.73
CA LEU A 9 -4.73 3.18 -3.50
C LEU A 9 -5.39 4.52 -3.25
N ARG A 10 -6.64 4.49 -2.79
CA ARG A 10 -7.38 5.70 -2.53
C ARG A 10 -7.60 5.90 -1.03
N GLU A 11 -7.22 7.06 -0.53
CA GLU A 11 -7.40 7.37 0.88
C GLU A 11 -8.59 8.31 1.05
N ASP A 12 -9.67 7.77 1.61
CA ASP A 12 -10.89 8.55 1.81
C ASP A 12 -11.49 8.97 0.47
N GLY A 13 -11.37 8.09 -0.52
CA GLY A 13 -11.90 8.37 -1.84
C GLY A 13 -10.98 9.24 -2.68
N GLU A 14 -9.90 9.73 -2.07
CA GLU A 14 -8.96 10.57 -2.78
C GLU A 14 -7.71 9.80 -3.22
N ARG A 15 -7.34 9.95 -4.49
CA ARG A 15 -6.20 9.25 -5.05
C ARG A 15 -4.88 9.69 -4.41
N CYS A 16 -4.00 8.72 -4.20
CA CYS A 16 -2.69 8.98 -3.60
C CYS A 16 -1.92 10.03 -4.40
N GLY A 17 -1.62 9.70 -5.65
CA GLY A 17 -0.90 10.63 -6.51
C GLY A 17 0.57 10.32 -6.59
N ARG A 18 1.21 10.09 -5.44
CA ARG A 18 2.62 9.77 -5.40
C ARG A 18 2.91 8.59 -6.32
N ALA A 19 3.98 8.68 -7.09
CA ALA A 19 4.34 7.62 -8.01
C ALA A 19 4.47 6.27 -7.29
N ALA A 20 4.20 5.19 -8.03
CA ALA A 20 4.27 3.84 -7.47
C ALA A 20 5.68 3.52 -6.96
N GLY A 21 5.80 2.41 -6.23
CA GLY A 21 7.09 2.02 -5.68
C GLY A 21 7.50 0.60 -6.03
N ASN A 22 8.37 0.02 -5.20
CA ASN A 22 8.87 -1.33 -5.42
C ASN A 22 8.06 -2.38 -4.65
N ALA A 23 6.79 -2.09 -4.40
CA ALA A 23 5.93 -3.02 -3.67
C ALA A 23 4.65 -3.31 -4.44
N SER A 24 4.15 -4.53 -4.28
CA SER A 24 2.93 -4.94 -4.95
C SER A 24 1.83 -5.25 -3.93
N PHE A 25 0.61 -4.89 -4.27
CA PHE A 25 -0.54 -5.13 -3.41
C PHE A 25 -0.77 -6.63 -3.28
N SER A 26 -0.73 -7.12 -2.05
CA SER A 26 -0.92 -8.55 -1.80
C SER A 26 -2.01 -8.80 -0.76
N LYS A 27 -2.06 -10.03 -0.25
CA LYS A 27 -3.04 -10.41 0.76
C LYS A 27 -2.62 -9.88 2.13
N ARG A 28 -1.33 -9.98 2.41
CA ARG A 28 -0.77 -9.51 3.68
C ARG A 28 -1.17 -8.06 3.91
N ILE A 29 -0.86 -7.20 2.96
CA ILE A 29 -1.19 -5.79 3.06
C ILE A 29 -2.69 -5.63 3.32
N GLN A 30 -3.49 -6.41 2.60
CA GLN A 30 -4.94 -6.36 2.78
C GLN A 30 -5.30 -6.65 4.23
N LYS A 31 -4.70 -7.71 4.77
CA LYS A 31 -4.95 -8.09 6.15
C LYS A 31 -4.55 -6.95 7.08
N SER A 32 -3.37 -6.39 6.83
CA SER A 32 -2.88 -5.27 7.63
C SER A 32 -3.93 -4.16 7.66
N ILE A 33 -4.42 -3.79 6.49
CA ILE A 33 -5.45 -2.76 6.39
C ILE A 33 -6.67 -3.15 7.21
N SER A 34 -7.02 -4.43 7.15
CA SER A 34 -8.17 -4.95 7.88
C SER A 34 -7.98 -4.80 9.39
N GLN A 35 -6.76 -5.08 9.87
CA GLN A 35 -6.45 -4.97 11.29
C GLN A 35 -6.40 -3.50 11.69
N LYS A 36 -5.79 -2.68 10.85
CA LYS A 36 -5.69 -1.25 11.11
C LYS A 36 -7.07 -0.61 11.07
N LYS A 37 -7.88 -1.04 10.11
CA LYS A 37 -9.22 -0.51 9.92
C LYS A 37 -9.13 0.91 9.40
N VAL A 38 -8.80 1.04 8.12
CA VAL A 38 -8.66 2.33 7.48
C VAL A 38 -9.39 2.37 6.14
N LYS A 39 -9.57 3.57 5.60
CA LYS A 39 -10.27 3.74 4.33
C LYS A 39 -9.31 3.61 3.15
N ILE A 40 -8.60 2.48 3.08
CA ILE A 40 -7.67 2.23 1.99
C ILE A 40 -8.10 0.99 1.20
N GLU A 41 -8.66 1.22 0.02
CA GLU A 41 -9.11 0.13 -0.83
C GLU A 41 -8.53 0.28 -2.23
N LEU A 42 -8.42 -0.83 -2.93
CA LEU A 42 -7.86 -0.82 -4.28
C LEU A 42 -8.87 -0.30 -5.30
N ASP A 43 -8.38 0.51 -6.23
CA ASP A 43 -9.23 1.04 -7.30
C ASP A 43 -9.35 0.00 -8.39
N LYS A 44 -10.52 -0.09 -9.01
CA LYS A 44 -10.75 -1.08 -10.06
C LYS A 44 -10.43 -0.52 -11.45
N SER A 45 -10.44 0.80 -11.59
CA SER A 45 -10.14 1.43 -12.87
C SER A 45 -8.73 1.08 -13.35
N ALA A 46 -7.79 1.03 -12.41
CA ALA A 46 -6.41 0.72 -12.73
C ALA A 46 -6.27 -0.65 -13.39
N ARG A 47 -5.03 -1.10 -13.53
CA ARG A 47 -4.76 -2.39 -14.16
C ARG A 47 -3.62 -3.12 -13.45
N HIS A 48 -2.52 -2.42 -13.25
CA HIS A 48 -1.34 -3.01 -12.60
C HIS A 48 -1.50 -3.01 -11.09
N LEU A 49 -0.54 -3.64 -10.41
CA LEU A 49 -0.54 -3.70 -8.96
C LEU A 49 0.80 -3.27 -8.40
N TYR A 50 0.98 -1.95 -8.30
CA TYR A 50 2.21 -1.37 -7.79
C TYR A 50 1.90 -0.17 -6.92
N ILE A 51 2.19 -0.30 -5.63
CA ILE A 51 1.94 0.78 -4.69
C ILE A 51 3.19 1.60 -4.43
N CYS A 52 3.00 2.85 -4.06
CA CYS A 52 4.12 3.74 -3.77
C CYS A 52 4.85 3.29 -2.51
N ASP A 53 6.08 3.75 -2.34
CA ASP A 53 6.88 3.40 -1.17
C ASP A 53 6.19 3.88 0.11
N TYR A 54 5.58 5.05 0.02
CA TYR A 54 4.87 5.64 1.16
C TYR A 54 3.92 4.64 1.82
N HIS A 55 2.97 4.13 1.04
CA HIS A 55 2.00 3.19 1.55
C HIS A 55 2.65 1.88 1.99
N LYS A 56 3.71 1.47 1.29
CA LYS A 56 4.41 0.24 1.64
C LYS A 56 4.94 0.31 3.08
N ASN A 57 5.67 1.36 3.36
CA ASN A 57 6.24 1.57 4.70
C ASN A 57 5.14 1.82 5.73
N LEU A 58 4.11 2.55 5.32
CA LEU A 58 3.00 2.89 6.20
C LEU A 58 2.23 1.63 6.63
N ILE A 59 1.97 0.75 5.68
CA ILE A 59 1.20 -0.47 5.95
C ILE A 59 2.06 -1.58 6.56
N GLN A 60 3.25 -1.80 6.00
CA GLN A 60 4.13 -2.85 6.47
C GLN A 60 4.57 -2.66 7.92
N SER A 61 4.73 -1.40 8.34
CA SER A 61 5.22 -1.11 9.68
C SER A 61 4.14 -0.62 10.64
N VAL A 62 3.37 -1.55 11.18
CA VAL A 62 2.33 -1.23 12.16
C VAL A 62 2.00 -2.45 13.03
N ARG A 63 2.03 -3.64 12.44
CA ARG A 63 1.78 -4.86 13.18
C ARG A 63 3.08 -5.39 13.78
N ASN A 64 3.90 -4.47 14.29
CA ASN A 64 5.18 -4.82 14.90
C ASN A 64 5.34 -4.08 16.21
N ARG A 65 5.01 -4.75 17.30
CA ARG A 65 5.08 -4.13 18.61
C ARG A 65 5.96 -4.94 19.56
N ARG A 66 7.11 -4.38 19.91
CA ARG A 66 8.06 -5.02 20.81
C ARG A 66 9.16 -4.04 21.17
N LYS A 67 9.82 -4.27 22.30
CA LYS A 67 10.88 -3.38 22.74
C LYS A 67 12.16 -4.15 23.07
N ARG A 68 13.29 -3.58 22.67
CA ARG A 68 14.59 -4.18 22.93
C ARG A 68 15.31 -3.38 24.01
N LYS A 69 16.16 -4.02 24.79
CA LYS A 69 16.88 -3.32 25.84
C LYS A 69 18.32 -3.03 25.42
N GLY A 70 19.18 -4.04 25.52
CA GLY A 70 20.57 -3.87 25.16
C GLY A 70 21.36 -5.15 25.32
N SER A 71 22.48 -5.08 26.02
CA SER A 71 23.32 -6.24 26.26
C SER A 71 23.49 -6.51 27.75
N SER A 1 4.68 6.06 -19.79
CA SER A 1 5.68 6.43 -18.76
C SER A 1 6.78 5.39 -18.63
N ASN A 2 7.95 5.83 -18.18
CA ASN A 2 9.08 4.93 -17.99
C ASN A 2 9.22 4.54 -16.52
N ALA A 3 8.45 3.55 -16.12
CA ALA A 3 8.50 3.06 -14.74
C ALA A 3 8.22 4.18 -13.74
N GLY A 4 7.34 5.10 -14.10
CA GLY A 4 7.01 6.20 -13.21
C GLY A 4 5.52 6.33 -12.97
N GLN A 5 4.85 5.19 -12.84
CA GLN A 5 3.41 5.16 -12.62
C GLN A 5 3.04 5.82 -11.30
N LEU A 6 1.74 6.02 -11.08
CA LEU A 6 1.25 6.63 -9.86
C LEU A 6 0.57 5.59 -8.97
N CYS A 7 0.64 5.81 -7.66
CA CYS A 7 0.03 4.91 -6.69
C CYS A 7 -1.39 4.52 -7.10
N CYS A 8 -1.78 3.28 -6.82
CA CYS A 8 -3.12 2.79 -7.19
C CYS A 8 -4.01 2.55 -5.97
N LEU A 9 -3.86 3.38 -4.95
CA LEU A 9 -4.68 3.29 -3.74
C LEU A 9 -5.45 4.57 -3.55
N ARG A 10 -6.51 4.51 -2.74
CA ARG A 10 -7.33 5.67 -2.48
C ARG A 10 -7.55 5.88 -0.99
N GLU A 11 -7.18 7.05 -0.50
CA GLU A 11 -7.36 7.38 0.90
C GLU A 11 -8.52 8.35 1.06
N ASP A 12 -9.68 7.81 1.46
CA ASP A 12 -10.88 8.61 1.64
C ASP A 12 -11.27 9.29 0.33
N GLY A 13 -11.13 8.56 -0.77
CA GLY A 13 -11.47 9.10 -2.07
C GLY A 13 -10.32 9.83 -2.74
N GLU A 14 -9.19 9.95 -2.05
CA GLU A 14 -8.02 10.63 -2.60
C GLU A 14 -7.05 9.65 -3.23
N ARG A 15 -6.92 9.70 -4.55
CA ARG A 15 -6.04 8.79 -5.29
C ARG A 15 -4.56 9.12 -5.05
N CYS A 16 -4.15 9.01 -3.79
CA CYS A 16 -2.76 9.27 -3.37
C CYS A 16 -2.07 10.36 -4.23
N GLY A 17 -1.44 9.99 -5.33
CA GLY A 17 -0.76 10.97 -6.16
C GLY A 17 0.73 10.74 -6.25
N ARG A 18 1.32 10.16 -5.20
CA ARG A 18 2.75 9.88 -5.18
C ARG A 18 3.11 8.79 -6.19
N ALA A 19 4.30 8.88 -6.76
CA ALA A 19 4.76 7.90 -7.75
C ALA A 19 4.75 6.48 -7.19
N ALA A 20 4.62 5.50 -8.07
CA ALA A 20 4.61 4.10 -7.67
C ALA A 20 6.04 3.64 -7.37
N GLY A 21 6.18 2.67 -6.46
CA GLY A 21 7.49 2.19 -6.09
C GLY A 21 7.82 0.82 -6.65
N ASN A 22 8.48 0.01 -5.83
CA ASN A 22 8.90 -1.33 -6.23
C ASN A 22 8.14 -2.41 -5.46
N ALA A 23 6.95 -2.07 -4.98
CA ALA A 23 6.14 -3.02 -4.22
C ALA A 23 4.85 -3.35 -4.96
N SER A 24 4.17 -4.39 -4.48
CA SER A 24 2.91 -4.83 -5.07
C SER A 24 1.84 -4.99 -4.00
N PHE A 25 0.58 -4.85 -4.41
CA PHE A 25 -0.53 -4.99 -3.49
C PHE A 25 -0.92 -6.47 -3.38
N SER A 26 -0.72 -7.05 -2.21
CA SER A 26 -1.03 -8.45 -1.98
C SER A 26 -2.13 -8.61 -0.93
N LYS A 27 -2.33 -9.85 -0.51
CA LYS A 27 -3.32 -10.16 0.52
C LYS A 27 -2.83 -9.77 1.91
N ARG A 28 -1.53 -9.98 2.17
CA ARG A 28 -0.95 -9.63 3.45
C ARG A 28 -1.25 -8.17 3.79
N ILE A 29 -1.13 -7.31 2.79
CA ILE A 29 -1.43 -5.90 2.97
C ILE A 29 -2.91 -5.72 3.25
N GLN A 30 -3.76 -6.46 2.53
CA GLN A 30 -5.19 -6.41 2.74
C GLN A 30 -5.52 -6.73 4.19
N LYS A 31 -4.98 -7.85 4.63
CA LYS A 31 -5.14 -8.32 5.99
C LYS A 31 -4.72 -7.23 6.97
N SER A 32 -3.54 -6.66 6.72
CA SER A 32 -3.02 -5.59 7.55
C SER A 32 -4.00 -4.42 7.60
N ILE A 33 -4.62 -4.13 6.47
CA ILE A 33 -5.60 -3.05 6.38
C ILE A 33 -6.83 -3.39 7.23
N SER A 34 -7.31 -4.62 7.10
CA SER A 34 -8.47 -5.08 7.85
C SER A 34 -8.26 -4.93 9.36
N GLN A 35 -7.04 -5.17 9.81
CA GLN A 35 -6.72 -5.07 11.23
C GLN A 35 -6.68 -3.60 11.66
N LYS A 36 -5.95 -2.78 10.91
CA LYS A 36 -5.85 -1.37 11.20
C LYS A 36 -7.22 -0.71 11.13
N LYS A 37 -7.99 -1.09 10.11
CA LYS A 37 -9.31 -0.54 9.89
C LYS A 37 -9.20 0.92 9.46
N VAL A 38 -8.81 1.11 8.20
CA VAL A 38 -8.64 2.44 7.63
C VAL A 38 -9.35 2.55 6.29
N LYS A 39 -9.33 3.75 5.71
CA LYS A 39 -9.98 3.99 4.43
C LYS A 39 -9.00 3.86 3.28
N ILE A 40 -8.47 2.66 3.08
CA ILE A 40 -7.53 2.39 2.00
C ILE A 40 -7.92 1.11 1.28
N GLU A 41 -8.49 1.26 0.08
CA GLU A 41 -8.91 0.12 -0.71
C GLU A 41 -8.38 0.22 -2.14
N LEU A 42 -8.18 -0.93 -2.76
CA LEU A 42 -7.68 -0.98 -4.13
C LEU A 42 -8.75 -0.52 -5.13
N ASP A 43 -8.28 0.13 -6.18
CA ASP A 43 -9.15 0.58 -7.25
C ASP A 43 -9.19 -0.49 -8.32
N LYS A 44 -10.35 -1.11 -8.50
CA LYS A 44 -10.49 -2.17 -9.48
C LYS A 44 -10.56 -1.64 -10.92
N SER A 45 -10.58 -0.30 -11.06
CA SER A 45 -10.63 0.31 -12.39
C SER A 45 -9.26 0.28 -13.06
N ALA A 46 -8.21 0.11 -12.26
CA ALA A 46 -6.85 0.08 -12.78
C ALA A 46 -6.50 -1.28 -13.39
N ARG A 47 -5.21 -1.57 -13.47
CA ARG A 47 -4.74 -2.83 -14.04
C ARG A 47 -3.48 -3.33 -13.33
N HIS A 48 -2.51 -2.44 -13.18
CA HIS A 48 -1.25 -2.78 -12.54
C HIS A 48 -1.37 -2.76 -11.02
N LEU A 49 -0.56 -3.57 -10.35
CA LEU A 49 -0.55 -3.63 -8.91
C LEU A 49 0.79 -3.17 -8.36
N TYR A 50 0.93 -1.85 -8.22
CA TYR A 50 2.16 -1.26 -7.71
C TYR A 50 1.84 -0.06 -6.84
N ILE A 51 2.03 -0.21 -5.54
CA ILE A 51 1.77 0.87 -4.60
C ILE A 51 3.01 1.71 -4.36
N CYS A 52 2.82 2.91 -3.86
CA CYS A 52 3.93 3.81 -3.57
C CYS A 52 4.64 3.39 -2.29
N ASP A 53 5.91 3.76 -2.17
CA ASP A 53 6.69 3.42 -0.99
C ASP A 53 6.01 3.96 0.26
N TYR A 54 5.31 5.08 0.11
CA TYR A 54 4.61 5.72 1.21
C TYR A 54 3.65 4.73 1.89
N HIS A 55 2.70 4.21 1.13
CA HIS A 55 1.71 3.29 1.67
C HIS A 55 2.37 1.97 2.11
N LYS A 56 3.42 1.55 1.41
CA LYS A 56 4.11 0.32 1.76
C LYS A 56 4.66 0.38 3.19
N ASN A 57 5.41 1.44 3.47
CA ASN A 57 6.00 1.64 4.79
C ASN A 57 4.92 1.91 5.83
N LEU A 58 3.94 2.70 5.44
CA LEU A 58 2.83 3.07 6.34
C LEU A 58 2.06 1.85 6.82
N ILE A 59 1.81 0.91 5.91
CA ILE A 59 1.02 -0.28 6.25
C ILE A 59 1.88 -1.43 6.81
N GLN A 60 3.02 -1.68 6.19
CA GLN A 60 3.89 -2.77 6.62
C GLN A 60 4.47 -2.59 8.02
N SER A 61 4.99 -1.40 8.30
CA SER A 61 5.67 -1.16 9.57
C SER A 61 4.74 -0.76 10.72
N VAL A 62 3.59 -1.42 10.84
CA VAL A 62 2.68 -1.14 11.93
C VAL A 62 2.47 -2.40 12.80
N ARG A 63 2.65 -3.56 12.19
CA ARG A 63 2.53 -4.83 12.88
C ARG A 63 3.77 -5.69 12.65
N ASN A 64 4.90 -5.01 12.53
CA ASN A 64 6.19 -5.68 12.32
C ASN A 64 6.45 -6.69 13.43
N ARG A 65 6.01 -7.92 13.24
CA ARG A 65 6.19 -8.96 14.24
C ARG A 65 6.60 -10.29 13.59
N ARG A 66 7.88 -10.43 13.31
CA ARG A 66 8.42 -11.65 12.70
C ARG A 66 9.54 -12.21 13.59
N LYS A 67 10.70 -11.55 13.54
CA LYS A 67 11.85 -11.95 14.35
C LYS A 67 12.06 -13.47 14.32
N ARG A 68 12.99 -13.94 15.16
CA ARG A 68 13.25 -15.36 15.29
C ARG A 68 12.65 -15.85 16.60
N LYS A 69 12.42 -17.15 16.69
CA LYS A 69 11.81 -17.71 17.91
C LYS A 69 12.88 -18.06 18.96
N GLY A 70 13.13 -19.36 19.20
CA GLY A 70 14.12 -19.74 20.18
C GLY A 70 13.52 -20.59 21.28
N SER A 71 14.22 -20.69 22.41
CA SER A 71 13.74 -21.49 23.54
C SER A 71 14.06 -20.79 24.86
N SER A 1 10.88 6.78 -19.40
CA SER A 1 11.49 6.32 -18.14
C SER A 1 10.91 4.99 -17.68
N ASN A 2 11.71 4.24 -16.94
CA ASN A 2 11.32 2.95 -16.43
C ASN A 2 10.53 3.08 -15.13
N ALA A 3 9.39 2.39 -15.07
CA ALA A 3 8.54 2.41 -13.88
C ALA A 3 8.18 3.83 -13.47
N GLY A 4 7.34 4.49 -14.27
CA GLY A 4 6.93 5.84 -13.96
C GLY A 4 5.42 5.95 -13.81
N GLN A 5 4.86 5.12 -12.94
CA GLN A 5 3.41 5.11 -12.71
C GLN A 5 3.05 5.80 -11.40
N LEU A 6 1.79 5.67 -11.01
CA LEU A 6 1.30 6.27 -9.77
C LEU A 6 0.68 5.19 -8.89
N CYS A 7 0.63 5.47 -7.59
CA CYS A 7 0.05 4.54 -6.62
C CYS A 7 -1.32 4.03 -7.09
N CYS A 8 -1.74 2.87 -6.58
CA CYS A 8 -3.03 2.29 -6.98
C CYS A 8 -3.94 2.11 -5.77
N LEU A 9 -3.72 2.90 -4.74
CA LEU A 9 -4.54 2.85 -3.53
C LEU A 9 -5.23 4.20 -3.35
N ARG A 10 -6.43 4.17 -2.76
CA ARG A 10 -7.18 5.40 -2.54
C ARG A 10 -7.28 5.73 -1.06
N GLU A 11 -7.02 6.99 -0.73
CA GLU A 11 -7.09 7.45 0.65
C GLU A 11 -8.22 8.47 0.80
N ASP A 12 -9.27 8.08 1.52
CA ASP A 12 -10.42 8.96 1.73
C ASP A 12 -10.99 9.42 0.39
N GLY A 13 -10.86 8.56 -0.62
CA GLY A 13 -11.39 8.88 -1.94
C GLY A 13 -10.35 9.45 -2.87
N GLU A 14 -9.22 9.90 -2.33
CA GLU A 14 -8.17 10.48 -3.15
C GLU A 14 -7.21 9.41 -3.68
N ARG A 15 -6.86 9.55 -4.96
CA ARG A 15 -5.97 8.60 -5.62
C ARG A 15 -4.50 8.87 -5.29
N CYS A 16 -4.18 8.82 -4.00
CA CYS A 16 -2.82 9.05 -3.51
C CYS A 16 -2.13 10.27 -4.16
N GLY A 17 -1.63 10.10 -5.39
CA GLY A 17 -0.96 11.19 -6.07
C GLY A 17 0.55 11.02 -6.06
N ARG A 18 1.05 10.13 -5.21
CA ARG A 18 2.48 9.88 -5.11
C ARG A 18 2.90 8.81 -6.12
N ALA A 19 4.07 8.99 -6.72
CA ALA A 19 4.58 8.05 -7.71
C ALA A 19 4.61 6.62 -7.16
N ALA A 20 4.63 5.65 -8.07
CA ALA A 20 4.68 4.25 -7.69
C ALA A 20 6.12 3.84 -7.41
N GLY A 21 6.31 2.82 -6.58
CA GLY A 21 7.65 2.38 -6.25
C GLY A 21 8.02 1.04 -6.84
N ASN A 22 8.07 0.02 -5.98
CA ASN A 22 8.45 -1.32 -6.40
C ASN A 22 7.52 -2.39 -5.82
N ALA A 23 7.10 -2.20 -4.57
CA ALA A 23 6.22 -3.15 -3.91
C ALA A 23 4.96 -3.43 -4.71
N SER A 24 4.25 -4.48 -4.34
CA SER A 24 3.02 -4.87 -5.01
C SER A 24 1.95 -5.24 -4.00
N PHE A 25 0.72 -4.78 -4.24
CA PHE A 25 -0.40 -5.09 -3.36
C PHE A 25 -0.60 -6.60 -3.30
N SER A 26 -0.86 -7.10 -2.09
CA SER A 26 -1.06 -8.54 -1.91
C SER A 26 -2.11 -8.81 -0.84
N LYS A 27 -2.13 -10.04 -0.34
CA LYS A 27 -3.07 -10.44 0.71
C LYS A 27 -2.61 -9.96 2.09
N ARG A 28 -1.29 -9.99 2.31
CA ARG A 28 -0.70 -9.56 3.58
C ARG A 28 -1.04 -8.11 3.86
N ILE A 29 -0.97 -7.27 2.83
CA ILE A 29 -1.30 -5.85 2.98
C ILE A 29 -2.79 -5.71 3.23
N GLN A 30 -3.57 -6.54 2.56
CA GLN A 30 -5.03 -6.53 2.70
C GLN A 30 -5.39 -6.84 4.14
N LYS A 31 -4.73 -7.84 4.69
CA LYS A 31 -4.94 -8.26 6.07
C LYS A 31 -4.51 -7.16 7.03
N SER A 32 -3.39 -6.51 6.72
CA SER A 32 -2.88 -5.41 7.54
C SER A 32 -3.90 -4.29 7.59
N ILE A 33 -4.46 -3.95 6.43
CA ILE A 33 -5.47 -2.90 6.34
C ILE A 33 -6.71 -3.31 7.12
N SER A 34 -7.15 -4.55 6.93
CA SER A 34 -8.34 -5.06 7.61
C SER A 34 -8.22 -4.86 9.12
N GLN A 35 -7.08 -5.24 9.68
CA GLN A 35 -6.86 -5.09 11.11
C GLN A 35 -6.81 -3.62 11.50
N LYS A 36 -6.34 -2.78 10.55
CA LYS A 36 -6.26 -1.35 10.78
C LYS A 36 -7.65 -0.74 10.75
N LYS A 37 -8.39 -1.04 9.69
CA LYS A 37 -9.73 -0.51 9.51
C LYS A 37 -9.63 0.96 9.10
N VAL A 38 -8.98 1.19 7.97
CA VAL A 38 -8.79 2.55 7.45
C VAL A 38 -9.48 2.74 6.10
N LYS A 39 -9.57 3.99 5.67
CA LYS A 39 -10.22 4.32 4.39
C LYS A 39 -9.24 4.12 3.23
N ILE A 40 -8.65 2.94 3.15
CA ILE A 40 -7.72 2.63 2.08
C ILE A 40 -8.01 1.25 1.50
N GLU A 41 -8.60 1.23 0.32
CA GLU A 41 -8.93 -0.03 -0.33
C GLU A 41 -8.59 0.02 -1.82
N LEU A 42 -8.28 -1.14 -2.38
CA LEU A 42 -7.92 -1.23 -3.78
C LEU A 42 -9.09 -0.85 -4.69
N ASP A 43 -8.78 -0.14 -5.76
CA ASP A 43 -9.78 0.26 -6.73
C ASP A 43 -9.66 -0.66 -7.94
N LYS A 44 -10.77 -0.93 -8.60
CA LYS A 44 -10.76 -1.82 -9.75
C LYS A 44 -10.53 -1.07 -11.06
N SER A 45 -10.67 0.25 -11.03
CA SER A 45 -10.47 1.06 -12.23
C SER A 45 -9.03 0.98 -12.72
N ALA A 46 -8.13 0.62 -11.80
CA ALA A 46 -6.70 0.51 -12.14
C ALA A 46 -6.39 -0.74 -12.95
N ARG A 47 -5.10 -1.00 -13.15
CA ARG A 47 -4.66 -2.15 -13.91
C ARG A 47 -3.48 -2.84 -13.24
N HIS A 48 -2.41 -2.08 -13.00
CA HIS A 48 -1.21 -2.62 -12.39
C HIS A 48 -1.35 -2.71 -10.87
N LEU A 49 -0.61 -3.66 -10.28
CA LEU A 49 -0.63 -3.85 -8.84
C LEU A 49 0.71 -3.39 -8.25
N TYR A 50 0.85 -2.07 -8.15
CA TYR A 50 2.07 -1.47 -7.63
C TYR A 50 1.73 -0.28 -6.75
N ILE A 51 2.21 -0.31 -5.51
CA ILE A 51 1.95 0.77 -4.57
C ILE A 51 3.17 1.66 -4.42
N CYS A 52 2.96 2.82 -3.81
CA CYS A 52 4.05 3.76 -3.58
C CYS A 52 4.80 3.41 -2.31
N ASP A 53 5.98 3.98 -2.15
CA ASP A 53 6.80 3.72 -0.96
C ASP A 53 6.08 4.22 0.29
N TYR A 54 5.33 5.30 0.13
CA TYR A 54 4.58 5.89 1.23
C TYR A 54 3.65 4.87 1.89
N HIS A 55 2.71 4.34 1.10
CA HIS A 55 1.77 3.36 1.61
C HIS A 55 2.45 2.05 1.98
N LYS A 56 3.46 1.65 1.22
CA LYS A 56 4.17 0.42 1.50
C LYS A 56 4.74 0.45 2.91
N ASN A 57 5.46 1.51 3.22
CA ASN A 57 6.07 1.68 4.54
C ASN A 57 5.01 1.82 5.62
N LEU A 58 4.01 2.65 5.34
CA LEU A 58 2.92 2.90 6.29
C LEU A 58 2.24 1.61 6.74
N ILE A 59 1.87 0.76 5.78
CA ILE A 59 1.17 -0.48 6.08
C ILE A 59 2.10 -1.59 6.60
N GLN A 60 3.26 -1.73 5.98
CA GLN A 60 4.22 -2.78 6.36
C GLN A 60 4.73 -2.63 7.79
N SER A 61 4.84 -1.39 8.28
CA SER A 61 5.39 -1.16 9.60
C SER A 61 4.36 -0.78 10.67
N VAL A 62 3.32 -1.60 10.82
CA VAL A 62 2.31 -1.35 11.85
C VAL A 62 2.00 -2.65 12.60
N ARG A 63 1.91 -3.75 11.85
CA ARG A 63 1.65 -5.05 12.45
C ARG A 63 2.90 -5.91 12.35
N ASN A 64 3.84 -5.67 13.27
CA ASN A 64 5.09 -6.39 13.30
C ASN A 64 5.27 -7.14 14.62
N ARG A 65 4.17 -7.32 15.36
CA ARG A 65 4.23 -8.01 16.64
C ARG A 65 3.33 -9.24 16.65
N ARG A 66 3.94 -10.41 16.45
CA ARG A 66 3.19 -11.66 16.45
C ARG A 66 2.93 -12.09 17.90
N LYS A 67 4.00 -12.27 18.65
CA LYS A 67 3.92 -12.65 20.06
C LYS A 67 3.10 -13.92 20.29
N ARG A 68 3.78 -15.06 20.17
CA ARG A 68 3.17 -16.38 20.38
C ARG A 68 4.16 -17.48 20.04
N LYS A 69 3.69 -18.72 19.98
CA LYS A 69 4.57 -19.84 19.65
C LYS A 69 3.77 -21.08 19.23
N GLY A 70 3.42 -21.92 20.20
CA GLY A 70 2.71 -23.14 19.92
C GLY A 70 3.29 -24.32 20.68
N SER A 71 2.79 -25.52 20.41
CA SER A 71 3.29 -26.72 21.09
C SER A 71 4.09 -27.60 20.14
N SER A 1 11.73 4.88 -19.85
CA SER A 1 10.81 5.07 -18.71
C SER A 1 10.27 3.76 -18.19
N ASN A 2 10.58 3.48 -16.92
CA ASN A 2 10.12 2.29 -16.25
C ASN A 2 9.43 2.69 -14.96
N ALA A 3 8.36 1.98 -14.62
CA ALA A 3 7.63 2.28 -13.40
C ALA A 3 7.10 3.71 -13.41
N GLY A 4 6.80 4.22 -14.61
CA GLY A 4 6.29 5.57 -14.73
C GLY A 4 4.80 5.66 -14.44
N GLN A 5 4.37 5.06 -13.33
CA GLN A 5 2.97 5.06 -12.95
C GLN A 5 2.79 5.66 -11.56
N LEU A 6 1.55 5.87 -11.18
CA LEU A 6 1.24 6.42 -9.87
C LEU A 6 0.61 5.37 -8.97
N CYS A 7 0.48 5.68 -7.69
CA CYS A 7 -0.11 4.74 -6.73
C CYS A 7 -1.57 4.45 -7.10
N CYS A 8 -1.99 3.20 -6.92
CA CYS A 8 -3.36 2.80 -7.25
C CYS A 8 -4.22 2.62 -6.00
N LEU A 9 -3.97 3.44 -4.99
CA LEU A 9 -4.75 3.38 -3.76
C LEU A 9 -5.54 4.68 -3.59
N ARG A 10 -6.54 4.66 -2.71
CA ARG A 10 -7.35 5.85 -2.46
C ARG A 10 -7.49 6.12 -0.98
N GLU A 11 -6.75 7.09 -0.48
CA GLU A 11 -6.80 7.45 0.92
C GLU A 11 -7.83 8.57 1.14
N ASP A 12 -9.00 8.20 1.64
CA ASP A 12 -10.07 9.16 1.87
C ASP A 12 -10.60 9.70 0.55
N GLY A 13 -10.69 8.85 -0.45
CA GLY A 13 -11.17 9.25 -1.76
C GLY A 13 -10.11 9.89 -2.62
N GLU A 14 -8.98 10.25 -2.01
CA GLU A 14 -7.90 10.88 -2.76
C GLU A 14 -7.00 9.83 -3.40
N ARG A 15 -6.74 10.01 -4.70
CA ARG A 15 -5.93 9.07 -5.46
C ARG A 15 -4.43 9.33 -5.29
N CYS A 16 -3.95 9.17 -4.06
CA CYS A 16 -2.52 9.34 -3.73
C CYS A 16 -1.83 10.42 -4.59
N GLY A 17 -1.37 10.05 -5.80
CA GLY A 17 -0.73 11.01 -6.67
C GLY A 17 0.77 10.83 -6.72
N ARG A 18 1.33 10.11 -5.74
CA ARG A 18 2.76 9.89 -5.69
C ARG A 18 3.16 8.75 -6.63
N ALA A 19 4.43 8.73 -7.03
CA ALA A 19 4.93 7.70 -7.94
C ALA A 19 4.93 6.33 -7.31
N ALA A 20 4.62 5.31 -8.12
CA ALA A 20 4.59 3.93 -7.64
C ALA A 20 6.01 3.44 -7.40
N GLY A 21 6.17 2.46 -6.52
CA GLY A 21 7.49 1.95 -6.21
C GLY A 21 7.71 0.50 -6.64
N ASN A 22 8.43 -0.24 -5.81
CA ASN A 22 8.75 -1.64 -6.09
C ASN A 22 7.75 -2.60 -5.46
N ALA A 23 7.22 -2.23 -4.30
CA ALA A 23 6.26 -3.07 -3.60
C ALA A 23 4.95 -3.23 -4.37
N SER A 24 4.29 -4.36 -4.16
CA SER A 24 3.02 -4.63 -4.82
C SER A 24 1.90 -4.69 -3.79
N PHE A 25 0.69 -4.96 -4.26
CA PHE A 25 -0.46 -5.07 -3.38
C PHE A 25 -0.90 -6.52 -3.28
N SER A 26 -0.37 -7.21 -2.28
CA SER A 26 -0.68 -8.62 -2.07
C SER A 26 -1.85 -8.82 -1.12
N LYS A 27 -2.05 -10.06 -0.73
CA LYS A 27 -3.13 -10.42 0.19
C LYS A 27 -2.74 -10.06 1.62
N ARG A 28 -1.47 -10.32 1.96
CA ARG A 28 -0.92 -10.02 3.27
C ARG A 28 -1.18 -8.56 3.65
N ILE A 29 -0.91 -7.65 2.72
CA ILE A 29 -1.13 -6.23 2.97
C ILE A 29 -2.60 -5.96 3.22
N GLN A 30 -3.46 -6.63 2.44
CA GLN A 30 -4.89 -6.47 2.60
C GLN A 30 -5.31 -6.88 4.00
N LYS A 31 -4.88 -8.07 4.40
CA LYS A 31 -5.19 -8.58 5.73
C LYS A 31 -4.68 -7.61 6.79
N SER A 32 -3.51 -7.03 6.53
CA SER A 32 -2.91 -6.07 7.44
C SER A 32 -3.78 -4.83 7.51
N ILE A 33 -4.37 -4.46 6.37
CA ILE A 33 -5.25 -3.29 6.31
C ILE A 33 -6.59 -3.61 6.96
N SER A 34 -6.97 -4.89 6.91
CA SER A 34 -8.23 -5.35 7.48
C SER A 34 -8.20 -5.27 9.00
N GLN A 35 -7.21 -5.93 9.61
CA GLN A 35 -7.08 -5.94 11.06
C GLN A 35 -7.09 -4.51 11.59
N LYS A 36 -6.71 -3.56 10.73
CA LYS A 36 -6.70 -2.15 11.09
C LYS A 36 -8.05 -1.52 10.79
N LYS A 37 -8.53 -1.78 9.58
CA LYS A 37 -9.80 -1.23 9.12
C LYS A 37 -9.65 0.27 8.89
N VAL A 38 -9.10 0.62 7.73
CA VAL A 38 -8.87 2.02 7.39
C VAL A 38 -9.42 2.33 6.00
N LYS A 39 -9.46 3.62 5.67
CA LYS A 39 -9.97 4.05 4.37
C LYS A 39 -8.92 3.91 3.29
N ILE A 40 -8.47 2.68 3.06
CA ILE A 40 -7.47 2.40 2.05
C ILE A 40 -7.77 1.08 1.36
N GLU A 41 -8.28 1.14 0.14
CA GLU A 41 -8.60 -0.05 -0.63
C GLU A 41 -8.04 0.06 -2.03
N LEU A 42 -8.01 -1.05 -2.74
CA LEU A 42 -7.48 -1.05 -4.10
C LEU A 42 -8.52 -0.60 -5.11
N ASP A 43 -8.21 0.47 -5.82
CA ASP A 43 -9.11 0.99 -6.85
C ASP A 43 -9.31 -0.08 -7.92
N LYS A 44 -10.52 -0.60 -8.01
CA LYS A 44 -10.82 -1.65 -8.99
C LYS A 44 -10.73 -1.13 -10.42
N SER A 45 -10.90 0.17 -10.60
CA SER A 45 -10.85 0.77 -11.93
C SER A 45 -9.49 0.52 -12.58
N ALA A 46 -8.44 0.49 -11.77
CA ALA A 46 -7.08 0.27 -12.26
C ALA A 46 -6.87 -1.16 -12.74
N ARG A 47 -5.62 -1.47 -13.07
CA ARG A 47 -5.25 -2.80 -13.55
C ARG A 47 -4.01 -3.31 -12.84
N HIS A 48 -2.92 -2.56 -13.00
CA HIS A 48 -1.64 -2.92 -12.40
C HIS A 48 -1.73 -2.99 -10.88
N LEU A 49 -0.79 -3.72 -10.29
CA LEU A 49 -0.71 -3.87 -8.84
C LEU A 49 0.64 -3.37 -8.35
N TYR A 50 0.74 -2.07 -8.12
CA TYR A 50 1.97 -1.45 -7.67
C TYR A 50 1.65 -0.23 -6.80
N ILE A 51 2.06 -0.30 -5.53
CA ILE A 51 1.82 0.79 -4.61
C ILE A 51 3.09 1.60 -4.38
N CYS A 52 2.92 2.84 -3.95
CA CYS A 52 4.05 3.72 -3.69
C CYS A 52 4.76 3.30 -2.40
N ASP A 53 5.99 3.76 -2.23
CA ASP A 53 6.77 3.43 -1.03
C ASP A 53 6.10 4.03 0.19
N TYR A 54 5.47 5.18 0.02
CA TYR A 54 4.78 5.87 1.10
C TYR A 54 3.80 4.93 1.80
N HIS A 55 2.83 4.43 1.06
CA HIS A 55 1.81 3.54 1.63
C HIS A 55 2.43 2.24 2.15
N LYS A 56 3.36 1.66 1.38
CA LYS A 56 4.01 0.42 1.79
C LYS A 56 4.59 0.58 3.19
N ASN A 57 5.34 1.65 3.39
CA ASN A 57 5.97 1.93 4.67
C ASN A 57 4.94 2.26 5.74
N LEU A 58 3.90 2.99 5.34
CA LEU A 58 2.84 3.39 6.25
C LEU A 58 2.07 2.19 6.79
N ILE A 59 1.80 1.22 5.93
CA ILE A 59 1.03 0.03 6.31
C ILE A 59 1.89 -1.06 6.95
N GLN A 60 3.12 -1.19 6.50
CA GLN A 60 4.03 -2.22 7.02
C GLN A 60 4.54 -1.93 8.43
N SER A 61 4.76 -0.65 8.75
CA SER A 61 5.32 -0.28 10.03
C SER A 61 4.30 0.06 11.11
N VAL A 62 3.03 -0.31 10.93
CA VAL A 62 2.04 -0.04 11.96
C VAL A 62 2.10 -1.12 13.04
N ARG A 63 2.20 -2.38 12.59
CA ARG A 63 2.32 -3.51 13.50
C ARG A 63 3.76 -3.68 13.98
N ASN A 64 4.19 -2.79 14.85
CA ASN A 64 5.54 -2.83 15.41
C ASN A 64 5.49 -2.87 16.93
N ARG A 65 4.78 -3.86 17.46
CA ARG A 65 4.64 -4.01 18.91
C ARG A 65 4.25 -5.45 19.27
N ARG A 66 3.35 -6.03 18.47
CA ARG A 66 2.91 -7.41 18.69
C ARG A 66 4.04 -8.36 18.34
N LYS A 67 4.63 -8.14 17.18
CA LYS A 67 5.75 -8.95 16.69
C LYS A 67 5.44 -10.45 16.72
N ARG A 68 5.04 -10.97 15.56
CA ARG A 68 4.75 -12.39 15.42
C ARG A 68 5.30 -12.88 14.09
N LYS A 69 5.66 -14.16 14.03
CA LYS A 69 6.21 -14.72 12.80
C LYS A 69 5.81 -16.19 12.63
N GLY A 70 4.87 -16.66 13.45
CA GLY A 70 4.44 -18.03 13.38
C GLY A 70 4.05 -18.57 14.73
N SER A 71 4.78 -19.58 15.20
CA SER A 71 4.50 -20.17 16.51
C SER A 71 5.59 -21.17 16.90
N SER A 1 14.94 3.12 -11.70
CA SER A 1 13.48 3.20 -11.47
C SER A 1 12.74 2.09 -12.20
N ASN A 2 11.69 1.57 -11.57
CA ASN A 2 10.90 0.51 -12.17
C ASN A 2 9.40 0.83 -12.07
N ALA A 3 8.76 1.01 -13.22
CA ALA A 3 7.35 1.33 -13.26
C ALA A 3 7.06 2.67 -12.58
N GLY A 4 7.19 3.75 -13.35
CA GLY A 4 6.94 5.07 -12.81
C GLY A 4 5.47 5.45 -12.86
N GLN A 5 4.61 4.54 -12.41
CA GLN A 5 3.17 4.76 -12.41
C GLN A 5 2.73 5.49 -11.15
N LEU A 6 1.42 5.60 -10.97
CA LEU A 6 0.87 6.27 -9.80
C LEU A 6 0.17 5.25 -8.88
N CYS A 7 0.37 5.40 -7.58
CA CYS A 7 -0.24 4.50 -6.60
C CYS A 7 -1.71 4.25 -6.91
N CYS A 8 -2.14 3.00 -6.77
CA CYS A 8 -3.53 2.63 -7.06
C CYS A 8 -4.36 2.47 -5.80
N LEU A 9 -4.11 3.32 -4.81
CA LEU A 9 -4.86 3.29 -3.56
C LEU A 9 -5.61 4.62 -3.39
N ARG A 10 -6.75 4.57 -2.73
CA ARG A 10 -7.53 5.78 -2.52
C ARG A 10 -7.77 6.04 -1.04
N GLU A 11 -7.15 7.09 -0.52
CA GLU A 11 -7.32 7.45 0.88
C GLU A 11 -8.40 8.53 1.01
N ASP A 12 -9.55 8.15 1.54
CA ASP A 12 -10.67 9.08 1.71
C ASP A 12 -11.12 9.62 0.36
N GLY A 13 -10.85 8.86 -0.70
CA GLY A 13 -11.24 9.26 -2.03
C GLY A 13 -10.12 9.89 -2.84
N GLU A 14 -8.93 9.97 -2.25
CA GLU A 14 -7.78 10.56 -2.93
C GLU A 14 -6.88 9.48 -3.52
N ARG A 15 -6.68 9.52 -4.84
CA ARG A 15 -5.85 8.52 -5.50
C ARG A 15 -4.36 8.76 -5.24
N CYS A 16 -4.00 8.82 -3.96
CA CYS A 16 -2.61 9.05 -3.54
C CYS A 16 -1.89 10.17 -4.33
N GLY A 17 -1.61 9.91 -5.60
CA GLY A 17 -0.91 10.87 -6.42
C GLY A 17 0.56 10.54 -6.50
N ARG A 18 1.07 10.01 -5.40
CA ARG A 18 2.47 9.61 -5.29
C ARG A 18 2.77 8.51 -6.30
N ALA A 19 3.97 8.55 -6.86
CA ALA A 19 4.38 7.55 -7.85
C ALA A 19 4.48 6.16 -7.22
N ALA A 20 4.37 5.13 -8.06
CA ALA A 20 4.47 3.76 -7.59
C ALA A 20 5.92 3.43 -7.24
N GLY A 21 6.12 2.50 -6.32
CA GLY A 21 7.46 2.16 -5.91
C GLY A 21 7.93 0.79 -6.39
N ASN A 22 8.36 -0.04 -5.45
CA ASN A 22 8.87 -1.38 -5.77
C ASN A 22 7.94 -2.48 -5.26
N ALA A 23 7.22 -2.20 -4.18
CA ALA A 23 6.32 -3.19 -3.59
C ALA A 23 5.06 -3.38 -4.43
N SER A 24 4.31 -4.42 -4.10
CA SER A 24 3.07 -4.73 -4.81
C SER A 24 1.92 -4.87 -3.81
N PHE A 25 0.70 -4.97 -4.32
CA PHE A 25 -0.47 -5.14 -3.47
C PHE A 25 -0.76 -6.62 -3.30
N SER A 26 -0.49 -7.14 -2.11
CA SER A 26 -0.70 -8.55 -1.83
C SER A 26 -1.82 -8.77 -0.82
N LYS A 27 -1.91 -10.01 -0.32
CA LYS A 27 -2.93 -10.39 0.66
C LYS A 27 -2.53 -9.89 2.04
N ARG A 28 -1.26 -10.09 2.38
CA ARG A 28 -0.73 -9.68 3.67
C ARG A 28 -1.05 -8.22 3.93
N ILE A 29 -0.89 -7.38 2.91
CA ILE A 29 -1.19 -5.96 3.05
C ILE A 29 -2.67 -5.76 3.29
N GLN A 30 -3.50 -6.54 2.59
CA GLN A 30 -4.94 -6.44 2.75
C GLN A 30 -5.33 -6.74 4.19
N LYS A 31 -4.86 -7.88 4.69
CA LYS A 31 -5.13 -8.28 6.06
C LYS A 31 -4.73 -7.17 7.02
N SER A 32 -3.54 -6.61 6.78
CA SER A 32 -3.04 -5.51 7.59
C SER A 32 -4.06 -4.38 7.64
N ILE A 33 -4.49 -3.95 6.46
CA ILE A 33 -5.49 -2.89 6.35
C ILE A 33 -6.74 -3.25 7.15
N SER A 34 -7.13 -4.52 7.06
CA SER A 34 -8.32 -5.00 7.76
C SER A 34 -8.13 -4.92 9.27
N GLN A 35 -6.91 -5.18 9.73
CA GLN A 35 -6.63 -5.11 11.17
C GLN A 35 -6.59 -3.67 11.63
N LYS A 36 -6.12 -2.78 10.75
CA LYS A 36 -6.06 -1.37 11.05
C LYS A 36 -7.45 -0.75 10.90
N LYS A 37 -8.16 -1.22 9.90
CA LYS A 37 -9.49 -0.71 9.59
C LYS A 37 -9.40 0.77 9.22
N VAL A 38 -9.11 1.01 7.95
CA VAL A 38 -8.97 2.36 7.43
C VAL A 38 -9.66 2.51 6.08
N LYS A 39 -9.85 3.74 5.64
CA LYS A 39 -10.51 4.01 4.36
C LYS A 39 -9.53 3.86 3.19
N ILE A 40 -8.92 2.68 3.09
CA ILE A 40 -7.98 2.42 2.01
C ILE A 40 -8.33 1.11 1.31
N GLU A 41 -8.58 1.20 0.01
CA GLU A 41 -8.94 0.02 -0.78
C GLU A 41 -8.38 0.13 -2.19
N LEU A 42 -8.11 -1.01 -2.80
CA LEU A 42 -7.58 -1.03 -4.15
C LEU A 42 -8.58 -0.49 -5.16
N ASP A 43 -8.08 0.31 -6.09
CA ASP A 43 -8.90 0.86 -7.15
C ASP A 43 -9.17 -0.23 -8.19
N LYS A 44 -10.44 -0.52 -8.43
CA LYS A 44 -10.80 -1.56 -9.39
C LYS A 44 -10.85 -1.04 -10.82
N SER A 45 -10.61 0.26 -11.01
CA SER A 45 -10.62 0.86 -12.33
C SER A 45 -9.20 0.99 -12.89
N ALA A 46 -8.27 0.20 -12.33
CA ALA A 46 -6.88 0.25 -12.76
C ALA A 46 -6.49 -1.00 -13.53
N ARG A 47 -5.19 -1.11 -13.82
CA ARG A 47 -4.66 -2.26 -14.56
C ARG A 47 -3.39 -2.81 -13.90
N HIS A 48 -2.63 -1.96 -13.24
CA HIS A 48 -1.40 -2.36 -12.59
C HIS A 48 -1.60 -2.64 -11.10
N LEU A 49 -0.59 -3.24 -10.48
CA LEU A 49 -0.62 -3.54 -9.06
C LEU A 49 0.71 -3.15 -8.42
N TYR A 50 0.91 -1.85 -8.28
CA TYR A 50 2.14 -1.31 -7.70
C TYR A 50 1.82 -0.09 -6.85
N ILE A 51 2.10 -0.19 -5.56
CA ILE A 51 1.85 0.91 -4.64
C ILE A 51 3.08 1.77 -4.48
N CYS A 52 2.93 2.87 -3.77
CA CYS A 52 4.04 3.79 -3.53
C CYS A 52 4.78 3.42 -2.25
N ASP A 53 5.98 3.94 -2.08
CA ASP A 53 6.78 3.66 -0.89
C ASP A 53 6.04 4.11 0.37
N TYR A 54 5.29 5.20 0.24
CA TYR A 54 4.55 5.75 1.37
C TYR A 54 3.61 4.71 1.98
N HIS A 55 2.64 4.25 1.20
CA HIS A 55 1.68 3.26 1.69
C HIS A 55 2.37 1.97 2.11
N LYS A 56 3.46 1.62 1.41
CA LYS A 56 4.19 0.40 1.75
C LYS A 56 4.72 0.47 3.18
N ASN A 57 5.46 1.54 3.47
CA ASN A 57 6.04 1.73 4.80
C ASN A 57 4.95 1.95 5.84
N LEU A 58 3.82 2.47 5.40
CA LEU A 58 2.70 2.75 6.29
C LEU A 58 2.00 1.47 6.73
N ILE A 59 1.83 0.55 5.79
CA ILE A 59 1.13 -0.70 6.07
C ILE A 59 2.05 -1.79 6.60
N GLN A 60 3.28 -1.85 6.09
CA GLN A 60 4.25 -2.87 6.49
C GLN A 60 4.87 -2.61 7.87
N SER A 61 5.17 -1.35 8.19
CA SER A 61 5.85 -1.02 9.43
C SER A 61 4.93 -0.63 10.60
N VAL A 62 3.78 -1.29 10.75
CA VAL A 62 2.90 -1.01 11.87
C VAL A 62 2.93 -2.18 12.84
N ARG A 63 3.19 -3.37 12.31
CA ARG A 63 3.29 -4.57 13.13
C ARG A 63 4.75 -4.90 13.36
N ASN A 64 5.49 -3.92 13.88
CA ASN A 64 6.91 -4.08 14.14
C ASN A 64 7.17 -4.71 15.51
N ARG A 65 6.35 -5.68 15.89
CA ARG A 65 6.51 -6.36 17.17
C ARG A 65 7.70 -7.30 17.14
N ARG A 66 7.76 -8.11 16.09
CA ARG A 66 8.83 -9.07 15.91
C ARG A 66 9.16 -9.21 14.43
N LYS A 67 8.13 -9.27 13.60
CA LYS A 67 8.27 -9.38 12.14
C LYS A 67 8.71 -10.78 11.71
N ARG A 68 9.06 -11.63 12.68
CA ARG A 68 9.47 -12.98 12.38
C ARG A 68 8.30 -13.92 12.64
N LYS A 69 8.38 -15.13 12.14
CA LYS A 69 7.31 -16.10 12.34
C LYS A 69 7.85 -17.41 12.95
N GLY A 70 9.13 -17.67 12.73
CA GLY A 70 9.74 -18.87 13.24
C GLY A 70 11.00 -19.23 12.48
N SER A 71 10.82 -19.83 11.30
CA SER A 71 11.94 -20.22 10.46
C SER A 71 11.97 -19.37 9.21
N SER A 1 7.20 4.36 -22.13
CA SER A 1 6.00 4.46 -21.26
C SER A 1 5.94 3.31 -20.27
N ASN A 2 4.91 3.33 -19.43
CA ASN A 2 4.71 2.30 -18.42
C ASN A 2 5.81 2.34 -17.37
N ALA A 3 6.44 3.50 -17.23
CA ALA A 3 7.49 3.70 -16.25
C ALA A 3 7.16 4.93 -15.41
N GLY A 4 7.18 4.78 -14.10
CA GLY A 4 6.84 5.88 -13.23
C GLY A 4 5.33 6.02 -13.12
N GLN A 5 4.67 4.88 -12.89
CA GLN A 5 3.22 4.84 -12.77
C GLN A 5 2.75 5.55 -11.51
N LEU A 6 1.43 5.62 -11.36
CA LEU A 6 0.83 6.26 -10.20
C LEU A 6 0.16 5.25 -9.28
N CYS A 7 0.34 5.46 -7.99
CA CYS A 7 -0.23 4.59 -6.97
C CYS A 7 -1.70 4.26 -7.26
N CYS A 8 -2.11 3.02 -7.01
CA CYS A 8 -3.48 2.59 -7.25
C CYS A 8 -4.26 2.44 -5.95
N LEU A 9 -3.81 3.12 -4.90
CA LEU A 9 -4.49 3.06 -3.61
C LEU A 9 -5.18 4.39 -3.34
N ARG A 10 -6.32 4.33 -2.67
CA ARG A 10 -7.09 5.52 -2.37
C ARG A 10 -7.13 5.80 -0.86
N GLU A 11 -6.84 7.03 -0.48
CA GLU A 11 -6.87 7.43 0.91
C GLU A 11 -7.96 8.46 1.13
N ASP A 12 -9.07 8.02 1.72
CA ASP A 12 -10.21 8.90 1.95
C ASP A 12 -10.83 9.38 0.64
N GLY A 13 -10.51 8.69 -0.45
CA GLY A 13 -11.04 9.06 -1.75
C GLY A 13 -10.00 9.59 -2.71
N GLU A 14 -8.88 10.07 -2.17
CA GLU A 14 -7.81 10.62 -3.00
C GLU A 14 -6.94 9.51 -3.60
N ARG A 15 -6.64 9.62 -4.89
CA ARG A 15 -5.83 8.62 -5.57
C ARG A 15 -4.34 8.85 -5.29
N CYS A 16 -3.98 8.86 -4.01
CA CYS A 16 -2.59 9.06 -3.56
C CYS A 16 -1.90 10.26 -4.23
N GLY A 17 -1.59 10.14 -5.51
CA GLY A 17 -0.91 11.20 -6.22
C GLY A 17 0.55 10.88 -6.42
N ARG A 18 1.13 10.25 -5.40
CA ARG A 18 2.53 9.85 -5.44
C ARG A 18 2.70 8.69 -6.42
N ALA A 19 3.78 8.71 -7.18
CA ALA A 19 4.03 7.67 -8.16
C ALA A 19 4.27 6.32 -7.49
N ALA A 20 4.11 5.25 -8.26
CA ALA A 20 4.32 3.90 -7.75
C ALA A 20 5.80 3.59 -7.57
N GLY A 21 6.11 2.59 -6.75
CA GLY A 21 7.50 2.23 -6.51
C GLY A 21 7.82 0.78 -6.82
N ASN A 22 8.29 0.06 -5.80
CA ASN A 22 8.68 -1.34 -5.96
C ASN A 22 7.69 -2.29 -5.29
N ALA A 23 7.25 -1.94 -4.09
CA ALA A 23 6.32 -2.78 -3.34
C ALA A 23 5.07 -3.11 -4.16
N SER A 24 4.58 -4.33 -4.00
CA SER A 24 3.40 -4.78 -4.71
C SER A 24 2.27 -5.10 -3.75
N PHE A 25 1.04 -4.72 -4.11
CA PHE A 25 -0.11 -4.98 -3.27
C PHE A 25 -0.36 -6.48 -3.17
N SER A 26 -0.40 -6.99 -1.94
CA SER A 26 -0.61 -8.41 -1.71
C SER A 26 -1.79 -8.66 -0.76
N LYS A 27 -1.94 -9.91 -0.35
CA LYS A 27 -3.01 -10.29 0.56
C LYS A 27 -2.68 -9.88 2.00
N ARG A 28 -1.40 -10.01 2.35
CA ARG A 28 -0.92 -9.63 3.68
C ARG A 28 -1.31 -8.17 3.98
N ILE A 29 -1.05 -7.29 3.02
CA ILE A 29 -1.39 -5.89 3.18
C ILE A 29 -2.90 -5.73 3.31
N GLN A 30 -3.65 -6.56 2.59
CA GLN A 30 -5.10 -6.53 2.66
C GLN A 30 -5.53 -6.92 4.07
N LYS A 31 -4.94 -8.00 4.54
CA LYS A 31 -5.18 -8.52 5.86
C LYS A 31 -4.86 -7.46 6.92
N SER A 32 -3.76 -6.73 6.71
CA SER A 32 -3.36 -5.68 7.62
C SER A 32 -4.39 -4.56 7.62
N ILE A 33 -4.72 -4.06 6.42
CA ILE A 33 -5.71 -3.00 6.29
C ILE A 33 -7.02 -3.42 6.93
N SER A 34 -7.35 -4.71 6.81
CA SER A 34 -8.58 -5.24 7.38
C SER A 34 -8.60 -5.11 8.90
N GLN A 35 -7.56 -5.60 9.55
CA GLN A 35 -7.47 -5.53 11.01
C GLN A 35 -7.39 -4.07 11.44
N LYS A 36 -6.63 -3.26 10.69
CA LYS A 36 -6.49 -1.85 11.00
C LYS A 36 -7.82 -1.14 10.74
N LYS A 37 -8.49 -1.56 9.68
CA LYS A 37 -9.76 -0.97 9.28
C LYS A 37 -9.57 0.52 9.04
N VAL A 38 -8.94 0.85 7.92
CA VAL A 38 -8.67 2.23 7.56
C VAL A 38 -9.33 2.59 6.23
N LYS A 39 -9.38 3.89 5.93
CA LYS A 39 -9.98 4.36 4.68
C LYS A 39 -9.03 4.13 3.51
N ILE A 40 -8.64 2.89 3.29
CA ILE A 40 -7.74 2.54 2.20
C ILE A 40 -8.17 1.23 1.56
N GLU A 41 -8.52 1.29 0.28
CA GLU A 41 -8.94 0.10 -0.45
C GLU A 41 -8.36 0.12 -1.84
N LEU A 42 -8.41 -1.02 -2.52
CA LEU A 42 -7.88 -1.10 -3.87
C LEU A 42 -8.89 -0.66 -4.92
N ASP A 43 -8.44 0.19 -5.82
CA ASP A 43 -9.26 0.67 -6.91
C ASP A 43 -9.34 -0.42 -7.96
N LYS A 44 -10.47 -0.52 -8.64
CA LYS A 44 -10.65 -1.54 -9.66
C LYS A 44 -10.51 -0.94 -11.05
N SER A 45 -10.74 0.37 -11.16
CA SER A 45 -10.63 1.07 -12.43
C SER A 45 -9.20 0.97 -12.98
N ALA A 46 -8.25 0.60 -12.13
CA ALA A 46 -6.86 0.47 -12.52
C ALA A 46 -6.57 -0.90 -13.15
N ARG A 47 -5.32 -1.35 -13.06
CA ARG A 47 -4.93 -2.63 -13.63
C ARG A 47 -3.68 -3.18 -12.92
N HIS A 48 -2.63 -2.37 -12.90
CA HIS A 48 -1.37 -2.75 -12.29
C HIS A 48 -1.48 -2.85 -10.77
N LEU A 49 -0.66 -3.71 -10.18
CA LEU A 49 -0.64 -3.91 -8.74
C LEU A 49 0.69 -3.41 -8.15
N TYR A 50 0.93 -2.12 -8.30
CA TYR A 50 2.16 -1.49 -7.81
C TYR A 50 1.80 -0.27 -6.97
N ILE A 51 2.24 -0.26 -5.72
CA ILE A 51 1.97 0.85 -4.82
C ILE A 51 3.22 1.67 -4.60
N CYS A 52 3.03 2.91 -4.14
CA CYS A 52 4.15 3.80 -3.86
C CYS A 52 4.87 3.38 -2.60
N ASP A 53 6.00 4.02 -2.32
CA ASP A 53 6.78 3.71 -1.12
C ASP A 53 6.06 4.23 0.12
N TYR A 54 5.34 5.34 -0.06
CA TYR A 54 4.59 5.96 1.02
C TYR A 54 3.71 4.95 1.75
N HIS A 55 2.81 4.31 1.00
CA HIS A 55 1.90 3.33 1.58
C HIS A 55 2.64 2.10 2.07
N LYS A 56 3.65 1.65 1.32
CA LYS A 56 4.43 0.48 1.73
C LYS A 56 4.95 0.65 3.14
N ASN A 57 5.56 1.80 3.40
CA ASN A 57 6.13 2.11 4.71
C ASN A 57 5.03 2.34 5.74
N LEU A 58 3.97 3.03 5.32
CA LEU A 58 2.85 3.34 6.19
C LEU A 58 2.16 2.08 6.71
N ILE A 59 2.09 1.06 5.86
CA ILE A 59 1.41 -0.18 6.22
C ILE A 59 2.34 -1.23 6.85
N GLN A 60 3.47 -1.49 6.20
CA GLN A 60 4.43 -2.48 6.68
C GLN A 60 4.82 -2.29 8.15
N SER A 61 4.98 -1.03 8.56
CA SER A 61 5.44 -0.71 9.90
C SER A 61 4.38 -0.82 11.00
N VAL A 62 3.39 -1.70 10.84
CA VAL A 62 2.38 -1.88 11.89
C VAL A 62 2.67 -3.16 12.66
N ARG A 63 2.85 -4.26 11.94
CA ARG A 63 3.20 -5.53 12.54
C ARG A 63 4.70 -5.81 12.39
N ASN A 64 5.46 -4.76 12.06
CA ASN A 64 6.90 -4.87 11.89
C ASN A 64 7.54 -3.48 11.95
N ARG A 65 7.72 -2.98 13.16
CA ARG A 65 8.30 -1.66 13.38
C ARG A 65 9.72 -1.59 12.79
N ARG A 66 10.58 -2.50 13.25
CA ARG A 66 11.96 -2.55 12.77
C ARG A 66 12.27 -3.94 12.21
N LYS A 67 11.23 -4.60 11.73
CA LYS A 67 11.36 -5.94 11.16
C LYS A 67 11.95 -6.93 12.15
N ARG A 68 11.13 -7.34 13.10
CA ARG A 68 11.54 -8.32 14.10
C ARG A 68 10.83 -9.65 13.85
N LYS A 69 9.96 -9.67 12.82
CA LYS A 69 9.22 -10.86 12.46
C LYS A 69 8.44 -11.39 13.68
N GLY A 70 8.63 -12.66 14.05
CA GLY A 70 7.93 -13.23 15.18
C GLY A 70 7.98 -14.73 15.14
N SER A 71 7.19 -15.32 14.24
CA SER A 71 7.16 -16.76 14.08
C SER A 71 8.41 -17.24 13.37
N SER A 1 11.84 7.28 -18.76
CA SER A 1 12.38 6.06 -19.43
C SER A 1 11.89 4.81 -18.72
N ASN A 2 10.65 4.41 -19.01
CA ASN A 2 10.07 3.22 -18.40
C ASN A 2 9.90 3.41 -16.89
N ALA A 3 9.10 2.55 -16.28
CA ALA A 3 8.86 2.60 -14.84
C ALA A 3 8.46 4.00 -14.40
N GLY A 4 7.16 4.28 -14.46
CA GLY A 4 6.65 5.58 -14.07
C GLY A 4 5.15 5.56 -13.86
N GLN A 5 4.68 4.60 -13.08
CA GLN A 5 3.26 4.45 -12.80
C GLN A 5 2.85 5.22 -11.55
N LEU A 6 1.56 5.41 -11.38
CA LEU A 6 1.04 6.13 -10.23
C LEU A 6 0.33 5.19 -9.26
N CYS A 7 0.36 5.55 -7.98
CA CYS A 7 -0.26 4.75 -6.94
C CYS A 7 -1.68 4.32 -7.34
N CYS A 8 -2.11 3.15 -6.85
CA CYS A 8 -3.44 2.64 -7.15
C CYS A 8 -4.30 2.48 -5.90
N LEU A 9 -3.85 3.08 -4.79
CA LEU A 9 -4.61 3.04 -3.55
C LEU A 9 -5.27 4.38 -3.30
N ARG A 10 -6.41 4.36 -2.63
CA ARG A 10 -7.15 5.59 -2.36
C ARG A 10 -7.18 5.89 -0.87
N GLU A 11 -6.54 6.99 -0.48
CA GLU A 11 -6.52 7.40 0.92
C GLU A 11 -7.56 8.48 1.16
N ASP A 12 -8.58 8.16 1.95
CA ASP A 12 -9.65 9.11 2.25
C ASP A 12 -10.36 9.54 0.96
N GLY A 13 -10.30 8.68 -0.05
CA GLY A 13 -10.94 8.98 -1.31
C GLY A 13 -10.01 9.62 -2.32
N GLU A 14 -8.76 9.85 -1.93
CA GLU A 14 -7.79 10.47 -2.82
C GLU A 14 -6.87 9.43 -3.45
N ARG A 15 -6.64 9.55 -4.75
CA ARG A 15 -5.78 8.60 -5.47
C ARG A 15 -4.30 8.90 -5.21
N CYS A 16 -3.92 8.93 -3.93
CA CYS A 16 -2.55 9.21 -3.51
C CYS A 16 -1.91 10.42 -4.21
N GLY A 17 -1.61 10.29 -5.49
CA GLY A 17 -0.99 11.37 -6.23
C GLY A 17 0.50 11.15 -6.37
N ARG A 18 1.05 10.36 -5.45
CA ARG A 18 2.47 10.03 -5.47
C ARG A 18 2.71 8.91 -6.48
N ALA A 19 3.92 8.85 -7.01
CA ALA A 19 4.26 7.83 -8.00
C ALA A 19 4.39 6.45 -7.36
N ALA A 20 4.24 5.41 -8.19
CA ALA A 20 4.34 4.04 -7.72
C ALA A 20 5.75 3.71 -7.25
N GLY A 21 5.88 2.68 -6.43
CA GLY A 21 7.18 2.30 -5.90
C GLY A 21 7.68 0.97 -6.42
N ASN A 22 8.07 0.10 -5.49
CA ASN A 22 8.61 -1.21 -5.84
C ASN A 22 7.83 -2.36 -5.20
N ALA A 23 6.84 -2.03 -4.38
CA ALA A 23 6.04 -3.05 -3.71
C ALA A 23 4.84 -3.47 -4.54
N SER A 24 4.11 -4.46 -4.05
CA SER A 24 2.93 -4.96 -4.73
C SER A 24 1.78 -5.19 -3.75
N PHE A 25 0.56 -4.95 -4.21
CA PHE A 25 -0.61 -5.15 -3.38
C PHE A 25 -0.94 -6.64 -3.32
N SER A 26 -0.80 -7.23 -2.14
CA SER A 26 -1.05 -8.65 -1.95
C SER A 26 -2.15 -8.88 -0.92
N LYS A 27 -2.25 -10.11 -0.45
CA LYS A 27 -3.25 -10.50 0.55
C LYS A 27 -2.80 -10.07 1.95
N ARG A 28 -1.53 -10.33 2.26
CA ARG A 28 -0.97 -9.99 3.56
C ARG A 28 -1.26 -8.54 3.92
N ILE A 29 -0.96 -7.65 2.99
CA ILE A 29 -1.19 -6.23 3.20
C ILE A 29 -2.68 -5.98 3.44
N GLN A 30 -3.53 -6.68 2.69
CA GLN A 30 -4.97 -6.55 2.85
C GLN A 30 -5.37 -6.92 4.27
N LYS A 31 -4.62 -7.85 4.86
CA LYS A 31 -4.88 -8.29 6.23
C LYS A 31 -4.42 -7.23 7.21
N SER A 32 -3.22 -6.68 6.96
CA SER A 32 -2.67 -5.64 7.82
C SER A 32 -3.61 -4.44 7.84
N ILE A 33 -4.29 -4.21 6.72
CA ILE A 33 -5.25 -3.10 6.62
C ILE A 33 -6.55 -3.48 7.29
N SER A 34 -7.03 -4.69 6.98
CA SER A 34 -8.28 -5.19 7.54
C SER A 34 -8.27 -5.08 9.06
N GLN A 35 -7.25 -5.63 9.69
CA GLN A 35 -7.14 -5.59 11.13
C GLN A 35 -7.06 -4.15 11.63
N LYS A 36 -6.75 -3.22 10.72
CA LYS A 36 -6.68 -1.80 11.05
C LYS A 36 -8.04 -1.16 10.78
N LYS A 37 -8.69 -1.62 9.72
CA LYS A 37 -9.98 -1.07 9.31
C LYS A 37 -9.84 0.43 9.09
N VAL A 38 -9.20 0.79 8.00
CA VAL A 38 -8.96 2.18 7.64
C VAL A 38 -9.59 2.52 6.29
N LYS A 39 -9.45 3.77 5.88
CA LYS A 39 -10.01 4.22 4.61
C LYS A 39 -9.04 3.98 3.46
N ILE A 40 -8.57 2.75 3.34
CA ILE A 40 -7.64 2.38 2.28
C ILE A 40 -8.15 1.14 1.54
N GLU A 41 -8.42 1.29 0.26
CA GLU A 41 -8.92 0.19 -0.54
C GLU A 41 -8.34 0.24 -1.95
N LEU A 42 -8.57 -0.82 -2.71
CA LEU A 42 -8.07 -0.91 -4.06
C LEU A 42 -9.11 -0.44 -5.06
N ASP A 43 -8.68 0.28 -6.08
CA ASP A 43 -9.56 0.76 -7.13
C ASP A 43 -9.64 -0.30 -8.21
N LYS A 44 -10.64 -0.23 -9.06
CA LYS A 44 -10.80 -1.23 -10.11
C LYS A 44 -10.35 -0.71 -11.48
N SER A 45 -10.16 0.61 -11.58
CA SER A 45 -9.74 1.22 -12.84
C SER A 45 -8.32 0.79 -13.22
N ALA A 46 -7.47 0.55 -12.22
CA ALA A 46 -6.09 0.17 -12.45
C ALA A 46 -5.95 -1.33 -12.74
N ARG A 47 -5.09 -1.66 -13.70
CA ARG A 47 -4.86 -3.06 -14.06
C ARG A 47 -3.59 -3.58 -13.40
N HIS A 48 -2.66 -2.67 -13.12
CA HIS A 48 -1.38 -3.03 -12.51
C HIS A 48 -1.43 -2.95 -10.99
N LEU A 49 -0.64 -3.79 -10.34
CA LEU A 49 -0.57 -3.82 -8.88
C LEU A 49 0.77 -3.30 -8.40
N TYR A 50 0.91 -1.98 -8.36
CA TYR A 50 2.13 -1.34 -7.91
C TYR A 50 1.81 -0.13 -7.06
N ILE A 51 2.02 -0.25 -5.75
CA ILE A 51 1.75 0.84 -4.83
C ILE A 51 2.98 1.71 -4.65
N CYS A 52 2.80 2.89 -4.08
CA CYS A 52 3.89 3.81 -3.82
C CYS A 52 4.67 3.38 -2.58
N ASP A 53 5.77 4.06 -2.33
CA ASP A 53 6.59 3.77 -1.15
C ASP A 53 5.91 4.27 0.12
N TYR A 54 5.02 5.25 -0.04
CA TYR A 54 4.31 5.84 1.09
C TYR A 54 3.43 4.81 1.79
N HIS A 55 2.47 4.26 1.05
CA HIS A 55 1.56 3.26 1.60
C HIS A 55 2.30 2.01 2.04
N LYS A 56 3.43 1.70 1.38
CA LYS A 56 4.21 0.52 1.72
C LYS A 56 4.81 0.67 3.12
N ASN A 57 5.52 1.78 3.33
CA ASN A 57 6.15 2.04 4.62
C ASN A 57 5.11 2.27 5.71
N LEU A 58 3.97 2.81 5.32
CA LEU A 58 2.88 3.11 6.25
C LEU A 58 2.22 1.83 6.76
N ILE A 59 1.80 0.97 5.83
CA ILE A 59 1.11 -0.26 6.19
C ILE A 59 2.04 -1.35 6.72
N GLN A 60 3.19 -1.53 6.09
CA GLN A 60 4.14 -2.56 6.50
C GLN A 60 4.73 -2.33 7.88
N SER A 61 4.91 -1.07 8.27
CA SER A 61 5.53 -0.74 9.53
C SER A 61 4.59 -0.27 10.64
N VAL A 62 3.37 -0.81 10.71
CA VAL A 62 2.46 -0.42 11.77
C VAL A 62 2.34 -1.56 12.78
N ARG A 63 2.16 -2.78 12.28
CA ARG A 63 2.07 -3.95 13.14
C ARG A 63 3.45 -4.52 13.40
N ASN A 64 4.34 -4.35 12.42
CA ASN A 64 5.70 -4.85 12.52
C ASN A 64 5.70 -6.31 12.94
N ARG A 65 5.48 -7.21 11.99
CA ARG A 65 5.43 -8.63 12.28
C ARG A 65 6.83 -9.20 12.49
N ARG A 66 7.44 -8.84 13.61
CA ARG A 66 8.77 -9.33 13.94
C ARG A 66 8.67 -10.58 14.80
N LYS A 67 7.94 -11.58 14.29
CA LYS A 67 7.76 -12.84 15.00
C LYS A 67 7.88 -14.03 14.06
N ARG A 68 9.08 -14.57 13.96
CA ARG A 68 9.32 -15.73 13.09
C ARG A 68 8.91 -15.45 11.65
N LYS A 69 9.89 -15.16 10.81
CA LYS A 69 9.63 -14.87 9.41
C LYS A 69 10.28 -15.93 8.52
N GLY A 70 11.56 -16.17 8.76
CA GLY A 70 12.29 -17.15 7.98
C GLY A 70 13.70 -16.69 7.68
N SER A 71 14.48 -17.54 7.02
CA SER A 71 15.85 -17.19 6.67
C SER A 71 15.90 -15.93 5.83
N SER A 1 11.14 4.14 -20.02
CA SER A 1 11.26 2.65 -20.00
C SER A 1 10.14 2.03 -19.17
N ASN A 2 8.92 2.54 -19.36
CA ASN A 2 7.76 2.03 -18.64
C ASN A 2 8.03 1.97 -17.15
N ALA A 3 8.08 3.13 -16.51
CA ALA A 3 8.30 3.24 -15.08
C ALA A 3 7.59 4.47 -14.53
N GLY A 4 6.54 4.89 -15.23
CA GLY A 4 5.78 6.06 -14.81
C GLY A 4 4.37 5.71 -14.44
N GLN A 5 4.22 4.95 -13.36
CA GLN A 5 2.90 4.54 -12.89
C GLN A 5 2.52 5.28 -11.62
N LEU A 6 1.24 5.29 -11.29
CA LEU A 6 0.77 5.96 -10.09
C LEU A 6 0.15 4.97 -9.12
N CYS A 7 0.21 5.31 -7.84
CA CYS A 7 -0.35 4.48 -6.78
C CYS A 7 -1.71 3.88 -7.17
N CYS A 8 -1.96 2.65 -6.73
CA CYS A 8 -3.22 1.97 -7.05
C CYS A 8 -4.14 1.88 -5.84
N LEU A 9 -4.02 2.84 -4.94
CA LEU A 9 -4.84 2.90 -3.74
C LEU A 9 -5.43 4.29 -3.58
N ARG A 10 -6.48 4.40 -2.79
CA ARG A 10 -7.12 5.70 -2.57
C ARG A 10 -7.25 5.99 -1.08
N GLU A 11 -6.61 7.06 -0.63
CA GLU A 11 -6.67 7.44 0.77
C GLU A 11 -7.76 8.48 0.97
N ASP A 12 -8.72 8.16 1.84
CA ASP A 12 -9.84 9.04 2.13
C ASP A 12 -10.55 9.43 0.84
N GLY A 13 -10.54 8.53 -0.14
CA GLY A 13 -11.20 8.79 -1.40
C GLY A 13 -10.28 9.42 -2.44
N GLU A 14 -9.11 9.87 -2.01
CA GLU A 14 -8.15 10.50 -2.92
C GLU A 14 -7.18 9.48 -3.49
N ARG A 15 -6.87 9.61 -4.79
CA ARG A 15 -5.97 8.68 -5.46
C ARG A 15 -4.51 8.95 -5.08
N CYS A 16 -4.21 8.84 -3.79
CA CYS A 16 -2.86 9.05 -3.25
C CYS A 16 -2.19 10.34 -3.78
N GLY A 17 -1.67 10.29 -5.01
CA GLY A 17 -1.00 11.45 -5.57
C GLY A 17 0.48 11.20 -5.77
N ARG A 18 1.02 10.25 -5.01
CA ARG A 18 2.42 9.88 -5.11
C ARG A 18 2.61 8.80 -6.16
N ALA A 19 3.75 8.79 -6.82
CA ALA A 19 4.02 7.80 -7.86
C ALA A 19 4.24 6.42 -7.27
N ALA A 20 4.04 5.39 -8.11
CA ALA A 20 4.21 4.02 -7.70
C ALA A 20 5.64 3.75 -7.24
N GLY A 21 5.81 2.73 -6.40
CA GLY A 21 7.12 2.41 -5.90
C GLY A 21 7.69 1.13 -6.45
N ASN A 22 7.87 0.14 -5.58
CA ASN A 22 8.44 -1.15 -5.98
C ASN A 22 7.63 -2.34 -5.44
N ALA A 23 7.06 -2.18 -4.24
CA ALA A 23 6.29 -3.25 -3.62
C ALA A 23 5.06 -3.63 -4.44
N SER A 24 4.35 -4.65 -3.98
CA SER A 24 3.15 -5.12 -4.66
C SER A 24 2.01 -5.26 -3.66
N PHE A 25 0.78 -5.31 -4.18
CA PHE A 25 -0.40 -5.46 -3.34
C PHE A 25 -0.74 -6.93 -3.17
N SER A 26 -0.50 -7.44 -1.96
CA SER A 26 -0.77 -8.85 -1.67
C SER A 26 -1.91 -8.99 -0.66
N LYS A 27 -2.03 -10.18 -0.08
CA LYS A 27 -3.05 -10.44 0.93
C LYS A 27 -2.64 -9.89 2.30
N ARG A 28 -1.37 -10.09 2.65
CA ARG A 28 -0.84 -9.61 3.93
C ARG A 28 -1.12 -8.13 4.13
N ILE A 29 -1.04 -7.36 3.04
CA ILE A 29 -1.31 -5.93 3.11
C ILE A 29 -2.80 -5.71 3.32
N GLN A 30 -3.62 -6.40 2.54
CA GLN A 30 -5.06 -6.31 2.65
C GLN A 30 -5.47 -6.61 4.09
N LYS A 31 -4.86 -7.65 4.64
CA LYS A 31 -5.11 -8.06 6.01
C LYS A 31 -4.63 -6.99 6.98
N SER A 32 -3.45 -6.45 6.70
CA SER A 32 -2.86 -5.40 7.55
C SER A 32 -3.80 -4.20 7.60
N ILE A 33 -4.51 -3.96 6.51
CA ILE A 33 -5.45 -2.85 6.43
C ILE A 33 -6.76 -3.20 7.14
N SER A 34 -7.19 -4.45 6.96
CA SER A 34 -8.43 -4.93 7.57
C SER A 34 -8.35 -4.88 9.09
N GLN A 35 -7.18 -5.20 9.64
CA GLN A 35 -7.00 -5.18 11.08
C GLN A 35 -7.01 -3.74 11.60
N LYS A 36 -6.42 -2.84 10.81
CA LYS A 36 -6.39 -1.42 11.17
C LYS A 36 -7.76 -0.81 10.99
N LYS A 37 -8.37 -1.11 9.84
CA LYS A 37 -9.68 -0.57 9.50
C LYS A 37 -9.54 0.90 9.13
N VAL A 38 -9.03 1.13 7.92
CA VAL A 38 -8.82 2.48 7.43
C VAL A 38 -9.45 2.66 6.05
N LYS A 39 -9.56 3.92 5.61
CA LYS A 39 -10.15 4.21 4.31
C LYS A 39 -9.14 4.00 3.19
N ILE A 40 -8.72 2.76 3.01
CA ILE A 40 -7.77 2.42 1.97
C ILE A 40 -8.21 1.15 1.25
N GLU A 41 -8.73 1.31 0.04
CA GLU A 41 -9.19 0.17 -0.75
C GLU A 41 -8.56 0.21 -2.14
N LEU A 42 -8.44 -0.95 -2.76
CA LEU A 42 -7.84 -1.04 -4.08
C LEU A 42 -8.81 -0.62 -5.16
N ASP A 43 -8.41 0.35 -5.97
CA ASP A 43 -9.22 0.81 -7.07
C ASP A 43 -9.36 -0.32 -8.08
N LYS A 44 -10.42 -0.34 -8.86
CA LYS A 44 -10.63 -1.40 -9.83
C LYS A 44 -10.35 -0.93 -11.25
N SER A 45 -10.35 0.40 -11.45
CA SER A 45 -10.09 0.96 -12.78
C SER A 45 -8.59 0.86 -13.13
N ALA A 46 -7.78 0.43 -12.17
CA ALA A 46 -6.34 0.31 -12.40
C ALA A 46 -6.01 -0.68 -13.51
N ARG A 47 -4.71 -0.89 -13.72
CA ARG A 47 -4.22 -1.80 -14.73
C ARG A 47 -2.91 -2.44 -14.28
N HIS A 48 -2.65 -2.41 -12.98
CA HIS A 48 -1.43 -2.97 -12.43
C HIS A 48 -1.52 -3.07 -10.90
N LEU A 49 -0.55 -3.77 -10.32
CA LEU A 49 -0.50 -3.92 -8.87
C LEU A 49 0.83 -3.42 -8.34
N TYR A 50 0.95 -2.11 -8.24
CA TYR A 50 2.17 -1.47 -7.74
C TYR A 50 1.83 -0.28 -6.86
N ILE A 51 2.00 -0.44 -5.55
CA ILE A 51 1.71 0.62 -4.62
C ILE A 51 2.92 1.55 -4.44
N CYS A 52 2.67 2.75 -3.96
CA CYS A 52 3.73 3.72 -3.74
C CYS A 52 4.52 3.38 -2.48
N ASP A 53 5.69 4.00 -2.34
CA ASP A 53 6.54 3.78 -1.18
C ASP A 53 5.82 4.25 0.09
N TYR A 54 5.12 5.36 -0.02
CA TYR A 54 4.41 5.95 1.10
C TYR A 54 3.55 4.90 1.82
N HIS A 55 2.60 4.33 1.11
CA HIS A 55 1.71 3.32 1.69
C HIS A 55 2.45 2.04 2.05
N LYS A 56 3.47 1.68 1.26
CA LYS A 56 4.24 0.47 1.53
C LYS A 56 4.82 0.51 2.95
N ASN A 57 5.47 1.61 3.28
CA ASN A 57 6.08 1.79 4.59
C ASN A 57 5.03 1.95 5.68
N LEU A 58 3.99 2.72 5.37
CA LEU A 58 2.92 2.97 6.33
C LEU A 58 2.22 1.69 6.76
N ILE A 59 2.01 0.79 5.81
CA ILE A 59 1.31 -0.47 6.08
C ILE A 59 2.23 -1.55 6.63
N GLN A 60 3.41 -1.70 6.05
CA GLN A 60 4.37 -2.73 6.48
C GLN A 60 4.96 -2.44 7.86
N SER A 61 5.18 -1.18 8.17
CA SER A 61 5.83 -0.80 9.44
C SER A 61 4.91 -0.84 10.65
N VAL A 62 3.68 -1.34 10.50
CA VAL A 62 2.78 -1.43 11.64
C VAL A 62 2.58 -2.87 12.08
N ARG A 63 3.26 -3.25 13.16
CA ARG A 63 3.18 -4.60 13.67
C ARG A 63 3.39 -5.63 12.57
N ASN A 64 4.58 -5.58 11.98
CA ASN A 64 4.96 -6.50 10.89
C ASN A 64 5.23 -7.90 11.42
N ARG A 65 5.52 -8.01 12.71
CA ARG A 65 5.80 -9.31 13.30
C ARG A 65 4.72 -9.71 14.31
N ARG A 66 3.48 -9.34 14.02
CA ARG A 66 2.36 -9.68 14.89
C ARG A 66 1.76 -11.02 14.47
N LYS A 67 2.55 -11.81 13.73
CA LYS A 67 2.10 -13.11 13.26
C LYS A 67 3.26 -14.10 13.23
N ARG A 68 3.51 -14.73 14.37
CA ARG A 68 4.58 -15.72 14.49
C ARG A 68 4.03 -16.98 15.16
N LYS A 69 4.61 -18.13 14.84
CA LYS A 69 4.16 -19.38 15.43
C LYS A 69 5.14 -19.85 16.50
N GLY A 70 5.56 -18.91 17.32
CA GLY A 70 6.50 -19.20 18.38
C GLY A 70 6.79 -17.98 19.24
N SER A 71 6.76 -16.81 18.62
CA SER A 71 7.01 -15.55 19.31
C SER A 71 5.72 -15.03 19.95
N SER A 1 5.55 10.39 -18.90
CA SER A 1 4.40 10.21 -17.98
C SER A 1 4.19 8.73 -17.62
N ASN A 2 4.83 7.83 -18.35
CA ASN A 2 4.73 6.41 -18.04
C ASN A 2 6.02 5.90 -17.40
N ALA A 3 7.04 6.76 -17.36
CA ALA A 3 8.29 6.42 -16.72
C ALA A 3 8.15 6.65 -15.22
N GLY A 4 7.44 5.73 -14.58
CA GLY A 4 7.18 5.84 -13.16
C GLY A 4 5.68 5.89 -12.89
N GLN A 5 5.07 4.71 -12.83
CA GLN A 5 3.64 4.60 -12.60
C GLN A 5 3.20 5.33 -11.33
N LEU A 6 1.89 5.44 -11.15
CA LEU A 6 1.32 6.11 -9.98
C LEU A 6 0.68 5.09 -9.03
N CYS A 7 0.58 5.47 -7.76
CA CYS A 7 -0.02 4.59 -6.75
C CYS A 7 -1.47 4.26 -7.11
N CYS A 8 -1.93 3.07 -6.71
CA CYS A 8 -3.29 2.64 -6.99
C CYS A 8 -4.12 2.43 -5.73
N LEU A 9 -3.94 3.32 -4.76
CA LEU A 9 -4.69 3.25 -3.52
C LEU A 9 -5.46 4.54 -3.31
N ARG A 10 -6.51 4.49 -2.49
CA ARG A 10 -7.32 5.66 -2.22
C ARG A 10 -7.52 5.87 -0.73
N GLU A 11 -7.25 7.07 -0.26
CA GLU A 11 -7.42 7.40 1.15
C GLU A 11 -8.67 8.24 1.34
N ASP A 12 -9.71 7.63 1.90
CA ASP A 12 -10.97 8.30 2.13
C ASP A 12 -11.62 8.70 0.81
N GLY A 13 -11.37 7.91 -0.22
CA GLY A 13 -11.94 8.19 -1.52
C GLY A 13 -11.00 8.93 -2.45
N GLU A 14 -10.11 9.75 -1.87
CA GLU A 14 -9.17 10.53 -2.66
C GLU A 14 -7.99 9.68 -3.13
N ARG A 15 -7.59 9.90 -4.38
CA ARG A 15 -6.49 9.16 -4.99
C ARG A 15 -5.12 9.63 -4.49
N CYS A 16 -4.18 8.69 -4.39
CA CYS A 16 -2.84 9.00 -3.93
C CYS A 16 -2.12 9.93 -4.92
N GLY A 17 -1.53 9.37 -5.97
CA GLY A 17 -0.84 10.19 -6.95
C GLY A 17 0.66 10.01 -6.93
N ARG A 18 1.22 9.71 -5.76
CA ARG A 18 2.66 9.51 -5.63
C ARG A 18 3.13 8.37 -6.52
N ALA A 19 4.33 8.51 -7.06
CA ALA A 19 4.90 7.49 -7.94
C ALA A 19 4.86 6.11 -7.29
N ALA A 20 4.88 5.07 -8.12
CA ALA A 20 4.86 3.70 -7.63
C ALA A 20 6.23 3.32 -7.07
N GLY A 21 6.28 2.26 -6.28
CA GLY A 21 7.54 1.85 -5.69
C GLY A 21 8.02 0.49 -6.15
N ASN A 22 8.46 -0.32 -5.19
CA ASN A 22 8.98 -1.66 -5.49
C ASN A 22 8.06 -2.76 -4.98
N ALA A 23 7.19 -2.42 -4.04
CA ALA A 23 6.26 -3.40 -3.47
C ALA A 23 5.06 -3.62 -4.37
N SER A 24 4.28 -4.65 -4.06
CA SER A 24 3.08 -4.98 -4.83
C SER A 24 1.90 -5.25 -3.89
N PHE A 25 0.71 -4.86 -4.33
CA PHE A 25 -0.49 -5.10 -3.53
C PHE A 25 -0.71 -6.59 -3.37
N SER A 26 -0.94 -7.04 -2.14
CA SER A 26 -1.15 -8.46 -1.88
C SER A 26 -2.22 -8.69 -0.81
N LYS A 27 -2.43 -9.95 -0.46
CA LYS A 27 -3.41 -10.33 0.54
C LYS A 27 -2.90 -9.93 1.93
N ARG A 28 -1.62 -10.17 2.17
CA ARG A 28 -0.99 -9.83 3.43
C ARG A 28 -1.25 -8.37 3.76
N ILE A 29 -1.11 -7.50 2.76
CA ILE A 29 -1.34 -6.08 2.94
C ILE A 29 -2.81 -5.83 3.26
N GLN A 30 -3.69 -6.58 2.59
CA GLN A 30 -5.12 -6.46 2.81
C GLN A 30 -5.44 -6.74 4.27
N LYS A 31 -4.75 -7.74 4.82
CA LYS A 31 -4.90 -8.11 6.22
C LYS A 31 -4.44 -6.97 7.10
N SER A 32 -3.23 -6.48 6.82
CA SER A 32 -2.66 -5.37 7.57
C SER A 32 -3.64 -4.20 7.62
N ILE A 33 -4.35 -4.00 6.51
CA ILE A 33 -5.33 -2.93 6.42
C ILE A 33 -6.59 -3.28 7.22
N SER A 34 -7.02 -4.53 7.09
CA SER A 34 -8.21 -5.00 7.79
C SER A 34 -8.07 -4.82 9.30
N GLN A 35 -6.88 -5.07 9.82
CA GLN A 35 -6.62 -4.93 11.26
C GLN A 35 -6.65 -3.45 11.64
N LYS A 36 -6.06 -2.62 10.78
CA LYS A 36 -6.02 -1.18 11.00
C LYS A 36 -7.42 -0.59 10.92
N LYS A 37 -8.18 -1.05 9.92
CA LYS A 37 -9.53 -0.55 9.68
C LYS A 37 -9.47 0.89 9.21
N VAL A 38 -8.74 1.11 8.12
CA VAL A 38 -8.57 2.45 7.55
C VAL A 38 -9.38 2.60 6.27
N LYS A 39 -9.63 3.86 5.89
CA LYS A 39 -10.39 4.15 4.68
C LYS A 39 -9.54 3.99 3.43
N ILE A 40 -8.94 2.81 3.27
CA ILE A 40 -8.10 2.53 2.12
C ILE A 40 -8.58 1.28 1.40
N GLU A 41 -8.88 1.41 0.12
CA GLU A 41 -9.34 0.29 -0.68
C GLU A 41 -8.78 0.36 -2.10
N LEU A 42 -8.49 -0.80 -2.67
CA LEU A 42 -7.93 -0.85 -4.01
C LEU A 42 -8.94 -0.41 -5.06
N ASP A 43 -8.47 0.41 -5.98
CA ASP A 43 -9.30 0.89 -7.08
C ASP A 43 -9.22 -0.13 -8.21
N LYS A 44 -10.35 -0.67 -8.62
CA LYS A 44 -10.38 -1.68 -9.68
C LYS A 44 -10.27 -1.05 -11.07
N SER A 45 -10.46 0.26 -11.15
CA SER A 45 -10.36 0.96 -12.44
C SER A 45 -8.90 1.26 -12.80
N ALA A 46 -7.96 0.71 -12.02
CA ALA A 46 -6.55 0.93 -12.25
C ALA A 46 -6.02 0.07 -13.42
N ARG A 47 -4.86 -0.57 -13.24
CA ARG A 47 -4.27 -1.39 -14.28
C ARG A 47 -3.23 -2.33 -13.69
N HIS A 48 -2.18 -1.75 -13.12
CA HIS A 48 -1.09 -2.50 -12.54
C HIS A 48 -1.28 -2.70 -11.04
N LEU A 49 -0.30 -3.35 -10.42
CA LEU A 49 -0.34 -3.60 -8.98
C LEU A 49 1.01 -3.24 -8.35
N TYR A 50 1.31 -1.95 -8.33
CA TYR A 50 2.55 -1.45 -7.77
C TYR A 50 2.31 -0.17 -6.99
N ILE A 51 2.14 -0.30 -5.68
CA ILE A 51 1.88 0.85 -4.83
C ILE A 51 3.15 1.67 -4.63
N CYS A 52 2.98 2.85 -4.04
CA CYS A 52 4.11 3.74 -3.80
C CYS A 52 4.87 3.31 -2.54
N ASP A 53 6.03 3.89 -2.33
CA ASP A 53 6.85 3.57 -1.17
C ASP A 53 6.17 4.06 0.11
N TYR A 54 5.58 5.25 0.01
CA TYR A 54 4.89 5.87 1.13
C TYR A 54 3.90 4.90 1.78
N HIS A 55 2.91 4.46 1.00
CA HIS A 55 1.90 3.55 1.52
C HIS A 55 2.48 2.20 1.89
N LYS A 56 3.48 1.74 1.14
CA LYS A 56 4.11 0.45 1.43
C LYS A 56 4.63 0.42 2.87
N ASN A 57 5.44 1.43 3.20
CA ASN A 57 6.02 1.54 4.53
C ASN A 57 4.92 1.77 5.57
N LEU A 58 3.97 2.63 5.23
CA LEU A 58 2.88 2.97 6.12
C LEU A 58 2.08 1.73 6.55
N ILE A 59 1.83 0.83 5.61
CA ILE A 59 1.04 -0.38 5.88
C ILE A 59 1.86 -1.49 6.52
N GLN A 60 3.06 -1.72 6.00
CA GLN A 60 3.93 -2.80 6.52
C GLN A 60 4.56 -2.46 7.87
N SER A 61 4.88 -1.19 8.10
CA SER A 61 5.57 -0.79 9.32
C SER A 61 4.67 -0.73 10.56
N VAL A 62 3.39 -1.02 10.43
CA VAL A 62 2.50 -0.99 11.60
C VAL A 62 2.64 -2.28 12.41
N ARG A 63 2.87 -3.38 11.70
CA ARG A 63 3.05 -4.67 12.35
C ARG A 63 4.52 -5.07 12.34
N ASN A 64 5.21 -4.71 11.26
CA ASN A 64 6.64 -5.01 11.12
C ASN A 64 6.93 -6.46 11.50
N ARG A 65 6.10 -7.37 11.00
CA ARG A 65 6.26 -8.79 11.33
C ARG A 65 7.03 -9.54 10.24
N ARG A 66 8.22 -10.01 10.60
CA ARG A 66 9.06 -10.78 9.70
C ARG A 66 9.01 -12.27 10.07
N LYS A 67 9.85 -12.65 11.04
CA LYS A 67 9.91 -14.03 11.52
C LYS A 67 10.06 -15.02 10.36
N ARG A 68 8.94 -15.43 9.78
CA ARG A 68 8.93 -16.35 8.67
C ARG A 68 8.01 -15.79 7.59
N LYS A 69 7.43 -16.63 6.74
CA LYS A 69 6.55 -16.12 5.70
C LYS A 69 5.32 -17.01 5.54
N GLY A 70 5.55 -18.32 5.52
CA GLY A 70 4.46 -19.26 5.37
C GLY A 70 4.87 -20.67 5.66
N SER A 71 4.53 -21.15 6.84
CA SER A 71 4.88 -22.51 7.25
C SER A 71 3.71 -23.45 7.02
N SER A 1 6.30 8.72 -18.28
CA SER A 1 6.91 7.68 -19.13
C SER A 1 6.43 6.29 -18.71
N ASN A 2 7.29 5.27 -18.82
CA ASN A 2 6.92 3.92 -18.41
C ASN A 2 7.71 3.49 -17.18
N ALA A 3 8.21 4.48 -16.44
CA ALA A 3 8.97 4.22 -15.22
C ALA A 3 8.78 5.37 -14.24
N GLY A 4 7.53 5.78 -14.08
CA GLY A 4 7.20 6.86 -13.17
C GLY A 4 5.70 6.97 -12.94
N GLN A 5 5.08 5.84 -12.63
CA GLN A 5 3.64 5.80 -12.40
C GLN A 5 3.30 6.32 -11.01
N LEU A 6 2.00 6.38 -10.72
CA LEU A 6 1.53 6.85 -9.42
C LEU A 6 0.78 5.76 -8.68
N CYS A 7 0.79 5.83 -7.35
CA CYS A 7 0.11 4.85 -6.51
C CYS A 7 -1.30 4.57 -7.04
N CYS A 8 -1.80 3.35 -6.79
CA CYS A 8 -3.14 2.98 -7.25
C CYS A 8 -4.10 2.75 -6.09
N LEU A 9 -3.81 3.36 -4.94
CA LEU A 9 -4.66 3.25 -3.76
C LEU A 9 -5.45 4.54 -3.58
N ARG A 10 -6.64 4.43 -2.99
CA ARG A 10 -7.48 5.60 -2.78
C ARG A 10 -7.71 5.82 -1.29
N GLU A 11 -7.28 6.98 -0.79
CA GLU A 11 -7.47 7.32 0.62
C GLU A 11 -8.73 8.17 0.78
N ASP A 12 -9.73 7.60 1.45
CA ASP A 12 -10.99 8.29 1.66
C ASP A 12 -11.62 8.68 0.33
N GLY A 13 -11.26 7.95 -0.72
CA GLY A 13 -11.79 8.23 -2.04
C GLY A 13 -10.88 9.09 -2.90
N GLU A 14 -9.79 9.60 -2.31
CA GLU A 14 -8.86 10.45 -3.03
C GLU A 14 -7.68 9.65 -3.57
N ARG A 15 -7.47 9.78 -4.88
CA ARG A 15 -6.39 9.05 -5.56
C ARG A 15 -5.01 9.49 -5.10
N CYS A 16 -4.28 8.57 -4.47
CA CYS A 16 -2.93 8.84 -3.99
C CYS A 16 -2.06 9.35 -5.14
N GLY A 17 -1.62 10.61 -5.04
CA GLY A 17 -0.80 11.19 -6.09
C GLY A 17 0.68 11.08 -5.81
N ARG A 18 1.17 9.88 -5.56
CA ARG A 18 2.58 9.65 -5.30
C ARG A 18 3.14 8.57 -6.22
N ALA A 19 4.40 8.72 -6.60
CA ALA A 19 5.05 7.76 -7.49
C ALA A 19 4.97 6.34 -6.94
N ALA A 20 4.66 5.39 -7.81
CA ALA A 20 4.58 3.99 -7.42
C ALA A 20 5.97 3.44 -7.15
N GLY A 21 6.07 2.51 -6.21
CA GLY A 21 7.36 1.94 -5.86
C GLY A 21 7.66 0.64 -6.56
N ASN A 22 8.08 -0.36 -5.79
CA ASN A 22 8.43 -1.67 -6.33
C ASN A 22 7.58 -2.78 -5.72
N ALA A 23 6.87 -2.48 -4.63
CA ALA A 23 6.02 -3.47 -3.98
C ALA A 23 4.80 -3.81 -4.81
N SER A 24 4.07 -4.84 -4.38
CA SER A 24 2.86 -5.26 -5.08
C SER A 24 1.77 -5.63 -4.11
N PHE A 25 0.60 -5.01 -4.26
CA PHE A 25 -0.54 -5.29 -3.40
C PHE A 25 -0.81 -6.79 -3.35
N SER A 26 -1.09 -7.29 -2.15
CA SER A 26 -1.34 -8.71 -1.97
C SER A 26 -2.40 -8.94 -0.89
N LYS A 27 -2.42 -10.14 -0.33
CA LYS A 27 -3.36 -10.49 0.74
C LYS A 27 -2.90 -9.96 2.11
N ARG A 28 -1.65 -10.26 2.46
CA ARG A 28 -1.09 -9.85 3.75
C ARG A 28 -1.28 -8.36 3.97
N ILE A 29 -1.17 -7.59 2.90
CA ILE A 29 -1.36 -6.15 2.99
C ILE A 29 -2.82 -5.83 3.27
N GLN A 30 -3.71 -6.59 2.64
CA GLN A 30 -5.15 -6.40 2.85
C GLN A 30 -5.48 -6.66 4.31
N LYS A 31 -4.97 -7.78 4.82
CA LYS A 31 -5.16 -8.17 6.20
C LYS A 31 -4.60 -7.11 7.13
N SER A 32 -3.46 -6.53 6.73
CA SER A 32 -2.82 -5.48 7.52
C SER A 32 -3.75 -4.27 7.61
N ILE A 33 -4.26 -3.83 6.47
CA ILE A 33 -5.16 -2.69 6.42
C ILE A 33 -6.40 -2.96 7.27
N SER A 34 -6.91 -4.20 7.18
CA SER A 34 -8.09 -4.59 7.95
C SER A 34 -7.84 -4.50 9.45
N GLN A 35 -6.62 -4.83 9.86
CA GLN A 35 -6.27 -4.76 11.28
C GLN A 35 -6.17 -3.31 11.73
N LYS A 36 -5.90 -2.41 10.79
CA LYS A 36 -5.80 -0.99 11.07
C LYS A 36 -7.19 -0.36 11.10
N LYS A 37 -8.01 -0.75 10.14
CA LYS A 37 -9.36 -0.22 9.99
C LYS A 37 -9.27 1.20 9.46
N VAL A 38 -8.88 1.32 8.19
CA VAL A 38 -8.73 2.62 7.54
C VAL A 38 -9.39 2.63 6.16
N LYS A 39 -9.45 3.81 5.55
CA LYS A 39 -10.06 3.97 4.24
C LYS A 39 -9.02 3.86 3.12
N ILE A 40 -8.45 2.67 2.96
CA ILE A 40 -7.46 2.44 1.93
C ILE A 40 -7.68 1.09 1.26
N GLU A 41 -8.35 1.11 0.11
CA GLU A 41 -8.64 -0.11 -0.63
C GLU A 41 -8.09 -0.04 -2.04
N LEU A 42 -8.22 -1.13 -2.76
CA LEU A 42 -7.72 -1.20 -4.13
C LEU A 42 -8.80 -0.77 -5.11
N ASP A 43 -8.40 0.04 -6.09
CA ASP A 43 -9.31 0.51 -7.11
C ASP A 43 -9.46 -0.59 -8.16
N LYS A 44 -10.56 -0.60 -8.88
CA LYS A 44 -10.78 -1.63 -9.88
C LYS A 44 -10.55 -1.09 -11.29
N SER A 45 -10.71 0.22 -11.46
CA SER A 45 -10.51 0.84 -12.76
C SER A 45 -9.04 0.85 -13.15
N ALA A 46 -8.16 0.64 -12.16
CA ALA A 46 -6.72 0.63 -12.39
C ALA A 46 -6.31 -0.55 -13.27
N ARG A 47 -5.01 -0.81 -13.30
CA ARG A 47 -4.45 -1.90 -14.10
C ARG A 47 -3.32 -2.60 -13.36
N HIS A 48 -2.21 -1.88 -13.20
CA HIS A 48 -1.04 -2.43 -12.53
C HIS A 48 -1.23 -2.53 -11.01
N LEU A 49 -0.51 -3.45 -10.40
CA LEU A 49 -0.57 -3.65 -8.96
C LEU A 49 0.73 -3.23 -8.29
N TYR A 50 0.91 -1.92 -8.13
CA TYR A 50 2.11 -1.38 -7.51
C TYR A 50 1.75 -0.18 -6.65
N ILE A 51 2.21 -0.18 -5.41
CA ILE A 51 1.94 0.92 -4.50
C ILE A 51 3.18 1.79 -4.31
N CYS A 52 2.99 2.95 -3.70
CA CYS A 52 4.09 3.87 -3.45
C CYS A 52 4.82 3.50 -2.17
N ASP A 53 5.99 4.10 -1.97
CA ASP A 53 6.80 3.84 -0.78
C ASP A 53 6.05 4.30 0.46
N TYR A 54 5.25 5.35 0.30
CA TYR A 54 4.48 5.91 1.41
C TYR A 54 3.58 4.87 2.05
N HIS A 55 2.64 4.33 1.27
CA HIS A 55 1.70 3.34 1.77
C HIS A 55 2.42 2.04 2.15
N LYS A 56 3.40 1.63 1.36
CA LYS A 56 4.15 0.41 1.62
C LYS A 56 4.71 0.45 3.05
N ASN A 57 5.29 1.59 3.42
CA ASN A 57 5.88 1.76 4.73
C ASN A 57 4.79 1.89 5.80
N LEU A 58 3.71 2.58 5.45
CA LEU A 58 2.61 2.81 6.36
C LEU A 58 1.95 1.49 6.80
N ILE A 59 1.87 0.54 5.88
CA ILE A 59 1.24 -0.74 6.16
C ILE A 59 2.21 -1.79 6.70
N GLN A 60 3.30 -2.02 5.97
CA GLN A 60 4.29 -3.02 6.35
C GLN A 60 4.94 -2.75 7.71
N SER A 61 5.08 -1.48 8.08
CA SER A 61 5.77 -1.14 9.33
C SER A 61 4.84 -0.78 10.48
N VAL A 62 3.78 -1.55 10.69
CA VAL A 62 2.87 -1.31 11.82
C VAL A 62 2.80 -2.54 12.69
N ARG A 63 2.68 -3.71 12.06
CA ARG A 63 2.63 -4.97 12.79
C ARG A 63 4.04 -5.53 12.94
N ASN A 64 4.95 -4.67 13.37
CA ASN A 64 6.35 -5.06 13.56
C ASN A 64 6.81 -4.82 14.98
N ARG A 65 6.28 -3.78 15.62
CA ARG A 65 6.66 -3.44 16.98
C ARG A 65 5.45 -3.15 17.86
N ARG A 66 5.74 -2.85 19.12
CA ARG A 66 4.70 -2.53 20.09
C ARG A 66 4.91 -1.12 20.64
N LYS A 67 5.62 -0.29 19.86
CA LYS A 67 5.91 1.07 20.27
C LYS A 67 5.98 2.00 19.06
N ARG A 68 4.97 2.85 18.93
CA ARG A 68 4.93 3.80 17.83
C ARG A 68 5.86 4.97 18.17
N LYS A 69 6.10 5.83 17.21
CA LYS A 69 6.96 6.99 17.43
C LYS A 69 6.25 8.30 17.10
N GLY A 70 5.19 8.22 16.30
CA GLY A 70 4.45 9.40 15.93
C GLY A 70 4.32 9.52 14.42
N SER A 71 3.09 9.64 13.94
CA SER A 71 2.85 9.78 12.52
C SER A 71 3.63 10.95 11.94
N SER A 1 9.01 -1.50 -19.51
CA SER A 1 9.84 -0.28 -19.44
C SER A 1 9.15 0.84 -18.65
N ASN A 2 8.13 0.49 -17.88
CA ASN A 2 7.43 1.48 -17.08
C ASN A 2 7.69 1.24 -15.59
N ALA A 3 8.05 2.30 -14.88
CA ALA A 3 8.33 2.20 -13.45
C ALA A 3 7.77 3.41 -12.69
N GLY A 4 7.73 4.57 -13.35
CA GLY A 4 7.21 5.76 -12.70
C GLY A 4 5.71 5.89 -12.83
N GLN A 5 4.99 4.79 -12.62
CA GLN A 5 3.55 4.78 -12.71
C GLN A 5 2.94 5.48 -11.51
N LEU A 6 1.63 5.43 -11.38
CA LEU A 6 0.97 6.05 -10.27
C LEU A 6 0.24 5.05 -9.38
N CYS A 7 0.38 5.26 -8.08
CA CYS A 7 -0.24 4.40 -7.08
C CYS A 7 -1.70 4.09 -7.43
N CYS A 8 -2.13 2.86 -7.15
CA CYS A 8 -3.50 2.44 -7.44
C CYS A 8 -4.34 2.34 -6.17
N LEU A 9 -3.82 2.84 -5.05
CA LEU A 9 -4.55 2.83 -3.79
C LEU A 9 -5.20 4.19 -3.54
N ARG A 10 -6.16 4.23 -2.64
CA ARG A 10 -6.86 5.46 -2.32
C ARG A 10 -6.74 5.78 -0.84
N GLU A 11 -6.61 7.06 -0.52
CA GLU A 11 -6.51 7.49 0.86
C GLU A 11 -7.59 8.52 1.18
N ASP A 12 -8.56 8.12 1.99
CA ASP A 12 -9.66 8.99 2.36
C ASP A 12 -10.44 9.44 1.12
N GLY A 13 -10.36 8.63 0.07
CA GLY A 13 -11.06 8.94 -1.16
C GLY A 13 -10.15 9.51 -2.24
N GLU A 14 -8.91 9.83 -1.88
CA GLU A 14 -7.96 10.38 -2.84
C GLU A 14 -7.08 9.29 -3.45
N ARG A 15 -6.90 9.35 -4.77
CA ARG A 15 -6.11 8.36 -5.47
C ARG A 15 -4.61 8.64 -5.31
N CYS A 16 -4.16 8.65 -4.06
CA CYS A 16 -2.75 8.89 -3.71
C CYS A 16 -2.10 10.05 -4.49
N GLY A 17 -1.76 9.81 -5.76
CA GLY A 17 -1.12 10.84 -6.56
C GLY A 17 0.35 10.56 -6.74
N ARG A 18 0.97 10.05 -5.68
CA ARG A 18 2.38 9.70 -5.71
C ARG A 18 2.61 8.58 -6.70
N ALA A 19 3.79 8.54 -7.30
CA ALA A 19 4.10 7.51 -8.27
C ALA A 19 4.28 6.14 -7.59
N ALA A 20 4.21 5.07 -8.39
CA ALA A 20 4.37 3.71 -7.87
C ALA A 20 5.85 3.36 -7.70
N GLY A 21 6.15 2.54 -6.67
CA GLY A 21 7.53 2.17 -6.41
C GLY A 21 7.82 0.70 -6.66
N ASN A 22 8.67 0.12 -5.80
CA ASN A 22 9.07 -1.28 -5.93
C ASN A 22 8.25 -2.21 -5.04
N ALA A 23 7.04 -1.80 -4.69
CA ALA A 23 6.19 -2.62 -3.84
C ALA A 23 4.96 -3.11 -4.58
N SER A 24 4.42 -4.24 -4.15
CA SER A 24 3.24 -4.82 -4.76
C SER A 24 2.13 -5.01 -3.73
N PHE A 25 0.90 -4.98 -4.19
CA PHE A 25 -0.24 -5.17 -3.31
C PHE A 25 -0.62 -6.65 -3.24
N SER A 26 -0.49 -7.22 -2.04
CA SER A 26 -0.80 -8.63 -1.85
C SER A 26 -1.94 -8.81 -0.85
N LYS A 27 -2.14 -10.04 -0.40
CA LYS A 27 -3.18 -10.34 0.59
C LYS A 27 -2.75 -9.96 2.00
N ARG A 28 -1.46 -10.10 2.29
CA ARG A 28 -0.92 -9.76 3.62
C ARG A 28 -1.21 -8.30 3.96
N ILE A 29 -0.97 -7.41 3.01
CA ILE A 29 -1.24 -6.00 3.21
C ILE A 29 -2.73 -5.76 3.37
N GLN A 30 -3.52 -6.56 2.66
CA GLN A 30 -4.97 -6.47 2.73
C GLN A 30 -5.44 -6.81 4.13
N LYS A 31 -4.92 -7.93 4.62
CA LYS A 31 -5.25 -8.41 5.95
C LYS A 31 -4.84 -7.39 7.01
N SER A 32 -3.65 -6.83 6.86
CA SER A 32 -3.17 -5.82 7.80
C SER A 32 -4.13 -4.64 7.82
N ILE A 33 -4.47 -4.14 6.63
CA ILE A 33 -5.41 -3.03 6.50
C ILE A 33 -6.73 -3.39 7.18
N SER A 34 -7.09 -4.67 7.06
CA SER A 34 -8.33 -5.17 7.65
C SER A 34 -8.31 -5.05 9.17
N GLN A 35 -7.17 -5.39 9.77
CA GLN A 35 -7.04 -5.29 11.22
C GLN A 35 -7.02 -3.83 11.65
N LYS A 36 -6.43 -2.99 10.81
CA LYS A 36 -6.36 -1.56 11.08
C LYS A 36 -7.72 -0.93 10.86
N LYS A 37 -8.45 -1.48 9.89
CA LYS A 37 -9.77 -0.96 9.54
C LYS A 37 -9.65 0.53 9.21
N VAL A 38 -8.85 0.84 8.20
CA VAL A 38 -8.63 2.20 7.78
C VAL A 38 -9.30 2.49 6.45
N LYS A 39 -9.29 3.76 6.04
CA LYS A 39 -9.92 4.16 4.78
C LYS A 39 -8.96 3.98 3.60
N ILE A 40 -8.51 2.74 3.41
CA ILE A 40 -7.61 2.40 2.31
C ILE A 40 -8.04 1.09 1.69
N GLU A 41 -8.24 1.10 0.38
CA GLU A 41 -8.66 -0.09 -0.34
C GLU A 41 -8.19 -0.04 -1.80
N LEU A 42 -7.94 -1.20 -2.38
CA LEU A 42 -7.49 -1.26 -3.76
C LEU A 42 -8.50 -0.67 -4.73
N ASP A 43 -7.98 0.00 -5.75
CA ASP A 43 -8.81 0.59 -6.78
C ASP A 43 -8.81 -0.34 -7.98
N LYS A 44 -9.97 -0.54 -8.59
CA LYS A 44 -10.06 -1.44 -9.74
C LYS A 44 -9.99 -0.68 -11.06
N SER A 45 -10.27 0.62 -11.03
CA SER A 45 -10.24 1.43 -12.24
C SER A 45 -8.89 1.33 -12.93
N ALA A 46 -7.86 0.93 -12.18
CA ALA A 46 -6.51 0.80 -12.72
C ALA A 46 -6.35 -0.44 -13.60
N ARG A 47 -5.17 -0.56 -14.20
CA ARG A 47 -4.85 -1.69 -15.07
C ARG A 47 -3.78 -2.56 -14.42
N HIS A 48 -2.96 -1.95 -13.58
CA HIS A 48 -1.87 -2.66 -12.90
C HIS A 48 -1.95 -2.48 -11.39
N LEU A 49 -1.04 -3.15 -10.69
CA LEU A 49 -0.98 -3.05 -9.23
C LEU A 49 0.16 -2.09 -8.84
N TYR A 50 1.14 -2.57 -8.05
CA TYR A 50 2.26 -1.72 -7.64
C TYR A 50 1.80 -0.55 -6.79
N ILE A 51 2.31 -0.49 -5.57
CA ILE A 51 1.98 0.58 -4.66
C ILE A 51 3.20 1.45 -4.38
N CYS A 52 2.97 2.69 -3.98
CA CYS A 52 4.06 3.61 -3.69
C CYS A 52 4.73 3.24 -2.38
N ASP A 53 5.92 3.81 -2.15
CA ASP A 53 6.66 3.55 -0.92
C ASP A 53 5.91 4.11 0.28
N TYR A 54 5.13 5.16 0.04
CA TYR A 54 4.35 5.81 1.08
C TYR A 54 3.43 4.82 1.79
N HIS A 55 2.51 4.24 1.05
CA HIS A 55 1.56 3.28 1.62
C HIS A 55 2.26 2.02 2.12
N LYS A 56 3.29 1.58 1.41
CA LYS A 56 4.03 0.39 1.81
C LYS A 56 4.56 0.55 3.24
N ASN A 57 5.28 1.64 3.47
CA ASN A 57 5.85 1.92 4.78
C ASN A 57 4.77 2.17 5.81
N LEU A 58 3.77 2.95 5.42
CA LEU A 58 2.66 3.29 6.31
C LEU A 58 1.93 2.05 6.82
N ILE A 59 1.67 1.11 5.93
CA ILE A 59 0.94 -0.11 6.28
C ILE A 59 1.82 -1.14 7.01
N GLN A 60 2.94 -1.48 6.42
CA GLN A 60 3.85 -2.49 6.99
C GLN A 60 4.32 -2.13 8.40
N SER A 61 4.64 -0.86 8.63
CA SER A 61 5.20 -0.43 9.91
C SER A 61 4.16 -0.30 11.04
N VAL A 62 2.91 -0.67 10.79
CA VAL A 62 1.90 -0.59 11.84
C VAL A 62 1.86 -1.89 12.64
N ARG A 63 2.16 -3.00 11.96
CA ARG A 63 2.21 -4.30 12.61
C ARG A 63 3.65 -4.78 12.75
N ASN A 64 4.57 -4.12 12.02
CA ASN A 64 5.98 -4.50 12.07
C ASN A 64 6.15 -6.00 11.90
N ARG A 65 5.57 -6.51 10.83
CA ARG A 65 5.61 -7.95 10.55
C ARG A 65 6.93 -8.34 9.85
N ARG A 66 6.94 -8.42 8.52
CA ARG A 66 8.15 -8.78 7.80
C ARG A 66 8.97 -7.53 7.51
N LYS A 67 10.13 -7.71 6.88
CA LYS A 67 10.99 -6.58 6.56
C LYS A 67 12.17 -7.03 5.70
N ARG A 68 12.64 -6.13 4.85
CA ARG A 68 13.78 -6.40 4.01
C ARG A 68 15.05 -5.94 4.69
N LYS A 69 16.18 -6.08 4.02
CA LYS A 69 17.47 -5.65 4.59
C LYS A 69 18.45 -5.27 3.49
N GLY A 70 18.37 -5.97 2.36
CA GLY A 70 19.24 -5.69 1.23
C GLY A 70 18.75 -6.34 -0.03
N SER A 71 19.67 -6.83 -0.85
CA SER A 71 19.30 -7.50 -2.09
C SER A 71 18.48 -6.58 -2.99
N SER A 1 4.24 6.05 -16.75
CA SER A 1 3.95 5.56 -18.12
C SER A 1 4.67 4.24 -18.41
N ASN A 2 5.92 4.11 -17.98
CA ASN A 2 6.67 2.86 -18.20
C ASN A 2 7.60 2.56 -17.03
N ALA A 3 8.23 3.60 -16.50
CA ALA A 3 9.12 3.45 -15.34
C ALA A 3 8.75 4.47 -14.26
N GLY A 4 7.66 5.21 -14.48
CA GLY A 4 7.22 6.20 -13.52
C GLY A 4 5.71 6.23 -13.40
N GLN A 5 5.15 5.12 -12.92
CA GLN A 5 3.70 5.00 -12.76
C GLN A 5 3.24 5.68 -11.47
N LEU A 6 1.96 5.53 -11.16
CA LEU A 6 1.38 6.12 -9.97
C LEU A 6 0.78 5.04 -9.07
N CYS A 7 0.59 5.36 -7.80
CA CYS A 7 0.02 4.42 -6.84
C CYS A 7 -1.41 4.06 -7.23
N CYS A 8 -1.89 2.92 -6.73
CA CYS A 8 -3.25 2.46 -7.06
C CYS A 8 -4.12 2.27 -5.82
N LEU A 9 -3.94 3.13 -4.83
CA LEU A 9 -4.74 3.08 -3.61
C LEU A 9 -5.49 4.39 -3.40
N ARG A 10 -6.63 4.31 -2.73
CA ARG A 10 -7.43 5.50 -2.48
C ARG A 10 -7.67 5.69 -0.98
N GLU A 11 -7.26 6.83 -0.45
CA GLU A 11 -7.45 7.13 0.96
C GLU A 11 -8.59 8.12 1.13
N ASP A 12 -9.63 7.69 1.85
CA ASP A 12 -10.80 8.54 2.08
C ASP A 12 -11.38 9.04 0.76
N GLY A 13 -11.59 8.11 -0.16
CA GLY A 13 -12.13 8.46 -1.47
C GLY A 13 -11.21 9.36 -2.27
N GLU A 14 -9.97 9.53 -1.81
CA GLU A 14 -9.02 10.37 -2.50
C GLU A 14 -7.86 9.54 -3.05
N ARG A 15 -7.62 9.68 -4.35
CA ARG A 15 -6.56 8.94 -5.03
C ARG A 15 -5.17 9.36 -4.55
N CYS A 16 -4.33 8.36 -4.29
CA CYS A 16 -2.96 8.62 -3.84
C CYS A 16 -2.24 9.57 -4.79
N GLY A 17 -1.98 9.10 -6.01
CA GLY A 17 -1.30 9.93 -6.99
C GLY A 17 0.20 9.90 -6.87
N ARG A 18 0.71 9.35 -5.77
CA ARG A 18 2.15 9.27 -5.56
C ARG A 18 2.77 8.23 -6.49
N ALA A 19 3.96 8.53 -7.00
CA ALA A 19 4.66 7.62 -7.90
C ALA A 19 4.81 6.23 -7.30
N ALA A 20 4.53 5.20 -8.11
CA ALA A 20 4.65 3.83 -7.66
C ALA A 20 6.11 3.52 -7.31
N GLY A 21 6.32 2.54 -6.45
CA GLY A 21 7.67 2.20 -6.05
C GLY A 21 8.12 0.83 -6.51
N ASN A 22 8.31 -0.08 -5.56
CA ASN A 22 8.78 -1.42 -5.86
C ASN A 22 7.87 -2.51 -5.29
N ALA A 23 7.02 -2.14 -4.33
CA ALA A 23 6.13 -3.10 -3.70
C ALA A 23 4.86 -3.32 -4.52
N SER A 24 4.17 -4.42 -4.22
CA SER A 24 2.93 -4.76 -4.91
C SER A 24 1.81 -4.96 -3.89
N PHE A 25 0.57 -4.82 -4.36
CA PHE A 25 -0.59 -4.99 -3.50
C PHE A 25 -0.89 -6.49 -3.35
N SER A 26 -0.92 -6.97 -2.12
CA SER A 26 -1.17 -8.38 -1.86
C SER A 26 -2.27 -8.57 -0.83
N LYS A 27 -2.42 -9.81 -0.38
CA LYS A 27 -3.41 -10.16 0.63
C LYS A 27 -2.93 -9.73 2.02
N ARG A 28 -1.64 -9.93 2.27
CA ARG A 28 -1.03 -9.58 3.55
C ARG A 28 -1.33 -8.11 3.89
N ILE A 29 -1.22 -7.24 2.88
CA ILE A 29 -1.49 -5.83 3.08
C ILE A 29 -2.99 -5.62 3.31
N GLN A 30 -3.81 -6.45 2.69
CA GLN A 30 -5.26 -6.37 2.84
C GLN A 30 -5.63 -6.66 4.28
N LYS A 31 -5.05 -7.72 4.83
CA LYS A 31 -5.28 -8.11 6.22
C LYS A 31 -4.76 -7.01 7.15
N SER A 32 -3.57 -6.50 6.82
CA SER A 32 -2.96 -5.44 7.61
C SER A 32 -3.89 -4.25 7.70
N ILE A 33 -4.52 -3.91 6.57
CA ILE A 33 -5.46 -2.80 6.53
C ILE A 33 -6.72 -3.12 7.32
N SER A 34 -7.26 -4.31 7.10
CA SER A 34 -8.46 -4.75 7.80
C SER A 34 -8.27 -4.69 9.31
N GLN A 35 -7.08 -5.04 9.78
CA GLN A 35 -6.77 -5.01 11.19
C GLN A 35 -6.71 -3.57 11.69
N LYS A 36 -6.09 -2.71 10.89
CA LYS A 36 -5.98 -1.30 11.23
C LYS A 36 -7.33 -0.62 11.17
N LYS A 37 -8.16 -1.06 10.23
CA LYS A 37 -9.49 -0.49 10.03
C LYS A 37 -9.36 0.97 9.58
N VAL A 38 -9.10 1.13 8.28
CA VAL A 38 -8.93 2.46 7.70
C VAL A 38 -9.57 2.54 6.32
N LYS A 39 -9.64 3.75 5.77
CA LYS A 39 -10.24 3.95 4.46
C LYS A 39 -9.20 3.82 3.36
N ILE A 40 -8.73 2.61 3.14
CA ILE A 40 -7.75 2.32 2.10
C ILE A 40 -8.11 1.04 1.36
N GLU A 41 -8.36 1.17 0.07
CA GLU A 41 -8.72 0.01 -0.74
C GLU A 41 -8.21 0.18 -2.16
N LEU A 42 -8.33 -0.87 -2.95
CA LEU A 42 -7.89 -0.84 -4.33
C LEU A 42 -8.95 -0.26 -5.26
N ASP A 43 -8.49 0.46 -6.29
CA ASP A 43 -9.38 1.04 -7.27
C ASP A 43 -9.39 0.16 -8.51
N LYS A 44 -10.57 -0.23 -8.96
CA LYS A 44 -10.70 -1.10 -10.12
C LYS A 44 -10.43 -0.37 -11.44
N SER A 45 -10.20 0.94 -11.38
CA SER A 45 -9.93 1.72 -12.58
C SER A 45 -8.48 1.55 -13.04
N ALA A 46 -7.61 1.13 -12.12
CA ALA A 46 -6.20 0.94 -12.43
C ALA A 46 -5.96 -0.36 -13.18
N ARG A 47 -4.71 -0.81 -13.22
CA ARG A 47 -4.34 -2.04 -13.92
C ARG A 47 -3.27 -2.82 -13.15
N HIS A 48 -2.04 -2.31 -13.19
CA HIS A 48 -0.93 -2.96 -12.52
C HIS A 48 -1.09 -2.95 -11.01
N LEU A 49 -0.27 -3.76 -10.35
CA LEU A 49 -0.29 -3.84 -8.88
C LEU A 49 1.06 -3.38 -8.33
N TYR A 50 1.21 -2.06 -8.22
CA TYR A 50 2.45 -1.46 -7.72
C TYR A 50 2.11 -0.24 -6.89
N ILE A 51 2.37 -0.31 -5.61
CA ILE A 51 2.09 0.79 -4.70
C ILE A 51 3.34 1.62 -4.45
N CYS A 52 3.14 2.88 -4.06
CA CYS A 52 4.24 3.77 -3.78
C CYS A 52 4.96 3.34 -2.49
N ASP A 53 6.17 3.85 -2.28
CA ASP A 53 6.94 3.52 -1.09
C ASP A 53 6.24 4.03 0.16
N TYR A 54 5.68 5.23 0.06
CA TYR A 54 4.99 5.86 1.18
C TYR A 54 4.01 4.89 1.84
N HIS A 55 3.04 4.41 1.05
CA HIS A 55 2.05 3.48 1.58
C HIS A 55 2.69 2.18 2.06
N LYS A 56 3.64 1.66 1.30
CA LYS A 56 4.31 0.41 1.68
C LYS A 56 4.82 0.50 3.11
N ASN A 57 5.48 1.60 3.43
CA ASN A 57 6.03 1.83 4.76
C ASN A 57 4.92 2.02 5.80
N LEU A 58 3.95 2.86 5.44
CA LEU A 58 2.83 3.15 6.34
C LEU A 58 2.10 1.86 6.78
N ILE A 59 1.96 0.93 5.86
CA ILE A 59 1.24 -0.32 6.13
C ILE A 59 2.14 -1.41 6.73
N GLN A 60 3.22 -1.74 6.03
CA GLN A 60 4.12 -2.81 6.47
C GLN A 60 4.77 -2.56 7.83
N SER A 61 5.24 -1.33 8.06
CA SER A 61 5.95 -1.01 9.30
C SER A 61 5.08 -1.02 10.57
N VAL A 62 3.83 -1.46 10.47
CA VAL A 62 2.97 -1.52 11.64
C VAL A 62 3.16 -2.86 12.36
N ARG A 63 3.01 -3.96 11.62
CA ARG A 63 3.20 -5.28 12.19
C ARG A 63 4.65 -5.75 12.05
N ASN A 64 5.44 -5.02 11.25
CA ASN A 64 6.84 -5.36 11.04
C ASN A 64 6.98 -6.84 10.70
N ARG A 65 6.74 -7.17 9.44
CA ARG A 65 6.81 -8.56 9.00
C ARG A 65 8.26 -9.02 8.78
N ARG A 66 8.78 -9.75 9.76
CA ARG A 66 10.14 -10.28 9.67
C ARG A 66 10.13 -11.78 9.98
N LYS A 67 8.97 -12.41 9.78
CA LYS A 67 8.81 -13.85 10.02
C LYS A 67 9.13 -14.24 11.46
N ARG A 68 8.20 -13.94 12.35
CA ARG A 68 8.34 -14.27 13.76
C ARG A 68 6.94 -14.46 14.37
N LYS A 69 6.86 -14.60 15.70
CA LYS A 69 5.56 -14.80 16.33
C LYS A 69 5.07 -13.54 17.05
N GLY A 70 5.47 -13.36 18.31
CA GLY A 70 5.03 -12.20 19.06
C GLY A 70 3.97 -12.56 20.09
N SER A 71 4.07 -13.76 20.66
CA SER A 71 3.11 -14.21 21.65
C SER A 71 3.83 -14.90 22.82
N SER A 1 6.92 6.54 -17.88
CA SER A 1 6.96 5.57 -19.01
C SER A 1 6.67 4.14 -18.54
N ASN A 2 7.69 3.41 -18.10
CA ASN A 2 7.50 2.03 -17.65
C ASN A 2 7.76 1.89 -16.16
N ALA A 3 8.65 2.73 -15.64
CA ALA A 3 8.98 2.71 -14.22
C ALA A 3 8.52 4.01 -13.56
N GLY A 4 7.49 4.61 -14.14
CA GLY A 4 6.95 5.85 -13.61
C GLY A 4 5.44 5.91 -13.71
N GLN A 5 4.77 5.11 -12.89
CA GLN A 5 3.31 5.06 -12.88
C GLN A 5 2.75 5.85 -11.70
N LEU A 6 1.51 5.54 -11.32
CA LEU A 6 0.86 6.21 -10.21
C LEU A 6 0.30 5.19 -9.22
N CYS A 7 0.30 5.55 -7.94
CA CYS A 7 -0.20 4.68 -6.89
C CYS A 7 -1.63 4.22 -7.20
N CYS A 8 -1.94 2.97 -6.88
CA CYS A 8 -3.27 2.42 -7.16
C CYS A 8 -4.11 2.26 -5.88
N LEU A 9 -3.95 3.21 -4.97
CA LEU A 9 -4.71 3.21 -3.72
C LEU A 9 -5.39 4.56 -3.52
N ARG A 10 -6.41 4.59 -2.68
CA ARG A 10 -7.13 5.82 -2.41
C ARG A 10 -7.25 6.08 -0.91
N GLU A 11 -6.81 7.25 -0.48
CA GLU A 11 -6.89 7.62 0.93
C GLU A 11 -7.99 8.64 1.14
N ASP A 12 -9.04 8.23 1.85
CA ASP A 12 -10.19 9.10 2.11
C ASP A 12 -10.96 9.37 0.82
N GLY A 13 -11.13 8.33 0.01
CA GLY A 13 -11.85 8.46 -1.25
C GLY A 13 -11.13 9.35 -2.24
N GLU A 14 -9.89 9.74 -1.92
CA GLU A 14 -9.12 10.60 -2.81
C GLU A 14 -7.84 9.88 -3.25
N ARG A 15 -7.60 9.90 -4.56
CA ARG A 15 -6.44 9.25 -5.15
C ARG A 15 -5.13 9.71 -4.50
N CYS A 16 -4.22 8.76 -4.31
CA CYS A 16 -2.92 9.04 -3.71
C CYS A 16 -2.16 10.08 -4.54
N GLY A 17 -1.96 9.78 -5.82
CA GLY A 17 -1.27 10.69 -6.71
C GLY A 17 0.24 10.53 -6.67
N ARG A 18 0.74 9.84 -5.65
CA ARG A 18 2.18 9.62 -5.52
C ARG A 18 2.63 8.47 -6.41
N ALA A 19 3.70 8.69 -7.17
CA ALA A 19 4.23 7.67 -8.07
C ALA A 19 4.36 6.31 -7.38
N ALA A 20 4.28 5.25 -8.17
CA ALA A 20 4.39 3.89 -7.64
C ALA A 20 5.82 3.63 -7.19
N GLY A 21 5.98 2.70 -6.25
CA GLY A 21 7.30 2.40 -5.74
C GLY A 21 7.88 1.10 -6.27
N ASN A 22 8.02 0.12 -5.39
CA ASN A 22 8.61 -1.17 -5.76
C ASN A 22 7.72 -2.34 -5.32
N ALA A 23 7.10 -2.21 -4.15
CA ALA A 23 6.25 -3.27 -3.61
C ALA A 23 4.99 -3.46 -4.44
N SER A 24 4.24 -4.52 -4.12
CA SER A 24 3.01 -4.83 -4.82
C SER A 24 1.91 -5.17 -3.82
N PHE A 25 0.69 -4.78 -4.15
CA PHE A 25 -0.47 -5.05 -3.30
C PHE A 25 -0.70 -6.55 -3.20
N SER A 26 -0.84 -7.06 -1.98
CA SER A 26 -1.05 -8.49 -1.78
C SER A 26 -2.15 -8.74 -0.74
N LYS A 27 -2.20 -9.97 -0.25
CA LYS A 27 -3.17 -10.36 0.76
C LYS A 27 -2.75 -9.88 2.15
N ARG A 28 -1.49 -10.11 2.48
CA ARG A 28 -0.94 -9.70 3.77
C ARG A 28 -1.20 -8.22 4.03
N ILE A 29 -1.06 -7.42 2.98
CA ILE A 29 -1.30 -5.99 3.10
C ILE A 29 -2.79 -5.73 3.31
N GLN A 30 -3.62 -6.59 2.73
CA GLN A 30 -5.07 -6.48 2.88
C GLN A 30 -5.46 -6.77 4.32
N LYS A 31 -4.77 -7.76 4.91
CA LYS A 31 -5.01 -8.13 6.30
C LYS A 31 -4.59 -7.00 7.21
N SER A 32 -3.40 -6.46 6.97
CA SER A 32 -2.89 -5.34 7.75
C SER A 32 -3.88 -4.19 7.72
N ILE A 33 -4.37 -3.88 6.53
CA ILE A 33 -5.34 -2.80 6.35
C ILE A 33 -6.65 -3.16 7.05
N SER A 34 -7.01 -4.43 7.01
CA SER A 34 -8.24 -4.90 7.63
C SER A 34 -8.21 -4.73 9.14
N GLN A 35 -7.06 -5.02 9.75
CA GLN A 35 -6.91 -4.88 11.19
C GLN A 35 -6.84 -3.41 11.58
N LYS A 36 -6.09 -2.63 10.82
CA LYS A 36 -5.96 -1.21 11.09
C LYS A 36 -7.31 -0.53 10.87
N LYS A 37 -8.09 -1.09 9.95
CA LYS A 37 -9.40 -0.55 9.61
C LYS A 37 -9.25 0.91 9.20
N VAL A 38 -8.86 1.13 7.96
CA VAL A 38 -8.67 2.46 7.43
C VAL A 38 -9.41 2.63 6.10
N LYS A 39 -9.45 3.86 5.59
CA LYS A 39 -10.13 4.14 4.35
C LYS A 39 -9.19 4.00 3.15
N ILE A 40 -8.65 2.80 2.98
CA ILE A 40 -7.75 2.53 1.88
C ILE A 40 -8.21 1.28 1.14
N GLU A 41 -8.64 1.47 -0.10
CA GLU A 41 -9.12 0.36 -0.92
C GLU A 41 -8.47 0.38 -2.29
N LEU A 42 -8.50 -0.75 -2.97
CA LEU A 42 -7.90 -0.87 -4.28
C LEU A 42 -8.85 -0.41 -5.39
N ASP A 43 -8.41 0.56 -6.18
CA ASP A 43 -9.21 1.07 -7.28
C ASP A 43 -9.16 0.06 -8.42
N LYS A 44 -10.27 -0.61 -8.67
CA LYS A 44 -10.35 -1.63 -9.70
C LYS A 44 -10.22 -1.04 -11.11
N SER A 45 -10.23 0.28 -11.21
CA SER A 45 -10.11 0.94 -12.51
C SER A 45 -8.68 0.78 -13.06
N ALA A 46 -7.71 0.70 -12.14
CA ALA A 46 -6.31 0.57 -12.53
C ALA A 46 -6.02 -0.80 -13.13
N ARG A 47 -4.73 -1.08 -13.33
CA ARG A 47 -4.29 -2.34 -13.92
C ARG A 47 -3.17 -2.99 -13.08
N HIS A 48 -1.95 -2.49 -13.26
CA HIS A 48 -0.80 -3.01 -12.55
C HIS A 48 -1.02 -3.01 -11.04
N LEU A 49 -0.23 -3.82 -10.34
CA LEU A 49 -0.31 -3.91 -8.89
C LEU A 49 0.99 -3.44 -8.26
N TYR A 50 1.13 -2.12 -8.14
CA TYR A 50 2.32 -1.52 -7.54
C TYR A 50 1.95 -0.28 -6.74
N ILE A 51 2.25 -0.31 -5.45
CA ILE A 51 1.94 0.81 -4.58
C ILE A 51 3.18 1.66 -4.33
N CYS A 52 2.97 2.90 -3.94
CA CYS A 52 4.08 3.82 -3.66
C CYS A 52 4.80 3.41 -2.38
N ASP A 53 5.97 4.00 -2.15
CA ASP A 53 6.74 3.70 -0.96
C ASP A 53 6.02 4.20 0.28
N TYR A 54 5.27 5.28 0.12
CA TYR A 54 4.51 5.87 1.21
C TYR A 54 3.60 4.84 1.88
N HIS A 55 2.72 4.24 1.08
CA HIS A 55 1.79 3.24 1.60
C HIS A 55 2.50 1.94 1.99
N LYS A 56 3.52 1.57 1.23
CA LYS A 56 4.27 0.35 1.51
C LYS A 56 4.80 0.38 2.94
N ASN A 57 5.51 1.45 3.27
CA ASN A 57 6.10 1.61 4.59
C ASN A 57 5.03 1.87 5.65
N LEU A 58 4.00 2.62 5.27
CA LEU A 58 2.91 2.97 6.18
C LEU A 58 2.14 1.72 6.63
N ILE A 59 2.02 0.74 5.74
CA ILE A 59 1.27 -0.48 6.04
C ILE A 59 2.15 -1.63 6.56
N GLN A 60 3.29 -1.84 5.91
CA GLN A 60 4.19 -2.93 6.29
C GLN A 60 4.66 -2.83 7.75
N SER A 61 4.99 -1.63 8.20
CA SER A 61 5.55 -1.44 9.54
C SER A 61 4.50 -1.40 10.65
N VAL A 62 3.58 -2.36 10.67
CA VAL A 62 2.58 -2.42 11.73
C VAL A 62 2.62 -3.79 12.39
N ARG A 63 2.80 -4.83 11.58
CA ARG A 63 2.93 -6.19 12.08
C ARG A 63 4.37 -6.64 12.06
N ASN A 64 5.18 -6.02 11.19
CA ASN A 64 6.60 -6.36 11.07
C ASN A 64 6.79 -7.86 10.99
N ARG A 65 5.80 -8.55 10.44
CA ARG A 65 5.85 -10.01 10.33
C ARG A 65 6.56 -10.48 9.08
N ARG A 66 7.71 -11.11 9.27
CA ARG A 66 8.50 -11.66 8.17
C ARG A 66 9.10 -13.01 8.60
N LYS A 67 8.54 -13.60 9.65
CA LYS A 67 9.01 -14.89 10.16
C LYS A 67 10.46 -14.83 10.62
N ARG A 68 10.63 -14.55 11.91
CA ARG A 68 11.95 -14.48 12.53
C ARG A 68 11.80 -14.55 14.05
N LYS A 69 12.75 -14.03 14.80
CA LYS A 69 12.65 -14.07 16.27
C LYS A 69 12.61 -12.67 16.87
N GLY A 70 13.79 -12.09 17.10
CA GLY A 70 13.86 -10.78 17.70
C GLY A 70 14.42 -10.82 19.10
N SER A 71 15.53 -11.53 19.27
CA SER A 71 16.18 -11.65 20.57
C SER A 71 17.06 -10.44 20.85
N SER A 1 5.72 4.84 -24.56
CA SER A 1 5.10 4.01 -23.50
C SER A 1 5.15 4.71 -22.14
N ASN A 2 5.30 3.95 -21.05
CA ASN A 2 5.32 4.55 -19.72
C ASN A 2 6.49 4.10 -18.85
N ALA A 3 6.97 5.04 -18.05
CA ALA A 3 8.06 4.82 -17.12
C ALA A 3 7.86 5.74 -15.92
N GLY A 4 7.55 5.15 -14.77
CA GLY A 4 7.30 5.95 -13.58
C GLY A 4 5.80 6.02 -13.29
N GLN A 5 5.22 4.85 -13.05
CA GLN A 5 3.79 4.74 -12.79
C GLN A 5 3.38 5.47 -11.51
N LEU A 6 2.07 5.59 -11.32
CA LEU A 6 1.53 6.25 -10.14
C LEU A 6 0.83 5.23 -9.23
N CYS A 7 0.88 5.48 -7.92
CA CYS A 7 0.26 4.59 -6.95
C CYS A 7 -1.16 4.22 -7.37
N CYS A 8 -1.69 3.13 -6.81
CA CYS A 8 -3.04 2.68 -7.16
C CYS A 8 -3.93 2.47 -5.92
N LEU A 9 -3.74 3.30 -4.90
CA LEU A 9 -4.57 3.22 -3.70
C LEU A 9 -5.35 4.52 -3.51
N ARG A 10 -6.41 4.46 -2.70
CA ARG A 10 -7.24 5.63 -2.44
C ARG A 10 -7.27 5.97 -0.96
N GLU A 11 -6.57 7.04 -0.58
CA GLU A 11 -6.55 7.47 0.81
C GLU A 11 -7.75 8.34 1.11
N ASP A 12 -8.67 7.82 1.91
CA ASP A 12 -9.88 8.54 2.26
C ASP A 12 -10.76 8.78 1.04
N GLY A 13 -10.89 7.73 0.22
CA GLY A 13 -11.71 7.82 -0.98
C GLY A 13 -11.10 8.74 -2.02
N GLU A 14 -9.90 9.25 -1.77
CA GLU A 14 -9.23 10.14 -2.69
C GLU A 14 -7.94 9.53 -3.22
N ARG A 15 -7.84 9.47 -4.55
CA ARG A 15 -6.66 8.89 -5.21
C ARG A 15 -5.36 9.34 -4.55
N CYS A 16 -4.31 8.54 -4.75
CA CYS A 16 -3.00 8.84 -4.19
C CYS A 16 -2.24 9.77 -5.14
N GLY A 17 -1.80 9.24 -6.27
CA GLY A 17 -1.07 10.03 -7.24
C GLY A 17 0.43 9.84 -7.15
N ARG A 18 0.95 9.77 -5.92
CA ARG A 18 2.38 9.59 -5.71
C ARG A 18 2.93 8.46 -6.58
N ALA A 19 4.12 8.67 -7.14
CA ALA A 19 4.75 7.67 -8.00
C ALA A 19 4.79 6.30 -7.34
N ALA A 20 4.97 5.27 -8.15
CA ALA A 20 5.04 3.90 -7.66
C ALA A 20 6.50 3.50 -7.49
N GLY A 21 6.77 2.61 -6.54
CA GLY A 21 8.14 2.18 -6.30
C GLY A 21 8.43 0.77 -6.79
N ASN A 22 8.51 -0.18 -5.87
CA ASN A 22 8.82 -1.56 -6.22
C ASN A 22 7.87 -2.56 -5.54
N ALA A 23 7.05 -2.09 -4.61
CA ALA A 23 6.14 -2.97 -3.88
C ALA A 23 4.92 -3.35 -4.73
N SER A 24 4.27 -4.43 -4.34
CA SER A 24 3.09 -4.91 -5.05
C SER A 24 1.98 -5.25 -4.06
N PHE A 25 0.77 -4.84 -4.39
CA PHE A 25 -0.38 -5.12 -3.54
C PHE A 25 -0.73 -6.60 -3.58
N SER A 26 -0.93 -7.18 -2.41
CA SER A 26 -1.25 -8.59 -2.31
C SER A 26 -2.35 -8.80 -1.28
N LYS A 27 -2.45 -10.01 -0.75
CA LYS A 27 -3.43 -10.31 0.29
C LYS A 27 -2.97 -9.87 1.69
N ARG A 28 -1.68 -10.04 1.98
CA ARG A 28 -1.13 -9.67 3.29
C ARG A 28 -1.48 -8.23 3.65
N ILE A 29 -1.23 -7.32 2.73
CA ILE A 29 -1.52 -5.91 2.95
C ILE A 29 -2.99 -5.70 3.29
N GLN A 30 -3.86 -6.43 2.61
CA GLN A 30 -5.30 -6.33 2.86
C GLN A 30 -5.58 -6.69 4.31
N LYS A 31 -4.95 -7.78 4.76
CA LYS A 31 -5.10 -8.24 6.13
C LYS A 31 -4.68 -7.12 7.09
N SER A 32 -3.50 -6.57 6.85
CA SER A 32 -2.97 -5.50 7.68
C SER A 32 -4.00 -4.36 7.76
N ILE A 33 -4.49 -3.93 6.61
CA ILE A 33 -5.48 -2.87 6.56
C ILE A 33 -6.71 -3.25 7.38
N SER A 34 -7.20 -4.47 7.19
CA SER A 34 -8.37 -4.96 7.90
C SER A 34 -8.16 -4.88 9.42
N GLN A 35 -6.96 -5.24 9.86
CA GLN A 35 -6.64 -5.21 11.29
C GLN A 35 -6.45 -3.76 11.76
N LYS A 36 -6.02 -2.91 10.83
CA LYS A 36 -5.83 -1.49 11.14
C LYS A 36 -7.14 -0.75 11.15
N LYS A 37 -7.96 -1.01 10.13
CA LYS A 37 -9.25 -0.36 9.96
C LYS A 37 -9.04 1.09 9.53
N VAL A 38 -8.87 1.28 8.22
CA VAL A 38 -8.64 2.61 7.65
C VAL A 38 -9.27 2.73 6.27
N LYS A 39 -9.48 3.96 5.81
CA LYS A 39 -10.07 4.19 4.50
C LYS A 39 -9.05 4.01 3.38
N ILE A 40 -8.53 2.79 3.26
CA ILE A 40 -7.56 2.48 2.22
C ILE A 40 -7.93 1.18 1.53
N GLU A 41 -8.29 1.27 0.26
CA GLU A 41 -8.67 0.11 -0.51
C GLU A 41 -8.22 0.24 -1.96
N LEU A 42 -8.06 -0.89 -2.61
CA LEU A 42 -7.64 -0.92 -4.00
C LEU A 42 -8.73 -0.43 -4.95
N ASP A 43 -8.30 0.26 -6.00
CA ASP A 43 -9.22 0.75 -7.00
C ASP A 43 -9.33 -0.29 -8.11
N LYS A 44 -10.55 -0.53 -8.60
CA LYS A 44 -10.75 -1.54 -9.63
C LYS A 44 -10.48 -0.98 -11.03
N SER A 45 -10.58 0.33 -11.17
CA SER A 45 -10.35 0.98 -12.47
C SER A 45 -8.92 0.76 -12.96
N ALA A 46 -7.96 0.84 -12.05
CA ALA A 46 -6.55 0.68 -12.40
C ALA A 46 -6.30 -0.64 -13.13
N ARG A 47 -5.02 -0.90 -13.42
CA ARG A 47 -4.61 -2.10 -14.13
C ARG A 47 -3.51 -2.83 -13.38
N HIS A 48 -2.36 -2.17 -13.27
CA HIS A 48 -1.19 -2.75 -12.59
C HIS A 48 -1.38 -2.75 -11.07
N LEU A 49 -0.39 -3.31 -10.37
CA LEU A 49 -0.42 -3.37 -8.92
C LEU A 49 0.94 -2.99 -8.35
N TYR A 50 1.12 -1.69 -8.13
CA TYR A 50 2.37 -1.17 -7.58
C TYR A 50 2.10 0.05 -6.72
N ILE A 51 2.12 -0.14 -5.40
CA ILE A 51 1.88 0.95 -4.47
C ILE A 51 3.12 1.82 -4.31
N CYS A 52 2.94 2.97 -3.66
CA CYS A 52 4.05 3.88 -3.44
C CYS A 52 4.74 3.57 -2.12
N ASP A 53 6.00 3.99 -2.01
CA ASP A 53 6.77 3.76 -0.78
C ASP A 53 5.98 4.25 0.44
N TYR A 54 5.30 5.37 0.27
CA TYR A 54 4.51 5.96 1.35
C TYR A 54 3.55 4.94 1.96
N HIS A 55 2.62 4.45 1.15
CA HIS A 55 1.64 3.48 1.63
C HIS A 55 2.30 2.17 2.03
N LYS A 56 3.37 1.80 1.33
CA LYS A 56 4.08 0.56 1.63
C LYS A 56 4.54 0.55 3.08
N ASN A 57 5.27 1.61 3.46
CA ASN A 57 5.79 1.74 4.82
C ASN A 57 4.67 1.97 5.82
N LEU A 58 3.67 2.73 5.40
CA LEU A 58 2.53 3.05 6.26
C LEU A 58 1.77 1.79 6.69
N ILE A 59 1.63 0.85 5.77
CA ILE A 59 0.88 -0.38 6.05
C ILE A 59 1.76 -1.52 6.58
N GLN A 60 2.99 -1.60 6.10
CA GLN A 60 3.92 -2.65 6.50
C GLN A 60 4.37 -2.52 7.96
N SER A 61 4.64 -1.29 8.39
CA SER A 61 5.16 -1.07 9.74
C SER A 61 4.13 -0.66 10.78
N VAL A 62 3.13 -1.50 11.01
CA VAL A 62 2.11 -1.22 12.03
C VAL A 62 1.90 -2.47 12.89
N ARG A 63 1.92 -3.64 12.25
CA ARG A 63 1.79 -4.90 12.97
C ARG A 63 3.13 -5.64 12.98
N ASN A 64 4.21 -4.91 12.70
CA ASN A 64 5.56 -5.48 12.68
C ASN A 64 5.76 -6.50 13.80
N ARG A 65 5.80 -7.77 13.44
CA ARG A 65 5.98 -8.85 14.40
C ARG A 65 7.44 -9.27 14.48
N ARG A 66 8.17 -9.06 13.39
CA ARG A 66 9.59 -9.39 13.34
C ARG A 66 10.36 -8.38 12.50
N LYS A 67 9.70 -7.29 12.10
CA LYS A 67 10.34 -6.25 11.29
C LYS A 67 11.09 -5.28 12.20
N ARG A 68 10.77 -5.29 13.49
CA ARG A 68 11.45 -4.41 14.44
C ARG A 68 11.28 -2.95 14.01
N LYS A 69 12.20 -2.09 14.45
CA LYS A 69 12.16 -0.68 14.10
C LYS A 69 13.49 -0.25 13.50
N GLY A 70 14.58 -0.76 14.07
CA GLY A 70 15.91 -0.42 13.60
C GLY A 70 16.98 -0.87 14.57
N SER A 71 17.07 -0.20 15.71
CA SER A 71 18.04 -0.55 16.74
C SER A 71 17.47 -1.61 17.67
N SER A 1 8.98 0.54 -21.35
CA SER A 1 7.66 1.09 -21.75
C SER A 1 6.80 1.43 -20.54
N ASN A 2 7.41 1.43 -19.34
CA ASN A 2 6.70 1.76 -18.12
C ASN A 2 7.66 2.17 -17.01
N ALA A 3 7.79 3.47 -16.79
CA ALA A 3 8.65 4.01 -15.76
C ALA A 3 8.18 5.40 -15.36
N GLY A 4 6.96 5.46 -14.83
CA GLY A 4 6.39 6.72 -14.41
C GLY A 4 4.90 6.58 -14.14
N GLN A 5 4.56 5.79 -13.12
CA GLN A 5 3.17 5.55 -12.76
C GLN A 5 2.82 6.25 -11.46
N LEU A 6 1.60 6.01 -10.98
CA LEU A 6 1.13 6.63 -9.75
C LEU A 6 0.41 5.60 -8.87
N CYS A 7 0.52 5.75 -7.57
CA CYS A 7 -0.12 4.84 -6.61
C CYS A 7 -1.57 4.56 -7.00
N CYS A 8 -2.00 3.31 -6.84
CA CYS A 8 -3.37 2.91 -7.22
C CYS A 8 -4.26 2.66 -6.00
N LEU A 9 -3.93 3.30 -4.89
CA LEU A 9 -4.73 3.17 -3.67
C LEU A 9 -5.50 4.46 -3.41
N ARG A 10 -6.61 4.35 -2.70
CA ARG A 10 -7.43 5.50 -2.39
C ARG A 10 -7.52 5.75 -0.89
N GLU A 11 -6.93 6.85 -0.44
CA GLU A 11 -6.97 7.21 0.96
C GLU A 11 -8.03 8.28 1.20
N ASP A 12 -9.22 7.83 1.57
CA ASP A 12 -10.34 8.74 1.81
C ASP A 12 -10.87 9.29 0.49
N GLY A 13 -10.98 8.40 -0.50
CA GLY A 13 -11.48 8.79 -1.80
C GLY A 13 -10.45 9.53 -2.64
N GLU A 14 -9.27 9.77 -2.08
CA GLU A 14 -8.21 10.49 -2.78
C GLU A 14 -7.22 9.51 -3.42
N ARG A 15 -7.11 9.62 -4.75
CA ARG A 15 -6.21 8.75 -5.51
C ARG A 15 -4.75 9.09 -5.27
N CYS A 16 -4.31 8.96 -4.02
CA CYS A 16 -2.92 9.24 -3.62
C CYS A 16 -2.23 10.31 -4.49
N GLY A 17 -1.53 9.90 -5.54
CA GLY A 17 -0.87 10.86 -6.41
C GLY A 17 0.62 10.60 -6.54
N ARG A 18 1.24 10.14 -5.46
CA ARG A 18 2.68 9.87 -5.47
C ARG A 18 3.01 8.78 -6.48
N ALA A 19 4.24 8.78 -6.96
CA ALA A 19 4.70 7.80 -7.96
C ALA A 19 4.76 6.40 -7.37
N ALA A 20 4.52 5.39 -8.21
CA ALA A 20 4.58 4.01 -7.78
C ALA A 20 5.98 3.64 -7.34
N GLY A 21 6.08 2.78 -6.34
CA GLY A 21 7.39 2.39 -5.83
C GLY A 21 7.89 1.07 -6.38
N ASN A 22 8.12 0.12 -5.48
CA ASN A 22 8.62 -1.20 -5.86
C ASN A 22 7.81 -2.34 -5.23
N ALA A 23 6.77 -2.00 -4.47
CA ALA A 23 5.95 -3.01 -3.81
C ALA A 23 4.72 -3.34 -4.63
N SER A 24 4.04 -4.43 -4.26
CA SER A 24 2.84 -4.86 -4.96
C SER A 24 1.72 -5.10 -3.96
N PHE A 25 0.48 -4.95 -4.42
CA PHE A 25 -0.67 -5.17 -3.56
C PHE A 25 -0.95 -6.67 -3.44
N SER A 26 -0.64 -7.21 -2.27
CA SER A 26 -0.83 -8.63 -2.02
C SER A 26 -1.87 -8.86 -0.92
N LYS A 27 -1.88 -10.05 -0.35
CA LYS A 27 -2.82 -10.39 0.73
C LYS A 27 -2.35 -9.84 2.07
N ARG A 28 -1.05 -9.97 2.34
CA ARG A 28 -0.47 -9.50 3.59
C ARG A 28 -0.84 -8.05 3.84
N ILE A 29 -0.83 -7.26 2.77
CA ILE A 29 -1.18 -5.85 2.87
C ILE A 29 -2.67 -5.69 3.11
N GLN A 30 -3.47 -6.55 2.46
CA GLN A 30 -4.91 -6.53 2.63
C GLN A 30 -5.27 -6.77 4.10
N LYS A 31 -4.70 -7.83 4.65
CA LYS A 31 -4.94 -8.18 6.05
C LYS A 31 -4.48 -7.04 6.95
N SER A 32 -3.33 -6.47 6.63
CA SER A 32 -2.79 -5.36 7.39
C SER A 32 -3.79 -4.22 7.43
N ILE A 33 -4.36 -3.90 6.28
CA ILE A 33 -5.35 -2.84 6.21
C ILE A 33 -6.55 -3.19 7.10
N SER A 34 -7.02 -4.42 6.97
CA SER A 34 -8.16 -4.90 7.74
C SER A 34 -7.89 -4.80 9.24
N GLN A 35 -6.64 -4.93 9.63
CA GLN A 35 -6.27 -4.84 11.04
C GLN A 35 -6.23 -3.38 11.47
N LYS A 36 -5.71 -2.53 10.59
CA LYS A 36 -5.63 -1.10 10.85
C LYS A 36 -7.02 -0.49 10.82
N LYS A 37 -7.84 -0.98 9.90
CA LYS A 37 -9.20 -0.47 9.73
C LYS A 37 -9.15 1.01 9.37
N VAL A 38 -8.78 1.28 8.13
CA VAL A 38 -8.67 2.65 7.64
C VAL A 38 -9.48 2.84 6.37
N LYS A 39 -9.52 4.07 5.87
CA LYS A 39 -10.28 4.38 4.65
C LYS A 39 -9.44 4.12 3.40
N ILE A 40 -8.78 2.97 3.36
CA ILE A 40 -7.96 2.61 2.21
C ILE A 40 -8.58 1.43 1.48
N GLU A 41 -8.81 1.60 0.18
CA GLU A 41 -9.40 0.55 -0.63
C GLU A 41 -8.72 0.47 -1.98
N LEU A 42 -8.97 -0.61 -2.71
CA LEU A 42 -8.39 -0.77 -4.03
C LEU A 42 -9.39 -0.45 -5.11
N ASP A 43 -8.95 0.25 -6.13
CA ASP A 43 -9.79 0.60 -7.25
C ASP A 43 -9.57 -0.43 -8.35
N LYS A 44 -10.63 -1.14 -8.70
CA LYS A 44 -10.55 -2.19 -9.72
C LYS A 44 -10.27 -1.61 -11.11
N SER A 45 -10.57 -0.32 -11.30
CA SER A 45 -10.35 0.31 -12.59
C SER A 45 -8.89 0.21 -13.02
N ALA A 46 -7.99 0.29 -12.04
CA ALA A 46 -6.55 0.22 -12.31
C ALA A 46 -6.16 -1.08 -13.01
N ARG A 47 -4.90 -1.17 -13.38
CA ARG A 47 -4.38 -2.34 -14.07
C ARG A 47 -3.20 -2.95 -13.30
N HIS A 48 -2.16 -2.14 -13.10
CA HIS A 48 -0.97 -2.60 -12.40
C HIS A 48 -1.19 -2.67 -10.89
N LEU A 49 -0.49 -3.60 -10.24
CA LEU A 49 -0.58 -3.77 -8.80
C LEU A 49 0.69 -3.29 -8.13
N TYR A 50 0.97 -2.00 -8.27
CA TYR A 50 2.15 -1.40 -7.67
C TYR A 50 1.77 -0.21 -6.81
N ILE A 51 2.19 -0.23 -5.55
CA ILE A 51 1.88 0.85 -4.62
C ILE A 51 3.11 1.68 -4.34
N CYS A 52 2.89 2.93 -3.90
CA CYS A 52 3.99 3.83 -3.58
C CYS A 52 4.72 3.35 -2.32
N ASP A 53 5.96 3.78 -2.18
CA ASP A 53 6.77 3.41 -1.02
C ASP A 53 6.12 3.95 0.26
N TYR A 54 5.39 5.05 0.12
CA TYR A 54 4.71 5.68 1.25
C TYR A 54 3.75 4.71 1.93
N HIS A 55 2.76 4.24 1.17
CA HIS A 55 1.76 3.32 1.70
C HIS A 55 2.38 1.96 2.07
N LYS A 56 3.39 1.54 1.31
CA LYS A 56 4.04 0.26 1.58
C LYS A 56 4.66 0.26 2.97
N ASN A 57 5.49 1.25 3.25
CA ASN A 57 6.17 1.36 4.52
C ASN A 57 5.18 1.63 5.65
N LEU A 58 4.16 2.41 5.35
CA LEU A 58 3.14 2.77 6.33
C LEU A 58 2.31 1.54 6.76
N ILE A 59 2.01 0.68 5.79
CA ILE A 59 1.20 -0.51 6.06
C ILE A 59 2.00 -1.63 6.73
N GLN A 60 3.17 -1.93 6.20
CA GLN A 60 4.01 -3.01 6.74
C GLN A 60 4.39 -2.81 8.20
N SER A 61 4.51 -1.55 8.63
CA SER A 61 4.96 -1.25 9.98
C SER A 61 3.83 -1.12 11.02
N VAL A 62 2.73 -1.83 10.82
CA VAL A 62 1.64 -1.79 11.80
C VAL A 62 1.25 -3.21 12.25
N ARG A 63 1.41 -4.17 11.34
CA ARG A 63 1.11 -5.56 11.63
C ARG A 63 2.35 -6.25 12.22
N ASN A 64 3.51 -5.61 12.06
CA ASN A 64 4.76 -6.16 12.56
C ASN A 64 5.38 -5.23 13.61
N ARG A 65 4.99 -5.40 14.86
CA ARG A 65 5.52 -4.57 15.95
C ARG A 65 5.51 -5.31 17.28
N ARG A 66 5.88 -6.59 17.24
CA ARG A 66 5.96 -7.41 18.44
C ARG A 66 7.37 -7.99 18.59
N LYS A 67 8.04 -8.19 17.46
CA LYS A 67 9.41 -8.71 17.43
C LYS A 67 9.48 -10.17 17.89
N ARG A 68 9.47 -11.07 16.92
CA ARG A 68 9.56 -12.50 17.17
C ARG A 68 10.31 -13.19 16.03
N LYS A 69 10.07 -12.74 14.80
CA LYS A 69 10.72 -13.29 13.63
C LYS A 69 10.44 -14.79 13.49
N GLY A 70 11.28 -15.61 14.11
CA GLY A 70 11.11 -17.04 14.03
C GLY A 70 12.44 -17.76 14.00
N SER A 71 12.43 -19.02 13.57
CA SER A 71 13.65 -19.80 13.50
C SER A 71 14.26 -19.97 14.88
N SER A 1 9.49 1.99 -19.29
CA SER A 1 8.15 1.42 -19.47
C SER A 1 7.58 0.84 -18.17
N ASN A 2 8.27 1.06 -17.06
CA ASN A 2 7.79 0.60 -15.76
C ASN A 2 8.36 1.45 -14.63
N ALA A 3 7.96 2.70 -14.64
CA ALA A 3 8.40 3.67 -13.64
C ALA A 3 7.48 4.90 -13.64
N GLY A 4 6.99 5.26 -14.82
CA GLY A 4 6.07 6.39 -14.93
C GLY A 4 4.64 5.99 -14.63
N GLN A 5 4.42 5.41 -13.46
CA GLN A 5 3.08 4.99 -13.05
C GLN A 5 2.69 5.64 -11.74
N LEU A 6 1.40 5.65 -11.43
CA LEU A 6 0.91 6.25 -10.19
C LEU A 6 0.36 5.18 -9.25
N CYS A 7 0.28 5.53 -7.98
CA CYS A 7 -0.23 4.62 -6.95
C CYS A 7 -1.63 4.12 -7.33
N CYS A 8 -1.99 2.94 -6.83
CA CYS A 8 -3.29 2.35 -7.13
C CYS A 8 -4.16 2.19 -5.87
N LEU A 9 -3.85 2.99 -4.86
CA LEU A 9 -4.61 2.98 -3.61
C LEU A 9 -5.25 4.34 -3.39
N ARG A 10 -6.27 4.38 -2.56
CA ARG A 10 -6.96 5.63 -2.27
C ARG A 10 -7.05 5.88 -0.77
N GLU A 11 -6.75 7.11 -0.36
CA GLU A 11 -6.82 7.48 1.04
C GLU A 11 -7.94 8.50 1.27
N ASP A 12 -9.01 8.05 1.90
CA ASP A 12 -10.15 8.92 2.17
C ASP A 12 -10.75 9.44 0.86
N GLY A 13 -10.82 8.56 -0.13
CA GLY A 13 -11.38 8.93 -1.42
C GLY A 13 -10.37 9.61 -2.33
N GLU A 14 -9.17 9.89 -1.80
CA GLU A 14 -8.13 10.55 -2.57
C GLU A 14 -7.23 9.52 -3.26
N ARG A 15 -6.99 9.73 -4.55
CA ARG A 15 -6.17 8.81 -5.34
C ARG A 15 -4.68 9.09 -5.17
N CYS A 16 -4.20 8.96 -3.94
CA CYS A 16 -2.79 9.16 -3.59
C CYS A 16 -2.09 10.21 -4.47
N GLY A 17 -1.40 9.78 -5.53
CA GLY A 17 -0.71 10.71 -6.40
C GLY A 17 0.77 10.42 -6.51
N ARG A 18 1.34 9.81 -5.46
CA ARG A 18 2.76 9.48 -5.45
C ARG A 18 3.06 8.37 -6.45
N ALA A 19 4.16 8.52 -7.20
CA ALA A 19 4.56 7.54 -8.20
C ALA A 19 4.77 6.16 -7.58
N ALA A 20 4.40 5.13 -8.32
CA ALA A 20 4.57 3.76 -7.86
C ALA A 20 6.04 3.49 -7.54
N GLY A 21 6.31 2.49 -6.72
CA GLY A 21 7.68 2.20 -6.34
C GLY A 21 8.12 0.78 -6.65
N ASN A 22 8.41 0.03 -5.59
CA ASN A 22 8.87 -1.34 -5.72
C ASN A 22 8.03 -2.32 -4.91
N ALA A 23 6.85 -1.89 -4.48
CA ALA A 23 5.96 -2.73 -3.70
C ALA A 23 4.72 -3.12 -4.48
N SER A 24 4.18 -4.30 -4.16
CA SER A 24 2.98 -4.80 -4.83
C SER A 24 1.88 -5.08 -3.81
N PHE A 25 0.64 -4.93 -4.24
CA PHE A 25 -0.51 -5.19 -3.38
C PHE A 25 -0.80 -6.68 -3.33
N SER A 26 -0.76 -7.25 -2.13
CA SER A 26 -0.99 -8.67 -1.94
C SER A 26 -2.09 -8.93 -0.91
N LYS A 27 -2.09 -10.15 -0.36
CA LYS A 27 -3.06 -10.54 0.66
C LYS A 27 -2.66 -9.99 2.04
N ARG A 28 -1.36 -10.10 2.35
CA ARG A 28 -0.82 -9.64 3.63
C ARG A 28 -1.21 -8.20 3.90
N ILE A 29 -1.08 -7.34 2.90
CA ILE A 29 -1.46 -5.94 3.07
C ILE A 29 -2.95 -5.83 3.32
N GLN A 30 -3.73 -6.66 2.63
CA GLN A 30 -5.18 -6.66 2.79
C GLN A 30 -5.52 -7.04 4.23
N LYS A 31 -4.89 -8.11 4.69
CA LYS A 31 -5.07 -8.60 6.03
C LYS A 31 -4.64 -7.54 7.05
N SER A 32 -3.47 -6.96 6.83
CA SER A 32 -2.95 -5.93 7.71
C SER A 32 -3.95 -4.78 7.81
N ILE A 33 -4.44 -4.32 6.66
CA ILE A 33 -5.41 -3.24 6.62
C ILE A 33 -6.67 -3.65 7.39
N SER A 34 -7.16 -4.86 7.14
CA SER A 34 -8.35 -5.35 7.80
C SER A 34 -8.21 -5.30 9.32
N GLN A 35 -7.02 -5.59 9.82
CA GLN A 35 -6.77 -5.58 11.25
C GLN A 35 -6.72 -4.14 11.76
N LYS A 36 -6.34 -3.22 10.89
CA LYS A 36 -6.25 -1.81 11.23
C LYS A 36 -7.61 -1.14 11.04
N LYS A 37 -8.27 -1.50 9.95
CA LYS A 37 -9.56 -0.93 9.59
C LYS A 37 -9.41 0.55 9.29
N VAL A 38 -9.14 0.86 8.03
CA VAL A 38 -8.94 2.24 7.59
C VAL A 38 -9.65 2.50 6.27
N LYS A 39 -9.66 3.77 5.85
CA LYS A 39 -10.30 4.16 4.61
C LYS A 39 -9.36 4.02 3.43
N ILE A 40 -8.82 2.81 3.24
CA ILE A 40 -7.91 2.55 2.14
C ILE A 40 -8.33 1.30 1.39
N GLU A 41 -8.66 1.45 0.10
CA GLU A 41 -9.07 0.32 -0.71
C GLU A 41 -8.44 0.41 -2.10
N LEU A 42 -8.38 -0.73 -2.77
CA LEU A 42 -7.79 -0.79 -4.09
C LEU A 42 -8.80 -0.38 -5.17
N ASP A 43 -8.42 0.62 -5.96
CA ASP A 43 -9.26 1.10 -7.05
C ASP A 43 -9.22 0.08 -8.18
N LYS A 44 -10.38 -0.26 -8.72
CA LYS A 44 -10.44 -1.25 -9.78
C LYS A 44 -10.22 -0.63 -11.16
N SER A 45 -10.23 0.70 -11.24
CA SER A 45 -10.03 1.37 -12.52
C SER A 45 -8.60 1.19 -13.02
N ALA A 46 -7.69 0.88 -12.12
CA ALA A 46 -6.28 0.68 -12.47
C ALA A 46 -6.09 -0.54 -13.39
N ARG A 47 -4.86 -1.06 -13.42
CA ARG A 47 -4.55 -2.22 -14.25
C ARG A 47 -3.59 -3.16 -13.53
N HIS A 48 -2.42 -2.62 -13.18
CA HIS A 48 -1.39 -3.40 -12.51
C HIS A 48 -1.57 -3.38 -11.00
N LEU A 49 -0.59 -3.93 -10.29
CA LEU A 49 -0.60 -3.96 -8.83
C LEU A 49 0.74 -3.49 -8.29
N TYR A 50 0.94 -2.18 -8.32
CA TYR A 50 2.17 -1.57 -7.86
C TYR A 50 1.86 -0.32 -7.05
N ILE A 51 2.09 -0.38 -5.76
CA ILE A 51 1.82 0.74 -4.88
C ILE A 51 3.06 1.61 -4.71
N CYS A 52 2.87 2.77 -4.09
CA CYS A 52 3.97 3.68 -3.86
C CYS A 52 4.68 3.34 -2.55
N ASP A 53 5.88 3.88 -2.37
CA ASP A 53 6.66 3.62 -1.16
C ASP A 53 5.92 4.17 0.06
N TYR A 54 5.27 5.32 -0.12
CA TYR A 54 4.54 5.96 0.96
C TYR A 54 3.60 4.99 1.65
N HIS A 55 2.64 4.45 0.90
CA HIS A 55 1.67 3.52 1.46
C HIS A 55 2.34 2.25 1.97
N LYS A 56 3.40 1.81 1.29
CA LYS A 56 4.11 0.61 1.71
C LYS A 56 4.61 0.77 3.15
N ASN A 57 5.32 1.86 3.40
CA ASN A 57 5.87 2.14 4.73
C ASN A 57 4.75 2.41 5.74
N LEU A 58 3.71 3.09 5.29
CA LEU A 58 2.59 3.44 6.15
C LEU A 58 1.88 2.19 6.70
N ILE A 59 1.69 1.19 5.84
CA ILE A 59 0.99 -0.03 6.23
C ILE A 59 1.90 -1.08 6.85
N GLN A 60 3.00 -1.40 6.16
CA GLN A 60 3.93 -2.42 6.63
C GLN A 60 4.51 -2.14 8.02
N SER A 61 4.87 -0.89 8.28
CA SER A 61 5.51 -0.52 9.52
C SER A 61 4.56 -0.35 10.72
N VAL A 62 3.41 -1.03 10.70
CA VAL A 62 2.49 -0.94 11.82
C VAL A 62 2.63 -2.14 12.74
N ARG A 63 3.14 -3.25 12.18
CA ARG A 63 3.37 -4.46 12.95
C ARG A 63 4.82 -4.51 13.43
N ASN A 64 5.67 -3.67 12.84
CA ASN A 64 7.08 -3.59 13.19
C ASN A 64 7.60 -2.18 12.96
N ARG A 65 7.58 -1.37 14.02
CA ARG A 65 8.02 0.02 13.94
C ARG A 65 9.53 0.12 13.69
N ARG A 66 10.05 1.34 13.75
CA ARG A 66 11.47 1.60 13.56
C ARG A 66 12.22 1.49 14.88
N LYS A 67 13.28 0.67 14.88
CA LYS A 67 14.07 0.48 16.09
C LYS A 67 15.53 0.18 15.74
N ARG A 68 16.41 0.42 16.70
CA ARG A 68 17.83 0.16 16.52
C ARG A 68 18.36 -0.69 17.66
N LYS A 69 19.23 -1.63 17.34
CA LYS A 69 19.82 -2.51 18.35
C LYS A 69 21.00 -1.85 19.02
N GLY A 70 21.62 -0.90 18.32
CA GLY A 70 22.77 -0.20 18.85
C GLY A 70 23.65 0.37 17.77
N SER A 71 23.86 -0.41 16.71
CA SER A 71 24.68 0.01 15.59
C SER A 71 26.09 0.38 16.05
N SER A 1 -0.21 8.54 -18.13
CA SER A 1 1.05 8.45 -18.91
C SER A 1 1.78 7.14 -18.64
N ASN A 2 2.55 6.70 -19.65
CA ASN A 2 3.31 5.46 -19.55
C ASN A 2 4.79 5.76 -19.29
N ALA A 3 5.03 6.53 -18.24
CA ALA A 3 6.38 6.91 -17.84
C ALA A 3 6.33 7.54 -16.46
N GLY A 4 6.33 6.71 -15.43
CA GLY A 4 6.25 7.20 -14.07
C GLY A 4 4.84 7.07 -13.54
N GLN A 5 4.37 5.84 -13.42
CA GLN A 5 3.02 5.56 -12.94
C GLN A 5 2.75 6.21 -11.59
N LEU A 6 1.53 5.99 -11.09
CA LEU A 6 1.12 6.54 -9.81
C LEU A 6 0.59 5.43 -8.90
N CYS A 7 0.16 5.81 -7.70
CA CYS A 7 -0.36 4.86 -6.73
C CYS A 7 -1.81 4.50 -7.06
N CYS A 8 -2.14 3.20 -6.99
CA CYS A 8 -3.49 2.73 -7.29
C CYS A 8 -4.34 2.58 -6.03
N LEU A 9 -3.93 3.23 -4.96
CA LEU A 9 -4.65 3.19 -3.69
C LEU A 9 -5.48 4.44 -3.55
N ARG A 10 -6.45 4.42 -2.64
CA ARG A 10 -7.32 5.58 -2.44
C ARG A 10 -7.40 5.94 -0.96
N GLU A 11 -6.85 7.09 -0.61
CA GLU A 11 -6.89 7.56 0.77
C GLU A 11 -8.08 8.49 0.97
N ASP A 12 -9.22 7.91 1.33
CA ASP A 12 -10.44 8.68 1.53
C ASP A 12 -10.89 9.34 0.22
N GLY A 13 -10.91 8.54 -0.85
CA GLY A 13 -11.32 9.05 -2.14
C GLY A 13 -10.19 9.70 -2.91
N GLU A 14 -9.08 9.98 -2.23
CA GLU A 14 -7.93 10.61 -2.87
C GLU A 14 -6.99 9.56 -3.45
N ARG A 15 -6.72 9.67 -4.75
CA ARG A 15 -5.84 8.71 -5.42
C ARG A 15 -4.37 8.97 -5.09
N CYS A 16 -4.05 8.95 -3.80
CA CYS A 16 -2.68 9.17 -3.31
C CYS A 16 -2.00 10.40 -3.94
N GLY A 17 -1.64 10.29 -5.21
CA GLY A 17 -0.98 11.39 -5.89
C GLY A 17 0.53 11.29 -5.77
N ARG A 18 1.03 10.08 -5.63
CA ARG A 18 2.46 9.84 -5.49
C ARG A 18 2.93 8.76 -6.47
N ALA A 19 4.13 8.95 -7.01
CA ALA A 19 4.69 8.00 -7.97
C ALA A 19 4.77 6.59 -7.39
N ALA A 20 4.58 5.59 -8.25
CA ALA A 20 4.65 4.20 -7.82
C ALA A 20 6.04 3.89 -7.26
N GLY A 21 6.16 2.77 -6.55
CA GLY A 21 7.44 2.43 -5.97
C GLY A 21 8.00 1.10 -6.45
N ASN A 22 8.25 0.20 -5.50
CA ASN A 22 8.82 -1.11 -5.82
C ASN A 22 7.91 -2.25 -5.38
N ALA A 23 7.31 -2.12 -4.20
CA ALA A 23 6.44 -3.15 -3.67
C ALA A 23 5.18 -3.32 -4.51
N SER A 24 4.44 -4.40 -4.25
CA SER A 24 3.21 -4.69 -4.96
C SER A 24 2.09 -5.02 -3.98
N PHE A 25 0.85 -4.78 -4.40
CA PHE A 25 -0.30 -5.07 -3.55
C PHE A 25 -0.44 -6.57 -3.37
N SER A 26 -0.75 -6.99 -2.14
CA SER A 26 -0.90 -8.42 -1.84
C SER A 26 -2.01 -8.66 -0.82
N LYS A 27 -2.09 -9.88 -0.31
CA LYS A 27 -3.08 -10.26 0.69
C LYS A 27 -2.69 -9.77 2.07
N ARG A 28 -1.44 -10.05 2.46
CA ARG A 28 -0.91 -9.66 3.77
C ARG A 28 -1.15 -8.18 4.01
N ILE A 29 -1.01 -7.37 2.97
CA ILE A 29 -1.24 -5.93 3.09
C ILE A 29 -2.73 -5.67 3.33
N GLN A 30 -3.57 -6.49 2.70
CA GLN A 30 -5.02 -6.37 2.86
C GLN A 30 -5.40 -6.68 4.30
N LYS A 31 -4.80 -7.75 4.81
CA LYS A 31 -5.03 -8.19 6.17
C LYS A 31 -4.60 -7.09 7.15
N SER A 32 -3.47 -6.46 6.86
CA SER A 32 -2.95 -5.39 7.70
C SER A 32 -3.92 -4.21 7.70
N ILE A 33 -4.40 -3.86 6.51
CA ILE A 33 -5.35 -2.76 6.39
C ILE A 33 -6.57 -3.04 7.27
N SER A 34 -7.12 -4.24 7.12
CA SER A 34 -8.29 -4.64 7.88
C SER A 34 -8.06 -4.48 9.38
N GLN A 35 -6.94 -5.00 9.87
CA GLN A 35 -6.60 -4.89 11.29
C GLN A 35 -6.74 -3.45 11.76
N LYS A 36 -6.47 -2.52 10.84
CA LYS A 36 -6.59 -1.09 11.13
C LYS A 36 -8.00 -0.61 10.80
N LYS A 37 -8.58 -1.18 9.74
CA LYS A 37 -9.91 -0.80 9.30
C LYS A 37 -9.90 0.67 8.87
N VAL A 38 -9.05 0.98 7.90
CA VAL A 38 -8.92 2.34 7.40
C VAL A 38 -9.58 2.48 6.03
N LYS A 39 -9.69 3.73 5.55
CA LYS A 39 -10.30 3.99 4.25
C LYS A 39 -9.29 3.83 3.12
N ILE A 40 -8.59 2.71 3.12
CA ILE A 40 -7.61 2.42 2.08
C ILE A 40 -7.86 1.04 1.49
N GLU A 41 -8.31 1.02 0.24
CA GLU A 41 -8.59 -0.23 -0.44
C GLU A 41 -8.28 -0.11 -1.92
N LEU A 42 -7.92 -1.22 -2.54
CA LEU A 42 -7.58 -1.22 -3.95
C LEU A 42 -8.77 -0.79 -4.81
N ASP A 43 -8.48 -0.02 -5.85
CA ASP A 43 -9.49 0.44 -6.77
C ASP A 43 -9.58 -0.55 -7.92
N LYS A 44 -10.78 -0.82 -8.40
CA LYS A 44 -10.96 -1.78 -9.49
C LYS A 44 -10.73 -1.14 -10.86
N SER A 45 -10.68 0.19 -10.91
CA SER A 45 -10.45 0.89 -12.17
C SER A 45 -9.02 0.72 -12.66
N ALA A 46 -8.13 0.30 -11.75
CA ALA A 46 -6.73 0.10 -12.09
C ALA A 46 -6.49 -1.24 -12.76
N ARG A 47 -5.24 -1.46 -13.19
CA ARG A 47 -4.86 -2.70 -13.86
C ARG A 47 -3.69 -3.36 -13.16
N HIS A 48 -2.53 -2.73 -13.23
CA HIS A 48 -1.32 -3.26 -12.62
C HIS A 48 -1.47 -3.33 -11.10
N LEU A 49 -0.38 -3.66 -10.42
CA LEU A 49 -0.38 -3.75 -8.96
C LEU A 49 0.96 -3.29 -8.40
N TYR A 50 1.12 -1.97 -8.33
CA TYR A 50 2.34 -1.36 -7.82
C TYR A 50 2.01 -0.13 -7.01
N ILE A 51 2.08 -0.27 -5.69
CA ILE A 51 1.78 0.84 -4.80
C ILE A 51 3.00 1.72 -4.61
N CYS A 52 2.80 2.88 -3.98
CA CYS A 52 3.89 3.81 -3.72
C CYS A 52 4.69 3.37 -2.51
N ASP A 53 5.81 4.05 -2.27
CA ASP A 53 6.65 3.73 -1.13
C ASP A 53 6.00 4.20 0.17
N TYR A 54 5.33 5.34 0.10
CA TYR A 54 4.65 5.92 1.25
C TYR A 54 3.70 4.91 1.91
N HIS A 55 2.76 4.40 1.13
CA HIS A 55 1.79 3.43 1.64
C HIS A 55 2.46 2.10 2.02
N LYS A 56 3.44 1.68 1.23
CA LYS A 56 4.14 0.43 1.51
C LYS A 56 4.72 0.45 2.91
N ASN A 57 5.44 1.53 3.23
CA ASN A 57 6.08 1.68 4.54
C ASN A 57 5.02 1.93 5.61
N LEU A 58 4.01 2.71 5.28
CA LEU A 58 2.95 3.04 6.22
C LEU A 58 2.18 1.80 6.68
N ILE A 59 1.96 0.87 5.77
CA ILE A 59 1.20 -0.34 6.09
C ILE A 59 2.09 -1.50 6.57
N GLN A 60 3.20 -1.73 5.89
CA GLN A 60 4.10 -2.82 6.23
C GLN A 60 4.50 -2.84 7.71
N SER A 61 4.81 -1.67 8.26
CA SER A 61 5.29 -1.60 9.64
C SER A 61 4.20 -1.68 10.72
N VAL A 62 3.17 -2.49 10.49
CA VAL A 62 2.11 -2.66 11.48
C VAL A 62 2.08 -4.11 11.95
N ARG A 63 2.35 -5.03 11.02
CA ARG A 63 2.41 -6.46 11.33
C ARG A 63 3.85 -6.96 11.29
N ASN A 64 4.68 -6.38 12.15
CA ASN A 64 6.09 -6.76 12.23
C ASN A 64 6.64 -6.39 13.61
N ARG A 65 6.44 -7.29 14.58
CA ARG A 65 6.88 -7.04 15.95
C ARG A 65 7.88 -8.09 16.42
N ARG A 66 9.17 -7.77 16.32
CA ARG A 66 10.22 -8.68 16.77
C ARG A 66 11.31 -7.89 17.48
N LYS A 67 10.89 -6.95 18.31
CA LYS A 67 11.82 -6.10 19.05
C LYS A 67 12.20 -6.71 20.39
N ARG A 68 13.50 -6.87 20.60
CA ARG A 68 14.02 -7.40 21.85
C ARG A 68 15.14 -6.50 22.36
N LYS A 69 16.24 -6.49 21.62
CA LYS A 69 17.39 -5.66 21.97
C LYS A 69 17.49 -4.48 21.00
N GLY A 70 16.77 -4.55 19.88
CA GLY A 70 16.79 -3.49 18.90
C GLY A 70 16.13 -3.90 17.60
N SER A 71 14.87 -4.33 17.68
CA SER A 71 14.13 -4.75 16.50
C SER A 71 14.91 -5.81 15.72
N SER A 1 2.59 7.75 -16.83
CA SER A 1 3.66 7.54 -17.83
C SER A 1 3.99 6.06 -17.97
N ASN A 2 5.15 5.78 -18.57
CA ASN A 2 5.58 4.40 -18.82
C ASN A 2 6.64 3.97 -17.81
N ALA A 3 7.38 4.93 -17.29
CA ALA A 3 8.41 4.65 -16.29
C ALA A 3 8.21 5.58 -15.09
N GLY A 4 7.14 5.33 -14.35
CA GLY A 4 6.82 6.13 -13.19
C GLY A 4 5.32 6.30 -13.04
N GLN A 5 4.62 5.18 -12.92
CA GLN A 5 3.17 5.18 -12.78
C GLN A 5 2.71 5.90 -11.52
N LEU A 6 1.41 5.87 -11.28
CA LEU A 6 0.82 6.50 -10.11
C LEU A 6 0.22 5.44 -9.18
N CYS A 7 0.20 5.75 -7.89
CA CYS A 7 -0.34 4.84 -6.88
C CYS A 7 -1.79 4.48 -7.21
N CYS A 8 -2.14 3.20 -7.02
CA CYS A 8 -3.49 2.72 -7.32
C CYS A 8 -4.34 2.55 -6.06
N LEU A 9 -4.02 3.31 -5.02
CA LEU A 9 -4.76 3.28 -3.77
C LEU A 9 -5.47 4.61 -3.57
N ARG A 10 -6.45 4.62 -2.68
CA ARG A 10 -7.20 5.84 -2.41
C ARG A 10 -7.25 6.15 -0.93
N GLU A 11 -6.52 7.18 -0.51
CA GLU A 11 -6.51 7.58 0.89
C GLU A 11 -7.46 8.76 1.10
N ASP A 12 -8.59 8.48 1.74
CA ASP A 12 -9.60 9.49 2.00
C ASP A 12 -10.22 10.00 0.71
N GLY A 13 -10.49 9.07 -0.20
CA GLY A 13 -11.10 9.43 -1.48
C GLY A 13 -10.09 10.00 -2.48
N GLU A 14 -8.86 10.23 -2.04
CA GLU A 14 -7.83 10.79 -2.91
C GLU A 14 -6.97 9.69 -3.50
N ARG A 15 -6.70 9.78 -4.80
CA ARG A 15 -5.89 8.77 -5.46
C ARG A 15 -4.40 9.02 -5.26
N CYS A 16 -4.00 9.14 -4.00
CA CYS A 16 -2.60 9.36 -3.60
C CYS A 16 -1.92 10.52 -4.37
N GLY A 17 -1.77 10.38 -5.67
CA GLY A 17 -1.11 11.40 -6.46
C GLY A 17 0.39 11.14 -6.56
N ARG A 18 0.88 10.24 -5.71
CA ARG A 18 2.29 9.88 -5.69
C ARG A 18 2.58 8.81 -6.73
N ALA A 19 3.85 8.64 -7.06
CA ALA A 19 4.26 7.65 -8.06
C ALA A 19 4.39 6.26 -7.44
N ALA A 20 4.18 5.24 -8.27
CA ALA A 20 4.30 3.86 -7.83
C ALA A 20 5.76 3.51 -7.59
N GLY A 21 6.01 2.55 -6.70
CA GLY A 21 7.38 2.17 -6.39
C GLY A 21 7.74 0.76 -6.80
N ASN A 22 8.35 0.03 -5.88
CA ASN A 22 8.80 -1.34 -6.13
C ASN A 22 7.88 -2.36 -5.48
N ALA A 23 7.25 -1.99 -4.38
CA ALA A 23 6.35 -2.90 -3.67
C ALA A 23 5.16 -3.30 -4.52
N SER A 24 4.37 -4.24 -4.02
CA SER A 24 3.19 -4.73 -4.72
C SER A 24 2.08 -5.09 -3.73
N PHE A 25 0.86 -4.73 -4.08
CA PHE A 25 -0.29 -5.04 -3.23
C PHE A 25 -0.40 -6.54 -3.06
N SER A 26 -0.46 -7.00 -1.81
CA SER A 26 -0.56 -8.42 -1.53
C SER A 26 -1.68 -8.73 -0.54
N LYS A 27 -1.73 -9.98 -0.09
CA LYS A 27 -2.74 -10.41 0.88
C LYS A 27 -2.37 -9.95 2.29
N ARG A 28 -1.11 -10.15 2.67
CA ARG A 28 -0.64 -9.74 4.00
C ARG A 28 -0.96 -8.28 4.23
N ILE A 29 -0.90 -7.48 3.18
CA ILE A 29 -1.21 -6.07 3.28
C ILE A 29 -2.71 -5.87 3.49
N GLN A 30 -3.51 -6.60 2.71
CA GLN A 30 -4.96 -6.54 2.84
C GLN A 30 -5.34 -6.87 4.28
N LYS A 31 -4.74 -7.96 4.77
CA LYS A 31 -4.93 -8.43 6.12
C LYS A 31 -4.49 -7.35 7.11
N SER A 32 -3.30 -6.80 6.87
CA SER A 32 -2.74 -5.75 7.72
C SER A 32 -3.73 -4.61 7.86
N ILE A 33 -4.41 -4.26 6.78
CA ILE A 33 -5.39 -3.18 6.78
C ILE A 33 -6.67 -3.67 7.45
N SER A 34 -7.00 -4.93 7.22
CA SER A 34 -8.21 -5.53 7.79
C SER A 34 -8.25 -5.37 9.30
N GLN A 35 -7.11 -5.61 9.95
CA GLN A 35 -7.02 -5.48 11.40
C GLN A 35 -7.07 -4.01 11.82
N LYS A 36 -7.04 -3.10 10.84
CA LYS A 36 -7.10 -1.67 11.12
C LYS A 36 -8.47 -1.11 10.74
N LYS A 37 -8.85 -1.30 9.48
CA LYS A 37 -10.11 -0.80 8.97
C LYS A 37 -10.02 0.70 8.74
N VAL A 38 -9.26 1.08 7.71
CA VAL A 38 -9.06 2.49 7.38
C VAL A 38 -9.58 2.81 5.99
N LYS A 39 -9.55 4.10 5.64
CA LYS A 39 -10.03 4.54 4.33
C LYS A 39 -9.02 4.25 3.23
N ILE A 40 -8.71 2.97 3.06
CA ILE A 40 -7.76 2.54 2.04
C ILE A 40 -8.26 1.29 1.34
N GLU A 41 -8.72 1.44 0.10
CA GLU A 41 -9.22 0.31 -0.66
C GLU A 41 -8.63 0.31 -2.07
N LEU A 42 -8.39 -0.88 -2.59
CA LEU A 42 -7.81 -1.02 -3.92
C LEU A 42 -8.78 -0.58 -5.01
N ASP A 43 -8.27 0.21 -5.95
CA ASP A 43 -9.08 0.67 -7.07
C ASP A 43 -9.28 -0.50 -8.03
N LYS A 44 -10.50 -0.70 -8.49
CA LYS A 44 -10.79 -1.81 -9.39
C LYS A 44 -10.53 -1.43 -10.84
N SER A 45 -10.70 -0.16 -11.17
CA SER A 45 -10.47 0.31 -12.52
C SER A 45 -8.99 0.31 -12.88
N ALA A 46 -8.13 0.03 -11.91
CA ALA A 46 -6.69 0.01 -12.14
C ALA A 46 -6.28 -1.11 -13.09
N ARG A 47 -4.99 -1.15 -13.41
CA ARG A 47 -4.44 -2.16 -14.32
C ARG A 47 -3.26 -2.87 -13.69
N HIS A 48 -2.42 -2.11 -13.00
CA HIS A 48 -1.22 -2.67 -12.39
C HIS A 48 -1.36 -2.79 -10.86
N LEU A 49 -0.50 -3.61 -10.27
CA LEU A 49 -0.49 -3.83 -8.83
C LEU A 49 0.84 -3.40 -8.23
N TYR A 50 1.07 -2.09 -8.23
CA TYR A 50 2.30 -1.51 -7.70
C TYR A 50 1.98 -0.25 -6.93
N ILE A 51 2.06 -0.33 -5.62
CA ILE A 51 1.77 0.82 -4.77
C ILE A 51 2.99 1.72 -4.66
N CYS A 52 2.84 2.81 -3.91
CA CYS A 52 3.92 3.75 -3.71
C CYS A 52 4.69 3.40 -2.44
N ASP A 53 5.79 4.11 -2.20
CA ASP A 53 6.61 3.86 -1.02
C ASP A 53 5.86 4.30 0.23
N TYR A 54 5.05 5.34 0.09
CA TYR A 54 4.28 5.90 1.19
C TYR A 54 3.41 4.82 1.86
N HIS A 55 2.48 4.26 1.10
CA HIS A 55 1.58 3.24 1.63
C HIS A 55 2.34 1.98 2.03
N LYS A 56 3.39 1.65 1.27
CA LYS A 56 4.19 0.47 1.58
C LYS A 56 4.75 0.55 3.00
N ASN A 57 5.41 1.66 3.29
CA ASN A 57 6.00 1.87 4.61
C ASN A 57 4.94 2.05 5.68
N LEU A 58 3.84 2.70 5.31
CA LEU A 58 2.75 2.97 6.24
C LEU A 58 2.06 1.67 6.68
N ILE A 59 1.86 0.75 5.74
CA ILE A 59 1.17 -0.50 6.02
C ILE A 59 2.11 -1.59 6.57
N GLN A 60 3.31 -1.69 6.02
CA GLN A 60 4.26 -2.71 6.44
C GLN A 60 4.68 -2.58 7.90
N SER A 61 4.83 -1.34 8.36
CA SER A 61 5.30 -1.08 9.71
C SER A 61 4.28 -1.34 10.83
N VAL A 62 3.22 -2.10 10.55
CA VAL A 62 2.24 -2.41 11.58
C VAL A 62 2.47 -3.80 12.14
N ARG A 63 3.13 -4.66 11.36
CA ARG A 63 3.47 -6.01 11.79
C ARG A 63 4.98 -6.25 11.73
N ASN A 64 5.74 -5.25 11.25
CA ASN A 64 7.19 -5.36 11.14
C ASN A 64 7.85 -4.03 11.45
N ARG A 65 8.73 -3.99 12.44
CA ARG A 65 9.41 -2.75 12.79
C ARG A 65 10.88 -2.97 13.12
N ARG A 66 11.73 -2.11 12.56
CA ARG A 66 13.16 -2.18 12.77
C ARG A 66 13.74 -0.77 12.82
N LYS A 67 13.89 -0.16 11.65
CA LYS A 67 14.43 1.19 11.56
C LYS A 67 13.32 2.22 11.48
N ARG A 68 13.35 3.19 12.40
CA ARG A 68 12.35 4.25 12.43
C ARG A 68 13.05 5.61 12.38
N LYS A 69 13.46 6.10 13.54
CA LYS A 69 14.15 7.37 13.64
C LYS A 69 15.49 7.18 14.37
N GLY A 70 15.47 6.36 15.41
CA GLY A 70 16.68 6.08 16.17
C GLY A 70 16.45 5.00 17.23
N SER A 71 17.17 3.89 17.10
CA SER A 71 17.03 2.79 18.05
C SER A 71 15.57 2.43 18.27
N SER A 1 4.99 5.80 -20.26
CA SER A 1 3.63 5.24 -20.08
C SER A 1 3.61 4.16 -19.01
N ASN A 2 4.40 3.09 -19.17
CA ASN A 2 4.43 2.04 -18.16
C ASN A 2 5.63 2.19 -17.23
N ALA A 3 6.18 3.40 -17.18
CA ALA A 3 7.29 3.72 -16.32
C ALA A 3 6.94 4.96 -15.51
N GLY A 4 7.32 4.99 -14.24
CA GLY A 4 6.96 6.13 -13.42
C GLY A 4 5.45 6.27 -13.31
N GLN A 5 4.83 5.27 -12.68
CA GLN A 5 3.38 5.24 -12.53
C GLN A 5 2.92 5.91 -11.24
N LEU A 6 1.61 5.92 -11.03
CA LEU A 6 1.02 6.52 -9.84
C LEU A 6 0.50 5.43 -8.91
N CYS A 7 0.26 5.80 -7.65
CA CYS A 7 -0.25 4.87 -6.65
C CYS A 7 -1.62 4.34 -7.05
N CYS A 8 -1.89 3.06 -6.72
CA CYS A 8 -3.17 2.43 -7.06
C CYS A 8 -4.07 2.27 -5.84
N LEU A 9 -3.93 3.16 -4.87
CA LEU A 9 -4.76 3.13 -3.67
C LEU A 9 -5.56 4.42 -3.54
N ARG A 10 -6.50 4.44 -2.60
CA ARG A 10 -7.32 5.62 -2.39
C ARG A 10 -7.46 5.94 -0.91
N GLU A 11 -6.87 7.05 -0.49
CA GLU A 11 -6.96 7.46 0.91
C GLU A 11 -8.14 8.38 1.10
N ASP A 12 -9.19 7.87 1.74
CA ASP A 12 -10.40 8.65 1.98
C ASP A 12 -11.03 9.07 0.67
N GLY A 13 -10.70 8.36 -0.41
CA GLY A 13 -11.26 8.67 -1.71
C GLY A 13 -10.26 9.35 -2.64
N GLU A 14 -9.15 9.83 -2.10
CA GLU A 14 -8.14 10.51 -2.91
C GLU A 14 -7.13 9.53 -3.50
N ARG A 15 -6.80 9.74 -4.77
CA ARG A 15 -5.86 8.89 -5.48
C ARG A 15 -4.41 9.24 -5.14
N CYS A 16 -4.05 9.09 -3.87
CA CYS A 16 -2.70 9.35 -3.38
C CYS A 16 -1.99 10.52 -4.12
N GLY A 17 -1.41 10.24 -5.28
CA GLY A 17 -0.72 11.28 -6.02
C GLY A 17 0.77 11.02 -6.14
N ARG A 18 1.28 10.08 -5.34
CA ARG A 18 2.70 9.74 -5.37
C ARG A 18 2.97 8.64 -6.39
N ALA A 19 4.21 8.53 -6.83
CA ALA A 19 4.60 7.53 -7.82
C ALA A 19 4.58 6.12 -7.23
N ALA A 20 4.38 5.12 -8.09
CA ALA A 20 4.35 3.73 -7.68
C ALA A 20 5.78 3.17 -7.67
N GLY A 21 6.10 2.41 -6.63
CA GLY A 21 7.44 1.85 -6.53
C GLY A 21 7.53 0.38 -6.85
N ASN A 22 8.53 -0.28 -6.27
CA ASN A 22 8.77 -1.70 -6.50
C ASN A 22 7.82 -2.59 -5.68
N ALA A 23 7.00 -1.98 -4.84
CA ALA A 23 6.06 -2.73 -4.01
C ALA A 23 4.80 -3.12 -4.78
N SER A 24 4.21 -4.24 -4.39
CA SER A 24 3.00 -4.72 -5.04
C SER A 24 1.90 -4.98 -4.00
N PHE A 25 0.66 -4.84 -4.43
CA PHE A 25 -0.48 -5.09 -3.54
C PHE A 25 -0.71 -6.58 -3.39
N SER A 26 -1.05 -7.03 -2.19
CA SER A 26 -1.28 -8.44 -1.94
C SER A 26 -2.32 -8.67 -0.85
N LYS A 27 -2.50 -9.94 -0.49
CA LYS A 27 -3.45 -10.32 0.55
C LYS A 27 -2.96 -9.89 1.91
N ARG A 28 -1.66 -10.09 2.15
CA ARG A 28 -1.04 -9.70 3.41
C ARG A 28 -1.29 -8.23 3.70
N ILE A 29 -1.12 -7.40 2.68
CA ILE A 29 -1.35 -5.97 2.83
C ILE A 29 -2.82 -5.71 3.12
N GLN A 30 -3.69 -6.48 2.49
CA GLN A 30 -5.13 -6.36 2.71
C GLN A 30 -5.43 -6.63 4.17
N LYS A 31 -4.92 -7.77 4.63
CA LYS A 31 -5.07 -8.21 6.00
C LYS A 31 -4.48 -7.16 6.95
N SER A 32 -3.31 -6.65 6.58
CA SER A 32 -2.63 -5.64 7.38
C SER A 32 -3.51 -4.39 7.52
N ILE A 33 -4.19 -4.03 6.44
CA ILE A 33 -5.07 -2.87 6.45
C ILE A 33 -6.34 -3.19 7.23
N SER A 34 -6.80 -4.44 7.12
CA SER A 34 -8.00 -4.88 7.82
C SER A 34 -7.86 -4.68 9.32
N GLN A 35 -6.69 -5.04 9.85
CA GLN A 35 -6.44 -4.89 11.28
C GLN A 35 -6.60 -3.44 11.70
N LYS A 36 -6.05 -2.53 10.89
CA LYS A 36 -6.15 -1.10 11.15
C LYS A 36 -7.58 -0.63 10.94
N LYS A 37 -8.25 -1.24 9.96
CA LYS A 37 -9.60 -0.87 9.62
C LYS A 37 -9.65 0.61 9.23
N VAL A 38 -8.85 0.96 8.22
CA VAL A 38 -8.76 2.32 7.74
C VAL A 38 -9.48 2.50 6.41
N LYS A 39 -9.55 3.75 5.94
CA LYS A 39 -10.22 4.05 4.68
C LYS A 39 -9.27 3.89 3.49
N ILE A 40 -8.77 2.69 3.29
CA ILE A 40 -7.86 2.41 2.18
C ILE A 40 -8.23 1.09 1.51
N GLU A 41 -8.64 1.18 0.25
CA GLU A 41 -9.03 0.00 -0.50
C GLU A 41 -8.46 0.05 -1.91
N LEU A 42 -8.44 -1.10 -2.58
CA LEU A 42 -7.93 -1.18 -3.93
C LEU A 42 -8.97 -0.74 -4.95
N ASP A 43 -8.49 -0.07 -5.99
CA ASP A 43 -9.35 0.38 -7.07
C ASP A 43 -9.27 -0.66 -8.17
N LYS A 44 -10.40 -0.97 -8.78
CA LYS A 44 -10.43 -1.98 -9.84
C LYS A 44 -10.17 -1.38 -11.22
N SER A 45 -10.04 -0.06 -11.29
CA SER A 45 -9.80 0.61 -12.56
C SER A 45 -8.35 0.44 -13.02
N ALA A 46 -7.43 0.43 -12.06
CA ALA A 46 -6.01 0.29 -12.36
C ALA A 46 -5.74 -0.85 -13.33
N ARG A 47 -4.68 -0.71 -14.11
CA ARG A 47 -4.29 -1.73 -15.08
C ARG A 47 -3.28 -2.71 -14.48
N HIS A 48 -2.58 -2.26 -13.45
CA HIS A 48 -1.57 -3.09 -12.79
C HIS A 48 -1.77 -3.10 -11.29
N LEU A 49 -0.81 -3.67 -10.57
CA LEU A 49 -0.85 -3.74 -9.12
C LEU A 49 0.48 -3.30 -8.52
N TYR A 50 0.59 -1.99 -8.29
CA TYR A 50 1.81 -1.43 -7.71
C TYR A 50 1.48 -0.24 -6.83
N ILE A 51 1.96 -0.26 -5.60
CA ILE A 51 1.71 0.83 -4.67
C ILE A 51 2.95 1.68 -4.47
N CYS A 52 2.79 2.80 -3.81
CA CYS A 52 3.91 3.71 -3.54
C CYS A 52 4.63 3.30 -2.27
N ASP A 53 5.80 3.89 -2.04
CA ASP A 53 6.59 3.59 -0.86
C ASP A 53 5.91 4.14 0.39
N TYR A 54 5.15 5.21 0.20
CA TYR A 54 4.43 5.85 1.30
C TYR A 54 3.51 4.86 2.01
N HIS A 55 2.56 4.31 1.28
CA HIS A 55 1.60 3.37 1.85
C HIS A 55 2.30 2.09 2.32
N LYS A 56 3.26 1.60 1.54
CA LYS A 56 3.99 0.39 1.90
C LYS A 56 4.53 0.49 3.32
N ASN A 57 5.27 1.55 3.58
CA ASN A 57 5.86 1.78 4.89
C ASN A 57 4.78 1.96 5.95
N LEU A 58 3.76 2.73 5.62
CA LEU A 58 2.66 3.00 6.53
C LEU A 58 1.95 1.72 6.98
N ILE A 59 1.74 0.81 6.04
CA ILE A 59 1.04 -0.44 6.32
C ILE A 59 1.95 -1.52 6.91
N GLN A 60 3.11 -1.73 6.29
CA GLN A 60 4.04 -2.77 6.74
C GLN A 60 4.68 -2.47 8.09
N SER A 61 4.92 -1.19 8.38
CA SER A 61 5.61 -0.80 9.61
C SER A 61 4.68 -0.38 10.75
N VAL A 62 3.53 -1.02 10.90
CA VAL A 62 2.63 -0.71 12.01
C VAL A 62 2.50 -1.91 12.95
N ARG A 63 2.78 -3.11 12.42
CA ARG A 63 2.71 -4.32 13.22
C ARG A 63 4.14 -4.81 13.52
N ASN A 64 4.97 -3.90 14.02
CA ASN A 64 6.35 -4.21 14.35
C ASN A 64 6.86 -3.22 15.40
N ARG A 65 7.29 -3.74 16.54
CA ARG A 65 7.77 -2.90 17.64
C ARG A 65 8.39 -3.74 18.74
N ARG A 66 8.44 -3.20 19.96
CA ARG A 66 8.96 -3.92 21.10
C ARG A 66 7.84 -4.35 22.03
N LYS A 67 6.71 -3.63 21.98
CA LYS A 67 5.56 -3.93 22.82
C LYS A 67 4.67 -5.00 22.19
N ARG A 68 3.78 -5.55 23.01
CA ARG A 68 2.84 -6.59 22.58
C ARG A 68 1.47 -6.33 23.22
N LYS A 69 0.66 -7.37 23.36
CA LYS A 69 -0.64 -7.22 23.99
C LYS A 69 -0.73 -8.08 25.26
N GLY A 70 -0.59 -9.39 25.07
CA GLY A 70 -0.66 -10.31 26.19
C GLY A 70 -0.58 -11.76 25.74
N SER A 71 0.08 -12.59 26.54
CA SER A 71 0.23 -14.00 26.21
C SER A 71 0.67 -14.19 24.76
N SER A 1 11.17 0.17 -19.44
CA SER A 1 10.90 1.01 -18.24
C SER A 1 9.40 1.10 -17.96
N ASN A 2 8.76 2.23 -18.33
CA ASN A 2 7.33 2.41 -18.06
C ASN A 2 6.98 1.97 -16.64
N ALA A 3 7.94 2.18 -15.74
CA ALA A 3 7.76 1.84 -14.34
C ALA A 3 7.42 3.09 -13.52
N GLY A 4 6.92 4.12 -14.22
CA GLY A 4 6.57 5.36 -13.54
C GLY A 4 5.06 5.53 -13.44
N GLN A 5 4.39 4.54 -12.87
CA GLN A 5 2.95 4.58 -12.71
C GLN A 5 2.57 5.31 -11.43
N LEU A 6 1.28 5.32 -11.13
CA LEU A 6 0.80 5.98 -9.93
C LEU A 6 0.21 4.99 -8.94
N CYS A 7 0.01 5.45 -7.72
CA CYS A 7 -0.54 4.63 -6.65
C CYS A 7 -1.90 4.03 -7.05
N CYS A 8 -2.10 2.75 -6.72
CA CYS A 8 -3.36 2.07 -7.04
C CYS A 8 -4.26 1.97 -5.81
N LEU A 9 -4.07 2.89 -4.87
CA LEU A 9 -4.87 2.93 -3.65
C LEU A 9 -5.47 4.33 -3.50
N ARG A 10 -6.52 4.43 -2.71
CA ARG A 10 -7.17 5.72 -2.50
C ARG A 10 -7.38 6.00 -1.02
N GLU A 11 -6.62 6.96 -0.48
CA GLU A 11 -6.75 7.32 0.92
C GLU A 11 -7.77 8.44 1.08
N ASP A 12 -8.82 8.16 1.85
CA ASP A 12 -9.89 9.14 2.08
C ASP A 12 -10.50 9.57 0.75
N GLY A 13 -10.54 8.63 -0.20
CA GLY A 13 -11.11 8.92 -1.51
C GLY A 13 -10.13 9.58 -2.47
N GLU A 14 -8.92 9.87 -1.99
CA GLU A 14 -7.91 10.52 -2.82
C GLU A 14 -6.91 9.50 -3.37
N ARG A 15 -6.59 9.62 -4.66
CA ARG A 15 -5.66 8.70 -5.31
C ARG A 15 -4.22 8.99 -4.91
N CYS A 16 -3.94 8.94 -3.61
CA CYS A 16 -2.60 9.19 -3.07
C CYS A 16 -1.94 10.44 -3.68
N GLY A 17 -1.39 10.32 -4.89
CA GLY A 17 -0.72 11.44 -5.52
C GLY A 17 0.74 11.15 -5.78
N ARG A 18 1.31 10.29 -4.94
CA ARG A 18 2.71 9.90 -5.06
C ARG A 18 2.82 8.73 -6.03
N ALA A 19 3.76 8.82 -6.96
CA ALA A 19 3.94 7.79 -7.96
C ALA A 19 4.11 6.40 -7.31
N ALA A 20 3.97 5.36 -8.12
CA ALA A 20 4.10 3.98 -7.64
C ALA A 20 5.56 3.63 -7.34
N GLY A 21 5.75 2.53 -6.62
CA GLY A 21 7.11 2.11 -6.26
C GLY A 21 7.40 0.66 -6.57
N ASN A 22 8.28 0.07 -5.78
CA ASN A 22 8.70 -1.32 -5.97
C ASN A 22 7.72 -2.31 -5.34
N ALA A 23 7.22 -1.98 -4.15
CA ALA A 23 6.29 -2.86 -3.45
C ALA A 23 5.08 -3.19 -4.30
N SER A 24 4.38 -4.26 -3.92
CA SER A 24 3.18 -4.69 -4.64
C SER A 24 2.01 -4.85 -3.68
N PHE A 25 0.82 -5.05 -4.22
CA PHE A 25 -0.37 -5.24 -3.41
C PHE A 25 -0.61 -6.74 -3.19
N SER A 26 -0.37 -7.20 -1.98
CA SER A 26 -0.53 -8.60 -1.64
C SER A 26 -1.69 -8.83 -0.68
N LYS A 27 -1.79 -10.04 -0.15
CA LYS A 27 -2.84 -10.42 0.79
C LYS A 27 -2.51 -9.88 2.18
N ARG A 28 -1.27 -10.07 2.60
CA ARG A 28 -0.80 -9.60 3.90
C ARG A 28 -1.12 -8.12 4.07
N ILE A 29 -0.84 -7.33 3.04
CA ILE A 29 -1.11 -5.91 3.09
C ILE A 29 -2.62 -5.68 3.24
N GLN A 30 -3.42 -6.55 2.63
CA GLN A 30 -4.86 -6.44 2.72
C GLN A 30 -5.30 -6.75 4.14
N LYS A 31 -4.84 -7.90 4.63
CA LYS A 31 -5.14 -8.34 5.97
C LYS A 31 -4.81 -7.25 6.98
N SER A 32 -3.68 -6.58 6.77
CA SER A 32 -3.26 -5.50 7.64
C SER A 32 -4.29 -4.38 7.60
N ILE A 33 -4.62 -3.93 6.38
CA ILE A 33 -5.61 -2.88 6.21
C ILE A 33 -6.91 -3.26 6.92
N SER A 34 -7.22 -4.54 6.92
CA SER A 34 -8.43 -5.04 7.56
C SER A 34 -8.33 -4.93 9.08
N GLN A 35 -7.14 -5.15 9.61
CA GLN A 35 -6.92 -5.07 11.05
C GLN A 35 -6.85 -3.60 11.49
N LYS A 36 -6.07 -2.81 10.74
CA LYS A 36 -5.93 -1.40 11.04
C LYS A 36 -7.28 -0.71 10.88
N LYS A 37 -8.02 -1.15 9.87
CA LYS A 37 -9.32 -0.58 9.59
C LYS A 37 -9.16 0.86 9.12
N VAL A 38 -8.82 1.02 7.84
CA VAL A 38 -8.61 2.34 7.26
C VAL A 38 -9.29 2.45 5.90
N LYS A 39 -9.58 3.68 5.48
CA LYS A 39 -10.24 3.92 4.20
C LYS A 39 -9.26 3.78 3.04
N ILE A 40 -8.64 2.60 2.94
CA ILE A 40 -7.69 2.33 1.86
C ILE A 40 -8.02 1.00 1.20
N GLU A 41 -8.52 1.07 -0.02
CA GLU A 41 -8.88 -0.14 -0.76
C GLU A 41 -8.27 -0.11 -2.16
N LEU A 42 -8.33 -1.24 -2.84
CA LEU A 42 -7.81 -1.32 -4.18
C LEU A 42 -8.80 -0.79 -5.20
N ASP A 43 -8.32 0.05 -6.09
CA ASP A 43 -9.16 0.63 -7.12
C ASP A 43 -9.08 -0.26 -8.34
N LYS A 44 -10.22 -0.68 -8.84
CA LYS A 44 -10.26 -1.56 -10.00
C LYS A 44 -9.94 -0.83 -11.30
N SER A 45 -10.04 0.49 -11.27
CA SER A 45 -9.76 1.30 -12.45
C SER A 45 -8.32 1.07 -12.92
N ALA A 46 -7.45 0.72 -11.99
CA ALA A 46 -6.05 0.48 -12.29
C ALA A 46 -5.87 -0.79 -13.13
N ARG A 47 -4.96 -0.71 -14.10
CA ARG A 47 -4.69 -1.83 -14.99
C ARG A 47 -3.41 -2.54 -14.57
N HIS A 48 -3.22 -2.67 -13.26
CA HIS A 48 -2.03 -3.32 -12.72
C HIS A 48 -2.09 -3.37 -11.20
N LEU A 49 -1.05 -3.93 -10.60
CA LEU A 49 -0.97 -4.04 -9.15
C LEU A 49 0.36 -3.50 -8.65
N TYR A 50 0.38 -2.22 -8.31
CA TYR A 50 1.59 -1.58 -7.81
C TYR A 50 1.24 -0.40 -6.91
N ILE A 51 1.78 -0.40 -5.71
CA ILE A 51 1.53 0.67 -4.75
C ILE A 51 2.76 1.53 -4.58
N CYS A 52 2.57 2.71 -3.99
CA CYS A 52 3.68 3.64 -3.75
C CYS A 52 4.45 3.23 -2.51
N ASP A 53 5.62 3.80 -2.34
CA ASP A 53 6.46 3.50 -1.18
C ASP A 53 5.82 4.04 0.10
N TYR A 54 5.14 5.18 -0.03
CA TYR A 54 4.47 5.82 1.09
C TYR A 54 3.54 4.85 1.81
N HIS A 55 2.62 4.24 1.06
CA HIS A 55 1.67 3.30 1.64
C HIS A 55 2.35 2.01 2.09
N LYS A 56 3.35 1.55 1.34
CA LYS A 56 4.07 0.34 1.69
C LYS A 56 4.64 0.44 3.11
N ASN A 57 5.34 1.53 3.36
CA ASN A 57 5.95 1.77 4.66
C ASN A 57 4.90 2.12 5.71
N LEU A 58 3.85 2.81 5.28
CA LEU A 58 2.76 3.21 6.17
C LEU A 58 1.96 2.00 6.67
N ILE A 59 1.88 0.97 5.84
CA ILE A 59 1.11 -0.22 6.18
C ILE A 59 1.95 -1.32 6.84
N GLN A 60 3.11 -1.59 6.27
CA GLN A 60 3.99 -2.65 6.78
C GLN A 60 4.57 -2.34 8.16
N SER A 61 4.99 -1.10 8.38
CA SER A 61 5.65 -0.73 9.61
C SER A 61 4.72 -0.52 10.82
N VAL A 62 3.48 -1.00 10.73
CA VAL A 62 2.57 -0.86 11.86
C VAL A 62 2.60 -2.12 12.73
N ARG A 63 2.97 -3.23 12.10
CA ARG A 63 3.12 -4.50 12.80
C ARG A 63 4.55 -5.03 12.66
N ASN A 64 5.47 -4.12 12.35
CA ASN A 64 6.89 -4.48 12.18
C ASN A 64 7.74 -3.22 12.09
N ARG A 65 7.95 -2.55 13.22
CA ARG A 65 8.75 -1.32 13.25
C ARG A 65 10.24 -1.64 13.20
N ARG A 66 10.61 -2.82 13.67
CA ARG A 66 11.99 -3.26 13.69
C ARG A 66 12.08 -4.77 13.49
N LYS A 67 13.26 -5.32 13.67
CA LYS A 67 13.48 -6.77 13.56
C LYS A 67 13.21 -7.28 12.14
N ARG A 68 14.23 -7.22 11.30
CA ARG A 68 14.14 -7.72 9.94
C ARG A 68 15.42 -8.46 9.56
N LYS A 69 16.55 -7.99 10.07
CA LYS A 69 17.84 -8.62 9.83
C LYS A 69 18.22 -8.57 8.34
N GLY A 70 17.97 -9.67 7.62
CA GLY A 70 18.32 -9.73 6.22
C GLY A 70 18.58 -11.16 5.78
N SER A 71 19.59 -11.79 6.39
CA SER A 71 19.93 -13.18 6.07
C SER A 71 18.89 -14.12 6.69
N SER A 1 10.38 1.22 -20.61
CA SER A 1 10.47 2.45 -19.78
C SER A 1 9.10 2.88 -19.28
N ASN A 2 8.39 1.96 -18.64
CA ASN A 2 7.08 2.26 -18.08
C ASN A 2 7.02 1.79 -16.63
N ALA A 3 7.40 2.69 -15.72
CA ALA A 3 7.38 2.40 -14.30
C ALA A 3 7.17 3.67 -13.48
N GLY A 4 6.65 4.72 -14.14
CA GLY A 4 6.42 5.97 -13.44
C GLY A 4 4.94 6.21 -13.20
N GLN A 5 4.23 5.13 -12.91
CA GLN A 5 2.80 5.21 -12.65
C GLN A 5 2.52 5.79 -11.27
N LEU A 6 1.25 6.00 -10.96
CA LEU A 6 0.85 6.56 -9.68
C LEU A 6 0.21 5.48 -8.81
N CYS A 7 0.37 5.64 -7.49
CA CYS A 7 -0.20 4.70 -6.54
C CYS A 7 -1.67 4.41 -6.87
N CYS A 8 -2.01 3.12 -6.98
CA CYS A 8 -3.37 2.71 -7.32
C CYS A 8 -4.23 2.50 -6.07
N LEU A 9 -3.96 3.27 -5.03
CA LEU A 9 -4.73 3.17 -3.80
C LEU A 9 -5.52 4.46 -3.60
N ARG A 10 -6.52 4.42 -2.74
CA ARG A 10 -7.35 5.60 -2.48
C ARG A 10 -7.49 5.84 -0.98
N GLU A 11 -7.53 7.12 -0.61
CA GLU A 11 -7.67 7.49 0.80
C GLU A 11 -8.86 8.43 0.97
N ASP A 12 -9.92 7.92 1.58
CA ASP A 12 -11.13 8.72 1.81
C ASP A 12 -11.70 9.20 0.48
N GLY A 13 -11.72 8.32 -0.51
CA GLY A 13 -12.23 8.67 -1.81
C GLY A 13 -11.28 9.55 -2.61
N GLU A 14 -10.12 9.87 -2.03
CA GLU A 14 -9.14 10.70 -2.70
C GLU A 14 -7.88 9.92 -3.03
N ARG A 15 -7.48 9.97 -4.30
CA ARG A 15 -6.29 9.25 -4.77
C ARG A 15 -5.05 9.62 -3.98
N CYS A 16 -4.06 8.75 -4.03
CA CYS A 16 -2.80 8.97 -3.34
C CYS A 16 -2.01 10.08 -4.03
N GLY A 17 -1.79 9.93 -5.33
CA GLY A 17 -1.07 10.94 -6.09
C GLY A 17 0.42 10.68 -6.17
N ARG A 18 0.98 10.07 -5.11
CA ARG A 18 2.40 9.77 -5.08
C ARG A 18 2.76 8.70 -6.11
N ALA A 19 3.94 8.83 -6.70
CA ALA A 19 4.39 7.87 -7.71
C ALA A 19 4.41 6.44 -7.17
N ALA A 20 4.30 5.47 -8.08
CA ALA A 20 4.32 4.07 -7.70
C ALA A 20 5.74 3.65 -7.30
N GLY A 21 5.84 2.64 -6.44
CA GLY A 21 7.14 2.19 -5.99
C GLY A 21 7.55 0.84 -6.55
N ASN A 22 8.31 0.08 -5.75
CA ASN A 22 8.79 -1.24 -6.15
C ASN A 22 8.03 -2.36 -5.45
N ALA A 23 6.98 -2.01 -4.71
CA ALA A 23 6.20 -3.02 -3.99
C ALA A 23 4.95 -3.42 -4.77
N SER A 24 4.19 -4.34 -4.21
CA SER A 24 2.97 -4.83 -4.83
C SER A 24 1.86 -4.98 -3.80
N PHE A 25 0.63 -5.00 -4.27
CA PHE A 25 -0.52 -5.17 -3.39
C PHE A 25 -0.94 -6.64 -3.33
N SER A 26 -0.97 -7.19 -2.13
CA SER A 26 -1.31 -8.59 -1.95
C SER A 26 -2.42 -8.77 -0.92
N LYS A 27 -2.52 -9.97 -0.36
CA LYS A 27 -3.52 -10.30 0.65
C LYS A 27 -3.08 -9.79 2.03
N ARG A 28 -1.79 -9.97 2.31
CA ARG A 28 -1.19 -9.57 3.57
C ARG A 28 -1.50 -8.12 3.90
N ILE A 29 -1.25 -7.24 2.93
CA ILE A 29 -1.50 -5.82 3.10
C ILE A 29 -2.99 -5.55 3.31
N GLN A 30 -3.83 -6.33 2.64
CA GLN A 30 -5.27 -6.18 2.77
C GLN A 30 -5.68 -6.52 4.20
N LYS A 31 -5.13 -7.61 4.73
CA LYS A 31 -5.39 -8.04 6.09
C LYS A 31 -4.93 -6.98 7.07
N SER A 32 -3.67 -6.58 6.93
CA SER A 32 -3.09 -5.55 7.79
C SER A 32 -3.99 -4.32 7.81
N ILE A 33 -4.48 -3.93 6.63
CA ILE A 33 -5.36 -2.79 6.51
C ILE A 33 -6.63 -3.02 7.32
N SER A 34 -7.25 -4.18 7.12
CA SER A 34 -8.48 -4.53 7.80
C SER A 34 -8.32 -4.42 9.32
N GLN A 35 -7.23 -4.99 9.84
CA GLN A 35 -6.97 -4.94 11.28
C GLN A 35 -6.72 -3.49 11.71
N LYS A 36 -6.04 -2.74 10.86
CA LYS A 36 -5.75 -1.34 11.12
C LYS A 36 -7.04 -0.52 11.06
N LYS A 37 -7.98 -1.00 10.26
CA LYS A 37 -9.25 -0.32 10.08
C LYS A 37 -9.02 1.08 9.53
N VAL A 38 -8.74 1.14 8.23
CA VAL A 38 -8.47 2.41 7.56
C VAL A 38 -9.20 2.49 6.22
N LYS A 39 -9.34 3.70 5.69
CA LYS A 39 -10.02 3.89 4.42
C LYS A 39 -9.06 3.80 3.25
N ILE A 40 -8.58 2.60 2.96
CA ILE A 40 -7.66 2.39 1.85
C ILE A 40 -8.04 1.13 1.10
N GLU A 41 -8.74 1.29 -0.01
CA GLU A 41 -9.17 0.16 -0.82
C GLU A 41 -8.40 0.13 -2.14
N LEU A 42 -8.40 -1.03 -2.79
CA LEU A 42 -7.70 -1.18 -4.05
C LEU A 42 -8.49 -0.58 -5.20
N ASP A 43 -7.80 0.19 -6.03
CA ASP A 43 -8.41 0.78 -7.21
C ASP A 43 -8.74 -0.33 -8.18
N LYS A 44 -9.94 -0.32 -8.73
CA LYS A 44 -10.36 -1.37 -9.65
C LYS A 44 -10.30 -0.91 -11.10
N SER A 45 -10.08 0.39 -11.32
CA SER A 45 -9.99 0.93 -12.67
C SER A 45 -8.53 0.96 -13.13
N ALA A 46 -7.68 0.15 -12.50
CA ALA A 46 -6.26 0.08 -12.84
C ALA A 46 -5.92 -1.19 -13.59
N ARG A 47 -4.62 -1.45 -13.75
CA ARG A 47 -4.15 -2.64 -14.46
C ARG A 47 -3.17 -3.43 -13.61
N HIS A 48 -1.98 -2.86 -13.42
CA HIS A 48 -0.92 -3.51 -12.65
C HIS A 48 -1.20 -3.44 -11.15
N LEU A 49 -0.22 -3.85 -10.36
CA LEU A 49 -0.33 -3.82 -8.91
C LEU A 49 0.98 -3.35 -8.30
N TYR A 50 1.17 -2.03 -8.29
CA TYR A 50 2.38 -1.43 -7.74
C TYR A 50 2.02 -0.20 -6.93
N ILE A 51 2.28 -0.25 -5.64
CA ILE A 51 1.98 0.87 -4.77
C ILE A 51 3.22 1.71 -4.50
N CYS A 52 3.00 2.89 -3.95
CA CYS A 52 4.10 3.78 -3.64
C CYS A 52 4.88 3.30 -2.43
N ASP A 53 6.06 3.84 -2.24
CA ASP A 53 6.91 3.46 -1.11
C ASP A 53 6.26 3.89 0.20
N TYR A 54 5.66 5.08 0.16
CA TYR A 54 4.99 5.65 1.33
C TYR A 54 4.02 4.64 1.96
N HIS A 55 3.09 4.14 1.16
CA HIS A 55 2.10 3.19 1.66
C HIS A 55 2.72 1.84 1.97
N LYS A 56 3.80 1.48 1.26
CA LYS A 56 4.46 0.21 1.50
C LYS A 56 5.03 0.16 2.92
N ASN A 57 5.83 1.16 3.25
CA ASN A 57 6.46 1.25 4.57
C ASN A 57 5.41 1.51 5.65
N LEU A 58 4.50 2.43 5.34
CA LEU A 58 3.44 2.82 6.28
C LEU A 58 2.58 1.63 6.70
N ILE A 59 2.13 0.84 5.72
CA ILE A 59 1.26 -0.30 5.99
C ILE A 59 2.01 -1.54 6.50
N GLN A 60 3.17 -1.81 5.94
CA GLN A 60 3.94 -2.99 6.32
C GLN A 60 4.54 -2.89 7.72
N SER A 61 5.06 -1.72 8.08
CA SER A 61 5.74 -1.57 9.36
C SER A 61 4.92 -0.93 10.46
N VAL A 62 3.69 -1.39 10.65
CA VAL A 62 2.86 -0.88 11.74
C VAL A 62 2.63 -1.98 12.78
N ARG A 63 2.71 -3.23 12.34
CA ARG A 63 2.55 -4.37 13.22
C ARG A 63 3.87 -5.13 13.35
N ASN A 64 4.76 -4.94 12.38
CA ASN A 64 6.05 -5.61 12.38
C ASN A 64 5.88 -7.12 12.36
N ARG A 65 5.77 -7.69 11.17
CA ARG A 65 5.57 -9.12 11.03
C ARG A 65 6.68 -9.76 10.19
N ARG A 66 7.90 -9.34 10.42
CA ARG A 66 9.06 -9.89 9.72
C ARG A 66 10.17 -10.16 10.72
N LYS A 67 10.44 -9.19 11.58
CA LYS A 67 11.46 -9.32 12.61
C LYS A 67 12.77 -9.87 12.03
N ARG A 68 13.70 -10.19 12.92
CA ARG A 68 14.97 -10.76 12.52
C ARG A 68 15.13 -12.14 13.15
N LYS A 69 14.46 -13.13 12.55
CA LYS A 69 14.50 -14.50 13.07
C LYS A 69 15.76 -15.20 12.60
N GLY A 70 15.83 -15.41 11.28
CA GLY A 70 16.97 -16.07 10.68
C GLY A 70 16.79 -16.25 9.19
N SER A 71 17.73 -15.70 8.42
CA SER A 71 17.67 -15.80 6.98
C SER A 71 18.69 -16.80 6.46
N SER A 1 11.64 7.76 -18.97
CA SER A 1 10.41 7.57 -18.16
C SER A 1 9.96 6.09 -18.17
N ASN A 2 8.71 5.81 -18.56
CA ASN A 2 8.20 4.44 -18.52
C ASN A 2 8.41 3.83 -17.14
N ALA A 3 8.48 4.72 -16.14
CA ALA A 3 8.65 4.31 -14.75
C ALA A 3 7.94 5.26 -13.79
N GLY A 4 7.26 6.28 -14.35
CA GLY A 4 6.55 7.23 -13.52
C GLY A 4 5.09 6.88 -13.38
N GLN A 5 4.82 5.76 -12.72
CA GLN A 5 3.47 5.30 -12.51
C GLN A 5 2.84 5.99 -11.31
N LEU A 6 1.64 5.57 -10.96
CA LEU A 6 0.95 6.14 -9.82
C LEU A 6 0.24 5.10 -8.99
N CYS A 7 0.34 5.26 -7.68
CA CYS A 7 -0.27 4.34 -6.72
C CYS A 7 -1.70 3.98 -7.12
N CYS A 8 -2.12 2.75 -6.82
CA CYS A 8 -3.46 2.29 -7.16
C CYS A 8 -4.34 2.19 -5.92
N LEU A 9 -3.96 2.91 -4.86
CA LEU A 9 -4.73 2.92 -3.63
C LEU A 9 -5.45 4.25 -3.50
N ARG A 10 -6.45 4.30 -2.63
CA ARG A 10 -7.22 5.51 -2.42
C ARG A 10 -7.28 5.89 -0.95
N GLU A 11 -6.78 7.07 -0.62
CA GLU A 11 -6.81 7.55 0.77
C GLU A 11 -7.91 8.58 0.94
N ASP A 12 -8.88 8.27 1.79
CA ASP A 12 -10.00 9.17 2.04
C ASP A 12 -10.71 9.54 0.73
N GLY A 13 -10.82 8.57 -0.16
CA GLY A 13 -11.47 8.80 -1.44
C GLY A 13 -10.59 9.49 -2.45
N GLU A 14 -9.40 9.92 -2.02
CA GLU A 14 -8.48 10.61 -2.91
C GLU A 14 -7.48 9.63 -3.54
N ARG A 15 -7.38 9.66 -4.86
CA ARG A 15 -6.50 8.76 -5.60
C ARG A 15 -5.02 9.03 -5.32
N CYS A 16 -4.62 8.81 -4.08
CA CYS A 16 -3.23 8.99 -3.65
C CYS A 16 -2.55 10.20 -4.32
N GLY A 17 -1.87 9.99 -5.45
CA GLY A 17 -1.21 11.09 -6.12
C GLY A 17 0.29 10.86 -6.27
N ARG A 18 0.89 10.20 -5.28
CA ARG A 18 2.31 9.91 -5.31
C ARG A 18 2.58 8.80 -6.32
N ALA A 19 3.77 8.78 -6.89
CA ALA A 19 4.12 7.78 -7.89
C ALA A 19 4.33 6.41 -7.24
N ALA A 20 4.24 5.36 -8.06
CA ALA A 20 4.42 3.99 -7.58
C ALA A 20 5.87 3.70 -7.23
N GLY A 21 6.10 2.59 -6.53
CA GLY A 21 7.45 2.23 -6.14
C GLY A 21 7.89 0.86 -6.63
N ASN A 22 8.34 0.03 -5.70
CA ASN A 22 8.83 -1.31 -6.02
C ASN A 22 7.99 -2.42 -5.39
N ALA A 23 7.01 -2.05 -4.57
CA ALA A 23 6.16 -3.04 -3.90
C ALA A 23 4.88 -3.29 -4.69
N SER A 24 4.17 -4.34 -4.30
CA SER A 24 2.91 -4.70 -4.93
C SER A 24 1.84 -4.95 -3.89
N PHE A 25 0.60 -5.11 -4.34
CA PHE A 25 -0.52 -5.37 -3.44
C PHE A 25 -0.70 -6.88 -3.28
N SER A 26 -0.87 -7.31 -2.04
CA SER A 26 -1.04 -8.74 -1.76
C SER A 26 -2.14 -8.97 -0.73
N LYS A 27 -2.14 -10.17 -0.15
CA LYS A 27 -3.10 -10.53 0.88
C LYS A 27 -2.70 -10.00 2.26
N ARG A 28 -1.44 -10.23 2.62
CA ARG A 28 -0.91 -9.79 3.92
C ARG A 28 -1.18 -8.31 4.13
N ILE A 29 -1.01 -7.51 3.09
CA ILE A 29 -1.26 -6.09 3.18
C ILE A 29 -2.74 -5.83 3.42
N GLN A 30 -3.59 -6.54 2.69
CA GLN A 30 -5.04 -6.39 2.84
C GLN A 30 -5.43 -6.64 4.29
N LYS A 31 -4.97 -7.77 4.83
CA LYS A 31 -5.26 -8.13 6.21
C LYS A 31 -4.65 -7.09 7.14
N SER A 32 -3.42 -6.69 6.83
CA SER A 32 -2.73 -5.68 7.64
C SER A 32 -3.54 -4.40 7.70
N ILE A 33 -4.27 -4.13 6.62
CA ILE A 33 -5.12 -2.94 6.55
C ILE A 33 -6.38 -3.16 7.38
N SER A 34 -7.01 -4.33 7.21
CA SER A 34 -8.23 -4.67 7.93
C SER A 34 -8.02 -4.52 9.44
N GLN A 35 -6.92 -5.06 9.95
CA GLN A 35 -6.62 -4.96 11.37
C GLN A 35 -6.44 -3.51 11.78
N LYS A 36 -6.00 -2.69 10.83
CA LYS A 36 -5.80 -1.27 11.07
C LYS A 36 -7.12 -0.52 11.00
N LYS A 37 -7.92 -0.87 9.99
CA LYS A 37 -9.20 -0.24 9.76
C LYS A 37 -8.98 1.18 9.25
N VAL A 38 -8.80 1.31 7.95
CA VAL A 38 -8.56 2.60 7.32
C VAL A 38 -9.26 2.70 5.98
N LYS A 39 -9.48 3.92 5.50
CA LYS A 39 -10.15 4.15 4.23
C LYS A 39 -9.20 3.95 3.06
N ILE A 40 -8.56 2.79 3.01
CA ILE A 40 -7.63 2.48 1.92
C ILE A 40 -8.12 1.27 1.15
N GLU A 41 -8.68 1.50 -0.01
CA GLU A 41 -9.19 0.42 -0.85
C GLU A 41 -8.47 0.37 -2.19
N LEU A 42 -8.61 -0.74 -2.87
CA LEU A 42 -7.97 -0.93 -4.16
C LEU A 42 -8.90 -0.50 -5.30
N ASP A 43 -8.33 0.21 -6.26
CA ASP A 43 -9.07 0.67 -7.42
C ASP A 43 -9.05 -0.42 -8.47
N LYS A 44 -10.22 -0.89 -8.87
CA LYS A 44 -10.30 -1.95 -9.85
C LYS A 44 -10.17 -1.42 -11.27
N SER A 45 -10.25 -0.11 -11.44
CA SER A 45 -10.11 0.50 -12.75
C SER A 45 -8.63 0.70 -13.12
N ALA A 46 -7.73 0.21 -12.26
CA ALA A 46 -6.30 0.36 -12.48
C ALA A 46 -5.82 -0.49 -13.65
N ARG A 47 -4.53 -0.38 -13.93
CA ARG A 47 -3.90 -1.11 -15.03
C ARG A 47 -2.76 -1.99 -14.52
N HIS A 48 -2.44 -1.87 -13.23
CA HIS A 48 -1.37 -2.65 -12.64
C HIS A 48 -1.60 -2.81 -11.14
N LEU A 49 -0.62 -3.36 -10.45
CA LEU A 49 -0.70 -3.55 -9.01
C LEU A 49 0.61 -3.14 -8.35
N TYR A 50 0.76 -1.84 -8.17
CA TYR A 50 1.96 -1.27 -7.57
C TYR A 50 1.58 -0.18 -6.60
N ILE A 51 2.18 -0.22 -5.42
CA ILE A 51 1.89 0.77 -4.40
C ILE A 51 3.11 1.60 -4.08
N CYS A 52 2.90 2.89 -3.84
CA CYS A 52 3.98 3.80 -3.51
C CYS A 52 4.67 3.37 -2.22
N ASP A 53 5.94 3.71 -2.09
CA ASP A 53 6.70 3.35 -0.89
C ASP A 53 6.01 3.91 0.34
N TYR A 54 5.31 5.03 0.17
CA TYR A 54 4.60 5.68 1.26
C TYR A 54 3.61 4.72 1.93
N HIS A 55 2.64 4.23 1.16
CA HIS A 55 1.64 3.31 1.68
C HIS A 55 2.25 1.97 2.10
N LYS A 56 3.19 1.47 1.30
CA LYS A 56 3.83 0.20 1.61
C LYS A 56 4.44 0.23 3.01
N ASN A 57 5.25 1.24 3.26
CA ASN A 57 5.92 1.40 4.55
C ASN A 57 4.90 1.68 5.66
N LEU A 58 3.94 2.55 5.35
CA LEU A 58 2.91 2.94 6.29
C LEU A 58 2.13 1.73 6.81
N ILE A 59 1.88 0.77 5.93
CA ILE A 59 1.10 -0.41 6.28
C ILE A 59 1.95 -1.56 6.83
N GLN A 60 3.12 -1.79 6.24
CA GLN A 60 3.99 -2.88 6.65
C GLN A 60 4.56 -2.70 8.06
N SER A 61 5.00 -1.49 8.38
CA SER A 61 5.65 -1.23 9.67
C SER A 61 4.69 -1.16 10.86
N VAL A 62 3.44 -1.52 10.67
CA VAL A 62 2.48 -1.50 11.78
C VAL A 62 2.35 -2.90 12.40
N ARG A 63 2.68 -3.01 13.67
CA ARG A 63 2.61 -4.28 14.38
C ARG A 63 3.40 -5.36 13.65
N ASN A 64 4.54 -4.97 13.08
CA ASN A 64 5.41 -5.90 12.36
C ASN A 64 6.86 -5.43 12.36
N ARG A 65 7.19 -4.45 13.21
CA ARG A 65 8.54 -3.91 13.26
C ARG A 65 9.42 -4.68 14.24
N ARG A 66 9.26 -5.99 14.27
CA ARG A 66 10.04 -6.84 15.14
C ARG A 66 10.88 -7.79 14.31
N LYS A 67 12.09 -7.35 13.96
CA LYS A 67 12.99 -8.17 13.16
C LYS A 67 14.45 -7.91 13.51
N ARG A 68 14.97 -8.72 14.41
CA ARG A 68 16.37 -8.62 14.82
C ARG A 68 17.00 -10.00 14.82
N LYS A 69 18.22 -10.11 14.30
CA LYS A 69 18.88 -11.41 14.23
C LYS A 69 20.29 -11.36 14.82
N GLY A 70 21.26 -10.92 14.03
CA GLY A 70 22.63 -10.86 14.48
C GLY A 70 23.54 -11.77 13.67
N SER A 71 24.32 -12.61 14.35
CA SER A 71 25.23 -13.52 13.68
C SER A 71 24.58 -14.88 13.47
N SER A 1 5.49 5.25 -19.63
CA SER A 1 6.69 4.42 -19.90
C SER A 1 6.70 3.15 -19.02
N ASN A 2 7.60 3.07 -18.04
CA ASN A 2 7.67 1.88 -17.18
C ASN A 2 8.39 2.16 -15.86
N ALA A 3 8.47 3.43 -15.49
CA ALA A 3 9.10 3.83 -14.24
C ALA A 3 8.54 5.16 -13.74
N GLY A 4 7.37 5.54 -14.26
CA GLY A 4 6.76 6.78 -13.86
C GLY A 4 5.26 6.64 -13.68
N GLN A 5 4.88 5.60 -12.94
CA GLN A 5 3.47 5.34 -12.68
C GLN A 5 3.05 5.95 -11.36
N LEU A 6 1.77 5.82 -11.04
CA LEU A 6 1.24 6.37 -9.80
C LEU A 6 0.72 5.26 -8.89
N CYS A 7 0.33 5.64 -7.67
CA CYS A 7 -0.19 4.70 -6.70
C CYS A 7 -1.61 4.27 -7.06
N CYS A 8 -1.96 3.02 -6.79
CA CYS A 8 -3.29 2.51 -7.12
C CYS A 8 -4.14 2.31 -5.87
N LEU A 9 -4.01 3.21 -4.90
CA LEU A 9 -4.79 3.14 -3.67
C LEU A 9 -5.50 4.46 -3.44
N ARG A 10 -6.60 4.42 -2.70
CA ARG A 10 -7.37 5.64 -2.42
C ARG A 10 -7.56 5.84 -0.92
N GLU A 11 -7.06 6.97 -0.44
CA GLU A 11 -7.19 7.30 0.98
C GLU A 11 -8.30 8.32 1.18
N ASP A 12 -9.41 7.87 1.78
CA ASP A 12 -10.55 8.74 2.02
C ASP A 12 -11.01 9.39 0.72
N GLY A 13 -10.80 8.68 -0.39
CA GLY A 13 -11.21 9.20 -1.69
C GLY A 13 -10.09 9.89 -2.43
N GLU A 14 -8.96 10.10 -1.76
CA GLU A 14 -7.81 10.77 -2.38
C GLU A 14 -6.95 9.77 -3.15
N ARG A 15 -6.71 10.07 -4.43
CA ARG A 15 -5.91 9.19 -5.28
C ARG A 15 -4.42 9.43 -5.06
N CYS A 16 -3.97 9.20 -3.83
CA CYS A 16 -2.56 9.35 -3.44
C CYS A 16 -1.83 10.45 -4.23
N GLY A 17 -1.26 10.12 -5.39
CA GLY A 17 -0.55 11.10 -6.19
C GLY A 17 0.94 10.82 -6.28
N ARG A 18 1.45 10.01 -5.35
CA ARG A 18 2.87 9.67 -5.33
C ARG A 18 3.15 8.54 -6.34
N ALA A 19 4.31 8.61 -6.98
CA ALA A 19 4.69 7.61 -7.97
C ALA A 19 4.74 6.21 -7.37
N ALA A 20 4.55 5.21 -8.23
CA ALA A 20 4.60 3.81 -7.79
C ALA A 20 6.03 3.40 -7.50
N GLY A 21 6.21 2.53 -6.51
CA GLY A 21 7.55 2.10 -6.14
C GLY A 21 7.86 0.67 -6.52
N ASN A 22 8.31 -0.10 -5.54
CA ASN A 22 8.70 -1.50 -5.76
C ASN A 22 7.81 -2.46 -4.98
N ALA A 23 6.71 -1.97 -4.43
CA ALA A 23 5.81 -2.83 -3.66
C ALA A 23 4.52 -3.14 -4.43
N SER A 24 4.11 -4.40 -4.36
CA SER A 24 2.90 -4.84 -5.04
C SER A 24 1.79 -5.10 -4.02
N PHE A 25 0.55 -4.92 -4.44
CA PHE A 25 -0.59 -5.17 -3.57
C PHE A 25 -0.82 -6.67 -3.44
N SER A 26 -0.81 -7.16 -2.21
CA SER A 26 -1.00 -8.58 -1.96
C SER A 26 -2.07 -8.82 -0.90
N LYS A 27 -2.16 -10.06 -0.44
CA LYS A 27 -3.12 -10.44 0.59
C LYS A 27 -2.64 -10.01 1.97
N ARG A 28 -1.33 -10.17 2.22
CA ARG A 28 -0.73 -9.80 3.48
C ARG A 28 -1.01 -8.33 3.78
N ILE A 29 -0.98 -7.50 2.76
CA ILE A 29 -1.25 -6.08 2.92
C ILE A 29 -2.73 -5.88 3.23
N GLN A 30 -3.57 -6.71 2.61
CA GLN A 30 -5.02 -6.64 2.83
C GLN A 30 -5.32 -6.93 4.30
N LYS A 31 -4.68 -7.96 4.81
CA LYS A 31 -4.84 -8.36 6.20
C LYS A 31 -4.32 -7.27 7.13
N SER A 32 -3.15 -6.72 6.78
CA SER A 32 -2.55 -5.65 7.54
C SER A 32 -3.50 -4.46 7.65
N ILE A 33 -4.13 -4.14 6.52
CA ILE A 33 -5.09 -3.03 6.47
C ILE A 33 -6.29 -3.35 7.36
N SER A 34 -6.80 -4.57 7.24
CA SER A 34 -7.95 -5.01 8.02
C SER A 34 -7.68 -4.84 9.51
N GLN A 35 -6.50 -5.23 9.95
CA GLN A 35 -6.13 -5.09 11.36
C GLN A 35 -6.10 -3.62 11.78
N LYS A 36 -6.01 -2.73 10.79
CA LYS A 36 -5.99 -1.30 11.05
C LYS A 36 -7.39 -0.72 10.86
N LYS A 37 -8.10 -1.27 9.88
CA LYS A 37 -9.44 -0.81 9.55
C LYS A 37 -9.40 0.66 9.17
N VAL A 38 -8.91 0.92 7.95
CA VAL A 38 -8.78 2.27 7.44
C VAL A 38 -9.58 2.45 6.15
N LYS A 39 -9.71 3.70 5.70
CA LYS A 39 -10.45 4.01 4.49
C LYS A 39 -9.56 3.88 3.25
N ILE A 40 -8.80 2.79 3.18
CA ILE A 40 -7.93 2.54 2.04
C ILE A 40 -8.36 1.28 1.31
N GLU A 41 -8.92 1.45 0.13
CA GLU A 41 -9.40 0.32 -0.66
C GLU A 41 -8.73 0.29 -2.03
N LEU A 42 -8.80 -0.86 -2.68
CA LEU A 42 -8.21 -1.01 -4.01
C LEU A 42 -9.14 -0.50 -5.09
N ASP A 43 -8.56 0.13 -6.10
CA ASP A 43 -9.32 0.64 -7.23
C ASP A 43 -9.40 -0.45 -8.27
N LYS A 44 -10.59 -0.67 -8.81
CA LYS A 44 -10.79 -1.71 -9.80
C LYS A 44 -10.43 -1.25 -11.21
N SER A 45 -10.49 0.06 -11.44
CA SER A 45 -10.16 0.63 -12.75
C SER A 45 -8.69 0.42 -13.09
N ALA A 46 -7.87 0.22 -12.06
CA ALA A 46 -6.43 0.02 -12.24
C ALA A 46 -6.13 -1.27 -13.00
N ARG A 47 -5.04 -1.26 -13.75
CA ARG A 47 -4.62 -2.41 -14.53
C ARG A 47 -3.42 -3.09 -13.90
N HIS A 48 -2.50 -2.27 -13.39
CA HIS A 48 -1.29 -2.77 -12.76
C HIS A 48 -1.48 -2.98 -11.26
N LEU A 49 -0.51 -3.64 -10.65
CA LEU A 49 -0.53 -3.91 -9.23
C LEU A 49 0.75 -3.42 -8.57
N TYR A 50 0.86 -2.10 -8.43
CA TYR A 50 2.02 -1.49 -7.82
C TYR A 50 1.61 -0.27 -7.00
N ILE A 51 2.15 -0.17 -5.80
CA ILE A 51 1.85 0.95 -4.91
C ILE A 51 3.08 1.77 -4.62
N CYS A 52 2.88 2.97 -4.11
CA CYS A 52 3.99 3.85 -3.78
C CYS A 52 4.70 3.38 -2.51
N ASP A 53 5.84 3.99 -2.21
CA ASP A 53 6.60 3.63 -1.02
C ASP A 53 5.90 4.13 0.23
N TYR A 54 5.26 5.29 0.10
CA TYR A 54 4.53 5.90 1.20
C TYR A 54 3.60 4.91 1.89
N HIS A 55 2.64 4.39 1.13
CA HIS A 55 1.67 3.43 1.67
C HIS A 55 2.35 2.13 2.10
N LYS A 56 3.37 1.71 1.37
CA LYS A 56 4.08 0.47 1.69
C LYS A 56 4.61 0.53 3.12
N ASN A 57 5.24 1.64 3.47
CA ASN A 57 5.80 1.83 4.80
C ASN A 57 4.71 2.07 5.84
N LEU A 58 3.69 2.83 5.44
CA LEU A 58 2.58 3.15 6.32
C LEU A 58 1.80 1.90 6.73
N ILE A 59 1.67 0.96 5.79
CA ILE A 59 0.91 -0.26 6.02
C ILE A 59 1.75 -1.40 6.61
N GLN A 60 2.94 -1.58 6.08
CA GLN A 60 3.82 -2.66 6.53
C GLN A 60 4.30 -2.48 7.98
N SER A 61 4.60 -1.24 8.34
CA SER A 61 5.15 -0.96 9.66
C SER A 61 4.13 -0.54 10.72
N VAL A 62 3.10 -1.35 10.92
CA VAL A 62 2.10 -1.05 11.95
C VAL A 62 1.92 -2.25 12.87
N ARG A 63 2.02 -3.45 12.31
CA ARG A 63 1.91 -4.68 13.08
C ARG A 63 3.29 -5.35 13.23
N ASN A 64 4.30 -4.52 13.45
CA ASN A 64 5.67 -5.00 13.62
C ASN A 64 6.53 -3.89 14.21
N ARG A 65 7.02 -4.10 15.43
CA ARG A 65 7.84 -3.08 16.10
C ARG A 65 8.97 -3.68 16.90
N ARG A 66 9.73 -2.81 17.55
CA ARG A 66 10.86 -3.21 18.39
C ARG A 66 10.85 -2.42 19.70
N LYS A 67 11.62 -2.90 20.68
CA LYS A 67 11.72 -2.23 21.98
C LYS A 67 10.36 -2.11 22.67
N ARG A 68 10.39 -1.73 23.94
CA ARG A 68 9.18 -1.57 24.73
C ARG A 68 8.38 -2.86 24.80
N LYS A 69 7.31 -2.84 25.58
CA LYS A 69 6.46 -4.01 25.74
C LYS A 69 5.06 -3.74 25.18
N GLY A 70 4.30 -2.94 25.93
CA GLY A 70 2.95 -2.61 25.52
C GLY A 70 2.02 -2.49 26.71
N SER A 71 1.38 -1.34 26.86
CA SER A 71 0.46 -1.10 27.96
C SER A 71 1.16 -1.31 29.31
N SER A 1 8.92 2.13 -17.14
CA SER A 1 9.13 0.66 -17.11
C SER A 1 8.33 0.01 -15.98
N ASN A 2 8.94 -0.21 -14.81
CA ASN A 2 8.24 -0.86 -13.70
C ASN A 2 8.28 -0.01 -12.42
N ALA A 3 8.36 1.29 -12.59
CA ALA A 3 8.38 2.22 -11.46
C ALA A 3 7.99 3.62 -11.89
N GLY A 4 7.25 3.71 -13.00
CA GLY A 4 6.82 4.99 -13.52
C GLY A 4 5.31 5.12 -13.58
N GLN A 5 4.65 4.54 -12.58
CA GLN A 5 3.20 4.57 -12.49
C GLN A 5 2.76 5.29 -11.23
N LEU A 6 1.46 5.38 -11.03
CA LEU A 6 0.92 6.03 -9.85
C LEU A 6 0.22 5.05 -8.93
N CYS A 7 0.27 5.32 -7.64
CA CYS A 7 -0.34 4.48 -6.62
C CYS A 7 -1.76 4.06 -7.02
N CYS A 8 -2.11 2.81 -6.77
CA CYS A 8 -3.43 2.29 -7.10
C CYS A 8 -4.32 2.20 -5.86
N LEU A 9 -4.04 3.05 -4.88
CA LEU A 9 -4.82 3.08 -3.65
C LEU A 9 -5.47 4.45 -3.49
N ARG A 10 -6.57 4.49 -2.77
CA ARG A 10 -7.28 5.74 -2.57
C ARG A 10 -7.43 6.08 -1.09
N GLU A 11 -6.83 7.19 -0.68
CA GLU A 11 -6.91 7.61 0.71
C GLU A 11 -8.01 8.66 0.86
N ASP A 12 -9.09 8.28 1.53
CA ASP A 12 -10.22 9.17 1.73
C ASP A 12 -10.91 9.49 0.41
N GLY A 13 -10.83 8.54 -0.53
CA GLY A 13 -11.44 8.72 -1.83
C GLY A 13 -10.49 9.29 -2.86
N GLU A 14 -9.38 9.87 -2.41
CA GLU A 14 -8.39 10.45 -3.32
C GLU A 14 -7.34 9.43 -3.72
N ARG A 15 -7.02 9.42 -5.03
CA ARG A 15 -6.04 8.48 -5.58
C ARG A 15 -4.61 8.82 -5.18
N CYS A 16 -4.32 8.76 -3.89
CA CYS A 16 -2.98 9.03 -3.36
C CYS A 16 -2.31 10.25 -4.01
N GLY A 17 -1.66 10.07 -5.15
CA GLY A 17 -1.00 11.19 -5.81
C GLY A 17 0.51 11.04 -5.84
N ARG A 18 1.03 9.97 -5.24
CA ARG A 18 2.47 9.73 -5.23
C ARG A 18 2.81 8.62 -6.22
N ALA A 19 3.94 8.76 -6.89
CA ALA A 19 4.35 7.77 -7.88
C ALA A 19 4.60 6.40 -7.25
N ALA A 20 4.20 5.35 -7.96
CA ALA A 20 4.37 3.98 -7.48
C ALA A 20 5.82 3.69 -7.12
N GLY A 21 6.03 2.69 -6.26
CA GLY A 21 7.37 2.36 -5.84
C GLY A 21 7.85 1.00 -6.33
N ASN A 22 8.32 0.18 -5.39
CA ASN A 22 8.85 -1.14 -5.72
C ASN A 22 8.04 -2.26 -5.07
N ALA A 23 6.90 -1.94 -4.49
CA ALA A 23 6.06 -2.93 -3.83
C ALA A 23 4.83 -3.27 -4.67
N SER A 24 4.15 -4.35 -4.26
CA SER A 24 2.95 -4.78 -4.96
C SER A 24 1.86 -5.14 -3.96
N PHE A 25 0.63 -4.73 -4.27
CA PHE A 25 -0.51 -5.02 -3.40
C PHE A 25 -0.70 -6.54 -3.30
N SER A 26 -0.80 -7.03 -2.07
CA SER A 26 -0.97 -8.46 -1.84
C SER A 26 -2.06 -8.75 -0.82
N LYS A 27 -2.06 -9.97 -0.31
CA LYS A 27 -3.03 -10.40 0.70
C LYS A 27 -2.66 -9.85 2.06
N ARG A 28 -1.39 -10.02 2.43
CA ARG A 28 -0.86 -9.57 3.71
C ARG A 28 -1.21 -8.10 3.91
N ILE A 29 -0.99 -7.29 2.88
CA ILE A 29 -1.29 -5.87 2.96
C ILE A 29 -2.80 -5.68 3.18
N GLN A 30 -3.58 -6.60 2.62
CA GLN A 30 -5.03 -6.55 2.78
C GLN A 30 -5.38 -6.84 4.23
N LYS A 31 -4.76 -7.88 4.75
CA LYS A 31 -4.95 -8.30 6.12
C LYS A 31 -4.53 -7.17 7.07
N SER A 32 -3.45 -6.50 6.72
CA SER A 32 -2.94 -5.38 7.52
C SER A 32 -3.93 -4.22 7.49
N ILE A 33 -4.37 -3.86 6.29
CA ILE A 33 -5.33 -2.78 6.11
C ILE A 33 -6.66 -3.15 6.77
N SER A 34 -6.97 -4.43 6.76
CA SER A 34 -8.21 -4.93 7.35
C SER A 34 -8.21 -4.77 8.86
N GLN A 35 -7.12 -5.22 9.50
CA GLN A 35 -7.00 -5.10 10.95
C GLN A 35 -6.88 -3.63 11.35
N LYS A 36 -6.21 -2.85 10.49
CA LYS A 36 -6.05 -1.43 10.74
C LYS A 36 -7.39 -0.74 10.69
N LYS A 37 -8.21 -1.14 9.73
CA LYS A 37 -9.52 -0.56 9.54
C LYS A 37 -9.37 0.91 9.18
N VAL A 38 -8.82 1.16 7.99
CA VAL A 38 -8.59 2.50 7.51
C VAL A 38 -9.32 2.75 6.19
N LYS A 39 -9.20 3.96 5.66
CA LYS A 39 -9.85 4.32 4.40
C LYS A 39 -8.92 4.16 3.21
N ILE A 40 -8.21 3.03 3.17
CA ILE A 40 -7.30 2.75 2.07
C ILE A 40 -7.69 1.44 1.39
N GLU A 41 -8.47 1.54 0.33
CA GLU A 41 -8.90 0.36 -0.40
C GLU A 41 -8.31 0.34 -1.81
N LEU A 42 -8.36 -0.82 -2.44
CA LEU A 42 -7.84 -0.99 -3.78
C LEU A 42 -8.86 -0.56 -4.83
N ASP A 43 -8.37 0.09 -5.86
CA ASP A 43 -9.22 0.51 -6.96
C ASP A 43 -9.24 -0.61 -7.98
N LYS A 44 -10.38 -0.87 -8.58
CA LYS A 44 -10.49 -1.96 -9.54
C LYS A 44 -10.39 -1.47 -10.98
N SER A 45 -10.41 -0.15 -11.18
CA SER A 45 -10.31 0.40 -12.52
C SER A 45 -8.85 0.46 -12.98
N ALA A 46 -7.93 0.09 -12.10
CA ALA A 46 -6.50 0.12 -12.41
C ALA A 46 -6.12 -0.97 -13.41
N ARG A 47 -4.94 -0.80 -14.00
CA ARG A 47 -4.42 -1.76 -14.97
C ARG A 47 -3.14 -2.43 -14.44
N HIS A 48 -2.90 -2.28 -13.14
CA HIS A 48 -1.71 -2.86 -12.54
C HIS A 48 -1.84 -2.87 -11.01
N LEU A 49 -0.87 -3.53 -10.36
CA LEU A 49 -0.85 -3.59 -8.91
C LEU A 49 0.51 -3.17 -8.38
N TYR A 50 0.67 -1.88 -8.17
CA TYR A 50 1.92 -1.32 -7.66
C TYR A 50 1.64 -0.10 -6.80
N ILE A 51 1.90 -0.24 -5.50
CA ILE A 51 1.67 0.84 -4.56
C ILE A 51 2.91 1.72 -4.44
N CYS A 52 2.77 2.82 -3.72
CA CYS A 52 3.89 3.74 -3.50
C CYS A 52 4.69 3.34 -2.28
N ASP A 53 5.87 3.93 -2.13
CA ASP A 53 6.73 3.64 -0.98
C ASP A 53 6.07 4.10 0.30
N TYR A 54 5.35 5.22 0.21
CA TYR A 54 4.67 5.79 1.37
C TYR A 54 3.75 4.77 2.03
N HIS A 55 2.80 4.26 1.26
CA HIS A 55 1.85 3.27 1.77
C HIS A 55 2.53 1.95 2.13
N LYS A 56 3.56 1.59 1.37
CA LYS A 56 4.28 0.34 1.64
C LYS A 56 4.81 0.33 3.06
N ASN A 57 5.54 1.38 3.41
CA ASN A 57 6.13 1.51 4.75
C ASN A 57 5.06 1.73 5.81
N LEU A 58 4.10 2.59 5.49
CA LEU A 58 3.01 2.92 6.41
C LEU A 58 2.25 1.67 6.85
N ILE A 59 2.03 0.76 5.91
CA ILE A 59 1.27 -0.46 6.19
C ILE A 59 2.14 -1.61 6.73
N GLN A 60 3.32 -1.79 6.16
CA GLN A 60 4.20 -2.87 6.58
C GLN A 60 4.72 -2.72 8.02
N SER A 61 5.07 -1.50 8.40
CA SER A 61 5.66 -1.25 9.72
C SER A 61 4.64 -1.12 10.86
N VAL A 62 3.39 -1.50 10.62
CA VAL A 62 2.39 -1.42 11.68
C VAL A 62 2.24 -2.78 12.39
N ARG A 63 2.72 -3.83 11.74
CA ARG A 63 2.70 -5.17 12.32
C ARG A 63 4.12 -5.67 12.59
N ASN A 64 5.12 -4.86 12.18
CA ASN A 64 6.52 -5.19 12.38
C ASN A 64 7.31 -3.93 12.74
N ARG A 65 7.79 -3.86 13.98
CA ARG A 65 8.54 -2.70 14.44
C ARG A 65 9.84 -2.52 13.65
N ARG A 66 10.82 -3.38 13.92
CA ARG A 66 12.11 -3.30 13.24
C ARG A 66 12.38 -4.59 12.46
N LYS A 67 13.31 -4.52 11.51
CA LYS A 67 13.66 -5.70 10.71
C LYS A 67 14.61 -6.60 11.50
N ARG A 68 15.82 -6.10 11.74
CA ARG A 68 16.82 -6.83 12.50
C ARG A 68 17.82 -5.85 13.10
N LYS A 69 17.79 -5.71 14.42
CA LYS A 69 18.69 -4.79 15.10
C LYS A 69 18.58 -4.96 16.61
N GLY A 70 17.35 -4.97 17.11
CA GLY A 70 17.11 -5.11 18.52
C GLY A 70 15.76 -4.55 18.94
N SER A 71 15.80 -3.53 19.79
CA SER A 71 14.58 -2.89 20.26
C SER A 71 14.06 -1.90 19.22
N SER A 1 3.78 9.90 -22.15
CA SER A 1 3.61 10.16 -20.70
C SER A 1 3.29 8.88 -19.95
N ASN A 2 4.27 8.00 -19.84
CA ASN A 2 4.10 6.74 -19.12
C ASN A 2 5.44 6.22 -18.62
N ALA A 3 6.13 7.05 -17.84
CA ALA A 3 7.41 6.70 -17.26
C ALA A 3 7.39 7.04 -15.78
N GLY A 4 6.39 6.50 -15.09
CA GLY A 4 6.24 6.75 -13.66
C GLY A 4 4.78 6.63 -13.25
N GLN A 5 4.35 5.40 -13.02
CA GLN A 5 2.96 5.12 -12.65
C GLN A 5 2.60 5.75 -11.31
N LEU A 6 1.31 5.73 -10.99
CA LEU A 6 0.81 6.29 -9.75
C LEU A 6 0.20 5.20 -8.87
N CYS A 7 0.31 5.37 -7.56
CA CYS A 7 -0.24 4.41 -6.60
C CYS A 7 -1.68 4.05 -6.96
N CYS A 8 -2.05 2.78 -6.73
CA CYS A 8 -3.40 2.31 -7.05
C CYS A 8 -4.25 2.17 -5.79
N LEU A 9 -4.00 3.03 -4.81
CA LEU A 9 -4.75 3.02 -3.56
C LEU A 9 -5.45 4.35 -3.38
N ARG A 10 -6.50 4.37 -2.57
CA ARG A 10 -7.24 5.60 -2.34
C ARG A 10 -7.33 5.92 -0.85
N GLU A 11 -6.99 7.15 -0.48
CA GLU A 11 -7.05 7.57 0.91
C GLU A 11 -8.28 8.44 1.12
N ASP A 12 -9.34 7.84 1.66
CA ASP A 12 -10.59 8.56 1.89
C ASP A 12 -11.22 8.98 0.58
N GLY A 13 -10.88 8.28 -0.50
CA GLY A 13 -11.42 8.59 -1.80
C GLY A 13 -10.41 9.20 -2.75
N GLU A 14 -9.34 9.75 -2.20
CA GLU A 14 -8.30 10.38 -3.02
C GLU A 14 -7.33 9.33 -3.57
N ARG A 15 -7.12 9.37 -4.89
CA ARG A 15 -6.22 8.40 -5.53
C ARG A 15 -4.75 8.70 -5.25
N CYS A 16 -4.39 8.69 -3.97
CA CYS A 16 -3.01 8.93 -3.52
C CYS A 16 -2.37 10.16 -4.18
N GLY A 17 -1.92 10.02 -5.43
CA GLY A 17 -1.28 11.14 -6.11
C GLY A 17 0.24 11.02 -6.12
N ARG A 18 0.76 9.98 -5.48
CA ARG A 18 2.21 9.76 -5.43
C ARG A 18 2.61 8.63 -6.37
N ALA A 19 3.81 8.75 -6.93
CA ALA A 19 4.33 7.74 -7.85
C ALA A 19 4.38 6.36 -7.21
N ALA A 20 4.51 5.32 -8.05
CA ALA A 20 4.59 3.95 -7.58
C ALA A 20 6.03 3.60 -7.23
N GLY A 21 6.21 2.69 -6.28
CA GLY A 21 7.54 2.31 -5.85
C GLY A 21 7.95 0.91 -6.28
N ASN A 22 8.55 0.17 -5.35
CA ASN A 22 9.04 -1.17 -5.61
C ASN A 22 8.16 -2.24 -4.96
N ALA A 23 7.15 -1.82 -4.19
CA ALA A 23 6.28 -2.77 -3.51
C ALA A 23 5.11 -3.19 -4.41
N SER A 24 4.42 -4.24 -3.98
CA SER A 24 3.27 -4.75 -4.72
C SER A 24 2.09 -4.99 -3.78
N PHE A 25 0.89 -4.95 -4.34
CA PHE A 25 -0.31 -5.19 -3.55
C PHE A 25 -0.58 -6.69 -3.44
N SER A 26 -1.13 -7.11 -2.31
CA SER A 26 -1.42 -8.53 -2.10
C SER A 26 -2.54 -8.71 -1.09
N LYS A 27 -2.69 -9.94 -0.61
CA LYS A 27 -3.71 -10.28 0.39
C LYS A 27 -3.28 -9.84 1.79
N ARG A 28 -2.02 -10.13 2.12
CA ARG A 28 -1.46 -9.78 3.43
C ARG A 28 -1.68 -8.30 3.73
N ILE A 29 -1.54 -7.47 2.71
CA ILE A 29 -1.73 -6.05 2.86
C ILE A 29 -3.20 -5.73 3.08
N GLN A 30 -4.07 -6.50 2.43
CA GLN A 30 -5.50 -6.32 2.57
C GLN A 30 -5.92 -6.64 4.00
N LYS A 31 -5.32 -7.70 4.54
CA LYS A 31 -5.59 -8.13 5.90
C LYS A 31 -5.05 -7.11 6.90
N SER A 32 -3.80 -6.70 6.69
CA SER A 32 -3.17 -5.72 7.56
C SER A 32 -4.05 -4.47 7.64
N ILE A 33 -4.54 -4.02 6.49
CA ILE A 33 -5.41 -2.86 6.43
C ILE A 33 -6.69 -3.11 7.24
N SER A 34 -7.35 -4.22 6.94
CA SER A 34 -8.59 -4.58 7.63
C SER A 34 -8.41 -4.53 9.14
N GLN A 35 -7.24 -4.95 9.62
CA GLN A 35 -6.97 -4.93 11.05
C GLN A 35 -6.71 -3.50 11.52
N LYS A 36 -6.05 -2.73 10.67
CA LYS A 36 -5.78 -1.33 10.98
C LYS A 36 -7.07 -0.53 10.95
N LYS A 37 -7.99 -0.97 10.08
CA LYS A 37 -9.27 -0.29 9.91
C LYS A 37 -9.03 1.14 9.43
N VAL A 38 -8.60 1.25 8.18
CA VAL A 38 -8.31 2.55 7.58
C VAL A 38 -9.00 2.70 6.22
N LYS A 39 -9.11 3.93 5.75
CA LYS A 39 -9.74 4.22 4.48
C LYS A 39 -8.78 4.02 3.32
N ILE A 40 -8.34 2.79 3.12
CA ILE A 40 -7.42 2.47 2.02
C ILE A 40 -7.82 1.16 1.35
N GLU A 41 -8.34 1.27 0.14
CA GLU A 41 -8.76 0.11 -0.62
C GLU A 41 -8.31 0.22 -2.07
N LEU A 42 -8.10 -0.92 -2.71
CA LEU A 42 -7.64 -0.94 -4.09
C LEU A 42 -8.78 -0.68 -5.07
N ASP A 43 -8.54 0.25 -5.99
CA ASP A 43 -9.52 0.56 -7.02
C ASP A 43 -9.44 -0.50 -8.10
N LYS A 44 -10.58 -1.00 -8.56
CA LYS A 44 -10.60 -2.02 -9.59
C LYS A 44 -10.56 -1.43 -11.00
N SER A 45 -10.52 -0.12 -11.10
CA SER A 45 -10.47 0.54 -12.40
C SER A 45 -9.02 0.61 -12.92
N ALA A 46 -8.07 0.38 -12.02
CA ALA A 46 -6.65 0.43 -12.37
C ALA A 46 -6.21 -0.82 -13.12
N ARG A 47 -4.90 -0.97 -13.30
CA ARG A 47 -4.35 -2.11 -14.01
C ARG A 47 -3.16 -2.70 -13.26
N HIS A 48 -2.04 -1.96 -13.26
CA HIS A 48 -0.83 -2.41 -12.60
C HIS A 48 -1.05 -2.64 -11.10
N LEU A 49 -0.14 -3.39 -10.48
CA LEU A 49 -0.21 -3.67 -9.06
C LEU A 49 1.08 -3.26 -8.37
N TYR A 50 1.33 -1.95 -8.33
CA TYR A 50 2.53 -1.42 -7.70
C TYR A 50 2.19 -0.18 -6.88
N ILE A 51 2.21 -0.32 -5.56
CA ILE A 51 1.91 0.78 -4.67
C ILE A 51 3.10 1.71 -4.54
N CYS A 52 2.93 2.77 -3.75
CA CYS A 52 3.99 3.74 -3.53
C CYS A 52 4.76 3.43 -2.26
N ASP A 53 5.97 3.96 -2.15
CA ASP A 53 6.80 3.73 -0.96
C ASP A 53 6.05 4.19 0.29
N TYR A 54 5.31 5.28 0.17
CA TYR A 54 4.55 5.83 1.27
C TYR A 54 3.65 4.78 1.92
N HIS A 55 2.71 4.25 1.14
CA HIS A 55 1.78 3.24 1.65
C HIS A 55 2.50 1.94 2.00
N LYS A 56 3.61 1.67 1.32
CA LYS A 56 4.37 0.46 1.59
C LYS A 56 4.92 0.47 3.01
N ASN A 57 5.63 1.54 3.35
CA ASN A 57 6.22 1.69 4.67
C ASN A 57 5.13 1.79 5.73
N LEU A 58 4.12 2.60 5.46
CA LEU A 58 3.02 2.81 6.38
C LEU A 58 2.34 1.50 6.76
N ILE A 59 1.91 0.74 5.76
CA ILE A 59 1.19 -0.51 5.98
C ILE A 59 2.09 -1.63 6.52
N GLN A 60 3.29 -1.76 5.96
CA GLN A 60 4.22 -2.81 6.36
C GLN A 60 4.86 -2.57 7.73
N SER A 61 5.17 -1.31 8.03
CA SER A 61 5.86 -0.98 9.27
C SER A 61 4.96 -0.76 10.49
N VAL A 62 3.74 -1.27 10.46
CA VAL A 62 2.84 -1.13 11.60
C VAL A 62 2.86 -2.39 12.47
N ARG A 63 3.36 -3.49 11.89
CA ARG A 63 3.48 -4.76 12.59
C ARG A 63 4.94 -5.17 12.70
N ASN A 64 5.84 -4.40 12.09
CA ASN A 64 7.27 -4.66 12.10
C ASN A 64 8.05 -3.43 11.65
N ARG A 65 8.54 -2.66 12.61
CA ARG A 65 9.29 -1.45 12.30
C ARG A 65 10.74 -1.76 11.92
N ARG A 66 11.58 -1.95 12.94
CA ARG A 66 12.98 -2.26 12.72
C ARG A 66 13.49 -3.22 13.80
N LYS A 67 12.63 -4.13 14.22
CA LYS A 67 12.97 -5.12 15.22
C LYS A 67 13.48 -4.49 16.51
N ARG A 68 12.59 -4.42 17.51
CA ARG A 68 12.94 -3.87 18.81
C ARG A 68 13.72 -2.56 18.68
N LYS A 69 14.47 -2.20 19.73
CA LYS A 69 15.27 -0.98 19.72
C LYS A 69 16.76 -1.33 19.77
N GLY A 70 17.10 -2.31 20.61
CA GLY A 70 18.48 -2.71 20.75
C GLY A 70 18.61 -4.16 21.19
N SER A 71 17.96 -5.06 20.47
CA SER A 71 18.01 -6.48 20.78
C SER A 71 17.74 -6.73 22.26
N SER A 1 5.23 4.91 -24.24
CA SER A 1 6.21 5.42 -23.26
C SER A 1 5.55 5.77 -21.93
N ASN A 2 5.70 4.88 -20.97
CA ASN A 2 5.14 5.09 -19.63
C ASN A 2 6.09 4.55 -18.57
N ALA A 3 6.86 5.44 -17.97
CA ALA A 3 7.80 5.07 -16.93
C ALA A 3 7.68 6.02 -15.75
N GLY A 4 6.49 6.06 -15.17
CA GLY A 4 6.22 6.94 -14.04
C GLY A 4 4.76 6.88 -13.63
N GLN A 5 4.32 5.70 -13.24
CA GLN A 5 2.94 5.49 -12.82
C GLN A 5 2.67 6.10 -11.46
N LEU A 6 1.42 5.97 -11.00
CA LEU A 6 1.02 6.49 -9.72
C LEU A 6 0.39 5.40 -8.85
N CYS A 7 0.35 5.64 -7.54
CA CYS A 7 -0.21 4.69 -6.59
C CYS A 7 -1.55 4.15 -7.08
N CYS A 8 -1.88 2.91 -6.70
CA CYS A 8 -3.13 2.29 -7.12
C CYS A 8 -4.14 2.22 -5.96
N LEU A 9 -3.79 2.82 -4.82
CA LEU A 9 -4.67 2.85 -3.66
C LEU A 9 -5.35 4.21 -3.58
N ARG A 10 -6.45 4.28 -2.85
CA ARG A 10 -7.19 5.52 -2.70
C ARG A 10 -7.37 5.89 -1.25
N GLU A 11 -6.81 7.03 -0.84
CA GLU A 11 -6.94 7.50 0.52
C GLU A 11 -8.04 8.54 0.62
N ASP A 12 -9.07 8.22 1.40
CA ASP A 12 -10.21 9.12 1.57
C ASP A 12 -10.85 9.43 0.22
N GLY A 13 -10.90 8.42 -0.65
CA GLY A 13 -11.49 8.58 -1.96
C GLY A 13 -10.56 9.25 -2.96
N GLU A 14 -9.41 9.74 -2.48
CA GLU A 14 -8.46 10.39 -3.36
C GLU A 14 -7.33 9.44 -3.76
N ARG A 15 -7.03 9.42 -5.05
CA ARG A 15 -6.01 8.52 -5.59
C ARG A 15 -4.59 8.91 -5.16
N CYS A 16 -4.32 8.77 -3.87
CA CYS A 16 -3.00 9.06 -3.29
C CYS A 16 -2.32 10.28 -3.94
N GLY A 17 -1.57 10.07 -5.02
CA GLY A 17 -0.90 11.19 -5.68
C GLY A 17 0.60 10.98 -5.79
N ARG A 18 1.16 10.21 -4.85
CA ARG A 18 2.60 9.93 -4.85
C ARG A 18 2.94 8.87 -5.89
N ALA A 19 4.14 8.97 -6.46
CA ALA A 19 4.58 8.02 -7.48
C ALA A 19 4.63 6.60 -6.94
N ALA A 20 4.43 5.63 -7.83
CA ALA A 20 4.48 4.22 -7.45
C ALA A 20 5.90 3.82 -7.09
N GLY A 21 6.04 2.76 -6.31
CA GLY A 21 7.36 2.32 -5.90
C GLY A 21 7.79 1.01 -6.53
N ASN A 22 8.06 0.02 -5.68
CA ASN A 22 8.52 -1.28 -6.15
C ASN A 22 7.64 -2.42 -5.65
N ALA A 23 6.96 -2.21 -4.53
CA ALA A 23 6.10 -3.24 -3.94
C ALA A 23 4.80 -3.39 -4.72
N SER A 24 4.08 -4.46 -4.42
CA SER A 24 2.80 -4.74 -5.07
C SER A 24 1.70 -4.91 -4.03
N PHE A 25 0.46 -4.97 -4.47
CA PHE A 25 -0.68 -5.14 -3.58
C PHE A 25 -1.05 -6.62 -3.50
N SER A 26 -1.02 -7.17 -2.29
CA SER A 26 -1.34 -8.57 -2.08
C SER A 26 -2.43 -8.72 -1.02
N LYS A 27 -2.56 -9.93 -0.47
CA LYS A 27 -3.55 -10.21 0.57
C LYS A 27 -3.07 -9.75 1.96
N ARG A 28 -1.81 -10.06 2.27
CA ARG A 28 -1.22 -9.71 3.57
C ARG A 28 -1.43 -8.23 3.87
N ILE A 29 -1.29 -7.39 2.87
CA ILE A 29 -1.48 -5.96 3.04
C ILE A 29 -2.95 -5.66 3.33
N GLN A 30 -3.83 -6.43 2.69
CA GLN A 30 -5.27 -6.28 2.90
C GLN A 30 -5.60 -6.60 4.34
N LYS A 31 -5.07 -7.73 4.80
CA LYS A 31 -5.24 -8.21 6.14
C LYS A 31 -4.68 -7.21 7.15
N SER A 32 -3.47 -6.71 6.86
CA SER A 32 -2.83 -5.73 7.72
C SER A 32 -3.69 -4.48 7.84
N ILE A 33 -4.27 -4.07 6.70
CA ILE A 33 -5.14 -2.90 6.67
C ILE A 33 -6.39 -3.16 7.50
N SER A 34 -6.98 -4.33 7.32
CA SER A 34 -8.18 -4.72 8.04
C SER A 34 -8.00 -4.54 9.54
N GLN A 35 -6.93 -5.13 10.07
CA GLN A 35 -6.64 -5.02 11.50
C GLN A 35 -6.49 -3.55 11.90
N LYS A 36 -6.04 -2.75 10.95
CA LYS A 36 -5.87 -1.31 11.18
C LYS A 36 -7.21 -0.61 11.07
N LYS A 37 -8.03 -1.06 10.12
CA LYS A 37 -9.33 -0.47 9.88
C LYS A 37 -9.17 0.97 9.43
N VAL A 38 -8.80 1.14 8.16
CA VAL A 38 -8.58 2.46 7.59
C VAL A 38 -9.32 2.61 6.26
N LYS A 39 -9.17 3.78 5.63
CA LYS A 39 -9.84 4.05 4.37
C LYS A 39 -8.87 3.92 3.19
N ILE A 40 -8.33 2.71 3.02
CA ILE A 40 -7.40 2.44 1.93
C ILE A 40 -7.77 1.14 1.25
N GLU A 41 -8.35 1.24 0.07
CA GLU A 41 -8.76 0.06 -0.69
C GLU A 41 -8.31 0.15 -2.14
N LEU A 42 -8.33 -0.98 -2.82
CA LEU A 42 -7.92 -1.04 -4.21
C LEU A 42 -9.07 -0.69 -5.17
N ASP A 43 -8.73 0.00 -6.24
CA ASP A 43 -9.70 0.36 -7.26
C ASP A 43 -9.66 -0.68 -8.36
N LYS A 44 -10.77 -0.91 -9.03
CA LYS A 44 -10.81 -1.90 -10.09
C LYS A 44 -10.50 -1.29 -11.46
N SER A 45 -10.21 0.00 -11.49
CA SER A 45 -9.89 0.68 -12.75
C SER A 45 -8.44 0.46 -13.13
N ALA A 46 -7.57 0.45 -12.12
CA ALA A 46 -6.13 0.25 -12.35
C ALA A 46 -5.81 -1.18 -12.74
N ARG A 47 -5.02 -1.32 -13.80
CA ARG A 47 -4.64 -2.64 -14.29
C ARG A 47 -3.38 -3.15 -13.60
N HIS A 48 -2.44 -2.24 -13.34
CA HIS A 48 -1.18 -2.59 -12.69
C HIS A 48 -1.36 -2.73 -11.18
N LEU A 49 -0.46 -3.48 -10.55
CA LEU A 49 -0.49 -3.68 -9.12
C LEU A 49 0.83 -3.22 -8.50
N TYR A 50 0.92 -1.91 -8.25
CA TYR A 50 2.12 -1.32 -7.67
C TYR A 50 1.74 -0.13 -6.80
N ILE A 51 2.05 -0.22 -5.52
CA ILE A 51 1.75 0.85 -4.59
C ILE A 51 2.97 1.74 -4.38
N CYS A 52 2.73 2.93 -3.86
CA CYS A 52 3.81 3.88 -3.61
C CYS A 52 4.61 3.45 -2.38
N ASP A 53 5.73 4.13 -2.15
CA ASP A 53 6.58 3.82 -1.00
C ASP A 53 5.92 4.29 0.29
N TYR A 54 5.13 5.34 0.18
CA TYR A 54 4.44 5.91 1.34
C TYR A 54 3.53 4.89 2.02
N HIS A 55 2.54 4.40 1.27
CA HIS A 55 1.60 3.43 1.81
C HIS A 55 2.29 2.12 2.17
N LYS A 56 3.27 1.72 1.37
CA LYS A 56 4.00 0.47 1.63
C LYS A 56 4.65 0.50 3.00
N ASN A 57 5.43 1.54 3.26
CA ASN A 57 6.12 1.69 4.53
C ASN A 57 5.14 1.88 5.68
N LEU A 58 4.07 2.63 5.41
CA LEU A 58 3.05 2.91 6.43
C LEU A 58 2.37 1.63 6.90
N ILE A 59 1.92 0.82 5.94
CA ILE A 59 1.20 -0.42 6.25
C ILE A 59 2.12 -1.53 6.77
N GLN A 60 3.25 -1.73 6.11
CA GLN A 60 4.18 -2.78 6.49
C GLN A 60 4.78 -2.59 7.89
N SER A 61 5.11 -1.35 8.23
CA SER A 61 5.77 -1.08 9.51
C SER A 61 4.84 -1.11 10.73
N VAL A 62 3.60 -1.56 10.56
CA VAL A 62 2.68 -1.64 11.69
C VAL A 62 2.65 -3.06 12.25
N ARG A 63 2.96 -4.04 11.41
CA ARG A 63 3.00 -5.43 11.82
C ARG A 63 4.24 -6.11 11.24
N ASN A 64 5.35 -5.40 11.28
CA ASN A 64 6.62 -5.91 10.77
C ASN A 64 7.74 -4.95 11.17
N ARG A 65 8.27 -5.15 12.36
CA ARG A 65 9.33 -4.29 12.87
C ARG A 65 10.69 -4.98 12.90
N ARG A 66 11.74 -4.18 12.84
CA ARG A 66 13.11 -4.68 12.88
C ARG A 66 13.76 -4.32 14.22
N LYS A 67 13.41 -3.14 14.72
CA LYS A 67 13.92 -2.66 16.01
C LYS A 67 15.43 -2.48 16.01
N ARG A 68 15.90 -1.68 16.96
CA ARG A 68 17.34 -1.41 17.10
C ARG A 68 17.92 -0.80 15.84
N LYS A 69 19.23 -0.60 15.82
CA LYS A 69 19.90 -0.03 14.65
C LYS A 69 21.38 -0.39 14.62
N GLY A 70 22.23 0.47 15.18
CA GLY A 70 23.65 0.23 15.18
C GLY A 70 24.42 1.45 15.66
N SER A 71 25.74 1.39 15.59
CA SER A 71 26.56 2.53 16.03
C SER A 71 26.24 2.87 17.47
N SER A 1 8.30 2.09 -21.93
CA SER A 1 6.86 1.75 -21.83
C SER A 1 6.32 2.02 -20.41
N ASN A 2 6.99 1.52 -19.38
CA ASN A 2 6.53 1.73 -18.02
C ASN A 2 7.53 2.52 -17.17
N ALA A 3 7.27 3.80 -17.01
CA ALA A 3 8.12 4.66 -16.19
C ALA A 3 7.35 5.86 -15.63
N GLY A 4 6.02 5.87 -15.81
CA GLY A 4 5.21 6.96 -15.33
C GLY A 4 3.90 6.47 -14.76
N GLN A 5 4.01 5.63 -13.73
CA GLN A 5 2.84 5.06 -13.08
C GLN A 5 2.46 5.85 -11.83
N LEU A 6 1.29 5.54 -11.28
CA LEU A 6 0.80 6.19 -10.08
C LEU A 6 0.16 5.18 -9.14
N CYS A 7 0.25 5.44 -7.84
CA CYS A 7 -0.33 4.56 -6.84
C CYS A 7 -1.78 4.23 -7.18
N CYS A 8 -2.24 3.04 -6.76
CA CYS A 8 -3.60 2.60 -7.04
C CYS A 8 -4.41 2.41 -5.77
N LEU A 9 -4.07 3.15 -4.71
CA LEU A 9 -4.80 3.07 -3.46
C LEU A 9 -5.50 4.39 -3.19
N ARG A 10 -6.46 4.37 -2.26
CA ARG A 10 -7.21 5.57 -1.93
C ARG A 10 -7.14 5.86 -0.43
N GLU A 11 -6.66 7.05 -0.09
CA GLU A 11 -6.58 7.45 1.31
C GLU A 11 -7.69 8.44 1.63
N ASP A 12 -8.82 7.91 2.10
CA ASP A 12 -9.99 8.73 2.42
C ASP A 12 -10.58 9.35 1.16
N GLY A 13 -10.68 8.54 0.11
CA GLY A 13 -11.26 9.00 -1.14
C GLY A 13 -10.21 9.58 -2.08
N GLU A 14 -9.06 9.96 -1.54
CA GLU A 14 -7.99 10.54 -2.36
C GLU A 14 -7.14 9.46 -3.02
N ARG A 15 -6.96 9.57 -4.33
CA ARG A 15 -6.18 8.59 -5.08
C ARG A 15 -4.68 8.86 -4.96
N CYS A 16 -4.19 8.83 -3.72
CA CYS A 16 -2.78 9.04 -3.42
C CYS A 16 -2.12 10.15 -4.26
N GLY A 17 -1.68 9.82 -5.48
CA GLY A 17 -1.04 10.81 -6.33
C GLY A 17 0.45 10.56 -6.48
N ARG A 18 1.03 9.85 -5.52
CA ARG A 18 2.46 9.54 -5.55
C ARG A 18 2.72 8.40 -6.53
N ALA A 19 3.88 8.44 -7.18
CA ALA A 19 4.24 7.41 -8.16
C ALA A 19 4.37 6.04 -7.50
N ALA A 20 4.23 4.99 -8.32
CA ALA A 20 4.34 3.62 -7.83
C ALA A 20 5.79 3.28 -7.55
N GLY A 21 6.01 2.37 -6.61
CA GLY A 21 7.37 2.00 -6.25
C GLY A 21 7.77 0.59 -6.69
N ASN A 22 8.41 -0.13 -5.78
CA ASN A 22 8.88 -1.49 -6.06
C ASN A 22 8.02 -2.55 -5.40
N ALA A 23 7.11 -2.13 -4.52
CA ALA A 23 6.24 -3.08 -3.83
C ALA A 23 5.03 -3.44 -4.67
N SER A 24 4.28 -4.45 -4.23
CA SER A 24 3.08 -4.89 -4.92
C SER A 24 1.97 -5.21 -3.94
N PHE A 25 0.75 -4.83 -4.29
CA PHE A 25 -0.40 -5.10 -3.44
C PHE A 25 -0.60 -6.60 -3.29
N SER A 26 -0.64 -7.07 -2.05
CA SER A 26 -0.81 -8.50 -1.79
C SER A 26 -1.93 -8.74 -0.78
N LYS A 27 -1.99 -9.96 -0.28
CA LYS A 27 -3.00 -10.36 0.70
C LYS A 27 -2.63 -9.86 2.10
N ARG A 28 -1.34 -9.98 2.42
CA ARG A 28 -0.81 -9.55 3.70
C ARG A 28 -1.16 -8.09 3.95
N ILE A 29 -1.01 -7.26 2.92
CA ILE A 29 -1.32 -5.85 3.04
C ILE A 29 -2.82 -5.67 3.27
N GLN A 30 -3.63 -6.48 2.59
CA GLN A 30 -5.07 -6.42 2.75
C GLN A 30 -5.44 -6.75 4.18
N LYS A 31 -4.92 -7.89 4.63
CA LYS A 31 -5.14 -8.36 5.98
C LYS A 31 -4.71 -7.30 6.98
N SER A 32 -3.59 -6.64 6.69
CA SER A 32 -3.07 -5.58 7.54
C SER A 32 -4.09 -4.44 7.63
N ILE A 33 -4.55 -3.97 6.47
CA ILE A 33 -5.54 -2.90 6.41
C ILE A 33 -6.76 -3.25 7.26
N SER A 34 -7.32 -4.43 7.00
CA SER A 34 -8.50 -4.89 7.73
C SER A 34 -8.26 -4.84 9.24
N GLN A 35 -7.06 -5.21 9.66
CA GLN A 35 -6.71 -5.19 11.08
C GLN A 35 -6.46 -3.75 11.53
N LYS A 36 -6.20 -2.86 10.58
CA LYS A 36 -5.97 -1.46 10.87
C LYS A 36 -7.29 -0.71 10.98
N LYS A 37 -8.21 -1.06 10.09
CA LYS A 37 -9.51 -0.42 10.04
C LYS A 37 -9.37 1.01 9.51
N VAL A 38 -9.10 1.11 8.21
CA VAL A 38 -8.91 2.39 7.56
C VAL A 38 -9.67 2.47 6.24
N LYS A 39 -9.69 3.66 5.64
CA LYS A 39 -10.37 3.86 4.37
C LYS A 39 -9.43 3.68 3.19
N ILE A 40 -8.91 2.47 3.03
CA ILE A 40 -8.01 2.17 1.93
C ILE A 40 -8.47 0.92 1.19
N GLU A 41 -8.79 1.08 -0.09
CA GLU A 41 -9.23 -0.04 -0.91
C GLU A 41 -8.52 -0.04 -2.25
N LEU A 42 -8.51 -1.19 -2.90
CA LEU A 42 -7.84 -1.31 -4.19
C LEU A 42 -8.69 -0.71 -5.32
N ASP A 43 -8.10 0.23 -6.03
CA ASP A 43 -8.77 0.85 -7.16
C ASP A 43 -8.72 -0.10 -8.35
N LYS A 44 -9.88 -0.63 -8.73
CA LYS A 44 -9.95 -1.59 -9.82
C LYS A 44 -9.88 -0.90 -11.20
N SER A 45 -9.86 0.43 -11.21
CA SER A 45 -9.79 1.17 -12.46
C SER A 45 -8.35 1.26 -12.98
N ALA A 46 -7.39 0.73 -12.21
CA ALA A 46 -5.99 0.77 -12.61
C ALA A 46 -5.71 -0.22 -13.74
N ARG A 47 -4.44 -0.57 -13.90
CA ARG A 47 -4.03 -1.52 -14.92
C ARG A 47 -2.98 -2.49 -14.39
N HIS A 48 -2.66 -2.40 -13.10
CA HIS A 48 -1.65 -3.25 -12.50
C HIS A 48 -1.75 -3.27 -10.98
N LEU A 49 -0.87 -4.02 -10.35
CA LEU A 49 -0.82 -4.10 -8.90
C LEU A 49 0.53 -3.59 -8.40
N TYR A 50 0.64 -2.27 -8.29
CA TYR A 50 1.86 -1.63 -7.83
C TYR A 50 1.54 -0.44 -6.94
N ILE A 51 2.00 -0.47 -5.70
CA ILE A 51 1.76 0.61 -4.76
C ILE A 51 2.99 1.50 -4.64
N CYS A 52 2.82 2.65 -4.00
CA CYS A 52 3.92 3.59 -3.81
C CYS A 52 4.70 3.24 -2.55
N ASP A 53 5.79 3.94 -2.33
CA ASP A 53 6.63 3.72 -1.15
C ASP A 53 5.95 4.26 0.10
N TYR A 54 5.13 5.28 -0.08
CA TYR A 54 4.42 5.92 1.02
C TYR A 54 3.51 4.93 1.76
N HIS A 55 2.55 4.37 1.04
CA HIS A 55 1.61 3.42 1.64
C HIS A 55 2.31 2.13 2.04
N LYS A 56 3.42 1.81 1.39
CA LYS A 56 4.16 0.59 1.69
C LYS A 56 4.78 0.69 3.08
N ASN A 57 5.54 1.76 3.30
CA ASN A 57 6.21 1.98 4.58
C ASN A 57 5.20 2.32 5.67
N LEU A 58 4.08 2.92 5.27
CA LEU A 58 3.04 3.32 6.19
C LEU A 58 2.25 2.12 6.73
N ILE A 59 1.83 1.25 5.82
CA ILE A 59 1.03 0.07 6.18
C ILE A 59 1.87 -1.08 6.74
N GLN A 60 3.02 -1.33 6.14
CA GLN A 60 3.88 -2.43 6.57
C GLN A 60 4.40 -2.27 8.00
N SER A 61 4.70 -1.04 8.40
CA SER A 61 5.29 -0.79 9.71
C SER A 61 4.28 -0.56 10.84
N VAL A 62 3.12 -1.21 10.78
CA VAL A 62 2.13 -1.07 11.83
C VAL A 62 2.14 -2.32 12.72
N ARG A 63 2.43 -3.45 12.10
CA ARG A 63 2.51 -4.72 12.81
C ARG A 63 3.83 -5.41 12.47
N ASN A 64 4.91 -4.97 13.09
CA ASN A 64 6.22 -5.53 12.85
C ASN A 64 6.86 -5.98 14.16
N ARG A 65 7.00 -7.30 14.32
CA ARG A 65 7.58 -7.87 15.53
C ARG A 65 8.90 -8.57 15.23
N ARG A 66 8.90 -9.39 14.19
CA ARG A 66 10.09 -10.14 13.78
C ARG A 66 9.91 -10.62 12.34
N LYS A 67 8.70 -11.09 12.05
CA LYS A 67 8.32 -11.56 10.73
C LYS A 67 9.43 -12.35 10.03
N ARG A 68 9.74 -13.51 10.59
CA ARG A 68 10.72 -14.40 10.00
C ARG A 68 10.17 -15.82 9.91
N LYS A 69 8.93 -16.03 10.40
CA LYS A 69 8.31 -17.35 10.37
C LYS A 69 9.17 -18.36 11.12
N GLY A 70 9.03 -19.64 10.76
CA GLY A 70 9.79 -20.68 11.40
C GLY A 70 9.57 -22.02 10.71
N SER A 71 9.74 -22.03 9.39
CA SER A 71 9.55 -23.23 8.60
C SER A 71 8.10 -23.68 8.64
N SER A 1 2.75 5.90 -22.51
CA SER A 1 3.96 5.03 -22.39
C SER A 1 4.03 4.36 -21.03
N ASN A 2 5.06 3.54 -20.85
CA ASN A 2 5.26 2.82 -19.59
C ASN A 2 6.64 3.07 -19.00
N ALA A 3 6.73 4.11 -18.18
CA ALA A 3 7.98 4.47 -17.51
C ALA A 3 7.71 5.47 -16.39
N GLY A 4 6.48 5.47 -15.88
CA GLY A 4 6.10 6.39 -14.83
C GLY A 4 4.68 6.12 -14.36
N GLN A 5 4.53 5.18 -13.45
CA GLN A 5 3.22 4.79 -12.93
C GLN A 5 2.88 5.54 -11.65
N LEU A 6 1.58 5.58 -11.34
CA LEU A 6 1.10 6.24 -10.14
C LEU A 6 0.44 5.23 -9.21
N CYS A 7 0.47 5.51 -7.90
CA CYS A 7 -0.12 4.62 -6.90
C CYS A 7 -1.52 4.18 -7.32
N CYS A 8 -1.96 3.02 -6.82
CA CYS A 8 -3.28 2.48 -7.16
C CYS A 8 -4.16 2.25 -5.93
N LEU A 9 -4.04 3.11 -4.93
CA LEU A 9 -4.87 3.02 -3.74
C LEU A 9 -5.68 4.29 -3.53
N ARG A 10 -6.67 4.20 -2.65
CA ARG A 10 -7.53 5.35 -2.37
C ARG A 10 -7.66 5.57 -0.87
N GLU A 11 -7.16 6.70 -0.39
CA GLU A 11 -7.26 7.03 1.03
C GLU A 11 -8.39 8.02 1.26
N ASP A 12 -9.47 7.54 1.86
CA ASP A 12 -10.64 8.37 2.13
C ASP A 12 -11.15 9.01 0.85
N GLY A 13 -10.89 8.36 -0.28
CA GLY A 13 -11.34 8.87 -1.57
C GLY A 13 -10.23 9.54 -2.36
N GLU A 14 -9.04 9.65 -1.78
CA GLU A 14 -7.92 10.29 -2.48
C GLU A 14 -7.06 9.27 -3.21
N ARG A 15 -6.91 9.47 -4.51
CA ARG A 15 -6.11 8.57 -5.34
C ARG A 15 -4.63 8.87 -5.19
N CYS A 16 -4.14 8.79 -3.95
CA CYS A 16 -2.73 9.05 -3.63
C CYS A 16 -2.07 10.09 -4.54
N GLY A 17 -1.55 9.66 -5.70
CA GLY A 17 -0.90 10.59 -6.62
C GLY A 17 0.61 10.39 -6.67
N ARG A 18 1.16 9.78 -5.63
CA ARG A 18 2.59 9.53 -5.56
C ARG A 18 3.00 8.44 -6.54
N ALA A 19 4.21 8.55 -7.08
CA ALA A 19 4.71 7.58 -8.04
C ALA A 19 4.76 6.17 -7.46
N ALA A 20 4.54 5.17 -8.31
CA ALA A 20 4.57 3.77 -7.89
C ALA A 20 6.01 3.36 -7.57
N GLY A 21 6.17 2.42 -6.65
CA GLY A 21 7.49 1.98 -6.27
C GLY A 21 7.84 0.58 -6.73
N ASN A 22 8.38 -0.22 -5.80
CA ASN A 22 8.78 -1.58 -6.10
C ASN A 22 7.96 -2.61 -5.31
N ALA A 23 6.81 -2.20 -4.81
CA ALA A 23 5.96 -3.09 -4.04
C ALA A 23 4.66 -3.42 -4.78
N SER A 24 3.98 -4.46 -4.32
CA SER A 24 2.72 -4.87 -4.92
C SER A 24 1.65 -5.04 -3.85
N PHE A 25 0.40 -4.96 -4.27
CA PHE A 25 -0.73 -5.12 -3.35
C PHE A 25 -1.04 -6.60 -3.17
N SER A 26 -0.78 -7.11 -1.98
CA SER A 26 -1.01 -8.52 -1.68
C SER A 26 -2.12 -8.70 -0.65
N LYS A 27 -2.27 -9.94 -0.19
CA LYS A 27 -3.28 -10.29 0.81
C LYS A 27 -2.84 -9.87 2.21
N ARG A 28 -1.56 -10.10 2.51
CA ARG A 28 -0.99 -9.74 3.80
C ARG A 28 -1.28 -8.28 4.12
N ILE A 29 -1.17 -7.44 3.10
CA ILE A 29 -1.43 -6.02 3.25
C ILE A 29 -2.92 -5.78 3.43
N GLN A 30 -3.73 -6.54 2.70
CA GLN A 30 -5.17 -6.41 2.79
C GLN A 30 -5.62 -6.71 4.21
N LYS A 31 -5.02 -7.75 4.79
CA LYS A 31 -5.34 -8.15 6.16
C LYS A 31 -4.78 -7.12 7.14
N SER A 32 -3.49 -6.84 7.04
CA SER A 32 -2.86 -5.86 7.92
C SER A 32 -3.65 -4.56 7.91
N ILE A 33 -4.26 -4.27 6.77
CA ILE A 33 -5.08 -3.08 6.62
C ILE A 33 -6.41 -3.25 7.37
N SER A 34 -7.12 -4.31 7.05
CA SER A 34 -8.40 -4.60 7.68
C SER A 34 -8.29 -4.55 9.20
N GLN A 35 -7.12 -4.89 9.72
CA GLN A 35 -6.90 -4.87 11.17
C GLN A 35 -6.54 -3.46 11.62
N LYS A 36 -5.84 -2.72 10.76
CA LYS A 36 -5.46 -1.35 11.05
C LYS A 36 -6.70 -0.49 11.21
N LYS A 37 -7.80 -0.91 10.59
CA LYS A 37 -9.05 -0.17 10.63
C LYS A 37 -8.89 1.13 9.87
N VAL A 38 -8.65 1.03 8.58
CA VAL A 38 -8.46 2.19 7.72
C VAL A 38 -9.28 2.07 6.45
N LYS A 39 -9.52 3.21 5.79
CA LYS A 39 -10.31 3.22 4.56
C LYS A 39 -9.41 3.18 3.32
N ILE A 40 -8.77 2.04 3.11
CA ILE A 40 -7.90 1.87 1.95
C ILE A 40 -8.30 0.63 1.17
N GLU A 41 -8.88 0.84 -0.01
CA GLU A 41 -9.30 -0.27 -0.85
C GLU A 41 -8.61 -0.20 -2.20
N LEU A 42 -8.70 -1.29 -2.95
CA LEU A 42 -8.07 -1.35 -4.25
C LEU A 42 -9.02 -0.87 -5.36
N ASP A 43 -8.46 -0.19 -6.35
CA ASP A 43 -9.21 0.30 -7.49
C ASP A 43 -8.97 -0.63 -8.67
N LYS A 44 -10.02 -0.97 -9.40
CA LYS A 44 -9.89 -1.89 -10.53
C LYS A 44 -9.67 -1.14 -11.84
N SER A 45 -10.05 0.13 -11.88
CA SER A 45 -9.88 0.94 -13.09
C SER A 45 -8.53 1.64 -13.09
N ALA A 46 -7.57 1.10 -12.35
CA ALA A 46 -6.25 1.70 -12.25
C ALA A 46 -5.39 1.43 -13.48
N ARG A 47 -4.64 0.33 -13.45
CA ARG A 47 -3.73 -0.02 -14.53
C ARG A 47 -2.90 -1.25 -14.18
N HIS A 48 -2.67 -1.46 -12.89
CA HIS A 48 -1.89 -2.59 -12.41
C HIS A 48 -2.01 -2.72 -10.89
N LEU A 49 -1.17 -3.56 -10.30
CA LEU A 49 -1.16 -3.75 -8.85
C LEU A 49 0.19 -3.34 -8.29
N TYR A 50 0.45 -2.04 -8.30
CA TYR A 50 1.70 -1.50 -7.79
C TYR A 50 1.43 -0.26 -6.94
N ILE A 51 1.88 -0.30 -5.70
CA ILE A 51 1.69 0.81 -4.79
C ILE A 51 2.98 1.59 -4.59
N CYS A 52 2.86 2.82 -4.11
CA CYS A 52 4.01 3.66 -3.87
C CYS A 52 4.75 3.21 -2.62
N ASP A 53 5.92 3.79 -2.37
CA ASP A 53 6.71 3.44 -1.19
C ASP A 53 6.04 3.97 0.06
N TYR A 54 5.43 5.15 -0.05
CA TYR A 54 4.75 5.78 1.07
C TYR A 54 3.81 4.79 1.78
N HIS A 55 2.82 4.29 1.05
CA HIS A 55 1.85 3.36 1.62
C HIS A 55 2.53 2.06 2.08
N LYS A 56 3.62 1.69 1.43
CA LYS A 56 4.34 0.47 1.81
C LYS A 56 4.89 0.59 3.22
N ASN A 57 5.64 1.66 3.47
CA ASN A 57 6.25 1.90 4.77
C ASN A 57 5.19 2.18 5.83
N LEU A 58 4.12 2.84 5.41
CA LEU A 58 3.03 3.19 6.32
C LEU A 58 2.27 1.97 6.81
N ILE A 59 1.86 1.11 5.88
CA ILE A 59 1.09 -0.08 6.22
C ILE A 59 1.93 -1.17 6.89
N GLN A 60 3.08 -1.47 6.29
CA GLN A 60 3.95 -2.53 6.81
C GLN A 60 4.40 -2.28 8.25
N SER A 61 4.76 -1.04 8.57
CA SER A 61 5.29 -0.72 9.89
C SER A 61 4.27 -0.14 10.87
N VAL A 62 3.25 -0.94 11.22
CA VAL A 62 2.25 -0.50 12.19
C VAL A 62 2.06 -1.56 13.27
N ARG A 63 2.18 -2.83 12.89
CA ARG A 63 2.04 -3.93 13.84
C ARG A 63 3.43 -4.39 14.30
N ASN A 64 4.29 -3.41 14.58
CA ASN A 64 5.65 -3.69 15.02
C ASN A 64 5.81 -3.42 16.51
N ARG A 65 6.19 -4.45 17.26
CA ARG A 65 6.38 -4.31 18.70
C ARG A 65 7.60 -5.10 19.17
N ARG A 66 7.75 -6.31 18.63
CA ARG A 66 8.87 -7.18 18.96
C ARG A 66 9.08 -8.18 17.83
N LYS A 67 8.00 -8.86 17.47
CA LYS A 67 8.00 -9.85 16.39
C LYS A 67 9.27 -10.70 16.38
N ARG A 68 9.63 -11.24 17.53
CA ARG A 68 10.79 -12.11 17.64
C ARG A 68 10.34 -13.51 18.01
N LYS A 69 9.29 -13.59 18.83
CA LYS A 69 8.73 -14.87 19.25
C LYS A 69 9.76 -15.69 20.00
N GLY A 70 9.48 -16.98 20.18
CA GLY A 70 10.38 -17.86 20.90
C GLY A 70 9.65 -18.89 21.74
N SER A 71 8.32 -18.79 21.80
CA SER A 71 7.51 -19.73 22.56
C SER A 71 7.90 -19.67 24.04
N SER A 1 5.94 6.31 -22.52
CA SER A 1 4.78 5.62 -21.91
C SER A 1 5.22 4.40 -21.13
N ASN A 2 4.36 3.97 -20.21
CA ASN A 2 4.64 2.85 -19.35
C ASN A 2 5.86 3.15 -18.49
N ALA A 3 5.89 4.37 -17.98
CA ALA A 3 6.96 4.83 -17.11
C ALA A 3 6.43 5.90 -16.17
N GLY A 4 6.71 5.79 -14.89
CA GLY A 4 6.21 6.76 -13.94
C GLY A 4 4.73 6.51 -13.67
N GLN A 5 4.45 5.45 -12.95
CA GLN A 5 3.07 5.06 -12.64
C GLN A 5 2.62 5.64 -11.31
N LEU A 6 1.31 5.76 -11.15
CA LEU A 6 0.74 6.30 -9.92
C LEU A 6 0.08 5.21 -9.08
N CYS A 7 0.27 5.32 -7.77
CA CYS A 7 -0.30 4.37 -6.81
C CYS A 7 -1.76 4.03 -7.16
N CYS A 8 -2.14 2.77 -6.93
CA CYS A 8 -3.50 2.33 -7.22
C CYS A 8 -4.34 2.26 -5.94
N LEU A 9 -3.95 3.03 -4.94
CA LEU A 9 -4.67 3.06 -3.67
C LEU A 9 -5.35 4.42 -3.52
N ARG A 10 -6.49 4.44 -2.82
CA ARG A 10 -7.22 5.68 -2.63
C ARG A 10 -7.34 6.02 -1.15
N GLU A 11 -6.67 7.09 -0.72
CA GLU A 11 -6.72 7.52 0.66
C GLU A 11 -7.79 8.60 0.83
N ASP A 12 -8.93 8.21 1.40
CA ASP A 12 -10.04 9.13 1.62
C ASP A 12 -10.67 9.55 0.30
N GLY A 13 -10.92 8.56 -0.57
CA GLY A 13 -11.53 8.83 -1.85
C GLY A 13 -10.57 9.48 -2.84
N GLU A 14 -9.35 9.80 -2.40
CA GLU A 14 -8.37 10.44 -3.27
C GLU A 14 -7.36 9.42 -3.76
N ARG A 15 -7.06 9.49 -5.06
CA ARG A 15 -6.12 8.55 -5.67
C ARG A 15 -4.68 8.80 -5.22
N CYS A 16 -4.45 8.63 -3.92
CA CYS A 16 -3.12 8.79 -3.33
C CYS A 16 -2.40 10.09 -3.76
N GLY A 17 -1.83 10.09 -4.96
CA GLY A 17 -1.13 11.27 -5.45
C GLY A 17 0.35 11.02 -5.60
N ARG A 18 0.86 10.04 -4.86
CA ARG A 18 2.27 9.68 -4.93
C ARG A 18 2.49 8.64 -6.01
N ALA A 19 3.64 8.67 -6.66
CA ALA A 19 3.94 7.73 -7.73
C ALA A 19 4.33 6.36 -7.17
N ALA A 20 3.97 5.30 -7.91
CA ALA A 20 4.29 3.94 -7.50
C ALA A 20 5.79 3.77 -7.29
N GLY A 21 6.18 2.82 -6.45
CA GLY A 21 7.59 2.61 -6.17
C GLY A 21 8.04 1.17 -6.30
N ASN A 22 8.77 0.70 -5.29
CA ASN A 22 9.30 -0.66 -5.29
C ASN A 22 8.48 -1.59 -4.40
N ALA A 23 7.23 -1.82 -4.78
CA ALA A 23 6.35 -2.70 -4.00
C ALA A 23 5.14 -3.13 -4.81
N SER A 24 4.29 -3.94 -4.20
CA SER A 24 3.09 -4.43 -4.85
C SER A 24 1.95 -4.57 -3.84
N PHE A 25 0.78 -4.96 -4.34
CA PHE A 25 -0.38 -5.16 -3.48
C PHE A 25 -0.65 -6.65 -3.32
N SER A 26 -0.70 -7.12 -2.08
CA SER A 26 -0.91 -8.54 -1.80
C SER A 26 -2.07 -8.74 -0.82
N LYS A 27 -2.20 -9.98 -0.35
CA LYS A 27 -3.24 -10.33 0.62
C LYS A 27 -2.86 -9.83 2.01
N ARG A 28 -1.59 -10.03 2.36
CA ARG A 28 -1.06 -9.61 3.65
C ARG A 28 -1.36 -8.13 3.90
N ILE A 29 -1.29 -7.33 2.85
CA ILE A 29 -1.57 -5.91 2.96
C ILE A 29 -3.06 -5.69 3.22
N GLN A 30 -3.90 -6.49 2.58
CA GLN A 30 -5.34 -6.38 2.77
C GLN A 30 -5.69 -6.69 4.21
N LYS A 31 -5.08 -7.74 4.75
CA LYS A 31 -5.31 -8.16 6.13
C LYS A 31 -4.77 -7.09 7.07
N SER A 32 -3.55 -6.64 6.81
CA SER A 32 -2.91 -5.61 7.62
C SER A 32 -3.82 -4.39 7.71
N ILE A 33 -4.32 -3.95 6.55
CA ILE A 33 -5.23 -2.80 6.51
C ILE A 33 -6.52 -3.13 7.24
N SER A 34 -7.00 -4.36 7.05
CA SER A 34 -8.23 -4.81 7.68
C SER A 34 -8.19 -4.59 9.19
N GLN A 35 -7.14 -5.12 9.83
CA GLN A 35 -6.99 -4.97 11.26
C GLN A 35 -6.97 -3.49 11.64
N LYS A 36 -6.32 -2.69 10.80
CA LYS A 36 -6.25 -1.25 11.01
C LYS A 36 -7.63 -0.63 10.87
N LYS A 37 -8.34 -1.08 9.84
CA LYS A 37 -9.67 -0.57 9.53
C LYS A 37 -9.58 0.92 9.21
N VAL A 38 -9.10 1.20 8.01
CA VAL A 38 -8.94 2.58 7.55
C VAL A 38 -9.61 2.79 6.19
N LYS A 39 -9.51 4.00 5.67
CA LYS A 39 -10.11 4.32 4.39
C LYS A 39 -9.13 4.10 3.25
N ILE A 40 -8.61 2.89 3.16
CA ILE A 40 -7.67 2.52 2.10
C ILE A 40 -8.11 1.23 1.43
N GLU A 41 -8.28 1.29 0.11
CA GLU A 41 -8.71 0.13 -0.64
C GLU A 41 -8.12 0.14 -2.04
N LEU A 42 -8.24 -0.97 -2.74
CA LEU A 42 -7.70 -1.06 -4.08
C LEU A 42 -8.68 -0.51 -5.11
N ASP A 43 -8.14 0.19 -6.10
CA ASP A 43 -8.94 0.75 -7.17
C ASP A 43 -9.23 -0.36 -8.16
N LYS A 44 -10.41 -0.36 -8.75
CA LYS A 44 -10.77 -1.39 -9.71
C LYS A 44 -10.46 -0.97 -11.14
N SER A 45 -10.53 0.33 -11.40
CA SER A 45 -10.25 0.86 -12.73
C SER A 45 -8.80 0.56 -13.15
N ALA A 46 -7.90 0.62 -12.19
CA ALA A 46 -6.48 0.38 -12.45
C ALA A 46 -6.22 -1.05 -12.92
N ARG A 47 -5.14 -1.23 -13.67
CA ARG A 47 -4.77 -2.54 -14.19
C ARG A 47 -3.69 -3.20 -13.32
N HIS A 48 -2.46 -2.72 -13.49
CA HIS A 48 -1.33 -3.27 -12.74
C HIS A 48 -1.59 -3.25 -11.23
N LEU A 49 -0.64 -3.78 -10.48
CA LEU A 49 -0.73 -3.82 -9.03
C LEU A 49 0.60 -3.35 -8.42
N TYR A 50 0.76 -2.05 -8.33
CA TYR A 50 1.97 -1.45 -7.80
C TYR A 50 1.62 -0.26 -6.93
N ILE A 51 2.10 -0.26 -5.70
CA ILE A 51 1.82 0.82 -4.78
C ILE A 51 3.05 1.72 -4.61
N CYS A 52 2.89 2.77 -3.82
CA CYS A 52 3.98 3.70 -3.57
C CYS A 52 4.74 3.30 -2.31
N ASP A 53 5.93 3.87 -2.13
CA ASP A 53 6.74 3.57 -0.96
C ASP A 53 6.05 4.04 0.31
N TYR A 54 5.25 5.08 0.17
CA TYR A 54 4.49 5.65 1.28
C TYR A 54 3.61 4.60 1.95
N HIS A 55 2.69 4.02 1.17
CA HIS A 55 1.78 3.01 1.70
C HIS A 55 2.51 1.74 2.10
N LYS A 56 3.55 1.37 1.34
CA LYS A 56 4.32 0.17 1.65
C LYS A 56 4.91 0.26 3.05
N ASN A 57 5.61 1.35 3.31
CA ASN A 57 6.24 1.57 4.60
C ASN A 57 5.20 1.79 5.70
N LEU A 58 4.11 2.45 5.35
CA LEU A 58 3.03 2.73 6.30
C LEU A 58 2.35 1.46 6.78
N ILE A 59 2.10 0.53 5.86
CA ILE A 59 1.42 -0.72 6.19
C ILE A 59 2.36 -1.81 6.69
N GLN A 60 3.57 -1.86 6.15
CA GLN A 60 4.53 -2.89 6.52
C GLN A 60 5.14 -2.67 7.91
N SER A 61 5.30 -1.42 8.32
CA SER A 61 5.93 -1.12 9.60
C SER A 61 4.98 -1.06 10.79
N VAL A 62 3.73 -1.47 10.60
CA VAL A 62 2.78 -1.46 11.72
C VAL A 62 2.75 -2.82 12.40
N ARG A 63 3.19 -3.85 11.68
CA ARG A 63 3.24 -5.20 12.23
C ARG A 63 4.68 -5.55 12.60
N ASN A 64 5.33 -4.64 13.32
CA ASN A 64 6.70 -4.82 13.77
C ASN A 64 6.74 -5.26 15.23
N ARG A 65 6.92 -6.55 15.46
CA ARG A 65 6.96 -7.10 16.81
C ARG A 65 8.24 -7.90 17.06
N ARG A 66 8.30 -8.57 18.20
CA ARG A 66 9.45 -9.39 18.55
C ARG A 66 9.30 -10.78 17.94
N LYS A 67 8.27 -11.49 18.40
CA LYS A 67 7.96 -12.83 17.91
C LYS A 67 9.09 -13.82 18.17
N ARG A 68 9.48 -13.95 19.43
CA ARG A 68 10.50 -14.91 19.81
C ARG A 68 9.86 -16.25 20.19
N LYS A 69 8.54 -16.25 20.33
CA LYS A 69 7.79 -17.44 20.66
C LYS A 69 8.20 -17.98 22.03
N GLY A 70 9.14 -18.93 22.06
CA GLY A 70 9.59 -19.49 23.30
C GLY A 70 10.46 -20.70 23.08
N SER A 71 11.67 -20.46 22.58
CA SER A 71 12.62 -21.53 22.31
C SER A 71 13.56 -21.73 23.49
N SER A 1 0.70 6.67 -16.43
CA SER A 1 1.15 6.28 -17.78
C SER A 1 2.12 5.10 -17.72
N ASN A 2 3.02 4.97 -18.69
CA ASN A 2 3.95 3.84 -18.73
C ASN A 2 5.26 4.09 -17.99
N ALA A 3 5.52 5.33 -17.62
CA ALA A 3 6.73 5.67 -16.87
C ALA A 3 6.38 6.56 -15.69
N GLY A 4 6.80 6.15 -14.50
CA GLY A 4 6.48 6.91 -13.31
C GLY A 4 5.02 6.78 -12.97
N GLN A 5 4.55 5.54 -12.89
CA GLN A 5 3.15 5.26 -12.60
C GLN A 5 2.74 5.83 -11.25
N LEU A 6 1.44 5.82 -10.99
CA LEU A 6 0.93 6.33 -9.74
C LEU A 6 0.26 5.25 -8.90
N CYS A 7 0.23 5.49 -7.60
CA CYS A 7 -0.36 4.56 -6.65
C CYS A 7 -1.72 4.05 -7.12
N CYS A 8 -2.09 2.85 -6.69
CA CYS A 8 -3.37 2.26 -7.07
C CYS A 8 -4.29 2.10 -5.86
N LEU A 9 -3.99 2.83 -4.80
CA LEU A 9 -4.81 2.80 -3.59
C LEU A 9 -5.51 4.13 -3.42
N ARG A 10 -6.62 4.13 -2.70
CA ARG A 10 -7.38 5.36 -2.49
C ARG A 10 -7.48 5.70 -1.01
N GLU A 11 -7.13 6.94 -0.67
CA GLU A 11 -7.21 7.38 0.72
C GLU A 11 -8.36 8.38 0.87
N ASP A 12 -9.43 7.94 1.53
CA ASP A 12 -10.60 8.79 1.73
C ASP A 12 -11.18 9.23 0.40
N GLY A 13 -11.13 8.34 -0.59
CA GLY A 13 -11.67 8.65 -1.89
C GLY A 13 -10.66 9.31 -2.81
N GLU A 14 -9.56 9.80 -2.24
CA GLU A 14 -8.53 10.47 -3.03
C GLU A 14 -7.49 9.47 -3.53
N ARG A 15 -7.11 9.61 -4.80
CA ARG A 15 -6.14 8.70 -5.42
C ARG A 15 -4.70 9.01 -5.02
N CYS A 16 -4.40 8.77 -3.75
CA CYS A 16 -3.05 8.98 -3.20
C CYS A 16 -2.35 10.22 -3.81
N GLY A 17 -1.43 10.03 -4.76
CA GLY A 17 -0.74 11.16 -5.36
C GLY A 17 0.75 10.88 -5.55
N ARG A 18 1.30 10.04 -4.70
CA ARG A 18 2.70 9.67 -4.79
C ARG A 18 2.90 8.60 -5.86
N ALA A 19 3.93 8.74 -6.67
CA ALA A 19 4.18 7.79 -7.73
C ALA A 19 4.42 6.38 -7.18
N ALA A 20 4.23 5.38 -8.05
CA ALA A 20 4.41 3.98 -7.66
C ALA A 20 5.86 3.67 -7.33
N GLY A 21 6.09 2.49 -6.73
CA GLY A 21 7.45 2.10 -6.36
C GLY A 21 7.81 0.69 -6.77
N ASN A 22 8.47 -0.03 -5.86
CA ASN A 22 8.93 -1.39 -6.12
C ASN A 22 8.10 -2.43 -5.37
N ALA A 23 7.05 -1.99 -4.67
CA ALA A 23 6.23 -2.93 -3.92
C ALA A 23 5.02 -3.39 -4.72
N SER A 24 4.24 -4.29 -4.13
CA SER A 24 3.06 -4.83 -4.78
C SER A 24 1.94 -5.02 -3.76
N PHE A 25 0.70 -5.03 -4.25
CA PHE A 25 -0.45 -5.23 -3.39
C PHE A 25 -0.66 -6.71 -3.15
N SER A 26 -0.68 -7.10 -1.88
CA SER A 26 -0.86 -8.51 -1.54
C SER A 26 -1.97 -8.71 -0.52
N LYS A 27 -2.14 -9.95 -0.08
CA LYS A 27 -3.14 -10.30 0.90
C LYS A 27 -2.70 -9.84 2.29
N ARG A 28 -1.41 -9.99 2.56
CA ARG A 28 -0.84 -9.57 3.83
C ARG A 28 -1.15 -8.10 4.09
N ILE A 29 -0.95 -7.27 3.07
CA ILE A 29 -1.24 -5.84 3.19
C ILE A 29 -2.71 -5.64 3.49
N GLN A 30 -3.57 -6.39 2.80
CA GLN A 30 -5.01 -6.31 3.02
C GLN A 30 -5.32 -6.56 4.48
N LYS A 31 -4.75 -7.62 5.03
CA LYS A 31 -4.95 -7.97 6.42
C LYS A 31 -4.53 -6.82 7.31
N SER A 32 -3.35 -6.27 7.04
CA SER A 32 -2.85 -5.14 7.81
C SER A 32 -3.89 -4.02 7.83
N ILE A 33 -4.34 -3.63 6.63
CA ILE A 33 -5.35 -2.59 6.52
C ILE A 33 -6.56 -2.92 7.38
N SER A 34 -7.13 -4.11 7.16
CA SER A 34 -8.30 -4.55 7.92
C SER A 34 -8.08 -4.38 9.42
N GLN A 35 -6.90 -4.78 9.89
CA GLN A 35 -6.58 -4.66 11.30
C GLN A 35 -6.61 -3.20 11.72
N LYS A 36 -6.05 -2.33 10.87
CA LYS A 36 -6.04 -0.91 11.13
C LYS A 36 -7.43 -0.33 10.99
N LYS A 37 -8.21 -0.94 10.10
CA LYS A 37 -9.57 -0.48 9.82
C LYS A 37 -9.54 0.98 9.38
N VAL A 38 -9.04 1.19 8.16
CA VAL A 38 -8.92 2.53 7.61
C VAL A 38 -9.58 2.62 6.23
N LYS A 39 -9.71 3.85 5.73
CA LYS A 39 -10.33 4.07 4.43
C LYS A 39 -9.30 3.95 3.30
N ILE A 40 -8.86 2.73 3.04
CA ILE A 40 -7.89 2.47 1.99
C ILE A 40 -8.22 1.16 1.27
N GLU A 41 -8.77 1.27 0.08
CA GLU A 41 -9.12 0.09 -0.71
C GLU A 41 -8.41 0.12 -2.05
N LEU A 42 -8.63 -0.92 -2.85
CA LEU A 42 -8.00 -1.02 -4.15
C LEU A 42 -8.87 -0.46 -5.26
N ASP A 43 -8.22 0.19 -6.23
CA ASP A 43 -8.90 0.74 -7.39
C ASP A 43 -9.10 -0.37 -8.41
N LYS A 44 -10.32 -0.52 -8.90
CA LYS A 44 -10.61 -1.56 -9.89
C LYS A 44 -10.42 -1.07 -11.31
N SER A 45 -10.36 0.26 -11.49
CA SER A 45 -10.16 0.84 -12.81
C SER A 45 -8.67 0.95 -13.15
N ALA A 46 -7.83 0.20 -12.42
CA ALA A 46 -6.40 0.22 -12.65
C ALA A 46 -5.99 -0.79 -13.71
N ARG A 47 -4.70 -0.77 -14.03
CA ARG A 47 -4.14 -1.68 -15.03
C ARG A 47 -2.87 -2.36 -14.50
N HIS A 48 -2.49 -2.05 -13.27
CA HIS A 48 -1.30 -2.63 -12.67
C HIS A 48 -1.46 -2.76 -11.16
N LEU A 49 -0.58 -3.55 -10.55
CA LEU A 49 -0.62 -3.75 -9.11
C LEU A 49 0.71 -3.31 -8.49
N TYR A 50 0.91 -2.00 -8.45
CA TYR A 50 2.14 -1.44 -7.89
C TYR A 50 1.81 -0.22 -7.02
N ILE A 51 2.01 -0.36 -5.72
CA ILE A 51 1.74 0.73 -4.79
C ILE A 51 2.95 1.63 -4.65
N CYS A 52 2.77 2.74 -3.93
CA CYS A 52 3.84 3.69 -3.71
C CYS A 52 4.63 3.33 -2.45
N ASP A 53 5.80 3.93 -2.30
CA ASP A 53 6.64 3.67 -1.14
C ASP A 53 5.93 4.10 0.13
N TYR A 54 5.21 5.21 0.05
CA TYR A 54 4.47 5.75 1.18
C TYR A 54 3.60 4.66 1.84
N HIS A 55 2.65 4.13 1.09
CA HIS A 55 1.76 3.10 1.61
C HIS A 55 2.51 1.82 1.96
N LYS A 56 3.63 1.58 1.30
CA LYS A 56 4.42 0.38 1.57
C LYS A 56 5.01 0.42 2.97
N ASN A 57 5.74 1.49 3.26
CA ASN A 57 6.37 1.65 4.57
C ASN A 57 5.34 1.93 5.66
N LEU A 58 4.21 2.53 5.26
CA LEU A 58 3.15 2.86 6.19
C LEU A 58 2.37 1.63 6.64
N ILE A 59 2.06 0.76 5.69
CA ILE A 59 1.28 -0.45 5.98
C ILE A 59 2.14 -1.61 6.49
N GLN A 60 3.33 -1.76 5.96
CA GLN A 60 4.22 -2.85 6.36
C GLN A 60 4.69 -2.75 7.81
N SER A 61 4.89 -1.52 8.28
CA SER A 61 5.42 -1.29 9.61
C SER A 61 4.38 -1.34 10.74
N VAL A 62 3.44 -2.28 10.66
CA VAL A 62 2.44 -2.43 11.72
C VAL A 62 2.38 -3.88 12.17
N ARG A 63 2.45 -4.80 11.22
CA ARG A 63 2.45 -6.23 11.51
C ARG A 63 3.55 -6.91 10.71
N ASN A 64 4.80 -6.65 11.08
CA ASN A 64 5.94 -7.24 10.39
C ASN A 64 6.87 -7.93 11.39
N ARG A 65 6.45 -9.08 11.87
CA ARG A 65 7.24 -9.84 12.84
C ARG A 65 7.41 -11.30 12.39
N ARG A 66 7.00 -11.59 11.15
CA ARG A 66 7.13 -12.94 10.62
C ARG A 66 8.01 -12.93 9.37
N LYS A 67 9.29 -12.69 9.59
CA LYS A 67 10.28 -12.65 8.51
C LYS A 67 11.69 -12.78 9.07
N ARG A 68 11.91 -12.27 10.28
CA ARG A 68 13.19 -12.38 10.94
C ARG A 68 13.30 -13.75 11.62
N LYS A 69 14.51 -14.11 12.01
CA LYS A 69 14.75 -15.39 12.66
C LYS A 69 14.57 -15.26 14.19
N GLY A 70 15.41 -15.94 14.97
CA GLY A 70 15.33 -15.87 16.41
C GLY A 70 16.07 -17.01 17.06
N SER A 71 17.28 -17.27 16.60
CA SER A 71 18.10 -18.35 17.13
C SER A 71 19.58 -18.12 16.87
N SER A 1 6.66 3.35 -21.30
CA SER A 1 6.14 1.98 -21.08
C SER A 1 5.80 1.77 -19.60
N ASN A 2 5.77 0.51 -19.16
CA ASN A 2 5.41 0.18 -17.79
C ASN A 2 6.53 0.48 -16.79
N ALA A 3 7.02 1.71 -16.81
CA ALA A 3 8.07 2.14 -15.91
C ALA A 3 7.82 3.60 -15.52
N GLY A 4 6.78 3.82 -14.74
CA GLY A 4 6.41 5.15 -14.33
C GLY A 4 4.90 5.29 -14.23
N GLN A 5 4.34 4.82 -13.12
CA GLN A 5 2.89 4.86 -12.92
C GLN A 5 2.54 5.66 -11.67
N LEU A 6 1.30 5.51 -11.23
CA LEU A 6 0.81 6.20 -10.05
C LEU A 6 0.09 5.22 -9.12
N CYS A 7 0.23 5.45 -7.81
CA CYS A 7 -0.41 4.61 -6.80
C CYS A 7 -1.89 4.40 -7.14
N CYS A 8 -2.37 3.17 -6.94
CA CYS A 8 -3.76 2.84 -7.24
C CYS A 8 -4.60 2.61 -5.99
N LEU A 9 -4.26 3.31 -4.92
CA LEU A 9 -5.00 3.20 -3.67
C LEU A 9 -5.73 4.50 -3.39
N ARG A 10 -6.80 4.41 -2.61
CA ARG A 10 -7.58 5.61 -2.28
C ARG A 10 -7.69 5.80 -0.77
N GLU A 11 -7.00 6.80 -0.26
CA GLU A 11 -7.03 7.11 1.16
C GLU A 11 -7.98 8.26 1.43
N ASP A 12 -9.08 7.99 2.12
CA ASP A 12 -10.08 9.00 2.42
C ASP A 12 -10.50 9.74 1.15
N GLY A 13 -10.77 8.98 0.11
CA GLY A 13 -11.20 9.57 -1.15
C GLY A 13 -10.05 10.14 -1.96
N GLU A 14 -8.83 10.03 -1.46
CA GLU A 14 -7.67 10.57 -2.18
C GLU A 14 -6.91 9.46 -2.88
N ARG A 15 -6.72 9.63 -4.19
CA ARG A 15 -6.02 8.65 -4.99
C ARG A 15 -4.51 8.90 -4.94
N CYS A 16 -3.97 8.93 -3.73
CA CYS A 16 -2.53 9.16 -3.48
C CYS A 16 -1.90 10.20 -4.43
N GLY A 17 -1.70 9.84 -5.68
CA GLY A 17 -1.09 10.74 -6.64
C GLY A 17 0.39 10.48 -6.78
N ARG A 18 0.96 9.90 -5.73
CA ARG A 18 2.38 9.57 -5.71
C ARG A 18 2.68 8.43 -6.67
N ALA A 19 3.83 8.49 -7.32
CA ALA A 19 4.23 7.47 -8.27
C ALA A 19 4.37 6.10 -7.61
N ALA A 20 4.09 5.05 -8.36
CA ALA A 20 4.21 3.69 -7.86
C ALA A 20 5.67 3.38 -7.59
N GLY A 21 5.92 2.44 -6.67
CA GLY A 21 7.30 2.12 -6.35
C GLY A 21 7.59 0.63 -6.33
N ASN A 22 8.56 0.25 -5.52
CA ASN A 22 8.99 -1.15 -5.41
C ASN A 22 8.12 -1.90 -4.40
N ALA A 23 6.83 -1.97 -4.67
CA ALA A 23 5.90 -2.66 -3.80
C ALA A 23 4.71 -3.20 -4.58
N SER A 24 3.96 -4.09 -3.96
CA SER A 24 2.79 -4.69 -4.58
C SER A 24 1.66 -4.84 -3.56
N PHE A 25 0.46 -5.08 -4.05
CA PHE A 25 -0.69 -5.27 -3.17
C PHE A 25 -0.94 -6.75 -2.96
N SER A 26 -0.38 -7.27 -1.86
CA SER A 26 -0.52 -8.68 -1.54
C SER A 26 -1.60 -8.90 -0.48
N LYS A 27 -1.68 -10.12 0.04
CA LYS A 27 -2.65 -10.46 1.08
C LYS A 27 -2.20 -9.93 2.45
N ARG A 28 -0.92 -10.10 2.77
CA ARG A 28 -0.39 -9.64 4.05
C ARG A 28 -0.76 -8.18 4.28
N ILE A 29 -0.76 -7.41 3.19
CA ILE A 29 -1.12 -6.00 3.27
C ILE A 29 -2.62 -5.87 3.54
N GLN A 30 -3.41 -6.68 2.87
CA GLN A 30 -4.85 -6.68 3.06
C GLN A 30 -5.19 -6.97 4.51
N LYS A 31 -4.42 -7.87 5.11
CA LYS A 31 -4.62 -8.24 6.51
C LYS A 31 -4.21 -7.08 7.41
N SER A 32 -3.04 -6.50 7.11
CA SER A 32 -2.54 -5.37 7.88
C SER A 32 -3.59 -4.26 7.90
N ILE A 33 -4.28 -4.09 6.78
CA ILE A 33 -5.33 -3.08 6.67
C ILE A 33 -6.57 -3.53 7.42
N SER A 34 -6.92 -4.80 7.30
CA SER A 34 -8.09 -5.35 7.97
C SER A 34 -8.00 -5.17 9.48
N GLN A 35 -6.80 -5.28 10.02
CA GLN A 35 -6.60 -5.11 11.45
C GLN A 35 -6.61 -3.64 11.83
N LYS A 36 -6.26 -2.79 10.86
CA LYS A 36 -6.26 -1.35 11.08
C LYS A 36 -7.67 -0.78 10.92
N LYS A 37 -8.31 -1.15 9.82
CA LYS A 37 -9.64 -0.67 9.48
C LYS A 37 -9.57 0.80 9.11
N VAL A 38 -9.02 1.08 7.93
CA VAL A 38 -8.86 2.45 7.45
C VAL A 38 -9.56 2.64 6.10
N LYS A 39 -9.58 3.88 5.64
CA LYS A 39 -10.23 4.22 4.37
C LYS A 39 -9.29 3.98 3.19
N ILE A 40 -8.82 2.75 3.07
CA ILE A 40 -7.94 2.37 1.98
C ILE A 40 -8.54 1.23 1.16
N GLU A 41 -8.48 1.35 -0.16
CA GLU A 41 -9.01 0.32 -1.03
C GLU A 41 -8.31 0.34 -2.38
N LEU A 42 -8.71 -0.56 -3.26
CA LEU A 42 -8.11 -0.63 -4.57
C LEU A 42 -9.06 -0.18 -5.67
N ASP A 43 -8.54 0.63 -6.58
CA ASP A 43 -9.33 1.10 -7.71
C ASP A 43 -9.30 0.04 -8.78
N LYS A 44 -10.40 -0.13 -9.51
CA LYS A 44 -10.47 -1.14 -10.54
C LYS A 44 -10.17 -0.58 -11.93
N SER A 45 -10.03 0.74 -12.04
CA SER A 45 -9.74 1.37 -13.32
C SER A 45 -8.24 1.31 -13.63
N ALA A 46 -7.47 0.67 -12.75
CA ALA A 46 -6.03 0.56 -12.91
C ALA A 46 -5.66 -0.43 -14.01
N ARG A 47 -4.43 -0.93 -13.96
CA ARG A 47 -3.94 -1.90 -14.92
C ARG A 47 -2.74 -2.65 -14.36
N HIS A 48 -2.62 -2.66 -13.03
CA HIS A 48 -1.50 -3.32 -12.38
C HIS A 48 -1.67 -3.30 -10.87
N LEU A 49 -0.75 -3.95 -10.17
CA LEU A 49 -0.78 -3.99 -8.71
C LEU A 49 0.56 -3.52 -8.14
N TYR A 50 0.86 -2.24 -8.36
CA TYR A 50 2.09 -1.65 -7.87
C TYR A 50 1.81 -0.37 -7.10
N ILE A 51 1.81 -0.48 -5.78
CA ILE A 51 1.54 0.67 -4.93
C ILE A 51 2.79 1.53 -4.76
N CYS A 52 2.64 2.67 -4.12
CA CYS A 52 3.76 3.57 -3.88
C CYS A 52 4.52 3.17 -2.62
N ASP A 53 5.61 3.86 -2.35
CA ASP A 53 6.41 3.58 -1.16
C ASP A 53 5.70 4.06 0.10
N TYR A 54 5.03 5.20 -0.02
CA TYR A 54 4.29 5.79 1.09
C TYR A 54 3.41 4.75 1.78
N HIS A 55 2.50 4.14 1.02
CA HIS A 55 1.60 3.13 1.56
C HIS A 55 2.34 1.88 2.00
N LYS A 56 3.37 1.48 1.25
CA LYS A 56 4.14 0.28 1.62
C LYS A 56 4.68 0.41 3.04
N ASN A 57 5.36 1.52 3.30
CA ASN A 57 5.93 1.79 4.61
C ASN A 57 4.84 1.95 5.66
N LEU A 58 3.82 2.73 5.32
CA LEU A 58 2.70 3.00 6.22
C LEU A 58 2.03 1.72 6.69
N ILE A 59 1.79 0.80 5.75
CA ILE A 59 1.11 -0.45 6.06
C ILE A 59 2.02 -1.50 6.72
N GLN A 60 3.18 -1.74 6.13
CA GLN A 60 4.12 -2.73 6.64
C GLN A 60 4.66 -2.38 8.02
N SER A 61 4.58 -1.11 8.41
CA SER A 61 5.15 -0.67 9.69
C SER A 61 4.17 -0.73 10.87
N VAL A 62 3.40 -1.81 10.97
CA VAL A 62 2.47 -1.97 12.10
C VAL A 62 2.73 -3.31 12.79
N ARG A 63 2.86 -4.35 11.98
CA ARG A 63 3.14 -5.68 12.52
C ARG A 63 4.63 -5.97 12.43
N ASN A 64 5.41 -5.16 13.11
CA ASN A 64 6.87 -5.30 13.13
C ASN A 64 7.29 -6.50 13.96
N ARG A 65 6.80 -7.68 13.59
CA ARG A 65 7.11 -8.91 14.30
C ARG A 65 8.00 -9.81 13.45
N ARG A 66 7.80 -9.73 12.14
CA ARG A 66 8.58 -10.53 11.20
C ARG A 66 8.92 -9.67 9.98
N LYS A 67 9.19 -10.31 8.84
CA LYS A 67 9.49 -9.60 7.61
C LYS A 67 10.88 -8.97 7.65
N ARG A 68 11.72 -9.42 8.57
CA ARG A 68 13.08 -8.91 8.66
C ARG A 68 14.06 -10.08 8.77
N LYS A 69 14.19 -10.66 9.97
CA LYS A 69 15.11 -11.77 10.20
C LYS A 69 16.40 -11.68 9.38
N GLY A 70 16.38 -12.18 8.14
CA GLY A 70 17.56 -12.14 7.30
C GLY A 70 17.27 -12.71 5.92
N SER A 71 17.15 -11.82 4.93
CA SER A 71 16.88 -12.25 3.56
C SER A 71 15.60 -13.09 3.51
N SER A 1 14.04 6.38 -12.61
CA SER A 1 13.97 5.39 -11.50
C SER A 1 12.69 5.57 -10.68
N ASN A 2 12.66 6.62 -9.88
CA ASN A 2 11.49 6.90 -9.04
C ASN A 2 10.54 7.83 -9.77
N ALA A 3 10.18 7.45 -11.00
CA ALA A 3 9.26 8.23 -11.83
C ALA A 3 8.78 7.39 -13.00
N GLY A 4 7.47 7.18 -13.07
CA GLY A 4 6.91 6.38 -14.14
C GLY A 4 5.42 6.16 -13.99
N GLN A 5 5.11 5.15 -13.22
CA GLN A 5 3.72 4.77 -12.96
C GLN A 5 3.16 5.51 -11.75
N LEU A 6 1.99 5.09 -11.28
CA LEU A 6 1.36 5.71 -10.14
C LEU A 6 0.79 4.68 -9.16
N CYS A 7 0.40 5.16 -7.99
CA CYS A 7 -0.16 4.28 -6.95
C CYS A 7 -1.63 3.97 -7.24
N CYS A 8 -2.05 2.75 -6.89
CA CYS A 8 -3.43 2.33 -7.13
C CYS A 8 -4.23 2.21 -5.84
N LEU A 9 -3.89 3.02 -4.84
CA LEU A 9 -4.62 3.03 -3.58
C LEU A 9 -5.41 4.32 -3.45
N ARG A 10 -6.42 4.31 -2.58
CA ARG A 10 -7.25 5.50 -2.38
C ARG A 10 -7.23 5.93 -0.92
N GLU A 11 -6.66 7.10 -0.67
CA GLU A 11 -6.61 7.64 0.68
C GLU A 11 -7.62 8.77 0.83
N ASP A 12 -8.74 8.46 1.49
CA ASP A 12 -9.80 9.44 1.69
C ASP A 12 -10.42 9.85 0.35
N GLY A 13 -10.76 8.86 -0.46
CA GLY A 13 -11.35 9.11 -1.76
C GLY A 13 -10.37 9.70 -2.76
N GLU A 14 -9.10 9.83 -2.36
CA GLU A 14 -8.09 10.39 -3.26
C GLU A 14 -7.17 9.30 -3.81
N ARG A 15 -6.93 9.35 -5.11
CA ARG A 15 -6.07 8.36 -5.76
C ARG A 15 -4.59 8.64 -5.49
N CYS A 16 -4.24 8.63 -4.21
CA CYS A 16 -2.85 8.86 -3.77
C CYS A 16 -2.16 10.03 -4.50
N GLY A 17 -1.66 9.79 -5.70
CA GLY A 17 -0.97 10.84 -6.43
C GLY A 17 0.53 10.60 -6.48
N ARG A 18 1.04 9.88 -5.48
CA ARG A 18 2.46 9.56 -5.42
C ARG A 18 2.75 8.40 -6.36
N ALA A 19 3.83 8.52 -7.14
CA ALA A 19 4.20 7.49 -8.09
C ALA A 19 4.37 6.12 -7.42
N ALA A 20 4.28 5.06 -8.21
CA ALA A 20 4.43 3.69 -7.70
C ALA A 20 5.89 3.39 -7.37
N GLY A 21 6.11 2.37 -6.56
CA GLY A 21 7.46 2.01 -6.17
C GLY A 21 7.85 0.58 -6.52
N ASN A 22 8.32 -0.15 -5.51
CA ASN A 22 8.78 -1.53 -5.70
C ASN A 22 7.81 -2.55 -5.10
N ALA A 23 7.20 -2.20 -3.97
CA ALA A 23 6.26 -3.11 -3.31
C ALA A 23 5.02 -3.36 -4.16
N SER A 24 4.38 -4.50 -3.93
CA SER A 24 3.17 -4.86 -4.66
C SER A 24 2.02 -5.11 -3.69
N PHE A 25 0.81 -5.20 -4.24
CA PHE A 25 -0.37 -5.45 -3.43
C PHE A 25 -0.61 -6.94 -3.32
N SER A 26 -0.40 -7.49 -2.12
CA SER A 26 -0.57 -8.91 -1.89
C SER A 26 -1.67 -9.18 -0.85
N LYS A 27 -1.61 -10.36 -0.24
CA LYS A 27 -2.57 -10.76 0.79
C LYS A 27 -2.23 -10.13 2.15
N ARG A 28 -0.98 -10.31 2.57
CA ARG A 28 -0.51 -9.79 3.85
C ARG A 28 -0.84 -8.31 4.00
N ILE A 29 -0.63 -7.53 2.95
CA ILE A 29 -0.93 -6.11 2.99
C ILE A 29 -2.44 -5.90 3.18
N GLN A 30 -3.23 -6.76 2.54
CA GLN A 30 -4.67 -6.69 2.66
C GLN A 30 -5.08 -6.97 4.09
N LYS A 31 -4.59 -8.09 4.60
CA LYS A 31 -4.85 -8.51 5.95
C LYS A 31 -4.44 -7.42 6.93
N SER A 32 -3.28 -6.82 6.68
CA SER A 32 -2.79 -5.73 7.53
C SER A 32 -3.80 -4.60 7.54
N ILE A 33 -4.22 -4.17 6.36
CA ILE A 33 -5.20 -3.10 6.23
C ILE A 33 -6.51 -3.50 6.89
N SER A 34 -6.80 -4.80 6.85
CA SER A 34 -8.03 -5.33 7.44
C SER A 34 -8.07 -5.10 8.95
N GLN A 35 -6.98 -5.47 9.63
CA GLN A 35 -6.91 -5.29 11.08
C GLN A 35 -6.85 -3.80 11.42
N LYS A 36 -6.25 -3.02 10.53
CA LYS A 36 -6.14 -1.58 10.73
C LYS A 36 -7.49 -0.90 10.54
N LYS A 37 -8.25 -1.38 9.56
CA LYS A 37 -9.55 -0.79 9.27
C LYS A 37 -9.40 0.69 8.95
N VAL A 38 -8.81 0.97 7.80
CA VAL A 38 -8.58 2.35 7.37
C VAL A 38 -9.19 2.60 5.99
N LYS A 39 -9.43 3.87 5.67
CA LYS A 39 -10.01 4.23 4.38
C LYS A 39 -9.00 4.06 3.26
N ILE A 40 -8.52 2.84 3.09
CA ILE A 40 -7.55 2.52 2.04
C ILE A 40 -7.91 1.19 1.39
N GLU A 41 -8.37 1.26 0.15
CA GLU A 41 -8.74 0.06 -0.58
C GLU A 41 -8.27 0.16 -2.02
N LEU A 42 -8.29 -0.96 -2.72
CA LEU A 42 -7.86 -1.00 -4.10
C LEU A 42 -8.94 -0.51 -5.05
N ASP A 43 -8.51 0.20 -6.10
CA ASP A 43 -9.43 0.71 -7.11
C ASP A 43 -9.39 -0.23 -8.31
N LYS A 44 -10.51 -0.85 -8.62
CA LYS A 44 -10.59 -1.78 -9.74
C LYS A 44 -10.60 -1.05 -11.08
N SER A 45 -10.96 0.23 -11.06
CA SER A 45 -11.00 1.00 -12.29
C SER A 45 -9.62 1.54 -12.65
N ALA A 46 -8.58 1.11 -11.94
CA ALA A 46 -7.23 1.57 -12.20
C ALA A 46 -6.64 0.92 -13.46
N ARG A 47 -5.80 -0.11 -13.28
CA ARG A 47 -5.18 -0.78 -14.41
C ARG A 47 -4.21 -1.86 -13.92
N HIS A 48 -3.17 -1.42 -13.22
CA HIS A 48 -2.15 -2.30 -12.70
C HIS A 48 -2.14 -2.29 -11.16
N LEU A 49 -1.01 -2.62 -10.56
CA LEU A 49 -0.87 -2.62 -9.11
C LEU A 49 0.33 -1.75 -8.69
N TYR A 50 1.33 -2.35 -8.02
CA TYR A 50 2.51 -1.60 -7.59
C TYR A 50 2.14 -0.39 -6.74
N ILE A 51 2.23 -0.57 -5.43
CA ILE A 51 1.92 0.50 -4.49
C ILE A 51 3.16 1.34 -4.22
N CYS A 52 2.95 2.59 -3.82
CA CYS A 52 4.05 3.49 -3.54
C CYS A 52 4.71 3.12 -2.21
N ASP A 53 5.92 3.65 -1.99
CA ASP A 53 6.65 3.38 -0.75
C ASP A 53 5.89 3.96 0.45
N TYR A 54 5.21 5.07 0.20
CA TYR A 54 4.44 5.75 1.25
C TYR A 54 3.47 4.78 1.93
N HIS A 55 2.61 4.15 1.14
CA HIS A 55 1.63 3.22 1.68
C HIS A 55 2.29 1.95 2.21
N LYS A 56 3.32 1.47 1.52
CA LYS A 56 4.01 0.26 1.94
C LYS A 56 4.46 0.39 3.40
N ASN A 57 5.17 1.48 3.68
CA ASN A 57 5.68 1.74 5.02
C ASN A 57 4.54 2.04 6.00
N LEU A 58 3.62 2.88 5.57
CA LEU A 58 2.48 3.27 6.40
C LEU A 58 1.69 2.06 6.89
N ILE A 59 1.59 1.04 6.04
CA ILE A 59 0.82 -0.17 6.37
C ILE A 59 1.68 -1.26 7.00
N GLN A 60 2.89 -1.43 6.51
CA GLN A 60 3.76 -2.48 7.02
C GLN A 60 4.34 -2.19 8.39
N SER A 61 4.76 -0.95 8.63
CA SER A 61 5.42 -0.61 9.88
C SER A 61 4.49 -0.11 10.99
N VAL A 62 3.29 -0.67 11.08
CA VAL A 62 2.37 -0.28 12.15
C VAL A 62 2.47 -1.29 13.29
N ARG A 63 2.43 -2.57 12.95
CA ARG A 63 2.57 -3.66 13.92
C ARG A 63 3.93 -4.34 13.77
N ASN A 64 4.56 -4.17 12.60
CA ASN A 64 5.84 -4.79 12.34
C ASN A 64 5.72 -6.30 12.48
N ARG A 65 4.78 -6.87 11.71
CA ARG A 65 4.52 -8.31 11.75
C ARG A 65 5.59 -9.11 11.02
N ARG A 66 6.30 -9.93 11.78
CA ARG A 66 7.34 -10.79 11.23
C ARG A 66 7.41 -12.09 12.00
N LYS A 67 8.23 -13.02 11.54
CA LYS A 67 8.38 -14.31 12.20
C LYS A 67 9.25 -14.19 13.44
N ARG A 68 9.12 -15.15 14.35
CA ARG A 68 9.92 -15.15 15.58
C ARG A 68 10.87 -16.34 15.59
N LYS A 69 12.09 -16.11 16.05
CA LYS A 69 13.10 -17.17 16.11
C LYS A 69 13.99 -17.05 17.35
N GLY A 70 13.84 -15.97 18.10
CA GLY A 70 14.66 -15.75 19.28
C GLY A 70 14.76 -14.28 19.62
N SER A 71 14.56 -13.43 18.61
CA SER A 71 14.61 -11.99 18.80
C SER A 71 15.96 -11.56 19.37
N SER A 1 2.04 3.21 -16.60
CA SER A 1 2.12 1.81 -17.09
C SER A 1 3.44 1.13 -16.68
N ASN A 2 4.55 1.83 -16.83
CA ASN A 2 5.86 1.26 -16.45
C ASN A 2 6.89 2.35 -16.11
N ALA A 3 6.72 3.54 -16.68
CA ALA A 3 7.62 4.66 -16.38
C ALA A 3 6.77 5.92 -16.18
N GLY A 4 6.56 6.29 -14.92
CA GLY A 4 5.75 7.45 -14.61
C GLY A 4 4.36 7.02 -14.18
N GLN A 5 4.32 6.12 -13.21
CA GLN A 5 3.06 5.58 -12.71
C GLN A 5 2.60 6.30 -11.45
N LEU A 6 1.39 5.99 -11.01
CA LEU A 6 0.82 6.60 -9.82
C LEU A 6 0.15 5.54 -8.93
N CYS A 7 0.37 5.65 -7.63
CA CYS A 7 -0.21 4.72 -6.66
C CYS A 7 -1.67 4.37 -7.01
N CYS A 8 -2.08 3.14 -6.71
CA CYS A 8 -3.44 2.69 -7.02
C CYS A 8 -4.30 2.50 -5.76
N LEU A 9 -4.00 3.29 -4.74
CA LEU A 9 -4.76 3.24 -3.49
C LEU A 9 -5.52 4.55 -3.31
N ARG A 10 -6.74 4.46 -2.81
CA ARG A 10 -7.55 5.64 -2.60
C ARG A 10 -7.72 5.96 -1.13
N GLU A 11 -7.17 7.10 -0.72
CA GLU A 11 -7.26 7.54 0.67
C GLU A 11 -8.42 8.53 0.82
N ASP A 12 -9.52 8.07 1.40
CA ASP A 12 -10.69 8.93 1.59
C ASP A 12 -11.15 9.48 0.26
N GLY A 13 -11.16 8.64 -0.76
CA GLY A 13 -11.59 9.06 -2.09
C GLY A 13 -10.49 9.73 -2.88
N GLU A 14 -9.29 9.82 -2.31
CA GLU A 14 -8.17 10.46 -2.99
C GLU A 14 -7.19 9.41 -3.51
N ARG A 15 -6.93 9.45 -4.81
CA ARG A 15 -6.02 8.51 -5.45
C ARG A 15 -4.56 8.83 -5.14
N CYS A 16 -4.23 8.81 -3.85
CA CYS A 16 -2.88 9.08 -3.36
C CYS A 16 -2.18 10.21 -4.11
N GLY A 17 -1.60 9.90 -5.27
CA GLY A 17 -0.91 10.92 -6.04
C GLY A 17 0.57 10.63 -6.15
N ARG A 18 1.12 9.99 -5.11
CA ARG A 18 2.53 9.65 -5.09
C ARG A 18 2.83 8.58 -6.14
N ALA A 19 4.01 8.66 -6.74
CA ALA A 19 4.40 7.71 -7.77
C ALA A 19 4.44 6.29 -7.22
N ALA A 20 4.41 5.31 -8.11
CA ALA A 20 4.45 3.91 -7.71
C ALA A 20 5.88 3.51 -7.40
N GLY A 21 6.06 2.64 -6.42
CA GLY A 21 7.39 2.22 -6.04
C GLY A 21 7.77 0.82 -6.51
N ASN A 22 8.40 0.07 -5.63
CA ASN A 22 8.86 -1.27 -5.94
C ASN A 22 8.06 -2.36 -5.20
N ALA A 23 7.04 -1.94 -4.45
CA ALA A 23 6.22 -2.89 -3.70
C ALA A 23 5.04 -3.40 -4.54
N SER A 24 4.38 -4.42 -4.02
CA SER A 24 3.23 -5.01 -4.71
C SER A 24 2.05 -5.13 -3.75
N PHE A 25 0.86 -5.30 -4.30
CA PHE A 25 -0.34 -5.45 -3.48
C PHE A 25 -0.68 -6.92 -3.34
N SER A 26 -0.64 -7.41 -2.11
CA SER A 26 -0.94 -8.82 -1.84
C SER A 26 -2.08 -8.96 -0.84
N LYS A 27 -2.21 -10.16 -0.29
CA LYS A 27 -3.25 -10.45 0.69
C LYS A 27 -2.82 -9.97 2.08
N ARG A 28 -1.54 -10.17 2.39
CA ARG A 28 -0.98 -9.75 3.67
C ARG A 28 -1.18 -8.26 3.91
N ILE A 29 -1.06 -7.48 2.84
CA ILE A 29 -1.24 -6.04 2.94
C ILE A 29 -2.73 -5.72 3.14
N GLN A 30 -3.58 -6.44 2.43
CA GLN A 30 -5.02 -6.26 2.54
C GLN A 30 -5.47 -6.57 3.96
N LYS A 31 -4.85 -7.59 4.55
CA LYS A 31 -5.17 -8.00 5.91
C LYS A 31 -4.71 -6.92 6.89
N SER A 32 -3.47 -6.47 6.72
CA SER A 32 -2.91 -5.43 7.57
C SER A 32 -3.81 -4.20 7.54
N ILE A 33 -4.32 -3.87 6.37
CA ILE A 33 -5.22 -2.74 6.21
C ILE A 33 -6.55 -3.01 6.91
N SER A 34 -7.07 -4.22 6.73
CA SER A 34 -8.33 -4.62 7.35
C SER A 34 -8.26 -4.48 8.87
N GLN A 35 -7.25 -5.09 9.48
CA GLN A 35 -7.09 -5.01 10.92
C GLN A 35 -6.83 -3.57 11.35
N LYS A 36 -6.07 -2.85 10.52
CA LYS A 36 -5.76 -1.46 10.80
C LYS A 36 -7.05 -0.67 10.94
N LYS A 37 -8.02 -0.99 10.09
CA LYS A 37 -9.31 -0.31 10.10
C LYS A 37 -9.12 1.14 9.64
N VAL A 38 -8.98 1.30 8.33
CA VAL A 38 -8.77 2.62 7.74
C VAL A 38 -9.52 2.75 6.42
N LYS A 39 -9.38 3.91 5.77
CA LYS A 39 -10.05 4.15 4.50
C LYS A 39 -9.07 4.04 3.33
N ILE A 40 -8.60 2.83 3.08
CA ILE A 40 -7.69 2.57 1.97
C ILE A 40 -8.01 1.23 1.32
N GLU A 41 -8.64 1.28 0.15
CA GLU A 41 -8.99 0.07 -0.57
C GLU A 41 -8.43 0.12 -1.98
N LEU A 42 -8.30 -1.04 -2.60
CA LEU A 42 -7.77 -1.11 -3.95
C LEU A 42 -8.79 -0.70 -4.98
N ASP A 43 -8.37 0.15 -5.90
CA ASP A 43 -9.22 0.61 -6.98
C ASP A 43 -9.26 -0.46 -8.08
N LYS A 44 -10.41 -1.08 -8.27
CA LYS A 44 -10.54 -2.14 -9.27
C LYS A 44 -10.50 -1.58 -10.70
N SER A 45 -10.62 -0.26 -10.83
CA SER A 45 -10.59 0.37 -12.15
C SER A 45 -9.17 0.84 -12.49
N ALA A 46 -8.18 0.10 -12.01
CA ALA A 46 -6.78 0.43 -12.26
C ALA A 46 -6.17 -0.47 -13.32
N ARG A 47 -4.85 -0.68 -13.25
CA ARG A 47 -4.16 -1.53 -14.22
C ARG A 47 -3.20 -2.49 -13.52
N HIS A 48 -2.07 -1.96 -13.10
CA HIS A 48 -1.03 -2.76 -12.45
C HIS A 48 -1.27 -2.86 -10.94
N LEU A 49 -0.40 -3.65 -10.28
CA LEU A 49 -0.48 -3.84 -8.85
C LEU A 49 0.83 -3.40 -8.20
N TYR A 50 1.05 -2.08 -8.20
CA TYR A 50 2.26 -1.51 -7.64
C TYR A 50 1.91 -0.30 -6.79
N ILE A 51 2.20 -0.38 -5.51
CA ILE A 51 1.91 0.70 -4.59
C ILE A 51 3.11 1.63 -4.46
N CYS A 52 2.90 2.74 -3.77
CA CYS A 52 3.96 3.72 -3.56
C CYS A 52 4.76 3.38 -2.31
N ASP A 53 5.90 4.04 -2.14
CA ASP A 53 6.75 3.81 -0.98
C ASP A 53 6.04 4.25 0.30
N TYR A 54 5.27 5.33 0.18
CA TYR A 54 4.53 5.87 1.32
C TYR A 54 3.62 4.82 1.94
N HIS A 55 2.68 4.30 1.16
CA HIS A 55 1.75 3.29 1.64
C HIS A 55 2.45 1.99 1.98
N LYS A 56 3.58 1.72 1.33
CA LYS A 56 4.33 0.49 1.59
C LYS A 56 4.92 0.51 2.99
N ASN A 57 5.65 1.57 3.30
CA ASN A 57 6.29 1.73 4.60
C ASN A 57 5.24 1.95 5.69
N LEU A 58 4.10 2.50 5.30
CA LEU A 58 3.01 2.78 6.24
C LEU A 58 2.28 1.51 6.64
N ILE A 59 1.93 0.69 5.67
CA ILE A 59 1.18 -0.55 5.92
C ILE A 59 2.07 -1.70 6.41
N GLN A 60 3.20 -1.90 5.75
CA GLN A 60 4.11 -2.98 6.11
C GLN A 60 4.60 -2.90 7.55
N SER A 61 4.86 -1.69 8.05
CA SER A 61 5.40 -1.52 9.39
C SER A 61 4.41 -0.97 10.41
N VAL A 62 3.34 -1.71 10.65
CA VAL A 62 2.33 -1.31 11.66
C VAL A 62 1.74 -2.53 12.35
N ARG A 63 1.61 -3.63 11.61
CA ARG A 63 1.10 -4.88 12.17
C ARG A 63 2.27 -5.79 12.53
N ASN A 64 3.40 -5.18 12.87
CA ASN A 64 4.62 -5.92 13.22
C ASN A 64 5.18 -5.49 14.57
N ARG A 65 4.59 -4.47 15.18
CA ARG A 65 5.07 -3.98 16.47
C ARG A 65 4.02 -4.14 17.56
N ARG A 66 4.39 -3.77 18.77
CA ARG A 66 3.49 -3.85 19.92
C ARG A 66 3.78 -2.70 20.88
N LYS A 67 4.26 -1.59 20.32
CA LYS A 67 4.58 -0.40 21.09
C LYS A 67 5.70 -0.63 22.09
N ARG A 68 6.80 -1.21 21.61
CA ARG A 68 7.96 -1.46 22.46
C ARG A 68 8.42 -0.15 23.09
N LYS A 69 8.20 0.95 22.37
CA LYS A 69 8.60 2.27 22.82
C LYS A 69 10.12 2.35 22.96
N GLY A 70 10.63 1.93 24.11
CA GLY A 70 12.06 1.96 24.35
C GLY A 70 12.56 0.64 24.89
N SER A 71 12.09 0.27 26.07
CA SER A 71 12.50 -0.98 26.70
C SER A 71 14.00 -1.19 26.61
N SER A 1 7.97 6.61 -21.54
CA SER A 1 6.50 6.80 -21.46
C SER A 1 5.79 5.55 -20.92
N ASN A 2 6.37 4.96 -19.88
CA ASN A 2 5.78 3.78 -19.26
C ASN A 2 6.51 3.45 -17.96
N ALA A 3 7.01 4.49 -17.30
CA ALA A 3 7.71 4.37 -16.04
C ALA A 3 7.36 5.56 -15.16
N GLY A 4 7.31 5.35 -13.85
CA GLY A 4 6.95 6.43 -12.95
C GLY A 4 5.45 6.57 -12.87
N GLN A 5 4.78 5.43 -12.68
CA GLN A 5 3.33 5.38 -12.60
C GLN A 5 2.83 6.01 -11.30
N LEU A 6 1.51 6.00 -11.13
CA LEU A 6 0.89 6.56 -9.93
C LEU A 6 0.33 5.46 -9.05
N CYS A 7 0.31 5.73 -7.75
CA CYS A 7 -0.20 4.79 -6.75
C CYS A 7 -1.60 4.30 -7.14
N CYS A 8 -1.89 3.02 -6.85
CA CYS A 8 -3.20 2.45 -7.18
C CYS A 8 -4.07 2.27 -5.94
N LEU A 9 -3.75 3.00 -4.89
CA LEU A 9 -4.53 2.95 -3.64
C LEU A 9 -5.17 4.30 -3.39
N ARG A 10 -6.25 4.30 -2.63
CA ARG A 10 -6.97 5.54 -2.34
C ARG A 10 -7.04 5.79 -0.84
N GLU A 11 -6.66 7.00 -0.43
CA GLU A 11 -6.71 7.38 0.97
C GLU A 11 -7.85 8.35 1.21
N ASP A 12 -9.00 7.81 1.61
CA ASP A 12 -10.19 8.61 1.85
C ASP A 12 -10.71 9.20 0.54
N GLY A 13 -10.89 8.34 -0.45
CA GLY A 13 -11.37 8.77 -1.75
C GLY A 13 -10.34 9.55 -2.54
N GLU A 14 -9.10 9.58 -2.05
CA GLU A 14 -8.04 10.31 -2.74
C GLU A 14 -7.04 9.35 -3.38
N ARG A 15 -6.89 9.45 -4.70
CA ARG A 15 -5.99 8.58 -5.44
C ARG A 15 -4.53 8.99 -5.26
N CYS A 16 -4.08 8.96 -4.01
CA CYS A 16 -2.71 9.32 -3.64
C CYS A 16 -2.11 10.45 -4.49
N GLY A 17 -1.54 10.10 -5.65
CA GLY A 17 -0.91 11.10 -6.49
C GLY A 17 0.59 10.89 -6.58
N ARG A 18 1.18 10.34 -5.53
CA ARG A 18 2.61 10.09 -5.49
C ARG A 18 2.97 8.92 -6.40
N ALA A 19 4.04 9.07 -7.17
CA ALA A 19 4.49 8.04 -8.11
C ALA A 19 4.59 6.68 -7.43
N ALA A 20 4.52 5.62 -8.24
CA ALA A 20 4.62 4.26 -7.74
C ALA A 20 6.09 3.85 -7.65
N GLY A 21 6.42 3.01 -6.68
CA GLY A 21 7.80 2.58 -6.50
C GLY A 21 8.05 1.14 -6.90
N ASN A 22 8.68 0.39 -5.99
CA ASN A 22 9.01 -1.01 -6.24
C ASN A 22 8.15 -1.96 -5.41
N ALA A 23 7.06 -1.45 -4.84
CA ALA A 23 6.18 -2.29 -4.03
C ALA A 23 4.95 -2.73 -4.79
N SER A 24 4.39 -3.86 -4.37
CA SER A 24 3.19 -4.40 -5.00
C SER A 24 2.06 -4.48 -3.98
N PHE A 25 0.99 -5.17 -4.35
CA PHE A 25 -0.16 -5.34 -3.47
C PHE A 25 -0.44 -6.81 -3.25
N SER A 26 -0.87 -7.16 -2.04
CA SER A 26 -1.16 -8.55 -1.72
C SER A 26 -2.31 -8.67 -0.73
N LYS A 27 -2.58 -9.89 -0.29
CA LYS A 27 -3.63 -10.15 0.67
C LYS A 27 -3.18 -9.78 2.09
N ARG A 28 -1.92 -10.09 2.40
CA ARG A 28 -1.35 -9.78 3.71
C ARG A 28 -1.51 -8.30 4.03
N ILE A 29 -1.38 -7.47 2.99
CA ILE A 29 -1.53 -6.04 3.15
C ILE A 29 -3.00 -5.69 3.37
N GLN A 30 -3.89 -6.43 2.72
CA GLN A 30 -5.32 -6.22 2.88
C GLN A 30 -5.75 -6.60 4.28
N LYS A 31 -5.12 -7.65 4.78
CA LYS A 31 -5.38 -8.17 6.10
C LYS A 31 -4.90 -7.17 7.15
N SER A 32 -3.70 -6.64 6.93
CA SER A 32 -3.13 -5.66 7.84
C SER A 32 -4.01 -4.40 7.87
N ILE A 33 -4.47 -3.98 6.70
CA ILE A 33 -5.34 -2.82 6.59
C ILE A 33 -6.63 -3.06 7.36
N SER A 34 -7.18 -4.28 7.23
CA SER A 34 -8.41 -4.63 7.91
C SER A 34 -8.27 -4.49 9.42
N GLN A 35 -7.12 -4.91 9.95
CA GLN A 35 -6.86 -4.81 11.38
C GLN A 35 -6.81 -3.36 11.81
N LYS A 36 -6.30 -2.50 10.91
CA LYS A 36 -6.21 -1.07 11.17
C LYS A 36 -7.59 -0.43 11.06
N LYS A 37 -8.43 -0.99 10.18
CA LYS A 37 -9.77 -0.47 9.96
C LYS A 37 -9.67 0.96 9.44
N VAL A 38 -9.19 1.10 8.21
CA VAL A 38 -9.03 2.41 7.58
C VAL A 38 -9.56 2.40 6.16
N LYS A 39 -9.52 3.56 5.51
CA LYS A 39 -10.00 3.69 4.14
C LYS A 39 -8.86 3.55 3.14
N ILE A 40 -8.40 2.31 2.95
CA ILE A 40 -7.33 2.03 2.01
C ILE A 40 -7.54 0.69 1.33
N GLU A 41 -8.07 0.73 0.11
CA GLU A 41 -8.32 -0.48 -0.64
C GLU A 41 -7.97 -0.27 -2.10
N LEU A 42 -7.86 -1.36 -2.84
CA LEU A 42 -7.50 -1.29 -4.24
C LEU A 42 -8.67 -0.82 -5.10
N ASP A 43 -8.38 0.10 -6.02
CA ASP A 43 -9.39 0.61 -6.93
C ASP A 43 -9.48 -0.31 -8.14
N LYS A 44 -10.67 -0.83 -8.40
CA LYS A 44 -10.87 -1.74 -9.54
C LYS A 44 -10.70 -1.03 -10.88
N SER A 45 -10.54 0.30 -10.85
CA SER A 45 -10.37 1.08 -12.08
C SER A 45 -8.98 0.85 -12.69
N ALA A 46 -8.01 0.50 -11.85
CA ALA A 46 -6.65 0.28 -12.30
C ALA A 46 -6.46 -1.10 -12.94
N ARG A 47 -5.21 -1.51 -13.08
CA ARG A 47 -4.87 -2.81 -13.66
C ARG A 47 -3.62 -3.39 -13.00
N HIS A 48 -2.51 -2.68 -13.15
CA HIS A 48 -1.24 -3.12 -12.60
C HIS A 48 -1.28 -3.24 -11.09
N LEU A 49 -0.20 -3.78 -10.52
CA LEU A 49 -0.09 -3.94 -9.07
C LEU A 49 1.20 -3.29 -8.58
N TYR A 50 1.14 -1.98 -8.39
CA TYR A 50 2.29 -1.21 -7.91
C TYR A 50 1.83 -0.09 -7.00
N ILE A 51 2.43 -0.01 -5.81
CA ILE A 51 2.08 1.02 -4.85
C ILE A 51 3.28 1.89 -4.54
N CYS A 52 3.01 3.05 -3.96
CA CYS A 52 4.08 3.98 -3.61
C CYS A 52 4.70 3.59 -2.27
N ASP A 53 5.92 4.08 -2.03
CA ASP A 53 6.61 3.78 -0.79
C ASP A 53 5.82 4.28 0.41
N TYR A 54 5.12 5.39 0.22
CA TYR A 54 4.30 5.99 1.27
C TYR A 54 3.39 4.95 1.91
N HIS A 55 2.60 4.27 1.08
CA HIS A 55 1.67 3.25 1.57
C HIS A 55 2.39 1.95 1.94
N LYS A 56 3.39 1.57 1.17
CA LYS A 56 4.13 0.34 1.44
C LYS A 56 4.68 0.35 2.86
N ASN A 57 5.25 1.48 3.26
CA ASN A 57 5.84 1.62 4.58
C ASN A 57 4.76 1.89 5.64
N LEU A 58 3.75 2.67 5.27
CA LEU A 58 2.67 3.00 6.19
C LEU A 58 1.91 1.74 6.63
N ILE A 59 1.85 0.75 5.74
CA ILE A 59 1.12 -0.48 6.04
C ILE A 59 2.02 -1.58 6.64
N GLN A 60 3.13 -1.87 5.98
CA GLN A 60 4.05 -2.91 6.44
C GLN A 60 4.50 -2.74 7.89
N SER A 61 4.75 -1.52 8.31
CA SER A 61 5.28 -1.26 9.66
C SER A 61 4.25 -1.39 10.79
N VAL A 62 3.18 -2.17 10.59
CA VAL A 62 2.20 -2.37 11.64
C VAL A 62 2.39 -3.75 12.27
N ARG A 63 2.87 -4.68 11.46
CA ARG A 63 3.13 -6.05 11.93
C ARG A 63 4.60 -6.43 11.66
N ASN A 64 5.41 -5.42 11.32
CA ASN A 64 6.83 -5.63 11.04
C ASN A 64 7.58 -4.31 11.17
N ARG A 65 8.23 -4.11 12.31
CA ARG A 65 8.97 -2.89 12.58
C ARG A 65 10.30 -2.83 11.84
N ARG A 66 11.05 -1.76 12.08
CA ARG A 66 12.36 -1.57 11.47
C ARG A 66 13.43 -2.22 12.33
N LYS A 67 13.20 -2.22 13.64
CA LYS A 67 14.13 -2.82 14.60
C LYS A 67 15.50 -2.18 14.50
N ARG A 68 16.37 -2.55 15.43
CA ARG A 68 17.73 -2.04 15.45
C ARG A 68 17.73 -0.52 15.45
N LYS A 69 18.91 0.06 15.24
CA LYS A 69 19.06 1.51 15.19
C LYS A 69 20.11 1.93 14.16
N GLY A 70 21.17 1.14 14.06
CA GLY A 70 22.22 1.41 13.11
C GLY A 70 23.50 0.68 13.46
N SER A 71 24.44 0.65 12.54
CA SER A 71 25.72 -0.03 12.78
C SER A 71 25.49 -1.50 13.15
N SER A 1 7.12 0.69 -22.17
CA SER A 1 5.72 0.75 -21.66
C SER A 1 5.47 2.07 -20.92
N ASN A 2 5.55 2.07 -19.60
CA ASN A 2 5.32 3.27 -18.82
C ASN A 2 6.06 3.23 -17.50
N ALA A 3 7.29 3.72 -17.51
CA ALA A 3 8.10 3.77 -16.29
C ALA A 3 7.73 5.02 -15.51
N GLY A 4 7.56 4.87 -14.20
CA GLY A 4 7.17 6.00 -13.38
C GLY A 4 5.67 6.12 -13.31
N GLN A 5 5.03 5.12 -12.75
CA GLN A 5 3.57 5.09 -12.63
C GLN A 5 3.11 5.77 -11.36
N LEU A 6 1.81 5.67 -11.08
CA LEU A 6 1.23 6.26 -9.90
C LEU A 6 0.63 5.21 -8.98
N CYS A 7 0.27 5.62 -7.78
CA CYS A 7 -0.32 4.73 -6.78
C CYS A 7 -1.68 4.23 -7.23
N CYS A 8 -2.05 3.02 -6.80
CA CYS A 8 -3.35 2.44 -7.16
C CYS A 8 -4.32 2.46 -5.97
N LEU A 9 -3.84 2.88 -4.81
CA LEU A 9 -4.68 2.97 -3.62
C LEU A 9 -5.23 4.38 -3.47
N ARG A 10 -6.37 4.51 -2.82
CA ARG A 10 -6.99 5.81 -2.61
C ARG A 10 -7.23 6.08 -1.13
N GLU A 11 -6.72 7.21 -0.65
CA GLU A 11 -6.90 7.57 0.75
C GLU A 11 -7.99 8.62 0.90
N ASP A 12 -9.14 8.21 1.41
CA ASP A 12 -10.27 9.10 1.61
C ASP A 12 -10.71 9.71 0.27
N GLY A 13 -10.79 8.87 -0.76
CA GLY A 13 -11.21 9.34 -2.07
C GLY A 13 -10.06 9.91 -2.89
N GLU A 14 -8.97 10.28 -2.22
CA GLU A 14 -7.81 10.83 -2.91
C GLU A 14 -6.94 9.72 -3.49
N ARG A 15 -6.74 9.76 -4.79
CA ARG A 15 -5.93 8.76 -5.47
C ARG A 15 -4.44 9.00 -5.23
N CYS A 16 -4.04 9.01 -3.96
CA CYS A 16 -2.64 9.22 -3.54
C CYS A 16 -1.92 10.30 -4.36
N GLY A 17 -1.54 9.97 -5.60
CA GLY A 17 -0.83 10.92 -6.43
C GLY A 17 0.65 10.65 -6.43
N ARG A 18 1.13 10.01 -5.36
CA ARG A 18 2.53 9.68 -5.23
C ARG A 18 2.91 8.59 -6.23
N ALA A 19 4.16 8.64 -6.70
CA ALA A 19 4.64 7.67 -7.67
C ALA A 19 4.61 6.25 -7.12
N ALA A 20 4.32 5.28 -8.00
CA ALA A 20 4.27 3.89 -7.60
C ALA A 20 5.65 3.40 -7.20
N GLY A 21 5.72 2.41 -6.34
CA GLY A 21 7.00 1.91 -5.89
C GLY A 21 7.27 0.47 -6.31
N ASN A 22 8.26 -0.14 -5.67
CA ASN A 22 8.66 -1.51 -5.97
C ASN A 22 7.80 -2.53 -5.21
N ALA A 23 6.70 -2.08 -4.64
CA ALA A 23 5.82 -2.96 -3.90
C ALA A 23 4.53 -3.23 -4.67
N SER A 24 3.97 -4.41 -4.47
CA SER A 24 2.72 -4.79 -5.13
C SER A 24 1.68 -5.23 -4.12
N PHE A 25 0.46 -4.73 -4.29
CA PHE A 25 -0.65 -5.09 -3.40
C PHE A 25 -0.72 -6.61 -3.22
N SER A 26 -0.43 -7.06 -2.01
CA SER A 26 -0.43 -8.49 -1.73
C SER A 26 -1.52 -8.86 -0.72
N LYS A 27 -1.47 -10.10 -0.23
CA LYS A 27 -2.43 -10.59 0.74
C LYS A 27 -2.12 -10.06 2.14
N ARG A 28 -0.86 -10.20 2.56
CA ARG A 28 -0.43 -9.73 3.86
C ARG A 28 -0.80 -8.27 4.07
N ILE A 29 -0.66 -7.46 3.02
CA ILE A 29 -1.02 -6.05 3.10
C ILE A 29 -2.52 -5.91 3.30
N GLN A 30 -3.28 -6.76 2.61
CA GLN A 30 -4.74 -6.75 2.71
C GLN A 30 -5.15 -7.03 4.15
N LYS A 31 -4.53 -8.04 4.73
CA LYS A 31 -4.82 -8.41 6.11
C LYS A 31 -4.47 -7.26 7.05
N SER A 32 -3.34 -6.61 6.77
CA SER A 32 -2.91 -5.48 7.58
C SER A 32 -3.99 -4.40 7.56
N ILE A 33 -4.46 -4.07 6.35
CA ILE A 33 -5.51 -3.08 6.19
C ILE A 33 -6.75 -3.47 6.99
N SER A 34 -7.10 -4.75 6.93
CA SER A 34 -8.27 -5.26 7.64
C SER A 34 -8.09 -5.11 9.15
N GLN A 35 -6.87 -5.32 9.63
CA GLN A 35 -6.59 -5.20 11.06
C GLN A 35 -6.47 -3.73 11.44
N LYS A 36 -5.88 -2.95 10.53
CA LYS A 36 -5.73 -1.51 10.76
C LYS A 36 -7.08 -0.83 10.77
N LYS A 37 -7.96 -1.29 9.88
CA LYS A 37 -9.29 -0.71 9.74
C LYS A 37 -9.17 0.77 9.40
N VAL A 38 -8.88 1.04 8.14
CA VAL A 38 -8.71 2.40 7.67
C VAL A 38 -9.42 2.61 6.32
N LYS A 39 -9.42 3.84 5.84
CA LYS A 39 -10.06 4.15 4.56
C LYS A 39 -9.10 3.97 3.39
N ILE A 40 -8.77 2.71 3.10
CA ILE A 40 -7.89 2.40 2.00
C ILE A 40 -8.36 1.14 1.29
N GLU A 41 -8.79 1.30 0.05
CA GLU A 41 -9.27 0.17 -0.75
C GLU A 41 -8.60 0.16 -2.11
N LEU A 42 -8.78 -0.94 -2.83
CA LEU A 42 -8.17 -1.06 -4.15
C LEU A 42 -9.12 -0.66 -5.26
N ASP A 43 -8.74 0.37 -6.00
CA ASP A 43 -9.53 0.84 -7.13
C ASP A 43 -9.46 -0.20 -8.25
N LYS A 44 -10.62 -0.59 -8.77
CA LYS A 44 -10.65 -1.58 -9.84
C LYS A 44 -10.39 -0.97 -11.20
N SER A 45 -10.39 0.36 -11.28
CA SER A 45 -10.16 1.07 -12.53
C SER A 45 -8.75 0.80 -13.05
N ALA A 46 -7.80 0.70 -12.14
CA ALA A 46 -6.40 0.46 -12.49
C ALA A 46 -6.20 -0.89 -13.17
N ARG A 47 -5.04 -1.05 -13.81
CA ARG A 47 -4.69 -2.28 -14.50
C ARG A 47 -3.46 -2.94 -13.86
N HIS A 48 -2.66 -2.14 -13.16
CA HIS A 48 -1.45 -2.64 -12.54
C HIS A 48 -1.57 -2.67 -11.02
N LEU A 49 -0.78 -3.54 -10.39
CA LEU A 49 -0.76 -3.66 -8.95
C LEU A 49 0.60 -3.24 -8.40
N TYR A 50 0.80 -1.93 -8.29
CA TYR A 50 2.05 -1.39 -7.79
C TYR A 50 1.78 -0.18 -6.91
N ILE A 51 1.77 -0.41 -5.60
CA ILE A 51 1.53 0.65 -4.65
C ILE A 51 2.76 1.52 -4.46
N CYS A 52 2.57 2.69 -3.87
CA CYS A 52 3.68 3.60 -3.63
C CYS A 52 4.43 3.21 -2.35
N ASP A 53 5.55 3.88 -2.10
CA ASP A 53 6.34 3.60 -0.91
C ASP A 53 5.63 4.12 0.33
N TYR A 54 4.91 5.22 0.15
CA TYR A 54 4.18 5.84 1.24
C TYR A 54 3.30 4.83 1.98
N HIS A 55 2.35 4.24 1.26
CA HIS A 55 1.44 3.26 1.83
C HIS A 55 2.16 1.98 2.25
N LYS A 56 3.19 1.60 1.50
CA LYS A 56 3.94 0.38 1.82
C LYS A 56 4.53 0.46 3.22
N ASN A 57 5.28 1.52 3.48
CA ASN A 57 5.91 1.72 4.79
C ASN A 57 4.86 1.98 5.86
N LEU A 58 3.84 2.74 5.51
CA LEU A 58 2.77 3.08 6.43
C LEU A 58 2.03 1.84 6.93
N ILE A 59 1.80 0.89 6.04
CA ILE A 59 1.07 -0.33 6.38
C ILE A 59 1.96 -1.45 6.93
N GLN A 60 3.16 -1.59 6.37
CA GLN A 60 4.08 -2.65 6.79
C GLN A 60 4.66 -2.43 8.18
N SER A 61 4.94 -1.16 8.51
CA SER A 61 5.58 -0.84 9.78
C SER A 61 4.63 -0.67 10.96
N VAL A 62 3.43 -1.23 10.89
CA VAL A 62 2.49 -1.14 12.00
C VAL A 62 2.34 -2.48 12.70
N ARG A 63 2.80 -3.54 12.05
CA ARG A 63 2.76 -4.88 12.62
C ARG A 63 4.20 -5.41 12.82
N ASN A 64 5.18 -4.71 12.25
CA ASN A 64 6.58 -5.09 12.36
C ASN A 64 7.45 -3.84 12.43
N ARG A 65 7.33 -3.10 13.53
CA ARG A 65 8.08 -1.87 13.72
C ARG A 65 9.51 -2.14 14.22
N ARG A 66 9.67 -2.24 15.54
CA ARG A 66 10.98 -2.52 16.14
C ARG A 66 10.86 -3.69 17.09
N LYS A 67 10.08 -3.51 18.14
CA LYS A 67 9.84 -4.54 19.14
C LYS A 67 11.09 -4.85 19.96
N ARG A 68 12.04 -3.92 19.96
CA ARG A 68 13.27 -4.09 20.72
C ARG A 68 13.87 -5.48 20.45
N LYS A 69 14.55 -6.06 21.42
CA LYS A 69 15.11 -7.40 21.25
C LYS A 69 14.91 -8.26 22.49
N GLY A 70 14.12 -7.77 23.45
CA GLY A 70 13.86 -8.52 24.66
C GLY A 70 12.42 -8.44 25.10
N SER A 71 12.19 -7.87 26.28
CA SER A 71 10.84 -7.74 26.82
C SER A 71 10.10 -9.08 26.79
N SER A 1 9.98 4.82 -21.00
CA SER A 1 10.26 4.52 -19.57
C SER A 1 9.38 3.39 -19.05
N ASN A 2 9.71 2.94 -17.86
CA ASN A 2 8.97 1.88 -17.19
C ASN A 2 8.93 2.12 -15.68
N ALA A 3 9.20 3.36 -15.29
CA ALA A 3 9.20 3.76 -13.90
C ALA A 3 8.44 5.08 -13.75
N GLY A 4 7.32 5.18 -14.45
CA GLY A 4 6.50 6.37 -14.41
C GLY A 4 5.04 6.06 -14.24
N GLN A 5 4.68 5.52 -13.07
CA GLN A 5 3.31 5.16 -12.78
C GLN A 5 2.84 5.84 -11.50
N LEU A 6 1.58 5.63 -11.16
CA LEU A 6 1.03 6.22 -9.95
C LEU A 6 0.33 5.17 -9.09
N CYS A 7 0.45 5.36 -7.77
CA CYS A 7 -0.16 4.44 -6.81
C CYS A 7 -1.60 4.11 -7.17
N CYS A 8 -1.97 2.83 -7.00
CA CYS A 8 -3.32 2.38 -7.32
C CYS A 8 -4.18 2.27 -6.06
N LEU A 9 -3.82 3.05 -5.04
CA LEU A 9 -4.57 3.06 -3.79
C LEU A 9 -5.29 4.39 -3.63
N ARG A 10 -6.45 4.37 -2.99
CA ARG A 10 -7.21 5.59 -2.79
C ARG A 10 -7.29 5.96 -1.32
N GLU A 11 -6.59 7.02 -0.92
CA GLU A 11 -6.61 7.47 0.46
C GLU A 11 -7.69 8.53 0.63
N ASP A 12 -8.65 8.25 1.51
CA ASP A 12 -9.75 9.17 1.75
C ASP A 12 -10.48 9.50 0.46
N GLY A 13 -10.40 8.59 -0.51
CA GLY A 13 -11.06 8.80 -1.79
C GLY A 13 -10.15 9.38 -2.85
N GLU A 14 -9.02 9.95 -2.42
CA GLU A 14 -8.08 10.56 -3.37
C GLU A 14 -7.07 9.54 -3.88
N ARG A 15 -6.75 9.64 -5.17
CA ARG A 15 -5.82 8.72 -5.82
C ARG A 15 -4.37 8.98 -5.39
N CYS A 16 -4.11 8.82 -4.09
CA CYS A 16 -2.77 9.01 -3.53
C CYS A 16 -2.07 10.27 -4.05
N GLY A 17 -1.45 10.19 -5.23
CA GLY A 17 -0.75 11.34 -5.78
C GLY A 17 0.74 11.10 -5.87
N ARG A 18 1.25 10.18 -5.04
CA ARG A 18 2.67 9.85 -5.05
C ARG A 18 2.93 8.74 -6.05
N ALA A 19 4.03 8.82 -6.77
CA ALA A 19 4.36 7.82 -7.77
C ALA A 19 4.56 6.44 -7.15
N ALA A 20 4.28 5.40 -7.94
CA ALA A 20 4.42 4.02 -7.47
C ALA A 20 5.86 3.70 -7.06
N GLY A 21 6.03 2.62 -6.31
CA GLY A 21 7.36 2.24 -5.85
C GLY A 21 7.77 0.83 -6.23
N ASN A 22 8.53 0.20 -5.34
CA ASN A 22 9.03 -1.15 -5.57
C ASN A 22 8.13 -2.22 -4.95
N ALA A 23 7.21 -1.80 -4.07
CA ALA A 23 6.33 -2.74 -3.41
C ALA A 23 5.14 -3.13 -4.30
N SER A 24 4.47 -4.20 -3.92
CA SER A 24 3.31 -4.70 -4.65
C SER A 24 2.15 -4.94 -3.70
N PHE A 25 0.96 -5.10 -4.26
CA PHE A 25 -0.24 -5.35 -3.45
C PHE A 25 -0.50 -6.85 -3.39
N SER A 26 -0.83 -7.36 -2.21
CA SER A 26 -1.09 -8.78 -2.05
C SER A 26 -2.19 -9.02 -1.02
N LYS A 27 -2.27 -10.25 -0.53
CA LYS A 27 -3.26 -10.63 0.48
C LYS A 27 -2.86 -10.14 1.87
N ARG A 28 -1.57 -10.29 2.18
CA ARG A 28 -1.02 -9.86 3.48
C ARG A 28 -1.39 -8.42 3.75
N ILE A 29 -1.17 -7.56 2.76
CA ILE A 29 -1.48 -6.15 2.91
C ILE A 29 -2.99 -5.97 3.08
N GLN A 30 -3.77 -6.80 2.40
CA GLN A 30 -5.21 -6.77 2.51
C GLN A 30 -5.61 -7.02 3.95
N LYS A 31 -5.03 -8.07 4.51
CA LYS A 31 -5.27 -8.47 5.88
C LYS A 31 -4.78 -7.38 6.85
N SER A 32 -3.54 -6.95 6.67
CA SER A 32 -2.96 -5.90 7.51
C SER A 32 -3.90 -4.71 7.60
N ILE A 33 -4.38 -4.26 6.44
CA ILE A 33 -5.30 -3.14 6.39
C ILE A 33 -6.58 -3.45 7.16
N SER A 34 -7.18 -4.59 6.85
CA SER A 34 -8.42 -5.01 7.51
C SER A 34 -8.29 -4.93 9.03
N GLN A 35 -7.09 -5.20 9.53
CA GLN A 35 -6.86 -5.15 10.97
C GLN A 35 -6.62 -3.71 11.41
N LYS A 36 -5.89 -2.96 10.59
CA LYS A 36 -5.61 -1.56 10.87
C LYS A 36 -6.90 -0.75 10.84
N LYS A 37 -7.78 -1.10 9.92
CA LYS A 37 -9.03 -0.38 9.74
C LYS A 37 -8.75 1.03 9.28
N VAL A 38 -8.38 1.17 8.00
CA VAL A 38 -8.07 2.46 7.42
C VAL A 38 -8.82 2.67 6.11
N LYS A 39 -8.95 3.93 5.70
CA LYS A 39 -9.66 4.26 4.47
C LYS A 39 -8.78 4.04 3.24
N ILE A 40 -8.34 2.81 3.05
CA ILE A 40 -7.52 2.45 1.91
C ILE A 40 -8.06 1.21 1.22
N GLU A 41 -8.64 1.41 0.04
CA GLU A 41 -9.21 0.31 -0.72
C GLU A 41 -8.61 0.28 -2.13
N LEU A 42 -8.51 -0.91 -2.70
CA LEU A 42 -7.95 -1.06 -4.02
C LEU A 42 -8.98 -0.81 -5.11
N ASP A 43 -8.66 0.12 -6.01
CA ASP A 43 -9.53 0.42 -7.13
C ASP A 43 -9.61 -0.80 -8.02
N LYS A 44 -10.82 -1.13 -8.49
CA LYS A 44 -10.98 -2.30 -9.34
C LYS A 44 -10.86 -1.93 -10.82
N SER A 45 -11.09 -0.67 -11.15
CA SER A 45 -11.00 -0.22 -12.54
C SER A 45 -9.55 0.10 -12.91
N ALA A 46 -8.60 -0.22 -12.03
CA ALA A 46 -7.20 0.05 -12.30
C ALA A 46 -6.68 -0.73 -13.49
N ARG A 47 -5.41 -0.53 -13.80
CA ARG A 47 -4.75 -1.18 -14.91
C ARG A 47 -3.66 -2.13 -14.42
N HIS A 48 -3.21 -1.92 -13.18
CA HIS A 48 -2.15 -2.72 -12.59
C HIS A 48 -2.18 -2.63 -11.07
N LEU A 49 -1.07 -2.95 -10.42
CA LEU A 49 -0.97 -2.88 -8.96
C LEU A 49 0.13 -1.89 -8.57
N TYR A 50 1.19 -2.36 -7.90
CA TYR A 50 2.28 -1.48 -7.49
C TYR A 50 1.81 -0.36 -6.58
N ILE A 51 2.38 -0.31 -5.39
CA ILE A 51 2.04 0.72 -4.42
C ILE A 51 3.24 1.63 -4.16
N CYS A 52 2.97 2.86 -3.75
CA CYS A 52 4.03 3.82 -3.47
C CYS A 52 4.69 3.50 -2.13
N ASP A 53 5.94 3.93 -1.99
CA ASP A 53 6.69 3.70 -0.76
C ASP A 53 5.89 4.20 0.44
N TYR A 54 5.20 5.31 0.24
CA TYR A 54 4.39 5.93 1.29
C TYR A 54 3.48 4.90 1.96
N HIS A 55 2.62 4.27 1.17
CA HIS A 55 1.68 3.29 1.69
C HIS A 55 2.41 2.03 2.15
N LYS A 56 3.45 1.61 1.44
CA LYS A 56 4.20 0.43 1.82
C LYS A 56 4.71 0.55 3.25
N ASN A 57 5.37 1.68 3.53
CA ASN A 57 5.91 1.95 4.85
C ASN A 57 4.80 2.17 5.87
N LEU A 58 3.73 2.83 5.43
CA LEU A 58 2.60 3.14 6.28
C LEU A 58 1.87 1.86 6.74
N ILE A 59 1.81 0.88 5.85
CA ILE A 59 1.10 -0.36 6.15
C ILE A 59 1.98 -1.41 6.82
N GLN A 60 3.21 -1.55 6.37
CA GLN A 60 4.12 -2.55 6.91
C GLN A 60 4.64 -2.20 8.31
N SER A 61 4.83 -0.91 8.57
CA SER A 61 5.40 -0.46 9.84
C SER A 61 4.38 -0.32 10.98
N VAL A 62 3.44 -1.25 11.09
CA VAL A 62 2.46 -1.20 12.19
C VAL A 62 2.23 -2.60 12.77
N ARG A 63 2.31 -3.63 11.94
CA ARG A 63 2.15 -5.01 12.40
C ARG A 63 3.32 -5.85 11.90
N ASN A 64 4.53 -5.34 12.11
CA ASN A 64 5.74 -6.03 11.67
C ASN A 64 6.98 -5.33 12.22
N ARG A 65 6.90 -4.84 13.45
CA ARG A 65 8.02 -4.15 14.07
C ARG A 65 8.80 -5.08 14.99
N ARG A 66 8.94 -6.33 14.59
CA ARG A 66 9.67 -7.31 15.38
C ARG A 66 11.17 -7.23 15.10
N LYS A 67 11.71 -6.00 15.13
CA LYS A 67 13.13 -5.76 14.87
C LYS A 67 13.82 -5.33 16.17
N ARG A 68 13.03 -4.88 17.14
CA ARG A 68 13.55 -4.48 18.44
C ARG A 68 13.02 -5.42 19.51
N LYS A 69 13.62 -5.39 20.70
CA LYS A 69 13.19 -6.26 21.78
C LYS A 69 13.31 -5.57 23.13
N GLY A 70 14.46 -4.94 23.37
CA GLY A 70 14.68 -4.26 24.63
C GLY A 70 16.05 -4.56 25.21
N SER A 71 16.58 -3.65 26.00
CA SER A 71 17.88 -3.84 26.61
C SER A 71 17.80 -4.79 27.80
N SER A 1 5.67 3.85 -20.46
CA SER A 1 5.87 4.05 -19.01
C SER A 1 5.77 2.74 -18.23
N ASN A 2 6.77 2.52 -17.38
CA ASN A 2 6.82 1.33 -16.53
C ASN A 2 7.89 1.52 -15.47
N ALA A 3 8.04 2.77 -15.04
CA ALA A 3 9.01 3.14 -14.01
C ALA A 3 8.72 4.55 -13.51
N GLY A 4 7.43 4.88 -13.48
CA GLY A 4 7.00 6.18 -13.02
C GLY A 4 5.50 6.31 -13.03
N GLN A 5 4.82 5.32 -12.47
CA GLN A 5 3.37 5.31 -12.42
C GLN A 5 2.86 5.92 -11.12
N LEU A 6 1.54 5.86 -10.92
CA LEU A 6 0.96 6.42 -9.72
C LEU A 6 0.25 5.36 -8.88
N CYS A 7 0.41 5.49 -7.57
CA CYS A 7 -0.18 4.56 -6.61
C CYS A 7 -1.62 4.23 -6.97
N CYS A 8 -2.03 2.97 -6.71
CA CYS A 8 -3.38 2.53 -7.03
C CYS A 8 -4.23 2.40 -5.76
N LEU A 9 -3.86 3.14 -4.73
CA LEU A 9 -4.61 3.14 -3.47
C LEU A 9 -5.27 4.49 -3.26
N ARG A 10 -6.42 4.49 -2.59
CA ARG A 10 -7.15 5.72 -2.34
C ARG A 10 -7.18 6.04 -0.84
N GLU A 11 -7.07 7.32 -0.52
CA GLU A 11 -7.10 7.76 0.87
C GLU A 11 -8.25 8.74 1.07
N ASP A 12 -9.36 8.24 1.59
CA ASP A 12 -10.54 9.08 1.82
C ASP A 12 -11.10 9.57 0.49
N GLY A 13 -10.93 8.77 -0.55
CA GLY A 13 -11.45 9.13 -1.86
C GLY A 13 -10.38 9.66 -2.80
N GLU A 14 -9.27 10.16 -2.25
CA GLU A 14 -8.20 10.69 -3.07
C GLU A 14 -7.19 9.62 -3.48
N ARG A 15 -6.97 9.53 -4.78
CA ARG A 15 -6.05 8.54 -5.36
C ARG A 15 -4.60 8.83 -5.00
N CYS A 16 -4.29 8.78 -3.72
CA CYS A 16 -2.93 9.00 -3.22
C CYS A 16 -2.28 10.25 -3.82
N GLY A 17 -1.65 10.12 -4.99
CA GLY A 17 -1.00 11.27 -5.62
C GLY A 17 0.51 11.13 -5.70
N ARG A 18 1.05 10.05 -5.11
CA ARG A 18 2.48 9.80 -5.14
C ARG A 18 2.79 8.68 -6.13
N ALA A 19 3.90 8.79 -6.83
CA ALA A 19 4.27 7.80 -7.82
C ALA A 19 4.43 6.41 -7.19
N ALA A 20 4.42 5.38 -8.04
CA ALA A 20 4.56 4.00 -7.58
C ALA A 20 6.02 3.64 -7.28
N GLY A 21 6.22 2.53 -6.57
CA GLY A 21 7.56 2.10 -6.21
C GLY A 21 7.96 0.75 -6.79
N ASN A 22 8.57 -0.08 -5.95
CA ASN A 22 9.03 -1.39 -6.37
C ASN A 22 8.23 -2.53 -5.72
N ALA A 23 7.49 -2.21 -4.66
CA ALA A 23 6.69 -3.22 -3.96
C ALA A 23 5.49 -3.65 -4.80
N SER A 24 4.50 -4.26 -4.14
CA SER A 24 3.30 -4.70 -4.82
C SER A 24 2.18 -4.98 -3.82
N PHE A 25 0.94 -4.80 -4.27
CA PHE A 25 -0.22 -5.05 -3.42
C PHE A 25 -0.45 -6.55 -3.30
N SER A 26 -0.82 -6.99 -2.11
CA SER A 26 -1.06 -8.42 -1.87
C SER A 26 -2.20 -8.62 -0.87
N LYS A 27 -2.35 -9.87 -0.44
CA LYS A 27 -3.38 -10.22 0.54
C LYS A 27 -2.94 -9.83 1.95
N ARG A 28 -1.66 -10.06 2.26
CA ARG A 28 -1.12 -9.71 3.57
C ARG A 28 -1.42 -8.26 3.91
N ILE A 29 -1.15 -7.38 2.95
CA ILE A 29 -1.40 -5.96 3.13
C ILE A 29 -2.89 -5.70 3.31
N GLN A 30 -3.71 -6.46 2.59
CA GLN A 30 -5.16 -6.33 2.68
C GLN A 30 -5.62 -6.65 4.10
N LYS A 31 -5.12 -7.75 4.64
CA LYS A 31 -5.46 -8.17 5.99
C LYS A 31 -5.00 -7.11 6.99
N SER A 32 -3.74 -6.70 6.86
CA SER A 32 -3.18 -5.68 7.75
C SER A 32 -4.08 -4.45 7.76
N ILE A 33 -4.55 -4.05 6.58
CA ILE A 33 -5.44 -2.90 6.47
C ILE A 33 -6.73 -3.17 7.24
N SER A 34 -7.36 -4.31 6.96
CA SER A 34 -8.60 -4.68 7.61
C SER A 34 -8.49 -4.55 9.13
N GLN A 35 -7.40 -5.07 9.69
CA GLN A 35 -7.17 -4.99 11.12
C GLN A 35 -7.06 -3.54 11.55
N LYS A 36 -6.26 -2.78 10.83
CA LYS A 36 -6.08 -1.36 11.12
C LYS A 36 -7.42 -0.64 11.00
N LYS A 37 -8.16 -0.98 9.97
CA LYS A 37 -9.46 -0.36 9.70
C LYS A 37 -9.23 1.08 9.23
N VAL A 38 -8.91 1.22 7.95
CA VAL A 38 -8.65 2.52 7.36
C VAL A 38 -9.35 2.68 6.02
N LYS A 39 -9.50 3.94 5.58
CA LYS A 39 -10.17 4.23 4.31
C LYS A 39 -9.21 4.03 3.14
N ILE A 40 -8.67 2.82 3.01
CA ILE A 40 -7.77 2.50 1.92
C ILE A 40 -8.13 1.16 1.30
N GLU A 41 -8.73 1.19 0.12
CA GLU A 41 -9.12 -0.02 -0.58
C GLU A 41 -8.58 0.00 -2.01
N LEU A 42 -8.46 -1.17 -2.60
CA LEU A 42 -7.93 -1.26 -3.96
C LEU A 42 -9.01 -1.03 -5.01
N ASP A 43 -8.70 -0.17 -5.96
CA ASP A 43 -9.61 0.13 -7.05
C ASP A 43 -9.54 -1.01 -8.07
N LYS A 44 -10.67 -1.35 -8.66
CA LYS A 44 -10.70 -2.43 -9.64
C LYS A 44 -10.57 -1.90 -11.07
N SER A 45 -10.72 -0.58 -11.24
CA SER A 45 -10.60 0.02 -12.56
C SER A 45 -9.14 0.38 -12.89
N ALA A 46 -8.22 0.04 -11.98
CA ALA A 46 -6.82 0.34 -12.17
C ALA A 46 -6.23 -0.51 -13.31
N ARG A 47 -5.01 -1.03 -13.12
CA ARG A 47 -4.36 -1.85 -14.15
C ARG A 47 -3.25 -2.69 -13.56
N HIS A 48 -2.19 -2.00 -13.12
CA HIS A 48 -1.04 -2.67 -12.53
C HIS A 48 -1.22 -2.91 -11.04
N LEU A 49 -0.25 -3.58 -10.44
CA LEU A 49 -0.26 -3.87 -9.01
C LEU A 49 1.00 -3.35 -8.34
N TYR A 50 1.14 -2.02 -8.34
CA TYR A 50 2.29 -1.37 -7.75
C TYR A 50 1.85 -0.18 -6.91
N ILE A 51 2.32 -0.12 -5.68
CA ILE A 51 1.98 0.98 -4.79
C ILE A 51 3.15 1.93 -4.63
N CYS A 52 2.98 2.94 -3.77
CA CYS A 52 4.03 3.91 -3.53
C CYS A 52 4.78 3.57 -2.25
N ASP A 53 6.00 4.08 -2.13
CA ASP A 53 6.82 3.83 -0.95
C ASP A 53 6.09 4.28 0.31
N TYR A 54 5.31 5.34 0.17
CA TYR A 54 4.56 5.89 1.29
C TYR A 54 3.64 4.85 1.92
N HIS A 55 2.68 4.35 1.15
CA HIS A 55 1.74 3.36 1.65
C HIS A 55 2.42 2.04 2.00
N LYS A 56 3.43 1.67 1.23
CA LYS A 56 4.16 0.42 1.48
C LYS A 56 4.77 0.43 2.87
N ASN A 57 5.55 1.47 3.16
CA ASN A 57 6.20 1.60 4.46
C ASN A 57 5.18 1.82 5.56
N LEU A 58 4.12 2.55 5.21
CA LEU A 58 3.05 2.86 6.16
C LEU A 58 2.32 1.61 6.63
N ILE A 59 2.04 0.70 5.71
CA ILE A 59 1.30 -0.52 6.02
C ILE A 59 2.19 -1.65 6.55
N GLN A 60 3.40 -1.76 6.02
CA GLN A 60 4.32 -2.82 6.43
C GLN A 60 4.90 -2.61 7.83
N SER A 61 5.12 -1.35 8.22
CA SER A 61 5.74 -1.06 9.52
C SER A 61 4.81 -1.27 10.71
N VAL A 62 3.50 -1.36 10.49
CA VAL A 62 2.58 -1.58 11.59
C VAL A 62 2.61 -3.04 12.04
N ARG A 63 3.08 -3.92 11.16
CA ARG A 63 3.19 -5.34 11.49
C ARG A 63 4.59 -5.65 12.00
N ASN A 64 5.24 -4.64 12.60
CA ASN A 64 6.58 -4.78 13.13
C ASN A 64 6.84 -3.68 14.16
N ARG A 65 5.78 -3.17 14.77
CA ARG A 65 5.89 -2.09 15.76
C ARG A 65 6.15 -2.65 17.15
N ARG A 66 7.36 -3.15 17.36
CA ARG A 66 7.75 -3.70 18.66
C ARG A 66 9.14 -3.23 19.06
N LYS A 67 9.21 -2.49 20.16
CA LYS A 67 10.49 -2.00 20.67
C LYS A 67 10.67 -2.36 22.15
N ARG A 68 9.59 -2.78 22.80
CA ARG A 68 9.66 -3.17 24.20
C ARG A 68 9.80 -4.69 24.30
N LYS A 69 11.05 -5.16 24.27
CA LYS A 69 11.32 -6.58 24.34
C LYS A 69 11.53 -7.05 25.78
N GLY A 70 12.68 -6.73 26.34
CA GLY A 70 12.97 -7.13 27.70
C GLY A 70 13.59 -5.99 28.49
N SER A 71 14.78 -6.21 29.01
CA SER A 71 15.47 -5.18 29.78
C SER A 71 16.80 -4.83 29.15
N SER A 1 9.40 6.26 -19.68
CA SER A 1 8.63 5.19 -20.34
C SER A 1 8.31 4.03 -19.38
N ASN A 2 7.02 3.90 -19.08
CA ASN A 2 6.53 2.83 -18.23
C ASN A 2 7.25 2.77 -16.89
N ALA A 3 7.60 3.94 -16.36
CA ALA A 3 8.26 4.02 -15.07
C ALA A 3 7.70 5.20 -14.25
N GLY A 4 6.65 5.84 -14.77
CA GLY A 4 6.06 6.96 -14.07
C GLY A 4 4.62 6.70 -13.70
N GLN A 5 4.31 5.47 -13.35
CA GLN A 5 2.96 5.09 -12.96
C GLN A 5 2.59 5.71 -11.63
N LEU A 6 1.32 5.65 -11.28
CA LEU A 6 0.85 6.22 -10.02
C LEU A 6 0.40 5.14 -9.06
N CYS A 7 0.16 5.55 -7.81
CA CYS A 7 -0.27 4.63 -6.77
C CYS A 7 -1.71 4.17 -7.01
N CYS A 8 -1.93 2.86 -6.95
CA CYS A 8 -3.26 2.29 -7.18
C CYS A 8 -4.07 2.17 -5.89
N LEU A 9 -3.94 3.16 -5.01
CA LEU A 9 -4.70 3.18 -3.77
C LEU A 9 -5.47 4.48 -3.63
N ARG A 10 -6.46 4.49 -2.74
CA ARG A 10 -7.28 5.68 -2.52
C ARG A 10 -7.46 5.93 -1.03
N GLU A 11 -6.77 6.92 -0.50
CA GLU A 11 -6.90 7.26 0.92
C GLU A 11 -7.93 8.35 1.09
N ASP A 12 -9.00 8.04 1.83
CA ASP A 12 -10.07 8.99 2.06
C ASP A 12 -10.62 9.50 0.73
N GLY A 13 -10.53 8.66 -0.30
CA GLY A 13 -11.03 9.01 -1.62
C GLY A 13 -10.00 9.73 -2.47
N GLU A 14 -8.86 10.09 -1.88
CA GLU A 14 -7.81 10.77 -2.63
C GLU A 14 -6.88 9.76 -3.29
N ARG A 15 -6.69 9.89 -4.60
CA ARG A 15 -5.83 8.97 -5.34
C ARG A 15 -4.35 9.22 -5.05
N CYS A 16 -3.98 9.15 -3.76
CA CYS A 16 -2.61 9.35 -3.32
C CYS A 16 -1.94 10.60 -3.92
N GLY A 17 -1.62 10.54 -5.20
CA GLY A 17 -0.97 11.65 -5.86
C GLY A 17 0.52 11.41 -5.99
N ARG A 18 1.01 10.35 -5.33
CA ARG A 18 2.41 9.99 -5.37
C ARG A 18 2.61 8.84 -6.36
N ALA A 19 3.71 8.86 -7.09
CA ALA A 19 3.97 7.82 -8.07
C ALA A 19 4.12 6.45 -7.42
N ALA A 20 4.09 5.41 -8.26
CA ALA A 20 4.20 4.03 -7.78
C ALA A 20 5.64 3.68 -7.43
N GLY A 21 5.81 2.76 -6.49
CA GLY A 21 7.14 2.37 -6.06
C GLY A 21 7.58 1.02 -6.59
N ASN A 22 7.98 0.13 -5.68
CA ASN A 22 8.46 -1.19 -6.05
C ASN A 22 7.59 -2.30 -5.48
N ALA A 23 6.97 -2.04 -4.34
CA ALA A 23 6.11 -3.03 -3.68
C ALA A 23 4.83 -3.29 -4.48
N SER A 24 4.21 -4.43 -4.22
CA SER A 24 2.98 -4.81 -4.90
C SER A 24 1.89 -5.15 -3.89
N PHE A 25 0.66 -4.79 -4.22
CA PHE A 25 -0.48 -5.08 -3.34
C PHE A 25 -0.66 -6.59 -3.23
N SER A 26 -0.87 -7.08 -2.02
CA SER A 26 -1.04 -8.52 -1.80
C SER A 26 -2.18 -8.82 -0.83
N LYS A 27 -2.23 -10.06 -0.38
CA LYS A 27 -3.23 -10.52 0.58
C LYS A 27 -2.88 -10.04 1.99
N ARG A 28 -1.60 -10.18 2.33
CA ARG A 28 -1.11 -9.76 3.63
C ARG A 28 -1.50 -8.32 3.92
N ILE A 29 -1.11 -7.43 3.00
CA ILE A 29 -1.42 -6.02 3.13
C ILE A 29 -2.91 -5.81 3.38
N GLN A 30 -3.73 -6.65 2.76
CA GLN A 30 -5.18 -6.57 2.95
C GLN A 30 -5.55 -6.90 4.38
N LYS A 31 -4.97 -7.98 4.89
CA LYS A 31 -5.21 -8.41 6.25
C LYS A 31 -4.82 -7.30 7.23
N SER A 32 -3.71 -6.63 6.91
CA SER A 32 -3.24 -5.52 7.73
C SER A 32 -4.25 -4.39 7.72
N ILE A 33 -4.74 -4.06 6.52
CA ILE A 33 -5.74 -3.02 6.36
C ILE A 33 -7.01 -3.40 7.11
N SER A 34 -7.27 -4.70 7.21
CA SER A 34 -8.45 -5.20 7.89
C SER A 34 -8.30 -5.07 9.40
N GLN A 35 -7.08 -5.21 9.90
CA GLN A 35 -6.82 -5.09 11.33
C GLN A 35 -6.73 -3.62 11.73
N LYS A 36 -6.33 -2.78 10.78
CA LYS A 36 -6.21 -1.35 11.02
C LYS A 36 -7.58 -0.69 10.98
N LYS A 37 -8.38 -1.10 10.00
CA LYS A 37 -9.71 -0.54 9.79
C LYS A 37 -9.59 0.91 9.35
N VAL A 38 -9.08 1.10 8.14
CA VAL A 38 -8.89 2.42 7.58
C VAL A 38 -9.63 2.56 6.25
N LYS A 39 -9.62 3.76 5.69
CA LYS A 39 -10.29 4.02 4.41
C LYS A 39 -9.36 3.76 3.23
N ILE A 40 -8.59 2.68 3.30
CA ILE A 40 -7.67 2.33 2.23
C ILE A 40 -8.18 1.08 1.51
N GLU A 41 -8.49 1.24 0.23
CA GLU A 41 -8.99 0.14 -0.57
C GLU A 41 -8.42 0.20 -1.98
N LEU A 42 -8.40 -0.95 -2.65
CA LEU A 42 -7.86 -1.02 -4.01
C LEU A 42 -8.91 -0.66 -5.05
N ASP A 43 -8.45 -0.04 -6.13
CA ASP A 43 -9.31 0.33 -7.24
C ASP A 43 -9.24 -0.76 -8.30
N LYS A 44 -10.38 -1.11 -8.88
CA LYS A 44 -10.42 -2.16 -9.90
C LYS A 44 -10.38 -1.59 -11.32
N SER A 45 -10.04 -0.31 -11.44
CA SER A 45 -9.98 0.33 -12.75
C SER A 45 -8.56 0.31 -13.31
N ALA A 46 -7.57 0.23 -12.41
CA ALA A 46 -6.18 0.22 -12.81
C ALA A 46 -5.82 -1.03 -13.60
N ARG A 47 -4.58 -1.06 -14.09
CA ARG A 47 -4.08 -2.19 -14.87
C ARG A 47 -2.85 -2.80 -14.20
N HIS A 48 -2.42 -2.21 -13.08
CA HIS A 48 -1.24 -2.69 -12.39
C HIS A 48 -1.46 -2.76 -10.88
N LEU A 49 -0.63 -3.56 -10.22
CA LEU A 49 -0.72 -3.72 -8.77
C LEU A 49 0.57 -3.23 -8.10
N TYR A 50 0.89 -1.96 -8.31
CA TYR A 50 2.07 -1.35 -7.72
C TYR A 50 1.68 -0.12 -6.91
N ILE A 51 2.05 -0.12 -5.65
CA ILE A 51 1.73 1.00 -4.77
C ILE A 51 2.97 1.86 -4.53
N CYS A 52 2.75 3.03 -3.94
CA CYS A 52 3.85 3.94 -3.65
C CYS A 52 4.59 3.51 -2.39
N ASP A 53 5.89 3.78 -2.34
CA ASP A 53 6.70 3.43 -1.18
C ASP A 53 6.05 3.96 0.10
N TYR A 54 5.39 5.11 -0.02
CA TYR A 54 4.72 5.75 1.10
C TYR A 54 3.77 4.78 1.80
N HIS A 55 2.84 4.22 1.03
CA HIS A 55 1.86 3.29 1.60
C HIS A 55 2.53 1.98 2.04
N LYS A 56 3.53 1.52 1.30
CA LYS A 56 4.23 0.29 1.66
C LYS A 56 4.83 0.41 3.04
N ASN A 57 5.56 1.49 3.27
CA ASN A 57 6.22 1.74 4.56
C ASN A 57 5.20 1.99 5.66
N LEU A 58 4.09 2.64 5.29
CA LEU A 58 3.04 2.97 6.24
C LEU A 58 2.30 1.72 6.73
N ILE A 59 2.00 0.80 5.81
CA ILE A 59 1.27 -0.42 6.15
C ILE A 59 2.15 -1.53 6.70
N GLN A 60 3.36 -1.66 6.17
CA GLN A 60 4.27 -2.71 6.60
C GLN A 60 4.86 -2.46 7.98
N SER A 61 5.18 -1.21 8.28
CA SER A 61 5.83 -0.86 9.53
C SER A 61 4.90 -0.78 10.74
N VAL A 62 3.65 -1.22 10.60
CA VAL A 62 2.72 -1.19 11.74
C VAL A 62 2.75 -2.53 12.47
N ARG A 63 2.82 -3.61 11.70
CA ARG A 63 2.88 -4.95 12.24
C ARG A 63 4.29 -5.53 12.06
N ASN A 64 5.26 -4.65 11.88
CA ASN A 64 6.66 -5.04 11.68
C ASN A 64 7.56 -3.83 11.94
N ARG A 65 8.36 -3.90 13.00
CA ARG A 65 9.24 -2.78 13.33
C ARG A 65 10.71 -3.20 13.35
N ARG A 66 11.56 -2.30 12.87
CA ARG A 66 13.00 -2.53 12.85
C ARG A 66 13.71 -1.44 13.63
N LYS A 67 12.96 -0.82 14.55
CA LYS A 67 13.49 0.25 15.40
C LYS A 67 13.70 1.57 14.66
N ARG A 68 13.01 2.60 15.12
CA ARG A 68 13.16 3.93 14.57
C ARG A 68 14.24 4.69 15.36
N LYS A 69 14.59 4.16 16.53
CA LYS A 69 15.60 4.74 17.38
C LYS A 69 15.09 6.04 18.02
N GLY A 70 15.41 7.18 17.42
CA GLY A 70 14.97 8.45 17.98
C GLY A 70 15.24 9.61 17.06
N SER A 71 14.73 9.52 15.83
CA SER A 71 14.92 10.59 14.85
C SER A 71 13.72 11.52 14.84
N SER A 1 13.34 4.71 -16.90
CA SER A 1 12.24 4.68 -17.87
C SER A 1 10.89 4.34 -17.23
N ASN A 2 10.53 3.05 -17.21
CA ASN A 2 9.25 2.65 -16.66
C ASN A 2 9.16 2.91 -15.16
N ALA A 3 8.77 4.13 -14.82
CA ALA A 3 8.60 4.54 -13.43
C ALA A 3 7.74 5.81 -13.34
N GLY A 4 6.94 6.05 -14.38
CA GLY A 4 6.11 7.23 -14.41
C GLY A 4 4.66 6.91 -14.13
N GLN A 5 4.44 5.95 -13.24
CA GLN A 5 3.10 5.53 -12.88
C GLN A 5 2.76 6.01 -11.47
N LEU A 6 1.48 6.32 -11.24
CA LEU A 6 1.04 6.78 -9.94
C LEU A 6 0.43 5.62 -9.15
N CYS A 7 0.59 5.67 -7.82
CA CYS A 7 0.05 4.63 -6.95
C CYS A 7 -1.40 4.32 -7.29
N CYS A 8 -1.84 3.09 -7.02
CA CYS A 8 -3.20 2.69 -7.33
C CYS A 8 -4.04 2.46 -6.06
N LEU A 9 -3.75 3.23 -5.01
CA LEU A 9 -4.52 3.13 -3.78
C LEU A 9 -5.34 4.40 -3.56
N ARG A 10 -6.40 4.28 -2.77
CA ARG A 10 -7.27 5.42 -2.50
C ARG A 10 -7.37 5.70 -1.01
N GLU A 11 -6.85 6.85 -0.59
CA GLU A 11 -6.91 7.24 0.81
C GLU A 11 -8.01 8.27 1.01
N ASP A 12 -9.11 7.82 1.62
CA ASP A 12 -10.25 8.69 1.88
C ASP A 12 -10.76 9.30 0.58
N GLY A 13 -10.86 8.47 -0.45
CA GLY A 13 -11.35 8.92 -1.74
C GLY A 13 -10.27 9.56 -2.59
N GLU A 14 -9.10 9.83 -2.01
CA GLU A 14 -8.01 10.45 -2.74
C GLU A 14 -7.13 9.40 -3.42
N ARG A 15 -6.87 9.60 -4.71
CA ARG A 15 -6.06 8.67 -5.49
C ARG A 15 -4.56 8.89 -5.28
N CYS A 16 -4.12 8.72 -4.03
CA CYS A 16 -2.71 8.88 -3.67
C CYS A 16 -2.04 10.07 -4.38
N GLY A 17 -1.53 9.87 -5.59
CA GLY A 17 -0.88 10.95 -6.31
C GLY A 17 0.63 10.80 -6.38
N ARG A 18 1.17 9.85 -5.60
CA ARG A 18 2.61 9.61 -5.60
C ARG A 18 2.98 8.55 -6.62
N ALA A 19 4.22 8.60 -7.10
CA ALA A 19 4.69 7.64 -8.10
C ALA A 19 4.84 6.24 -7.52
N ALA A 20 4.45 5.23 -8.30
CA ALA A 20 4.55 3.84 -7.88
C ALA A 20 6.00 3.49 -7.58
N GLY A 21 6.21 2.57 -6.65
CA GLY A 21 7.57 2.20 -6.29
C GLY A 21 7.99 0.84 -6.79
N ASN A 22 8.54 0.04 -5.89
CA ASN A 22 9.03 -1.30 -6.22
C ASN A 22 8.25 -2.40 -5.51
N ALA A 23 7.30 -2.01 -4.65
CA ALA A 23 6.51 -2.99 -3.91
C ALA A 23 5.30 -3.44 -4.71
N SER A 24 4.46 -4.24 -4.06
CA SER A 24 3.24 -4.76 -4.68
C SER A 24 2.10 -4.76 -3.68
N PHE A 25 0.92 -5.19 -4.13
CA PHE A 25 -0.24 -5.25 -3.25
C PHE A 25 -0.63 -6.71 -3.03
N SER A 26 -0.06 -7.29 -1.98
CA SER A 26 -0.31 -8.69 -1.65
C SER A 26 -1.53 -8.84 -0.76
N LYS A 27 -1.74 -10.05 -0.26
CA LYS A 27 -2.85 -10.36 0.62
C LYS A 27 -2.57 -9.88 2.05
N ARG A 28 -1.31 -10.03 2.47
CA ARG A 28 -0.88 -9.61 3.81
C ARG A 28 -1.24 -8.16 4.07
N ILE A 29 -0.95 -7.30 3.10
CA ILE A 29 -1.26 -5.88 3.23
C ILE A 29 -2.76 -5.68 3.36
N GLN A 30 -3.53 -6.48 2.62
CA GLN A 30 -4.99 -6.40 2.69
C GLN A 30 -5.45 -6.73 4.09
N LYS A 31 -4.99 -7.86 4.59
CA LYS A 31 -5.31 -8.31 5.93
C LYS A 31 -4.90 -7.25 6.95
N SER A 32 -3.75 -6.63 6.69
CA SER A 32 -3.23 -5.58 7.56
C SER A 32 -4.22 -4.42 7.63
N ILE A 33 -4.64 -3.94 6.47
CA ILE A 33 -5.59 -2.84 6.39
C ILE A 33 -6.87 -3.19 7.15
N SER A 34 -7.37 -4.38 6.90
CA SER A 34 -8.59 -4.85 7.55
C SER A 34 -8.46 -4.81 9.07
N GLN A 35 -7.31 -5.23 9.57
CA GLN A 35 -7.08 -5.22 11.01
C GLN A 35 -6.96 -3.80 11.52
N LYS A 36 -6.43 -2.92 10.67
CA LYS A 36 -6.29 -1.51 11.01
C LYS A 36 -7.65 -0.84 11.01
N LYS A 37 -8.47 -1.22 10.04
CA LYS A 37 -9.80 -0.66 9.87
C LYS A 37 -9.69 0.80 9.48
N VAL A 38 -9.17 1.03 8.27
CA VAL A 38 -8.98 2.37 7.74
C VAL A 38 -9.65 2.54 6.38
N LYS A 39 -9.46 3.71 5.78
CA LYS A 39 -10.05 4.01 4.47
C LYS A 39 -9.02 3.83 3.36
N ILE A 40 -8.61 2.59 3.11
CA ILE A 40 -7.64 2.31 2.06
C ILE A 40 -7.99 1.02 1.34
N GLU A 41 -8.61 1.14 0.18
CA GLU A 41 -8.98 -0.03 -0.61
C GLU A 41 -8.45 0.09 -2.03
N LEU A 42 -8.20 -1.04 -2.67
CA LEU A 42 -7.68 -1.03 -4.02
C LEU A 42 -8.73 -0.57 -5.03
N ASP A 43 -8.28 0.25 -5.97
CA ASP A 43 -9.14 0.74 -7.04
C ASP A 43 -9.45 -0.40 -7.99
N LYS A 44 -10.68 -0.89 -7.96
CA LYS A 44 -11.08 -1.99 -8.83
C LYS A 44 -11.02 -1.58 -10.30
N SER A 45 -10.96 -0.28 -10.57
CA SER A 45 -10.90 0.20 -11.95
C SER A 45 -9.48 0.56 -12.36
N ALA A 46 -8.50 -0.02 -11.65
CA ALA A 46 -7.09 0.26 -11.96
C ALA A 46 -6.62 -0.50 -13.17
N ARG A 47 -5.34 -0.34 -13.49
CA ARG A 47 -4.73 -1.00 -14.63
C ARG A 47 -3.67 -2.00 -14.19
N HIS A 48 -2.96 -1.65 -13.12
CA HIS A 48 -1.89 -2.50 -12.59
C HIS A 48 -1.83 -2.43 -11.07
N LEU A 49 -0.70 -2.85 -10.51
CA LEU A 49 -0.49 -2.81 -9.07
C LEU A 49 0.73 -1.94 -8.74
N TYR A 50 1.70 -2.46 -7.98
CA TYR A 50 2.89 -1.70 -7.65
C TYR A 50 2.54 -0.39 -6.95
N ILE A 51 2.36 -0.46 -5.64
CA ILE A 51 2.02 0.71 -4.85
C ILE A 51 3.27 1.54 -4.59
N CYS A 52 3.08 2.71 -4.00
CA CYS A 52 4.20 3.60 -3.70
C CYS A 52 4.85 3.20 -2.37
N ASP A 53 6.11 3.58 -2.21
CA ASP A 53 6.84 3.28 -0.98
C ASP A 53 6.12 3.87 0.23
N TYR A 54 5.46 5.01 0.00
CA TYR A 54 4.73 5.70 1.05
C TYR A 54 3.74 4.76 1.74
N HIS A 55 2.83 4.19 0.97
CA HIS A 55 1.82 3.28 1.51
C HIS A 55 2.45 1.98 2.01
N LYS A 56 3.49 1.52 1.33
CA LYS A 56 4.17 0.29 1.72
C LYS A 56 4.69 0.39 3.15
N ASN A 57 5.38 1.49 3.44
CA ASN A 57 5.94 1.73 4.75
C ASN A 57 4.85 2.04 5.78
N LEU A 58 3.88 2.84 5.36
CA LEU A 58 2.77 3.24 6.22
C LEU A 58 1.94 2.04 6.68
N ILE A 59 1.82 1.03 5.82
CA ILE A 59 1.01 -0.15 6.12
C ILE A 59 1.82 -1.30 6.70
N GLN A 60 3.04 -1.46 6.25
CA GLN A 60 3.89 -2.55 6.71
C GLN A 60 4.33 -2.41 8.17
N SER A 61 4.78 -1.21 8.54
CA SER A 61 5.32 -0.98 9.87
C SER A 61 4.28 -0.77 10.97
N VAL A 62 3.09 -1.32 10.79
CA VAL A 62 2.05 -1.19 11.81
C VAL A 62 1.63 -2.57 12.30
N ARG A 63 2.22 -3.01 13.40
CA ARG A 63 1.94 -4.32 13.96
C ARG A 63 2.06 -5.41 12.91
N ASN A 64 3.19 -5.41 12.22
CA ASN A 64 3.46 -6.40 11.19
C ASN A 64 4.97 -6.56 10.97
N ARG A 65 5.75 -6.23 12.00
CA ARG A 65 7.20 -6.33 11.92
C ARG A 65 7.73 -7.42 12.83
N ARG A 66 7.71 -7.16 14.13
CA ARG A 66 8.19 -8.12 15.13
C ARG A 66 7.11 -8.40 16.17
N LYS A 67 7.40 -9.28 17.11
CA LYS A 67 6.47 -9.62 18.18
C LYS A 67 7.19 -9.56 19.54
N ARG A 68 7.19 -10.67 20.30
CA ARG A 68 7.87 -10.72 21.58
C ARG A 68 8.30 -12.16 21.87
N LYS A 69 9.04 -12.74 20.93
CA LYS A 69 9.52 -14.11 21.07
C LYS A 69 10.96 -14.20 20.60
N GLY A 70 11.74 -13.15 20.88
CA GLY A 70 13.13 -13.12 20.48
C GLY A 70 13.93 -12.12 21.30
N SER A 71 14.72 -12.63 22.24
CA SER A 71 15.52 -11.77 23.10
C SER A 71 14.65 -10.82 23.92
N SER A 1 12.50 2.89 -17.24
CA SER A 1 11.58 3.49 -16.25
C SER A 1 10.13 3.04 -16.47
N ASN A 2 9.94 1.73 -16.58
CA ASN A 2 8.59 1.19 -16.73
C ASN A 2 8.01 0.88 -15.35
N ALA A 3 8.58 1.52 -14.32
CA ALA A 3 8.12 1.39 -12.95
C ALA A 3 7.90 2.78 -12.36
N GLY A 4 7.87 3.80 -13.22
CA GLY A 4 7.66 5.16 -12.76
C GLY A 4 6.21 5.57 -12.87
N GLN A 5 5.33 4.65 -12.48
CA GLN A 5 3.90 4.90 -12.52
C GLN A 5 3.44 5.55 -11.22
N LEU A 6 2.14 5.54 -10.97
CA LEU A 6 1.61 6.13 -9.75
C LEU A 6 0.78 5.14 -8.96
N CYS A 7 0.69 5.40 -7.66
CA CYS A 7 -0.05 4.54 -6.75
C CYS A 7 -1.45 4.25 -7.27
N CYS A 8 -2.06 3.16 -6.79
CA CYS A 8 -3.39 2.77 -7.21
C CYS A 8 -4.32 2.54 -6.01
N LEU A 9 -4.08 3.31 -4.96
CA LEU A 9 -4.89 3.22 -3.75
C LEU A 9 -5.59 4.56 -3.52
N ARG A 10 -6.68 4.53 -2.76
CA ARG A 10 -7.43 5.75 -2.49
C ARG A 10 -7.54 5.99 -0.99
N GLU A 11 -7.08 7.16 -0.55
CA GLU A 11 -7.16 7.51 0.86
C GLU A 11 -8.44 8.30 1.13
N ASP A 12 -9.29 7.78 2.01
CA ASP A 12 -10.55 8.42 2.34
C ASP A 12 -11.32 8.78 1.08
N GLY A 13 -11.29 7.87 0.11
CA GLY A 13 -11.98 8.09 -1.15
C GLY A 13 -11.23 9.02 -2.08
N GLU A 14 -10.07 9.51 -1.64
CA GLU A 14 -9.28 10.42 -2.47
C GLU A 14 -8.01 9.73 -2.99
N ARG A 15 -7.65 10.06 -4.23
CA ARG A 15 -6.47 9.49 -4.87
C ARG A 15 -5.18 9.84 -4.14
N CYS A 16 -4.18 8.97 -4.29
CA CYS A 16 -2.87 9.16 -3.67
C CYS A 16 -2.14 10.33 -4.35
N GLY A 17 -0.80 10.29 -4.37
CA GLY A 17 -0.05 11.35 -4.99
C GLY A 17 1.45 11.10 -4.96
N ARG A 18 1.84 9.88 -5.26
CA ARG A 18 3.25 9.50 -5.29
C ARG A 18 3.45 8.35 -6.27
N ALA A 19 4.64 8.29 -6.87
CA ALA A 19 4.92 7.25 -7.84
C ALA A 19 4.92 5.87 -7.20
N ALA A 20 4.78 4.83 -8.05
CA ALA A 20 4.76 3.45 -7.58
C ALA A 20 6.16 2.89 -7.38
N GLY A 21 6.28 1.85 -6.55
CA GLY A 21 7.57 1.25 -6.29
C GLY A 21 7.63 -0.24 -6.61
N ASN A 22 8.64 -0.91 -6.06
CA ASN A 22 8.84 -2.34 -6.30
C ASN A 22 7.82 -3.20 -5.56
N ALA A 23 7.12 -2.61 -4.59
CA ALA A 23 6.12 -3.35 -3.82
C ALA A 23 4.86 -3.59 -4.64
N SER A 24 4.22 -4.74 -4.41
CA SER A 24 3.00 -5.09 -5.12
C SER A 24 1.87 -5.39 -4.13
N PHE A 25 0.67 -4.95 -4.47
CA PHE A 25 -0.49 -5.18 -3.63
C PHE A 25 -0.74 -6.67 -3.48
N SER A 26 -0.58 -7.17 -2.26
CA SER A 26 -0.77 -8.59 -1.98
C SER A 26 -1.88 -8.80 -0.96
N LYS A 27 -1.91 -9.99 -0.36
CA LYS A 27 -2.90 -10.33 0.65
C LYS A 27 -2.52 -9.78 2.03
N ARG A 28 -1.24 -9.94 2.39
CA ARG A 28 -0.72 -9.48 3.68
C ARG A 28 -1.05 -8.01 3.91
N ILE A 29 -0.96 -7.21 2.87
CA ILE A 29 -1.27 -5.79 2.98
C ILE A 29 -2.76 -5.59 3.23
N GLN A 30 -3.58 -6.44 2.63
CA GLN A 30 -5.02 -6.39 2.81
C GLN A 30 -5.35 -6.72 4.25
N LYS A 31 -4.71 -7.77 4.74
CA LYS A 31 -4.88 -8.23 6.11
C LYS A 31 -4.49 -7.14 7.10
N SER A 32 -3.30 -6.57 6.91
CA SER A 32 -2.81 -5.49 7.76
C SER A 32 -3.80 -4.33 7.78
N ILE A 33 -4.34 -4.00 6.61
CA ILE A 33 -5.32 -2.92 6.50
C ILE A 33 -6.56 -3.27 7.30
N SER A 34 -6.95 -4.54 7.22
CA SER A 34 -8.14 -5.03 7.92
C SER A 34 -7.95 -4.97 9.43
N GLN A 35 -6.72 -5.19 9.88
CA GLN A 35 -6.42 -5.15 11.31
C GLN A 35 -6.41 -3.71 11.80
N LYS A 36 -5.93 -2.80 10.95
CA LYS A 36 -5.90 -1.39 11.29
C LYS A 36 -7.29 -0.80 11.19
N LYS A 37 -8.04 -1.26 10.18
CA LYS A 37 -9.39 -0.78 9.92
C LYS A 37 -9.34 0.68 9.49
N VAL A 38 -8.90 0.89 8.25
CA VAL A 38 -8.79 2.22 7.68
C VAL A 38 -9.52 2.33 6.36
N LYS A 39 -9.47 3.50 5.74
CA LYS A 39 -10.13 3.73 4.47
C LYS A 39 -9.16 3.68 3.31
N ILE A 40 -8.68 2.47 2.99
CA ILE A 40 -7.75 2.29 1.89
C ILE A 40 -8.13 1.04 1.10
N GLU A 41 -8.62 1.24 -0.12
CA GLU A 41 -9.02 0.14 -0.97
C GLU A 41 -8.29 0.18 -2.30
N LEU A 42 -8.48 -0.84 -3.12
CA LEU A 42 -7.81 -0.92 -4.41
C LEU A 42 -8.67 -0.31 -5.51
N ASP A 43 -8.06 0.55 -6.32
CA ASP A 43 -8.75 1.18 -7.43
C ASP A 43 -9.08 0.11 -8.47
N LYS A 44 -10.35 0.01 -8.83
CA LYS A 44 -10.79 -0.99 -9.80
C LYS A 44 -10.41 -0.61 -11.22
N SER A 45 -10.37 0.69 -11.51
CA SER A 45 -10.03 1.16 -12.85
C SER A 45 -8.56 0.87 -13.17
N ALA A 46 -7.75 0.66 -12.13
CA ALA A 46 -6.33 0.38 -12.32
C ALA A 46 -6.10 -0.70 -13.37
N ARG A 47 -4.82 -0.89 -13.70
CA ARG A 47 -4.44 -1.88 -14.71
C ARG A 47 -3.41 -2.84 -14.15
N HIS A 48 -2.52 -2.32 -13.31
CA HIS A 48 -1.47 -3.12 -12.71
C HIS A 48 -1.66 -3.26 -11.20
N LEU A 49 -0.64 -3.80 -10.54
CA LEU A 49 -0.67 -3.97 -9.09
C LEU A 49 0.68 -3.55 -8.52
N TYR A 50 0.86 -2.25 -8.34
CA TYR A 50 2.10 -1.70 -7.82
C TYR A 50 1.81 -0.42 -7.04
N ILE A 51 1.87 -0.52 -5.72
CA ILE A 51 1.62 0.62 -4.86
C ILE A 51 2.84 1.52 -4.77
N CYS A 52 2.74 2.55 -3.95
CA CYS A 52 3.85 3.49 -3.77
C CYS A 52 4.58 3.20 -2.47
N ASP A 53 5.74 3.83 -2.29
CA ASP A 53 6.53 3.63 -1.09
C ASP A 53 5.82 4.25 0.11
N TYR A 54 5.06 5.31 -0.14
CA TYR A 54 4.32 6.00 0.90
C TYR A 54 3.40 5.06 1.65
N HIS A 55 2.46 4.45 0.93
CA HIS A 55 1.51 3.53 1.55
C HIS A 55 2.19 2.24 2.01
N LYS A 56 3.17 1.76 1.24
CA LYS A 56 3.88 0.55 1.61
C LYS A 56 4.45 0.67 3.01
N ASN A 57 5.20 1.74 3.24
CA ASN A 57 5.82 1.99 4.54
C ASN A 57 4.78 2.35 5.60
N LEU A 58 3.75 3.08 5.18
CA LEU A 58 2.69 3.52 6.08
C LEU A 58 1.92 2.33 6.65
N ILE A 59 1.71 1.30 5.83
CA ILE A 59 0.95 0.13 6.26
C ILE A 59 1.84 -0.98 6.85
N GLN A 60 2.92 -1.30 6.16
CA GLN A 60 3.83 -2.36 6.60
C GLN A 60 4.43 -2.10 7.98
N SER A 61 4.68 -0.83 8.31
CA SER A 61 5.34 -0.50 9.58
C SER A 61 4.37 -0.29 10.75
N VAL A 62 3.11 -0.62 10.59
CA VAL A 62 2.15 -0.47 11.69
C VAL A 62 2.10 -1.75 12.52
N ARG A 63 2.44 -2.87 11.89
CA ARG A 63 2.46 -4.15 12.57
C ARG A 63 3.90 -4.58 12.87
N ASN A 64 4.86 -3.84 12.30
CA ASN A 64 6.27 -4.12 12.52
C ASN A 64 7.09 -2.85 12.34
N ARG A 65 7.58 -2.29 13.44
CA ARG A 65 8.35 -1.05 13.41
C ARG A 65 9.79 -1.26 12.94
N ARG A 66 10.48 -0.14 12.73
CA ARG A 66 11.87 -0.16 12.30
C ARG A 66 12.63 0.93 13.05
N LYS A 67 13.74 1.43 12.47
CA LYS A 67 14.52 2.47 13.11
C LYS A 67 15.17 3.41 12.09
N ARG A 68 14.59 4.59 11.95
CA ARG A 68 15.11 5.60 11.04
C ARG A 68 15.16 6.97 11.72
N LYS A 69 14.15 7.25 12.55
CA LYS A 69 14.08 8.51 13.27
C LYS A 69 14.10 9.68 12.30
N GLY A 70 13.54 9.46 11.12
CA GLY A 70 13.48 10.50 10.10
C GLY A 70 12.06 10.89 9.76
N SER A 71 11.09 10.07 10.16
CA SER A 71 9.68 10.34 9.89
C SER A 71 9.13 11.35 10.88
#